data_3ZTJ
#
_entry.id   3ZTJ
#
_cell.length_a   171.488
_cell.length_b   193.428
_cell.length_c   213.748
_cell.angle_alpha   90.00
_cell.angle_beta   90.00
_cell.angle_gamma   90.00
#
_symmetry.space_group_name_H-M   'P 21 21 21'
#
loop_
_entity.id
_entity.type
_entity.pdbx_description
1 polymer 'HEMAGGLUTININ HA1 CHAIN'
2 polymer 'HEMAGGLUTININ HA2 CHAIN'
3 polymer 'FI6V3 ANTIBODY HEAVY CHAIN'
4 polymer 'FI6V3 ANTIBODY LIGHT CHAIN'
5 branched beta-D-mannopyranose-(1-4)-2-acetamido-2-deoxy-beta-D-glucopyranose-(1-4)-2-acetamido-2-deoxy-beta-D-glucopyranose
6 branched 2-acetamido-2-deoxy-beta-D-glucopyranose-(1-4)-2-acetamido-2-deoxy-beta-D-glucopyranose
7 non-polymer 2-acetamido-2-deoxy-beta-D-glucopyranose
#
loop_
_entity_poly.entity_id
_entity_poly.type
_entity_poly.pdbx_seq_one_letter_code
_entity_poly.pdbx_strand_id
1 'polypeptide(L)'
;QDLPGNDNSTATLCLGHHAVPNGTLVKTITDDQIEVTNATELVQSSSTGKICNNPHRILDGIDCTLIDALLGDPHCDVFQ
NETWDLFVERSKAFSNCYPYDVPDYASLRSLVASSGTLEFITEGFTWTGVTQNGGSNACKRGPGSGFFSRLNWLTKSGST
YPVLNVTMPNNDNFDKLYIWGIHHPSTNQEQTSLYVQASGRVTVSTRRSQQTIIPNIGSRPWVRGLSSRISIYWTIVKPG
DVLVINSNGNLIAPRGYFKMRTGKSSIMRSDAPIDTCISECITPNGSIPNDKPFQNVNKITYGACPKYVKQNTLKLATGM
RNVPEKQTR
;
A,C,E
2 'polypeptide(L)'
;GLFGAIAGFIENGWEGMIDGWYGFRHQNSEGTGQAADLKSTQAAIDQINGKLNRVIEKTNEKFHQIEKEFSEVEGRIQDL
EKYVEDTKIDLWSYNAELLVALENQHTIDLTDSEMNKLFEKTRRQLRENAEEMGNGCFKIYHKCDNACIESIRNGTYDHD
VYRDEALNNRFQIKG
;
B,D,F
3 'polypeptide(L)'
;QVQLVESGGGVVQPGRSLRLSCAASGFTFSTYAMHWVRQAPGKGLEWVAVISYDANYKYYADSVKGRFTISRDNSKNTLY
LQMNSLRAEDTAVYYCAKDSQLRSLLYFEWLSQGYFDYWGQGTLVTVSSASTKGPSVFPLAPSSGGTAALGCLVKDYFPE
PVTVSWNSGALTSGVHTFPAVLQSSGLYSLSSVVTVPSSSLGTQTYICNVNHKPSNTKVDKRVEPK
;
G,I,K
4 'polypeptide(L)'
;DIVMTQSPDSLAVSLGERATINCKSSQSVTFNYKNYLAWYQQKPGQPPKLLIYWASTRESGVPDRFSGSGSGTDFTLTIS
SLQAEDVAVYYCQQHYRTPPTFGQGTKVEIKRTVAAPSVFIFPPSDEQLKSGTASVVCLLNNFYPREAKVQWKVDNALQS
GNSQESVTEQDSKDSTYSLSSTLTLSKADYEKHKVYACEVTHQGLSSPVTKSFNRGEC
;
H,J,L
#
# COMPACT_ATOMS: atom_id res chain seq x y z
N SER A 9 39.57 -43.94 8.17
CA SER A 9 40.67 -43.06 7.66
C SER A 9 40.33 -41.55 7.67
N THR A 10 39.09 -41.17 7.35
CA THR A 10 38.63 -39.75 7.37
C THR A 10 37.11 -39.64 7.50
N ALA A 11 36.64 -38.59 8.18
CA ALA A 11 35.21 -38.49 8.54
C ALA A 11 34.40 -37.53 7.68
N THR A 12 33.08 -37.60 7.85
CA THR A 12 32.14 -36.66 7.25
C THR A 12 31.11 -36.15 8.28
N LEU A 13 30.96 -34.82 8.31
CA LEU A 13 30.07 -34.14 9.22
C LEU A 13 29.09 -33.39 8.35
N CYS A 14 27.82 -33.45 8.73
CA CYS A 14 26.75 -32.84 7.95
C CYS A 14 25.81 -32.07 8.83
N LEU A 15 25.46 -30.88 8.36
CA LEU A 15 24.59 -29.97 9.08
C LEU A 15 23.23 -30.03 8.45
N GLY A 16 22.22 -29.71 9.24
CA GLY A 16 20.86 -29.86 8.77
C GLY A 16 19.86 -29.29 9.73
N HIS A 17 18.60 -29.43 9.35
CA HIS A 17 17.49 -28.85 10.10
C HIS A 17 16.36 -29.85 10.18
N HIS A 18 15.38 -29.52 11.02
CA HIS A 18 14.36 -30.49 11.36
C HIS A 18 13.14 -30.28 10.48
N ALA A 19 12.18 -31.17 10.64
CA ALA A 19 10.94 -31.15 9.88
C ALA A 19 9.87 -31.79 10.72
N VAL A 20 8.62 -31.70 10.27
CA VAL A 20 7.51 -32.39 10.93
C VAL A 20 6.72 -33.19 9.92
N PRO A 21 5.88 -34.11 10.41
CA PRO A 21 5.01 -34.91 9.55
C PRO A 21 3.76 -34.15 9.04
N ASN A 22 3.48 -33.00 9.64
CA ASN A 22 2.36 -32.16 9.21
C ASN A 22 2.61 -30.78 9.75
N GLY A 23 3.13 -29.95 8.86
CA GLY A 23 3.23 -28.53 9.11
C GLY A 23 1.88 -27.90 8.80
N THR A 24 1.88 -26.59 8.81
CA THR A 24 0.70 -25.83 8.50
C THR A 24 1.01 -25.04 7.26
N LEU A 25 -0.01 -24.84 6.41
CA LEU A 25 0.08 -23.95 5.27
C LEU A 25 -0.10 -22.50 5.78
N VAL A 26 0.83 -21.61 5.45
CA VAL A 26 0.67 -20.17 5.74
C VAL A 26 0.70 -19.39 4.43
N LYS A 27 0.45 -18.08 4.48
CA LYS A 27 0.58 -17.25 3.28
C LYS A 27 1.89 -16.48 3.30
N THR A 28 2.37 -16.03 2.15
CA THR A 28 3.59 -15.22 2.12
C THR A 28 3.42 -14.12 1.10
N ILE A 29 4.51 -13.45 0.78
CA ILE A 29 4.46 -12.37 -0.18
C ILE A 29 4.44 -12.91 -1.58
N THR A 30 5.18 -13.99 -1.79
CA THR A 30 5.34 -14.61 -3.10
C THR A 30 4.40 -15.76 -3.30
N ASP A 31 4.09 -16.46 -2.21
CA ASP A 31 3.38 -17.72 -2.27
C ASP A 31 2.07 -17.59 -1.61
N ASP A 32 1.04 -18.07 -2.29
CA ASP A 32 -0.26 -18.20 -1.68
C ASP A 32 -0.18 -19.25 -0.59
N GLN A 33 0.10 -20.51 -0.98
CA GLN A 33 0.28 -21.55 0.03
C GLN A 33 1.63 -22.32 -0.02
N ILE A 34 2.16 -22.49 1.20
CA ILE A 34 3.51 -22.94 1.46
C ILE A 34 3.55 -23.46 2.90
N GLU A 35 4.11 -24.67 3.09
CA GLU A 35 3.97 -25.43 4.36
C GLU A 35 5.14 -25.16 5.29
N VAL A 36 4.85 -24.71 6.51
CA VAL A 36 5.88 -24.44 7.52
C VAL A 36 5.66 -25.37 8.73
N THR A 37 6.67 -25.67 9.55
CA THR A 37 6.54 -26.66 10.66
C THR A 37 5.45 -26.36 11.65
N ASN A 38 5.04 -25.10 11.75
CA ASN A 38 4.00 -24.76 12.69
C ASN A 38 3.40 -23.38 12.42
N ALA A 39 2.13 -23.21 12.76
CA ALA A 39 1.45 -21.89 12.67
C ALA A 39 0.85 -21.44 14.00
N THR A 40 0.27 -20.24 13.99
CA THR A 40 -0.70 -19.81 15.03
C THR A 40 -1.74 -18.88 14.43
N GLU A 41 -2.96 -18.92 14.96
CA GLU A 41 -4.12 -18.25 14.33
C GLU A 41 -4.35 -16.81 14.85
N LEU A 42 -4.26 -15.81 13.99
CA LEU A 42 -4.46 -14.43 14.44
C LEU A 42 -5.94 -13.99 14.49
N VAL A 43 -6.87 -14.78 13.97
CA VAL A 43 -8.27 -14.34 13.89
C VAL A 43 -9.16 -15.12 14.84
N GLN A 44 -9.70 -14.45 15.85
CA GLN A 44 -10.67 -15.09 16.74
C GLN A 44 -11.98 -15.25 16.02
N SER A 45 -12.53 -16.45 16.06
CA SER A 45 -13.70 -16.77 15.25
C SER A 45 -14.81 -17.52 15.98
N SER A 46 -14.72 -17.57 17.30
CA SER A 46 -15.63 -18.36 18.10
C SER A 46 -16.07 -17.59 19.35
N SER A 47 -17.26 -17.90 19.84
CA SER A 47 -17.79 -17.25 21.06
C SER A 47 -18.42 -18.26 22.03
N THR A 48 -18.01 -18.15 23.29
CA THR A 48 -18.53 -18.96 24.41
C THR A 48 -20.04 -19.13 24.33
N GLY A 49 -20.71 -18.10 23.79
CA GLY A 49 -22.14 -18.09 23.53
C GLY A 49 -22.87 -17.23 24.53
N LYS A 50 -22.23 -16.96 25.66
CA LYS A 50 -22.80 -16.18 26.75
C LYS A 50 -21.97 -14.91 27.07
N ILE A 51 -22.68 -13.84 27.34
CA ILE A 51 -22.10 -12.62 27.88
C ILE A 51 -21.62 -12.88 29.29
N CYS A 52 -20.38 -12.50 29.61
CA CYS A 52 -19.90 -12.63 30.98
C CYS A 52 -20.40 -11.44 31.80
N ASN A 53 -20.61 -11.61 33.11
CA ASN A 53 -21.13 -10.51 33.96
C ASN A 53 -20.04 -9.71 34.63
N ASN A 54 -18.84 -10.28 34.57
CA ASN A 54 -17.58 -9.65 34.99
C ASN A 54 -16.59 -9.58 33.81
N PRO A 55 -15.75 -8.55 33.77
CA PRO A 55 -15.55 -7.54 34.77
C PRO A 55 -16.35 -6.27 34.53
N HIS A 56 -16.99 -6.12 33.37
CA HIS A 56 -17.89 -5.00 33.15
C HIS A 56 -19.16 -5.18 33.90
N ARG A 57 -19.91 -4.11 34.21
CA ARG A 57 -21.22 -4.34 34.88
C ARG A 57 -22.42 -4.27 33.96
N ILE A 58 -23.08 -5.42 33.84
CA ILE A 58 -24.15 -5.64 32.89
C ILE A 58 -25.53 -5.57 33.55
N LEU A 59 -26.41 -4.73 33.00
CA LEU A 59 -27.80 -4.67 33.43
C LEU A 59 -28.65 -5.28 32.33
N ASP A 60 -29.35 -6.39 32.66
CA ASP A 60 -30.21 -7.15 31.72
C ASP A 60 -31.60 -6.53 31.69
N GLY A 61 -31.96 -5.90 30.59
CA GLY A 61 -33.19 -5.10 30.51
C GLY A 61 -34.46 -5.93 30.51
N ILE A 62 -34.33 -7.16 30.06
CA ILE A 62 -35.48 -8.05 29.93
C ILE A 62 -36.57 -7.34 29.13
N ASP A 63 -37.83 -7.50 29.49
CA ASP A 63 -38.85 -6.90 28.65
C ASP A 63 -39.00 -5.38 28.82
N CYS A 64 -37.88 -4.68 28.89
CA CYS A 64 -37.91 -3.23 28.83
C CYS A 64 -36.87 -2.71 27.88
N THR A 65 -37.28 -1.76 27.04
CA THR A 65 -36.31 -0.92 26.33
C THR A 65 -35.76 0.11 27.31
N LEU A 66 -34.52 0.54 27.09
CA LEU A 66 -33.86 1.51 27.97
C LEU A 66 -34.64 2.80 28.02
N ILE A 67 -35.03 3.32 26.85
CA ILE A 67 -35.93 4.49 26.79
C ILE A 67 -37.20 4.34 27.64
N ASP A 68 -37.90 3.21 27.54
CA ASP A 68 -39.06 2.98 28.38
C ASP A 68 -38.67 3.07 29.84
N ALA A 69 -37.61 2.34 30.18
CA ALA A 69 -37.10 2.32 31.54
C ALA A 69 -37.04 3.71 32.08
N LEU A 70 -36.37 4.59 31.33
CA LEU A 70 -36.20 5.99 31.69
C LEU A 70 -37.55 6.71 31.86
N LEU A 71 -38.36 6.69 30.79
CA LEU A 71 -39.68 7.32 30.75
C LEU A 71 -40.49 6.92 31.95
N GLY A 72 -40.37 5.64 32.31
CA GLY A 72 -40.98 5.12 33.53
C GLY A 72 -42.25 4.38 33.27
N ASP A 73 -42.19 3.40 32.38
CA ASP A 73 -43.33 2.56 32.05
C ASP A 73 -43.51 1.58 33.19
N PRO A 74 -44.76 1.35 33.62
CA PRO A 74 -45.09 0.47 34.74
C PRO A 74 -44.18 -0.72 34.92
N HIS A 75 -44.16 -1.61 33.94
CA HIS A 75 -43.40 -2.87 34.07
C HIS A 75 -41.88 -2.67 33.99
N CYS A 76 -41.44 -1.41 34.00
CA CYS A 76 -40.03 -1.06 33.96
C CYS A 76 -39.52 -0.34 35.20
N ASP A 77 -40.36 -0.21 36.22
CA ASP A 77 -40.02 0.59 37.40
C ASP A 77 -39.14 -0.22 38.34
N VAL A 78 -39.04 -1.50 38.08
CA VAL A 78 -37.93 -2.29 38.54
C VAL A 78 -36.57 -1.59 38.36
N PHE A 79 -36.45 -0.76 37.33
CA PHE A 79 -35.14 -0.20 36.95
C PHE A 79 -34.81 1.20 37.49
N GLN A 80 -35.74 1.86 38.16
CA GLN A 80 -35.49 3.23 38.64
C GLN A 80 -34.10 3.34 39.26
N ASN A 81 -33.44 4.46 39.00
CA ASN A 81 -32.16 4.71 39.62
C ASN A 81 -31.04 3.72 39.31
N GLU A 82 -31.23 2.76 38.38
CA GLU A 82 -30.15 1.80 38.14
C GLU A 82 -29.00 2.38 37.35
N THR A 83 -27.88 1.67 37.41
CA THR A 83 -26.62 2.11 36.82
C THR A 83 -25.98 0.93 36.13
N TRP A 84 -25.47 1.14 34.93
CA TRP A 84 -24.87 0.07 34.15
C TRP A 84 -23.63 0.54 33.41
N ASP A 85 -22.70 -0.40 33.20
CA ASP A 85 -21.67 -0.21 32.21
C ASP A 85 -22.33 -0.50 30.86
N LEU A 86 -22.80 -1.73 30.65
CA LEU A 86 -23.44 -2.07 29.39
C LEU A 86 -24.88 -2.47 29.62
N PHE A 87 -25.80 -1.74 28.96
CA PHE A 87 -27.25 -2.02 29.02
C PHE A 87 -27.68 -2.93 27.88
N VAL A 88 -28.22 -4.10 28.21
CA VAL A 88 -28.46 -5.12 27.21
C VAL A 88 -29.94 -5.19 26.82
N GLU A 89 -30.35 -4.49 25.76
CA GLU A 89 -31.77 -4.44 25.35
C GLU A 89 -32.23 -5.74 24.68
N ARG A 90 -33.14 -6.49 25.31
CA ARG A 90 -33.59 -7.77 24.75
C ARG A 90 -34.68 -7.64 23.68
N SER A 91 -34.61 -8.52 22.66
CA SER A 91 -35.57 -8.54 21.53
C SER A 91 -36.96 -9.03 21.98
N LYS A 92 -36.99 -9.63 23.16
CA LYS A 92 -38.24 -10.06 23.75
C LYS A 92 -38.98 -8.88 24.31
N ALA A 93 -38.37 -7.69 24.22
CA ALA A 93 -38.80 -6.55 25.00
C ALA A 93 -39.98 -5.87 24.38
N PHE A 94 -40.78 -5.22 25.23
CA PHE A 94 -41.94 -4.46 24.78
C PHE A 94 -42.16 -3.19 25.58
N SER A 95 -43.24 -2.50 25.21
CA SER A 95 -43.74 -1.32 25.91
C SER A 95 -45.20 -1.56 26.15
N ASN A 96 -45.76 -0.82 27.10
CA ASN A 96 -47.09 -1.12 27.59
C ASN A 96 -47.62 0.02 28.44
N CYS A 97 -47.88 1.14 27.78
CA CYS A 97 -48.33 2.37 28.45
C CYS A 97 -48.64 3.34 27.33
N TYR A 98 -49.23 4.48 27.66
CA TYR A 98 -49.63 5.47 26.67
C TYR A 98 -48.69 5.35 25.47
N PRO A 99 -49.26 5.34 24.25
CA PRO A 99 -48.40 5.20 23.07
C PRO A 99 -47.68 6.51 22.72
N TYR A 100 -46.36 6.43 22.54
CA TYR A 100 -45.50 7.60 22.43
C TYR A 100 -44.61 7.53 21.20
N ASP A 101 -44.11 8.69 20.76
CA ASP A 101 -42.94 8.74 19.88
C ASP A 101 -41.99 9.79 20.39
N VAL A 102 -40.71 9.55 20.12
CA VAL A 102 -39.65 10.44 20.57
C VAL A 102 -38.89 10.81 19.32
N PRO A 103 -39.07 12.04 18.81
CA PRO A 103 -38.24 12.35 17.67
C PRO A 103 -36.74 12.45 18.06
N ASP A 104 -35.90 11.88 17.20
CA ASP A 104 -34.51 11.61 17.50
C ASP A 104 -34.46 10.64 18.66
N TYR A 105 -35.23 9.56 18.53
CA TYR A 105 -35.20 8.46 19.49
C TYR A 105 -33.79 7.99 19.44
N ALA A 106 -33.37 7.66 18.24
CA ALA A 106 -31.99 7.48 17.90
C ALA A 106 -31.03 7.95 19.02
N SER A 107 -31.07 9.26 19.23
CA SER A 107 -30.10 9.97 20.05
C SER A 107 -30.39 9.91 21.54
N LEU A 108 -31.66 9.97 21.90
CA LEU A 108 -32.06 9.92 23.30
C LEU A 108 -31.73 8.57 23.95
N ARG A 109 -31.71 7.49 23.16
CA ARG A 109 -31.16 6.20 23.62
C ARG A 109 -29.68 6.34 23.87
N SER A 110 -28.98 6.92 22.90
CA SER A 110 -27.52 6.97 22.91
C SER A 110 -27.02 7.76 24.07
N LEU A 111 -27.77 8.82 24.34
CA LEU A 111 -27.34 9.89 25.18
C LEU A 111 -27.47 9.49 26.61
N VAL A 112 -28.57 8.83 26.92
CA VAL A 112 -28.75 8.11 28.18
C VAL A 112 -27.81 6.92 28.26
N ALA A 113 -27.91 6.01 27.29
CA ALA A 113 -27.02 4.85 27.22
C ALA A 113 -25.62 5.18 27.72
N SER A 114 -25.12 6.33 27.33
CA SER A 114 -23.75 6.67 27.62
C SER A 114 -23.58 7.17 29.06
N SER A 115 -24.51 8.01 29.53
CA SER A 115 -24.49 8.50 30.93
C SER A 115 -24.21 7.36 31.90
N GLY A 116 -24.94 6.28 31.67
CA GLY A 116 -24.76 5.03 32.38
C GLY A 116 -25.56 4.95 33.65
N THR A 117 -26.62 5.75 33.76
CA THR A 117 -27.41 5.80 35.00
C THR A 117 -28.77 6.39 34.68
N LEU A 118 -29.79 5.91 35.39
CA LEU A 118 -31.17 6.34 35.21
C LEU A 118 -31.65 7.00 36.48
N GLU A 119 -30.74 7.72 37.10
CA GLU A 119 -30.90 8.14 38.46
C GLU A 119 -31.66 9.44 38.49
N PHE A 120 -32.91 9.39 38.93
CA PHE A 120 -33.78 10.56 38.91
C PHE A 120 -33.80 11.30 40.26
N ILE A 121 -34.07 12.62 40.23
CA ILE A 121 -34.27 13.41 41.46
C ILE A 121 -35.47 14.37 41.35
N THR A 122 -36.56 14.11 42.08
CA THR A 122 -37.80 14.87 41.85
C THR A 122 -37.66 16.27 42.32
N GLU A 123 -38.19 17.20 41.55
CA GLU A 123 -38.22 18.60 41.91
C GLU A 123 -39.67 18.99 42.10
N GLY A 124 -39.92 19.84 43.09
CA GLY A 124 -41.25 20.38 43.28
C GLY A 124 -41.50 21.51 42.29
N PHE A 125 -42.15 21.19 41.20
CA PHE A 125 -42.68 22.24 40.36
C PHE A 125 -44.00 22.58 41.00
N THR A 126 -44.56 23.74 40.68
CA THR A 126 -45.92 24.04 41.09
C THR A 126 -46.70 24.39 39.85
N TRP A 127 -47.83 23.71 39.71
CA TRP A 127 -48.69 23.83 38.53
C TRP A 127 -50.08 24.33 38.95
N THR A 128 -50.12 25.56 39.48
CA THR A 128 -51.35 26.13 40.01
C THR A 128 -52.25 26.66 38.90
N GLY A 129 -53.53 26.32 39.03
CA GLY A 129 -54.55 26.51 37.99
C GLY A 129 -54.94 25.22 37.28
N VAL A 130 -54.22 24.14 37.58
CA VAL A 130 -54.24 22.92 36.77
C VAL A 130 -54.20 21.64 37.61
N THR A 131 -55.04 20.67 37.26
CA THR A 131 -55.06 19.35 37.94
C THR A 131 -53.94 18.44 37.41
N GLN A 132 -53.24 17.80 38.33
CA GLN A 132 -52.09 16.99 37.98
C GLN A 132 -52.42 15.48 37.92
N ASN A 133 -51.37 14.69 37.69
CA ASN A 133 -51.32 13.22 37.87
C ASN A 133 -52.20 12.39 36.98
N GLY A 134 -52.44 12.88 35.78
CA GLY A 134 -53.30 12.20 34.85
C GLY A 134 -52.83 10.77 34.64
N GLY A 135 -53.76 9.89 34.30
CA GLY A 135 -53.46 8.50 34.02
C GLY A 135 -54.45 7.98 33.01
N SER A 136 -54.07 6.93 32.29
CA SER A 136 -54.94 6.27 31.32
C SER A 136 -54.97 4.75 31.53
N ASN A 137 -56.04 4.13 31.06
CA ASN A 137 -56.15 2.72 31.16
C ASN A 137 -55.35 2.00 30.08
N ALA A 138 -54.69 2.74 29.20
CA ALA A 138 -53.68 2.14 28.33
C ALA A 138 -52.39 1.87 29.12
N CYS A 139 -52.29 2.45 30.33
CA CYS A 139 -51.07 2.41 31.13
C CYS A 139 -51.33 1.97 32.55
N LYS A 140 -51.83 0.76 32.70
CA LYS A 140 -52.27 0.31 34.01
C LYS A 140 -51.10 0.22 35.01
N ARG A 141 -51.28 0.90 36.14
CA ARG A 141 -50.40 0.80 37.27
C ARG A 141 -51.19 0.07 38.32
N GLY A 142 -51.01 -1.26 38.36
CA GLY A 142 -51.70 -2.09 39.34
C GLY A 142 -53.13 -2.31 38.89
N PRO A 143 -54.13 -1.78 39.64
CA PRO A 143 -55.53 -2.18 39.41
C PRO A 143 -56.21 -1.35 38.30
N GLY A 144 -56.11 -0.01 38.41
CA GLY A 144 -56.72 0.91 37.47
C GLY A 144 -55.67 1.77 36.81
N SER A 145 -56.13 2.81 36.13
CA SER A 145 -55.28 3.63 35.26
C SER A 145 -54.13 4.29 36.01
N GLY A 146 -53.13 4.67 35.22
CA GLY A 146 -51.93 5.32 35.74
C GLY A 146 -51.13 5.80 34.55
N PHE A 147 -49.88 6.15 34.77
CA PHE A 147 -49.13 6.86 33.73
C PHE A 147 -47.65 6.54 33.79
N PHE A 148 -46.88 7.12 32.87
CA PHE A 148 -45.43 7.09 32.99
C PHE A 148 -45.04 7.66 34.34
N SER A 149 -44.11 6.99 35.01
CA SER A 149 -43.82 7.31 36.41
C SER A 149 -43.04 8.61 36.56
N ARG A 150 -42.34 9.03 35.52
CA ARG A 150 -41.48 10.20 35.60
C ARG A 150 -42.05 11.42 34.85
N LEU A 151 -43.31 11.35 34.48
CA LEU A 151 -44.01 12.44 33.84
C LEU A 151 -45.33 12.68 34.57
N ASN A 152 -45.80 13.91 34.46
CA ASN A 152 -46.93 14.41 35.24
C ASN A 152 -47.88 14.97 34.21
N TRP A 153 -49.08 14.43 34.13
CA TRP A 153 -49.98 14.78 33.04
C TRP A 153 -51.01 15.80 33.49
N LEU A 154 -50.82 17.02 33.00
CA LEU A 154 -51.55 18.15 33.48
C LEU A 154 -52.76 18.45 32.60
N THR A 155 -53.91 18.51 33.26
CA THR A 155 -55.19 18.76 32.64
C THR A 155 -55.96 19.77 33.45
N LYS A 156 -57.11 20.23 32.94
CA LYS A 156 -57.79 21.43 33.45
C LYS A 156 -58.36 21.27 34.86
N SER A 157 -58.32 22.34 35.65
CA SER A 157 -58.91 22.35 37.00
C SER A 157 -59.92 23.47 36.99
N GLY A 158 -61.05 23.27 37.67
CA GLY A 158 -62.27 24.08 37.46
C GLY A 158 -62.71 23.74 36.05
N SER A 159 -62.95 24.76 35.22
CA SER A 159 -62.97 24.55 33.77
C SER A 159 -62.17 25.61 32.99
N THR A 160 -61.09 26.11 33.61
CA THR A 160 -60.03 26.91 32.92
C THR A 160 -58.67 26.19 33.01
N TYR A 161 -57.69 26.68 32.26
CA TYR A 161 -56.32 26.14 32.25
C TYR A 161 -55.35 27.28 31.86
N PRO A 162 -54.95 28.12 32.84
CA PRO A 162 -54.27 29.38 32.54
C PRO A 162 -52.86 29.15 32.06
N VAL A 163 -52.36 30.02 31.19
CA VAL A 163 -51.02 29.88 30.62
C VAL A 163 -50.06 29.56 31.77
N LEU A 164 -49.29 28.49 31.63
CA LEU A 164 -48.40 28.02 32.69
C LEU A 164 -46.95 28.43 32.43
N ASN A 165 -46.33 28.98 33.46
CA ASN A 165 -45.07 29.66 33.35
C ASN A 165 -44.25 29.36 34.60
N VAL A 166 -43.65 28.17 34.65
CA VAL A 166 -42.79 27.75 35.78
C VAL A 166 -41.32 27.82 35.44
N THR A 167 -40.48 27.74 36.46
CA THR A 167 -39.04 27.88 36.29
C THR A 167 -38.29 27.12 37.40
N MET A 168 -37.07 26.66 37.07
CA MET A 168 -36.34 25.71 37.93
C MET A 168 -34.82 25.75 37.76
N PRO A 169 -34.13 26.67 38.45
CA PRO A 169 -32.68 26.80 38.39
C PRO A 169 -31.92 25.47 38.37
N ASN A 170 -30.75 25.44 37.73
CA ASN A 170 -29.80 24.35 37.92
C ASN A 170 -28.63 24.96 38.66
N ASN A 171 -28.66 24.89 39.99
CA ASN A 171 -27.62 25.51 40.81
C ASN A 171 -26.52 24.58 41.27
N ASP A 172 -26.68 23.28 41.05
CA ASP A 172 -25.60 22.31 41.30
C ASP A 172 -24.43 22.63 40.38
N ASN A 173 -23.48 21.72 40.26
CA ASN A 173 -22.39 21.87 39.30
C ASN A 173 -22.23 20.58 38.50
N PHE A 174 -23.37 20.19 37.92
CA PHE A 174 -23.46 19.09 36.97
C PHE A 174 -24.69 19.29 36.08
N ASP A 175 -24.76 18.55 34.97
CA ASP A 175 -25.76 18.80 33.98
C ASP A 175 -27.02 18.02 34.31
N LYS A 176 -28.15 18.73 34.27
CA LYS A 176 -29.45 18.12 34.49
C LYS A 176 -30.12 17.82 33.17
N LEU A 177 -30.72 16.64 33.05
CA LEU A 177 -31.48 16.24 31.85
C LEU A 177 -32.96 16.21 32.18
N TYR A 178 -33.81 16.79 31.33
CA TYR A 178 -35.28 16.73 31.54
C TYR A 178 -36.02 16.04 30.37
N ILE A 179 -36.80 15.01 30.66
CA ILE A 179 -37.63 14.38 29.64
C ILE A 179 -38.99 14.91 29.87
N TRP A 180 -39.57 15.51 28.85
CA TRP A 180 -40.90 16.05 28.92
C TRP A 180 -41.57 15.71 27.62
N GLY A 181 -42.83 16.08 27.47
CA GLY A 181 -43.55 15.79 26.22
C GLY A 181 -44.81 16.60 25.97
N ILE A 182 -45.46 16.32 24.83
CA ILE A 182 -46.69 17.01 24.45
C ILE A 182 -47.72 16.02 23.92
N HIS A 183 -48.97 16.28 24.30
CA HIS A 183 -50.10 15.43 23.92
C HIS A 183 -50.70 15.86 22.59
N HIS A 184 -50.78 14.94 21.63
CA HIS A 184 -51.59 15.18 20.44
C HIS A 184 -52.84 14.32 20.55
N PRO A 185 -54.02 14.95 20.77
CA PRO A 185 -55.32 14.28 20.69
C PRO A 185 -55.78 13.91 19.29
N SER A 186 -56.83 13.10 19.26
CA SER A 186 -57.41 12.59 18.02
C SER A 186 -58.57 13.45 17.51
N THR A 187 -59.17 14.23 18.42
CA THR A 187 -60.35 15.07 18.13
C THR A 187 -60.51 16.24 19.06
N ASN A 188 -61.13 17.29 18.53
CA ASN A 188 -61.31 18.55 19.24
C ASN A 188 -62.24 18.42 20.46
N GLN A 189 -63.17 17.46 20.40
CA GLN A 189 -63.96 17.05 21.58
C GLN A 189 -63.03 16.73 22.77
N GLU A 190 -62.00 15.91 22.51
CA GLU A 190 -61.01 15.50 23.50
C GLU A 190 -60.15 16.67 23.99
N GLN A 191 -59.75 17.51 23.06
CA GLN A 191 -58.95 18.68 23.40
C GLN A 191 -59.69 19.47 24.43
N THR A 192 -60.76 20.14 24.00
CA THR A 192 -61.48 21.07 24.85
C THR A 192 -61.78 20.43 26.21
N SER A 193 -62.04 19.12 26.22
CA SER A 193 -62.29 18.38 27.46
C SER A 193 -61.10 18.46 28.40
N LEU A 194 -59.94 18.05 27.91
CA LEU A 194 -58.75 17.94 28.76
C LEU A 194 -58.13 19.30 29.06
N TYR A 195 -57.66 19.96 28.00
CA TYR A 195 -57.01 21.27 28.07
C TYR A 195 -58.01 22.21 27.40
N VAL A 196 -58.55 23.15 28.15
CA VAL A 196 -59.77 23.86 27.75
C VAL A 196 -59.65 24.71 26.47
N GLN A 197 -58.43 25.04 26.05
CA GLN A 197 -58.21 25.84 24.84
C GLN A 197 -58.49 25.13 23.51
N ALA A 198 -58.65 25.93 22.46
CA ALA A 198 -58.82 25.42 21.11
C ALA A 198 -57.53 24.77 20.69
N SER A 199 -56.45 25.56 20.64
CA SER A 199 -55.11 25.06 20.27
C SER A 199 -54.08 25.36 21.37
N GLY A 200 -53.31 24.34 21.71
CA GLY A 200 -52.33 24.47 22.77
C GLY A 200 -51.01 24.92 22.20
N ARG A 201 -49.94 24.62 22.93
CA ARG A 201 -48.59 25.00 22.58
C ARG A 201 -47.72 24.74 23.79
N VAL A 202 -46.51 24.24 23.57
CA VAL A 202 -45.55 24.05 24.66
C VAL A 202 -44.17 24.57 24.29
N THR A 203 -43.66 25.50 25.10
CA THR A 203 -42.32 26.08 24.88
C THR A 203 -41.44 25.90 26.12
N VAL A 204 -40.40 25.09 25.97
CA VAL A 204 -39.46 24.81 27.05
C VAL A 204 -38.18 25.42 26.58
N SER A 205 -37.48 26.09 27.46
CA SER A 205 -36.37 26.93 27.04
C SER A 205 -35.30 27.14 28.10
N THR A 206 -34.04 27.02 27.74
CA THR A 206 -33.02 27.55 28.62
C THR A 206 -32.63 28.93 28.11
N ARG A 207 -31.64 29.55 28.75
CA ARG A 207 -31.14 30.85 28.29
C ARG A 207 -30.60 30.72 26.89
N ARG A 208 -29.73 29.71 26.72
CA ARG A 208 -28.97 29.58 25.48
C ARG A 208 -29.79 28.94 24.35
N SER A 209 -30.72 28.02 24.65
CA SER A 209 -31.56 27.42 23.59
C SER A 209 -33.07 27.30 23.91
N GLN A 210 -33.81 26.72 22.96
CA GLN A 210 -35.26 26.95 22.79
C GLN A 210 -35.91 25.86 21.88
N GLN A 211 -37.12 25.41 22.23
CA GLN A 211 -37.93 24.60 21.31
C GLN A 211 -39.41 24.77 21.65
N THR A 212 -40.20 25.13 20.64
CA THR A 212 -41.66 25.22 20.80
C THR A 212 -42.30 24.19 19.87
N ILE A 213 -43.09 23.32 20.49
CA ILE A 213 -43.70 22.20 19.83
C ILE A 213 -45.18 22.47 19.84
N ILE A 214 -45.84 22.31 18.70
CA ILE A 214 -47.30 22.51 18.61
C ILE A 214 -47.99 21.16 18.30
N PRO A 215 -49.11 20.85 19.00
CA PRO A 215 -49.85 19.60 18.86
C PRO A 215 -50.54 19.43 17.49
N ASN A 216 -51.12 18.27 17.22
CA ASN A 216 -51.73 18.02 15.91
C ASN A 216 -52.98 17.12 15.96
N ILE A 217 -54.12 17.73 16.30
CA ILE A 217 -55.38 17.02 16.55
C ILE A 217 -55.77 16.09 15.41
N GLY A 218 -55.43 14.81 15.55
CA GLY A 218 -55.60 13.85 14.46
C GLY A 218 -55.72 12.43 14.93
N SER A 219 -56.30 11.59 14.07
CA SER A 219 -56.59 10.21 14.43
C SER A 219 -55.48 9.30 13.91
N ARG A 220 -54.90 8.55 14.84
CA ARG A 220 -53.81 7.59 14.61
C ARG A 220 -54.33 6.16 14.76
N PRO A 221 -53.49 5.15 14.48
CA PRO A 221 -53.91 3.79 14.76
C PRO A 221 -54.36 3.62 16.21
N TRP A 222 -55.50 2.96 16.40
CA TRP A 222 -55.91 2.49 17.70
C TRP A 222 -54.76 1.60 18.22
N VAL A 223 -54.33 1.88 19.44
CA VAL A 223 -53.25 1.14 20.11
C VAL A 223 -53.52 1.09 21.61
N ARG A 224 -53.63 -0.12 22.17
CA ARG A 224 -54.01 -0.29 23.57
C ARG A 224 -55.08 0.72 23.92
N GLY A 225 -56.12 0.71 23.10
CA GLY A 225 -57.32 1.51 23.32
C GLY A 225 -57.33 2.84 22.60
N LEU A 226 -56.24 3.57 22.77
CA LEU A 226 -56.14 4.96 22.33
C LEU A 226 -55.68 5.13 20.88
N SER A 227 -56.24 6.16 20.23
CA SER A 227 -55.80 6.63 18.90
C SER A 227 -55.21 8.05 19.03
N SER A 228 -54.85 8.40 20.25
CA SER A 228 -54.21 9.66 20.54
C SER A 228 -52.78 9.30 20.76
N ARG A 229 -51.95 10.30 21.06
CA ARG A 229 -50.49 10.09 21.14
C ARG A 229 -49.73 11.10 22.00
N ILE A 230 -48.59 10.66 22.52
CA ILE A 230 -47.64 11.53 23.20
C ILE A 230 -46.38 11.63 22.36
N SER A 231 -45.84 12.84 22.22
CA SER A 231 -44.50 13.03 21.64
C SER A 231 -43.49 13.49 22.75
N ILE A 232 -42.28 12.89 22.75
CA ILE A 232 -41.25 13.12 23.79
C ILE A 232 -40.02 13.97 23.39
N TYR A 233 -39.74 14.93 24.25
CA TYR A 233 -38.65 15.87 24.07
C TYR A 233 -37.76 15.90 25.35
N TRP A 234 -36.46 16.16 25.16
CA TRP A 234 -35.54 16.43 26.27
C TRP A 234 -34.89 17.81 26.10
N THR A 235 -34.66 18.45 27.23
CA THR A 235 -33.85 19.64 27.32
C THR A 235 -32.73 19.26 28.32
N ILE A 236 -31.50 19.69 28.05
CA ILE A 236 -30.43 19.56 29.05
C ILE A 236 -30.22 20.95 29.60
N VAL A 237 -30.03 21.07 30.91
CA VAL A 237 -29.77 22.39 31.45
C VAL A 237 -28.48 22.33 32.18
N LYS A 238 -27.57 23.21 31.78
CA LYS A 238 -26.24 23.26 32.33
C LYS A 238 -26.24 24.07 33.63
N PRO A 239 -25.17 23.96 34.43
CA PRO A 239 -25.08 24.76 35.66
C PRO A 239 -25.15 26.28 35.43
N GLY A 240 -26.04 26.94 36.17
CA GLY A 240 -26.22 28.38 36.07
C GLY A 240 -27.44 28.66 35.23
N ASP A 241 -27.34 28.24 33.96
CA ASP A 241 -28.47 28.14 33.01
C ASP A 241 -29.74 27.77 33.78
N VAL A 242 -30.86 28.39 33.45
CA VAL A 242 -32.09 28.13 34.17
C VAL A 242 -33.19 27.64 33.21
N LEU A 243 -33.98 26.65 33.61
CA LEU A 243 -35.04 26.08 32.75
C LEU A 243 -36.36 26.81 32.94
N VAL A 244 -37.10 26.95 31.84
CA VAL A 244 -38.40 27.63 31.85
C VAL A 244 -39.41 26.96 30.89
N ILE A 245 -40.51 26.47 31.47
CA ILE A 245 -41.59 25.77 30.76
C ILE A 245 -42.83 26.66 30.64
N ASN A 246 -43.20 27.05 29.42
CA ASN A 246 -44.42 27.82 29.22
C ASN A 246 -45.41 27.08 28.33
N SER A 247 -46.68 27.03 28.75
CA SER A 247 -47.72 26.41 27.94
C SER A 247 -49.13 26.82 28.28
N ASN A 248 -49.98 26.83 27.27
CA ASN A 248 -51.39 27.15 27.40
C ASN A 248 -52.21 25.94 27.04
N GLY A 249 -51.72 24.74 27.36
CA GLY A 249 -52.44 23.48 27.09
C GLY A 249 -51.56 22.41 26.49
N ASN A 250 -52.00 21.15 26.55
CA ASN A 250 -51.35 19.98 25.86
C ASN A 250 -50.00 19.49 26.48
N LEU A 251 -49.67 20.02 27.66
CA LEU A 251 -48.35 19.79 28.24
C LEU A 251 -48.24 18.47 28.96
N ILE A 252 -47.14 17.76 28.76
CA ILE A 252 -46.76 16.65 29.60
C ILE A 252 -45.49 17.02 30.33
N ALA A 253 -45.64 17.49 31.55
CA ALA A 253 -44.54 18.11 32.28
C ALA A 253 -43.67 17.06 32.94
N PRO A 254 -42.41 17.40 33.24
CA PRO A 254 -41.51 16.50 33.97
C PRO A 254 -41.69 16.66 35.45
N ARG A 255 -41.17 15.72 36.24
CA ARG A 255 -41.19 15.85 37.69
C ARG A 255 -39.81 16.22 38.20
N GLY A 256 -38.86 16.31 37.30
CA GLY A 256 -37.49 16.55 37.69
C GLY A 256 -36.56 16.01 36.64
N TYR A 257 -35.32 15.80 37.04
CA TYR A 257 -34.23 15.59 36.12
C TYR A 257 -33.55 14.28 36.39
N PHE A 258 -32.61 13.96 35.51
CA PHE A 258 -31.74 12.82 35.68
C PHE A 258 -30.34 13.34 35.87
N LYS A 259 -29.52 12.65 36.66
CA LYS A 259 -28.12 12.98 36.65
C LYS A 259 -27.58 12.49 35.33
N MET A 260 -26.77 13.38 34.76
CA MET A 260 -26.01 13.14 33.56
C MET A 260 -24.64 12.91 34.10
N ARG A 261 -24.15 11.69 33.92
CA ARG A 261 -22.74 11.37 34.09
C ARG A 261 -22.18 11.31 32.68
N THR A 262 -20.86 11.27 32.56
CA THR A 262 -20.24 10.89 31.27
C THR A 262 -19.14 9.86 31.53
N GLY A 263 -19.13 8.85 30.67
CA GLY A 263 -18.28 7.68 30.85
C GLY A 263 -18.45 6.63 29.78
N LYS A 264 -17.77 5.50 30.00
CA LYS A 264 -17.65 4.42 29.00
C LYS A 264 -18.88 3.47 28.97
N SER A 265 -20.04 3.99 29.33
CA SER A 265 -21.21 3.17 29.43
C SER A 265 -21.96 3.28 28.12
N SER A 266 -22.47 2.14 27.65
CA SER A 266 -23.10 2.03 26.32
C SER A 266 -24.23 1.00 26.35
N ILE A 267 -24.94 0.84 25.23
CA ILE A 267 -26.07 -0.06 25.15
C ILE A 267 -25.88 -1.01 23.97
N MET A 268 -25.94 -2.32 24.22
CA MET A 268 -25.85 -3.32 23.15
C MET A 268 -27.18 -4.01 22.96
N ARG A 269 -27.50 -4.39 21.74
CA ARG A 269 -28.73 -5.13 21.48
C ARG A 269 -28.37 -6.57 21.33
N SER A 270 -28.89 -7.42 22.20
CA SER A 270 -28.57 -8.85 22.14
C SER A 270 -29.64 -9.70 22.74
N ASP A 271 -29.59 -10.97 22.36
CA ASP A 271 -30.55 -11.97 22.77
C ASP A 271 -29.85 -13.18 23.38
N ALA A 272 -28.62 -13.00 23.87
CA ALA A 272 -27.88 -14.15 24.41
C ALA A 272 -27.71 -14.01 25.91
N PRO A 273 -27.57 -15.14 26.60
CA PRO A 273 -27.76 -15.11 28.03
C PRO A 273 -26.50 -14.66 28.72
N ILE A 274 -26.64 -14.20 29.97
CA ILE A 274 -25.53 -13.74 30.81
C ILE A 274 -24.96 -14.92 31.60
N ASP A 275 -23.79 -14.76 32.18
CA ASP A 275 -23.14 -15.87 32.87
C ASP A 275 -21.97 -15.40 33.74
N THR A 276 -21.76 -16.00 34.93
CA THR A 276 -20.60 -15.61 35.75
C THR A 276 -19.26 -16.13 35.16
N CYS A 277 -18.46 -15.22 34.64
CA CYS A 277 -17.12 -15.53 34.13
C CYS A 277 -16.41 -14.21 33.95
N ILE A 278 -15.16 -14.26 33.50
CA ILE A 278 -14.39 -13.06 33.21
C ILE A 278 -14.14 -12.99 31.71
N SER A 279 -14.42 -11.85 31.09
CA SER A 279 -14.04 -11.63 29.69
C SER A 279 -14.27 -10.16 29.30
N GLU A 280 -13.20 -9.47 28.90
CA GLU A 280 -13.25 -8.03 28.59
C GLU A 280 -14.12 -7.69 27.41
N CYS A 281 -14.06 -8.51 26.35
CA CYS A 281 -14.75 -8.21 25.12
C CYS A 281 -16.10 -8.90 25.08
N ILE A 282 -17.13 -8.11 24.83
CA ILE A 282 -18.48 -8.62 24.66
C ILE A 282 -18.92 -8.26 23.26
N THR A 283 -19.56 -9.23 22.59
CA THR A 283 -20.26 -8.96 21.33
C THR A 283 -21.68 -9.41 21.59
N PRO A 284 -22.59 -9.12 20.66
CA PRO A 284 -23.93 -9.64 20.79
C PRO A 284 -23.96 -11.16 20.79
N ASN A 285 -23.07 -11.79 20.04
CA ASN A 285 -22.97 -13.23 20.06
C ASN A 285 -22.51 -13.69 21.41
N GLY A 286 -21.82 -12.80 22.12
CA GLY A 286 -21.34 -13.13 23.44
C GLY A 286 -19.85 -12.99 23.57
N SER A 287 -19.37 -13.21 24.79
CA SER A 287 -18.02 -12.80 25.16
C SER A 287 -16.99 -13.49 24.26
N ILE A 288 -15.95 -12.75 23.87
CA ILE A 288 -14.78 -13.32 23.19
C ILE A 288 -13.45 -12.97 23.87
N PRO A 289 -12.39 -13.74 23.56
CA PRO A 289 -11.05 -13.44 24.06
C PRO A 289 -10.26 -12.41 23.25
N ASN A 290 -9.68 -11.44 23.93
CA ASN A 290 -8.89 -10.45 23.24
C ASN A 290 -7.39 -10.75 23.23
N ASP A 291 -7.06 -12.03 23.37
CA ASP A 291 -5.66 -12.45 23.27
C ASP A 291 -5.25 -12.32 21.82
N LYS A 292 -6.14 -12.60 20.88
CA LYS A 292 -5.82 -12.37 19.47
C LYS A 292 -5.83 -10.88 19.11
N PRO A 293 -5.32 -10.55 17.93
CA PRO A 293 -5.38 -9.16 17.41
C PRO A 293 -6.59 -8.85 16.53
N PHE A 294 -7.25 -9.89 16.07
CA PHE A 294 -8.23 -9.75 15.02
C PHE A 294 -9.40 -10.69 15.32
N GLN A 295 -10.60 -10.14 15.43
CA GLN A 295 -11.79 -10.96 15.52
C GLN A 295 -12.55 -10.92 14.20
N ASN A 296 -13.31 -12.00 14.00
CA ASN A 296 -14.24 -12.15 12.88
C ASN A 296 -15.67 -12.46 13.37
N VAL A 297 -15.85 -12.53 14.69
CA VAL A 297 -17.13 -12.90 15.25
C VAL A 297 -18.18 -11.88 14.86
N ASN A 298 -18.26 -10.72 15.53
CA ASN A 298 -19.28 -9.73 15.16
C ASN A 298 -18.66 -8.35 15.12
N LYS A 299 -19.22 -7.49 14.25
CA LYS A 299 -18.63 -6.17 14.02
C LYS A 299 -19.09 -5.20 15.08
N ILE A 300 -20.04 -5.63 15.90
CA ILE A 300 -20.41 -4.89 17.10
C ILE A 300 -19.52 -5.41 18.22
N THR A 301 -19.01 -4.51 19.05
CA THR A 301 -18.26 -4.95 20.19
C THR A 301 -18.63 -4.07 21.32
N TYR A 302 -18.10 -4.38 22.50
CA TYR A 302 -18.00 -3.44 23.60
C TYR A 302 -16.82 -3.92 24.42
N GLY A 303 -15.86 -3.02 24.68
CA GLY A 303 -14.64 -3.37 25.44
C GLY A 303 -13.35 -3.40 24.62
N ALA A 304 -12.27 -3.90 25.23
CA ALA A 304 -10.98 -3.99 24.57
C ALA A 304 -10.94 -5.11 23.53
N CYS A 305 -11.69 -4.91 22.45
CA CYS A 305 -11.97 -5.94 21.46
C CYS A 305 -11.12 -5.93 20.21
N PRO A 306 -10.53 -7.08 19.85
CA PRO A 306 -9.83 -7.18 18.59
C PRO A 306 -10.54 -6.51 17.42
N LYS A 307 -9.74 -6.23 16.40
CA LYS A 307 -10.18 -5.46 15.29
C LYS A 307 -10.92 -6.39 14.37
N TYR A 308 -12.15 -6.04 14.03
CA TYR A 308 -12.99 -6.91 13.21
C TYR A 308 -12.38 -6.97 11.85
N VAL A 309 -12.29 -8.16 11.28
CA VAL A 309 -11.80 -8.27 9.92
C VAL A 309 -12.69 -9.17 9.08
N LYS A 310 -12.54 -9.10 7.77
CA LYS A 310 -13.33 -9.90 6.90
C LYS A 310 -12.91 -11.31 6.94
N GLN A 311 -11.61 -11.58 6.98
CA GLN A 311 -11.15 -12.97 6.93
C GLN A 311 -11.55 -13.70 8.19
N ASN A 312 -11.64 -15.04 8.14
CA ASN A 312 -11.89 -15.82 9.35
C ASN A 312 -10.70 -16.67 9.76
N THR A 313 -9.66 -16.64 8.96
CA THR A 313 -8.43 -17.25 9.35
C THR A 313 -7.26 -16.57 8.68
N LEU A 314 -6.30 -16.16 9.47
CA LEU A 314 -5.06 -15.59 8.96
C LEU A 314 -4.03 -16.17 9.90
N LYS A 315 -3.13 -17.01 9.40
CA LYS A 315 -2.18 -17.75 10.26
C LYS A 315 -0.80 -17.19 10.10
N LEU A 316 -0.14 -16.97 11.23
CA LEU A 316 1.23 -16.50 11.24
C LEU A 316 2.18 -17.71 11.40
N ALA A 317 3.31 -17.67 10.71
CA ALA A 317 4.32 -18.69 10.93
C ALA A 317 4.89 -18.54 12.33
N THR A 318 4.92 -19.66 13.03
CA THR A 318 5.71 -19.80 14.23
C THR A 318 6.92 -20.72 14.05
N GLY A 319 7.22 -21.09 12.81
CA GLY A 319 8.35 -21.99 12.56
C GLY A 319 8.96 -21.90 11.18
N MET A 320 9.94 -22.78 10.93
CA MET A 320 10.69 -22.73 9.69
C MET A 320 9.90 -23.35 8.55
N ARG A 321 10.45 -23.35 7.33
CA ARG A 321 9.79 -24.03 6.21
C ARG A 321 10.04 -25.49 6.43
N ASN A 322 9.00 -26.28 6.22
CA ASN A 322 9.03 -27.70 6.55
C ASN A 322 9.33 -28.54 5.31
N VAL A 323 10.49 -29.18 5.27
CA VAL A 323 10.89 -29.88 4.05
C VAL A 323 11.18 -31.34 4.30
N PRO A 324 10.16 -32.20 4.46
CA PRO A 324 10.48 -33.58 4.79
C PRO A 324 10.88 -34.44 3.60
N GLU A 325 11.13 -35.72 3.88
CA GLU A 325 11.35 -36.71 2.82
C GLU A 325 10.10 -36.98 1.95
N LYS A 326 10.30 -37.76 0.86
CA LYS A 326 9.27 -38.14 -0.15
C LYS A 326 7.82 -38.24 0.40
N GLY B 1 15.39 -20.37 1.16
CA GLY B 1 14.88 -18.99 1.45
C GLY B 1 15.49 -17.99 0.50
N LEU B 2 16.05 -16.91 1.04
CA LEU B 2 16.86 -16.04 0.21
C LEU B 2 18.33 -16.52 0.30
N PHE B 3 18.59 -17.41 1.24
CA PHE B 3 19.95 -17.86 1.46
C PHE B 3 20.13 -19.26 0.89
N GLY B 4 19.03 -19.98 0.69
CA GLY B 4 19.09 -21.25 -0.01
C GLY B 4 19.95 -22.27 0.69
N ALA B 5 19.80 -22.34 2.00
CA ALA B 5 20.23 -23.49 2.77
C ALA B 5 19.01 -24.39 2.92
N ILE B 6 18.04 -23.97 3.73
CA ILE B 6 16.78 -24.70 3.89
C ILE B 6 15.96 -24.78 2.60
N ALA B 7 15.69 -26.01 2.18
CA ALA B 7 15.06 -26.33 0.89
C ALA B 7 15.93 -25.85 -0.28
N GLY B 8 17.26 -25.91 -0.09
CA GLY B 8 18.27 -25.44 -1.06
C GLY B 8 19.39 -26.46 -1.16
N PHE B 9 20.61 -26.10 -0.76
CA PHE B 9 21.69 -27.10 -0.75
C PHE B 9 21.48 -28.10 0.39
N ILE B 10 20.55 -27.79 1.28
CA ILE B 10 20.17 -28.75 2.29
C ILE B 10 18.94 -29.47 1.81
N GLU B 11 19.26 -30.53 1.06
CA GLU B 11 18.32 -31.37 0.33
C GLU B 11 16.94 -31.35 0.94
N ASN B 12 16.84 -31.85 2.17
CA ASN B 12 15.60 -31.83 2.91
C ASN B 12 15.82 -31.98 4.44
N GLY B 13 14.86 -31.49 5.21
CA GLY B 13 14.95 -31.50 6.66
C GLY B 13 14.72 -32.85 7.31
N TRP B 14 14.96 -32.88 8.64
CA TRP B 14 15.19 -34.12 9.44
C TRP B 14 14.05 -34.41 10.43
N GLU B 15 13.35 -35.51 10.27
CA GLU B 15 12.20 -35.72 11.10
C GLU B 15 12.62 -36.40 12.36
N GLY B 16 13.78 -37.06 12.33
CA GLY B 16 14.36 -37.70 13.52
C GLY B 16 15.14 -36.79 14.48
N MET B 17 14.98 -35.47 14.34
CA MET B 17 15.59 -34.48 15.20
C MET B 17 14.51 -33.83 16.05
N ILE B 18 14.19 -34.47 17.18
CA ILE B 18 13.15 -33.98 18.12
C ILE B 18 13.66 -33.02 19.20
N ASP B 19 14.98 -32.94 19.43
CA ASP B 19 15.50 -32.01 20.44
C ASP B 19 16.22 -30.79 19.85
N GLY B 20 15.56 -30.08 18.94
CA GLY B 20 16.18 -28.92 18.31
C GLY B 20 15.78 -28.66 16.87
N TRP B 21 16.00 -27.41 16.45
CA TRP B 21 15.68 -26.97 15.11
C TRP B 21 16.83 -27.16 14.15
N TYR B 22 18.04 -26.81 14.55
CA TYR B 22 19.17 -27.07 13.68
C TYR B 22 20.14 -27.93 14.45
N GLY B 23 21.02 -28.64 13.77
CA GLY B 23 21.90 -29.59 14.47
C GLY B 23 22.81 -30.44 13.59
N PHE B 24 23.49 -31.41 14.20
CA PHE B 24 24.61 -32.08 13.55
C PHE B 24 24.39 -33.59 13.39
N ARG B 25 24.90 -34.11 12.27
CA ARG B 25 25.01 -35.56 12.04
C ARG B 25 26.41 -35.98 11.55
N HIS B 26 27.03 -36.93 12.26
CA HIS B 26 28.35 -37.41 11.85
C HIS B 26 28.31 -38.86 11.41
N GLN B 27 29.31 -39.24 10.63
CA GLN B 27 29.70 -40.63 10.44
C GLN B 27 31.22 -40.64 10.64
N ASN B 28 31.73 -41.68 11.28
CA ASN B 28 33.16 -41.75 11.58
C ASN B 28 33.60 -43.16 11.93
N SER B 29 34.87 -43.29 12.35
CA SER B 29 35.45 -44.53 12.84
C SER B 29 34.53 -45.28 13.83
N GLU B 30 34.28 -44.67 14.99
CA GLU B 30 33.52 -45.30 16.10
C GLU B 30 32.08 -45.72 15.77
N GLY B 31 31.34 -44.85 15.09
CA GLY B 31 29.96 -45.14 14.73
C GLY B 31 29.32 -44.02 13.92
N THR B 32 28.07 -43.72 14.24
CA THR B 32 27.38 -42.55 13.67
C THR B 32 26.24 -42.03 14.58
N GLY B 33 26.15 -40.72 14.71
CA GLY B 33 25.18 -40.10 15.59
C GLY B 33 24.77 -38.69 15.21
N GLN B 34 23.94 -38.12 16.07
CA GLN B 34 23.23 -36.87 15.79
C GLN B 34 23.07 -36.07 17.08
N ALA B 35 23.29 -34.76 17.02
CA ALA B 35 23.00 -33.89 18.16
C ALA B 35 22.41 -32.60 17.65
N ALA B 36 21.59 -31.94 18.46
CA ALA B 36 21.08 -30.63 18.11
C ALA B 36 22.13 -29.58 18.45
N ASP B 37 22.03 -28.41 17.81
CA ASP B 37 22.77 -27.20 18.22
C ASP B 37 21.77 -26.28 18.87
N LEU B 38 22.08 -25.95 20.10
CA LEU B 38 21.14 -25.32 20.97
C LEU B 38 21.13 -23.79 20.80
N LYS B 39 22.28 -23.18 20.51
CA LYS B 39 22.32 -21.73 20.37
C LYS B 39 21.52 -21.31 19.12
N SER B 40 21.78 -21.95 18.00
CA SER B 40 21.12 -21.55 16.75
C SER B 40 19.61 -21.89 16.77
N THR B 41 19.24 -22.92 17.51
CA THR B 41 17.82 -23.18 17.74
C THR B 41 17.26 -21.99 18.52
N GLN B 42 17.88 -21.68 19.67
CA GLN B 42 17.42 -20.60 20.58
C GLN B 42 17.43 -19.27 19.88
N ALA B 43 18.49 -19.01 19.14
CA ALA B 43 18.53 -17.87 18.25
C ALA B 43 17.20 -17.71 17.51
N ALA B 44 16.85 -18.69 16.70
CA ALA B 44 15.69 -18.54 15.84
C ALA B 44 14.43 -18.38 16.67
N ILE B 45 14.21 -19.23 17.66
CA ILE B 45 12.98 -19.17 18.43
C ILE B 45 12.88 -17.80 19.11
N ASP B 46 14.01 -17.24 19.53
CA ASP B 46 13.99 -16.02 20.35
C ASP B 46 13.55 -14.81 19.55
N GLN B 47 13.63 -14.90 18.21
CA GLN B 47 13.14 -13.84 17.27
C GLN B 47 11.68 -14.03 16.95
N ILE B 48 11.38 -15.23 16.48
CA ILE B 48 10.03 -15.61 16.18
C ILE B 48 9.19 -15.27 17.37
N ASN B 49 9.75 -15.39 18.55
CA ASN B 49 9.01 -14.96 19.71
C ASN B 49 8.71 -13.47 19.68
N GLY B 50 9.74 -12.65 19.83
CA GLY B 50 9.56 -11.21 19.93
C GLY B 50 8.69 -10.69 18.82
N LYS B 51 8.90 -11.24 17.63
CA LYS B 51 8.10 -10.95 16.45
C LYS B 51 6.64 -11.05 16.77
N LEU B 52 6.25 -12.21 17.32
CA LEU B 52 4.87 -12.53 17.70
C LEU B 52 4.35 -11.49 18.66
N ASN B 53 4.97 -11.39 19.84
CA ASN B 53 4.62 -10.34 20.82
C ASN B 53 4.38 -8.95 20.19
N ARG B 54 5.21 -8.62 19.19
CA ARG B 54 5.11 -7.33 18.51
C ARG B 54 3.83 -7.32 17.73
N VAL B 55 3.56 -8.38 16.96
CA VAL B 55 2.35 -8.48 16.12
C VAL B 55 1.01 -8.30 16.90
N ILE B 56 1.06 -8.25 18.22
CA ILE B 56 -0.15 -8.38 19.00
C ILE B 56 -0.48 -7.39 20.12
N GLU B 57 0.22 -6.25 20.33
CA GLU B 57 -0.10 -5.30 21.48
C GLU B 57 -1.20 -4.19 21.26
N LYS B 58 -2.25 -4.61 20.56
CA LYS B 58 -3.32 -3.80 19.93
C LYS B 58 -4.67 -4.51 20.09
N THR B 59 -5.72 -3.74 20.42
CA THR B 59 -7.10 -4.27 20.52
C THR B 59 -8.10 -3.14 20.72
N ASN B 60 -7.90 -1.97 20.13
CA ASN B 60 -9.01 -1.00 20.05
C ASN B 60 -9.77 -0.75 21.31
N GLU B 61 -9.08 -0.21 22.30
CA GLU B 61 -9.69 0.16 23.60
C GLU B 61 -10.66 1.38 23.45
N LYS B 62 -10.72 1.95 22.25
CA LYS B 62 -11.70 2.98 21.90
C LYS B 62 -12.97 2.26 21.54
N PHE B 63 -14.06 2.97 21.39
CA PHE B 63 -14.43 4.20 22.13
C PHE B 63 -15.75 4.56 21.47
N HIS B 64 -16.66 4.97 22.35
CA HIS B 64 -18.07 4.80 22.17
C HIS B 64 -18.34 4.55 20.70
N GLN B 65 -18.37 3.27 20.32
CA GLN B 65 -18.71 2.84 18.97
C GLN B 65 -20.13 3.24 18.55
N ILE B 66 -20.41 3.23 17.26
CA ILE B 66 -21.69 3.77 16.76
C ILE B 66 -22.64 2.62 16.36
N GLU B 67 -23.90 2.94 16.06
CA GLU B 67 -24.86 1.90 15.68
C GLU B 67 -24.43 1.32 14.33
N LYS B 68 -24.47 0.00 14.18
CA LYS B 68 -24.09 -0.63 12.91
C LYS B 68 -25.13 -1.59 12.30
N GLU B 69 -26.15 -2.00 13.06
CA GLU B 69 -27.26 -2.77 12.47
C GLU B 69 -28.48 -1.89 12.46
N PHE B 70 -29.53 -2.26 11.73
CA PHE B 70 -30.65 -1.31 11.51
C PHE B 70 -32.11 -1.82 11.44
N SER B 71 -32.98 -1.05 12.08
CA SER B 71 -34.40 -1.38 12.19
C SER B 71 -35.22 -0.83 11.05
N GLU B 72 -34.67 0.15 10.32
CA GLU B 72 -35.40 0.93 9.31
C GLU B 72 -34.59 1.23 8.04
N VAL B 73 -35.29 1.81 7.07
CA VAL B 73 -34.69 2.38 5.88
C VAL B 73 -34.75 3.88 6.11
N GLU B 74 -33.61 4.54 6.20
CA GLU B 74 -33.59 5.94 6.63
C GLU B 74 -32.97 6.94 5.67
N GLY B 75 -32.26 6.45 4.66
CA GLY B 75 -31.57 7.35 3.74
C GLY B 75 -30.30 7.91 4.31
N ARG B 76 -30.12 9.22 4.22
CA ARG B 76 -28.78 9.78 4.16
C ARG B 76 -27.82 9.46 5.29
N ILE B 77 -28.25 9.66 6.54
CA ILE B 77 -27.34 9.43 7.68
C ILE B 77 -26.94 7.98 7.81
N GLN B 78 -27.93 7.12 7.69
CA GLN B 78 -27.74 5.69 7.73
C GLN B 78 -26.73 5.27 6.68
N ASP B 79 -26.83 5.86 5.51
CA ASP B 79 -25.98 5.43 4.41
C ASP B 79 -24.51 5.61 4.80
N LEU B 80 -24.20 6.80 5.27
CA LEU B 80 -22.86 7.18 5.72
C LEU B 80 -22.39 6.36 6.91
N GLU B 81 -23.29 6.05 7.84
CA GLU B 81 -22.98 5.17 8.96
C GLU B 81 -22.49 3.83 8.46
N LYS B 82 -23.03 3.35 7.35
CA LYS B 82 -22.60 2.07 6.78
C LYS B 82 -21.33 2.22 5.96
N TYR B 83 -21.29 3.22 5.10
CA TYR B 83 -20.08 3.50 4.34
C TYR B 83 -18.89 3.63 5.28
N VAL B 84 -19.12 4.14 6.47
CA VAL B 84 -18.00 4.45 7.34
C VAL B 84 -17.50 3.19 7.95
N GLU B 85 -18.38 2.26 8.26
CA GLU B 85 -17.91 0.99 8.77
C GLU B 85 -17.48 0.05 7.67
N ASP B 86 -18.32 -0.13 6.67
CA ASP B 86 -17.95 -0.96 5.56
C ASP B 86 -16.52 -0.63 5.09
N THR B 87 -16.16 0.66 5.05
CA THR B 87 -14.81 1.13 4.63
C THR B 87 -13.69 0.70 5.60
N LYS B 88 -13.89 1.03 6.89
CA LYS B 88 -12.99 0.68 7.97
C LYS B 88 -12.73 -0.78 7.88
N ILE B 89 -13.77 -1.57 7.79
CA ILE B 89 -13.54 -3.00 7.83
C ILE B 89 -12.77 -3.48 6.62
N ASP B 90 -12.97 -2.87 5.46
CA ASP B 90 -12.15 -3.20 4.28
C ASP B 90 -10.62 -2.90 4.62
N LEU B 91 -10.35 -1.76 5.24
CA LEU B 91 -8.96 -1.32 5.41
C LEU B 91 -8.32 -2.23 6.42
N TRP B 92 -9.07 -2.57 7.43
CA TRP B 92 -8.47 -3.22 8.53
C TRP B 92 -8.21 -4.66 8.15
N SER B 93 -8.83 -5.11 7.06
CA SER B 93 -8.50 -6.43 6.52
C SER B 93 -7.20 -6.37 5.78
N TYR B 94 -7.16 -5.51 4.74
CA TYR B 94 -5.92 -5.25 4.02
C TYR B 94 -4.76 -5.20 4.98
N ASN B 95 -4.92 -4.39 6.02
CA ASN B 95 -3.90 -4.29 7.02
C ASN B 95 -3.51 -5.66 7.48
N ALA B 96 -4.49 -6.48 7.86
CA ALA B 96 -4.21 -7.81 8.41
C ALA B 96 -3.55 -8.71 7.40
N GLU B 97 -4.03 -8.63 6.17
CA GLU B 97 -3.59 -9.58 5.16
C GLU B 97 -2.16 -9.29 4.77
N LEU B 98 -1.85 -8.00 4.66
CA LEU B 98 -0.48 -7.60 4.40
C LEU B 98 0.41 -8.06 5.54
N LEU B 99 -0.03 -7.82 6.77
CA LEU B 99 0.81 -8.08 7.93
C LEU B 99 1.23 -9.52 7.92
N VAL B 100 0.31 -10.47 7.97
CA VAL B 100 0.78 -11.84 8.01
C VAL B 100 1.74 -12.14 6.84
N ALA B 101 1.35 -11.79 5.63
CA ALA B 101 2.18 -12.14 4.48
C ALA B 101 3.61 -11.58 4.51
N LEU B 102 3.86 -10.43 5.14
CA LEU B 102 5.21 -9.89 5.22
C LEU B 102 5.84 -10.68 6.30
N GLU B 103 5.28 -10.54 7.49
CA GLU B 103 5.72 -11.29 8.65
C GLU B 103 6.14 -12.73 8.35
N ASN B 104 5.40 -13.37 7.45
CA ASN B 104 5.62 -14.77 7.12
C ASN B 104 6.76 -15.01 6.16
N GLN B 105 6.89 -14.17 5.14
CA GLN B 105 7.98 -14.34 4.23
C GLN B 105 9.29 -14.01 4.92
N HIS B 106 9.25 -13.09 5.87
CA HIS B 106 10.42 -12.81 6.68
C HIS B 106 10.68 -13.98 7.63
N THR B 107 9.65 -14.39 8.37
CA THR B 107 9.80 -15.49 9.34
C THR B 107 10.46 -16.69 8.67
N ILE B 108 10.20 -16.89 7.39
CA ILE B 108 10.82 -17.98 6.63
C ILE B 108 12.27 -17.70 6.32
N ASP B 109 12.53 -16.57 5.65
CA ASP B 109 13.87 -16.23 5.13
C ASP B 109 14.81 -16.09 6.30
N LEU B 110 14.26 -15.73 7.47
CA LEU B 110 15.08 -15.53 8.64
C LEU B 110 15.62 -16.87 9.08
N THR B 111 14.77 -17.90 9.17
CA THR B 111 15.28 -19.19 9.66
C THR B 111 16.21 -19.85 8.67
N ASP B 112 15.93 -19.69 7.38
CA ASP B 112 16.90 -20.05 6.34
C ASP B 112 18.25 -19.39 6.67
N SER B 113 18.24 -18.10 7.01
CA SER B 113 19.48 -17.37 7.30
C SER B 113 20.28 -17.99 8.41
N GLU B 114 19.60 -18.51 9.43
CA GLU B 114 20.28 -19.04 10.62
C GLU B 114 21.05 -20.32 10.28
N MET B 115 20.51 -21.08 9.33
CA MET B 115 21.08 -22.33 8.90
C MET B 115 22.32 -22.01 8.11
N ASN B 116 22.33 -20.88 7.42
CA ASN B 116 23.56 -20.44 6.81
C ASN B 116 24.60 -20.13 7.89
N LYS B 117 24.17 -19.35 8.89
CA LYS B 117 25.04 -18.87 9.97
C LYS B 117 25.77 -20.02 10.63
N LEU B 118 25.03 -21.04 11.06
CA LEU B 118 25.64 -22.24 11.64
C LEU B 118 26.66 -22.87 10.70
N PHE B 119 26.39 -22.77 9.41
CA PHE B 119 27.22 -23.39 8.40
C PHE B 119 28.54 -22.63 8.23
N GLU B 120 28.49 -21.34 8.48
CA GLU B 120 29.67 -20.51 8.31
C GLU B 120 30.45 -20.45 9.61
N LYS B 121 29.82 -20.78 10.73
CA LYS B 121 30.51 -20.92 12.01
C LYS B 121 31.38 -22.18 11.97
N THR B 122 30.89 -23.17 11.25
CA THR B 122 31.52 -24.50 11.15
C THR B 122 32.63 -24.57 10.09
N ARG B 123 32.45 -23.93 8.94
CA ARG B 123 33.51 -23.93 7.94
C ARG B 123 34.74 -23.26 8.50
N ARG B 124 34.50 -22.15 9.19
CA ARG B 124 35.56 -21.29 9.65
C ARG B 124 36.31 -21.95 10.76
N GLN B 125 35.65 -22.87 11.47
CA GLN B 125 36.38 -23.73 12.42
C GLN B 125 37.32 -24.65 11.70
N LEU B 126 36.86 -25.30 10.64
CA LEU B 126 37.68 -26.31 9.96
C LEU B 126 38.69 -25.73 8.93
N ARG B 127 39.28 -24.57 9.24
CA ARG B 127 40.03 -23.75 8.27
C ARG B 127 40.54 -24.43 6.98
N GLU B 128 41.53 -25.32 7.08
CA GLU B 128 42.01 -26.09 5.90
C GLU B 128 42.00 -27.59 6.12
N ASN B 129 41.15 -28.03 7.05
CA ASN B 129 41.04 -29.43 7.38
C ASN B 129 39.92 -30.12 6.60
N ALA B 130 38.93 -29.35 6.14
CA ALA B 130 37.73 -29.90 5.46
C ALA B 130 37.41 -29.27 4.08
N GLU B 131 36.40 -29.83 3.43
CA GLU B 131 35.92 -29.30 2.15
C GLU B 131 34.41 -29.43 2.12
N GLU B 132 33.76 -28.49 1.44
CA GLU B 132 32.30 -28.54 1.30
C GLU B 132 31.90 -29.45 0.17
N MET B 133 31.30 -30.58 0.55
CA MET B 133 30.77 -31.55 -0.39
C MET B 133 29.80 -30.84 -1.33
N GLY B 134 28.94 -30.00 -0.75
CA GLY B 134 27.98 -29.22 -1.53
C GLY B 134 26.55 -29.40 -1.09
N ASN B 135 26.33 -30.32 -0.16
CA ASN B 135 25.01 -30.69 0.27
C ASN B 135 24.92 -30.59 1.78
N GLY B 136 25.39 -29.47 2.30
CA GLY B 136 25.45 -29.25 3.74
C GLY B 136 26.32 -30.27 4.46
N CYS B 137 27.30 -30.80 3.74
CA CYS B 137 28.17 -31.85 4.27
C CYS B 137 29.64 -31.50 4.16
N PHE B 138 30.37 -31.77 5.24
CA PHE B 138 31.78 -31.54 5.25
C PHE B 138 32.48 -32.86 5.20
N LYS B 139 33.51 -32.97 4.36
CA LYS B 139 34.48 -34.06 4.44
C LYS B 139 35.64 -33.48 5.23
N ILE B 140 35.81 -33.95 6.45
CA ILE B 140 37.04 -33.71 7.19
C ILE B 140 38.04 -34.64 6.53
N TYR B 141 39.32 -34.33 6.65
CA TYR B 141 40.37 -35.19 6.13
C TYR B 141 41.24 -35.71 7.25
N HIS B 142 40.65 -35.96 8.42
CA HIS B 142 41.40 -36.54 9.51
C HIS B 142 40.55 -37.39 10.45
N LYS B 143 41.21 -38.34 11.13
CA LYS B 143 40.51 -39.31 11.98
C LYS B 143 39.95 -38.60 13.20
N CYS B 144 38.66 -38.77 13.43
CA CYS B 144 37.91 -37.91 14.33
C CYS B 144 36.83 -38.73 15.03
N ASP B 145 37.09 -39.02 16.31
CA ASP B 145 36.21 -39.84 17.15
C ASP B 145 35.09 -39.05 17.84
N ASN B 146 34.28 -39.75 18.63
CA ASN B 146 33.11 -39.13 19.22
C ASN B 146 33.44 -38.02 20.24
N ALA B 147 34.67 -38.02 20.77
CA ALA B 147 35.15 -36.89 21.60
C ALA B 147 35.68 -35.75 20.71
N CYS B 148 36.30 -36.09 19.58
CA CYS B 148 36.78 -35.08 18.62
C CYS B 148 35.62 -34.19 18.16
N ILE B 149 34.70 -34.75 17.35
CA ILE B 149 33.62 -33.93 16.79
C ILE B 149 32.76 -33.31 17.87
N GLU B 150 32.81 -33.83 19.09
CA GLU B 150 32.10 -33.14 20.16
C GLU B 150 32.72 -31.75 20.35
N SER B 151 34.04 -31.65 20.20
CA SER B 151 34.70 -30.34 20.21
C SER B 151 34.05 -29.40 19.22
N ILE B 152 33.95 -29.84 17.96
CA ILE B 152 33.36 -29.05 16.86
C ILE B 152 31.95 -28.54 17.22
N ARG B 153 31.12 -29.44 17.73
CA ARG B 153 29.76 -29.12 18.15
C ARG B 153 29.78 -28.03 19.20
N ASN B 154 30.59 -28.20 20.25
CA ASN B 154 30.69 -27.19 21.30
C ASN B 154 31.84 -26.16 21.09
N GLY B 155 32.17 -25.89 19.84
CA GLY B 155 33.05 -24.76 19.51
C GLY B 155 34.48 -24.77 20.01
N THR B 156 34.92 -25.90 20.59
CA THR B 156 36.24 -26.02 21.23
C THR B 156 37.29 -26.74 20.34
N TYR B 157 37.10 -26.67 19.03
CA TYR B 157 37.96 -27.37 18.07
C TYR B 157 39.22 -26.57 17.78
N ASP B 158 40.38 -27.16 18.00
CA ASP B 158 41.62 -26.59 17.50
C ASP B 158 41.91 -27.23 16.16
N HIS B 159 42.32 -26.41 15.18
CA HIS B 159 42.56 -26.87 13.81
C HIS B 159 44.03 -27.19 13.48
N ASP B 160 44.97 -26.74 14.31
CA ASP B 160 46.42 -26.91 14.06
C ASP B 160 46.93 -28.27 14.51
N VAL B 161 46.26 -28.84 15.51
CA VAL B 161 46.52 -30.21 15.90
C VAL B 161 46.49 -31.09 14.67
N TYR B 162 45.33 -31.10 14.01
CA TYR B 162 45.08 -32.03 12.93
C TYR B 162 45.64 -31.56 11.58
N ARG B 163 46.02 -30.28 11.48
CA ARG B 163 46.39 -29.66 10.18
C ARG B 163 47.28 -30.55 9.34
N ASP B 164 48.43 -30.91 9.90
CA ASP B 164 49.46 -31.67 9.19
C ASP B 164 48.88 -32.96 8.57
N GLU B 165 48.10 -33.71 9.36
CA GLU B 165 47.42 -34.91 8.83
C GLU B 165 46.53 -34.55 7.66
N ALA B 166 45.55 -33.69 7.94
CA ALA B 166 44.49 -33.35 7.00
C ALA B 166 45.05 -32.87 5.68
N LEU B 167 45.96 -31.91 5.73
CA LEU B 167 46.61 -31.38 4.53
C LEU B 167 47.18 -32.49 3.67
N ASN B 168 47.92 -33.39 4.30
CA ASN B 168 48.55 -34.51 3.62
C ASN B 168 47.54 -35.49 3.01
N ASN B 169 46.43 -35.72 3.71
CA ASN B 169 45.33 -36.51 3.13
C ASN B 169 44.71 -35.80 1.92
N ARG B 170 44.57 -34.47 1.99
CA ARG B 170 43.95 -33.70 0.89
C ARG B 170 44.83 -33.58 -0.34
N PHE B 171 45.98 -32.94 -0.16
CA PHE B 171 46.80 -32.53 -1.29
C PHE B 171 47.79 -33.60 -1.74
N GLN B 172 47.96 -34.65 -0.93
CA GLN B 172 48.84 -35.79 -1.24
C GLN B 172 48.13 -37.14 -1.04
N SER C 9 47.64 -25.19 -20.63
CA SER C 9 46.81 -23.97 -20.45
C SER C 9 45.62 -24.34 -19.53
N THR C 10 44.66 -23.41 -19.36
CA THR C 10 43.37 -23.72 -18.68
C THR C 10 42.14 -22.89 -19.20
N ALA C 11 41.16 -22.59 -18.33
CA ALA C 11 39.83 -22.13 -18.77
C ALA C 11 39.18 -21.10 -17.85
N THR C 12 38.55 -20.09 -18.43
CA THR C 12 37.68 -19.17 -17.67
C THR C 12 36.25 -19.63 -17.80
N LEU C 13 35.50 -19.56 -16.71
CA LEU C 13 34.06 -19.75 -16.79
C LEU C 13 33.40 -18.59 -16.07
N CYS C 14 32.40 -17.96 -16.71
CA CYS C 14 31.77 -16.74 -16.15
C CYS C 14 30.31 -16.87 -15.83
N LEU C 15 29.94 -16.40 -14.64
CA LEU C 15 28.53 -16.28 -14.29
C LEU C 15 28.04 -14.89 -14.66
N GLY C 16 26.74 -14.78 -14.86
CA GLY C 16 26.14 -13.53 -15.29
C GLY C 16 24.63 -13.65 -15.37
N HIS C 17 24.04 -12.61 -15.93
CA HIS C 17 22.62 -12.40 -15.89
C HIS C 17 22.24 -11.41 -16.97
N HIS C 18 21.08 -11.58 -17.55
CA HIS C 18 20.73 -10.78 -18.69
C HIS C 18 20.54 -9.32 -18.34
N ALA C 19 20.41 -8.51 -19.39
CA ALA C 19 19.98 -7.15 -19.27
C ALA C 19 19.40 -6.72 -20.59
N VAL C 20 18.63 -5.65 -20.55
CA VAL C 20 17.86 -5.27 -21.68
C VAL C 20 18.15 -3.84 -22.00
N PRO C 21 17.91 -3.44 -23.25
CA PRO C 21 18.32 -2.15 -23.80
C PRO C 21 17.75 -0.95 -23.07
N ASN C 22 16.43 -0.89 -22.98
CA ASN C 22 15.78 0.14 -22.20
C ASN C 22 14.85 -0.61 -21.30
N GLY C 23 15.08 -0.43 -20.01
CA GLY C 23 14.23 -0.98 -18.97
C GLY C 23 13.22 0.07 -18.65
N THR C 24 12.62 -0.05 -17.48
CA THR C 24 11.74 0.99 -17.00
C THR C 24 12.08 1.28 -15.55
N LEU C 25 11.72 2.47 -15.13
CA LEU C 25 12.04 2.95 -13.80
C LEU C 25 10.89 2.56 -12.84
N VAL C 26 11.21 2.05 -11.65
CA VAL C 26 10.18 1.80 -10.64
C VAL C 26 10.51 2.61 -9.38
N LYS C 27 9.77 2.37 -8.29
CA LYS C 27 10.12 2.96 -6.99
C LYS C 27 10.38 1.83 -6.02
N THR C 28 10.99 2.16 -4.89
CA THR C 28 11.36 1.17 -3.88
C THR C 28 11.50 1.82 -2.52
N ILE C 29 11.76 1.03 -1.48
CA ILE C 29 11.94 1.59 -0.14
C ILE C 29 13.04 2.62 -0.04
N THR C 30 14.19 2.42 -0.71
CA THR C 30 15.34 3.36 -0.60
C THR C 30 15.51 4.30 -1.78
N ASP C 31 15.13 3.85 -2.97
CA ASP C 31 15.39 4.59 -4.20
C ASP C 31 14.13 5.27 -4.70
N ASP C 32 14.26 6.47 -5.23
CA ASP C 32 13.09 7.06 -5.90
C ASP C 32 12.92 6.61 -7.37
N GLN C 33 14.04 6.54 -8.09
CA GLN C 33 14.09 5.96 -9.42
C GLN C 33 14.95 4.74 -9.32
N ILE C 34 14.80 3.79 -10.22
CA ILE C 34 15.75 2.68 -10.28
C ILE C 34 15.29 1.81 -11.42
N GLU C 35 16.18 1.40 -12.31
CA GLU C 35 15.72 0.80 -13.55
C GLU C 35 15.70 -0.71 -13.41
N VAL C 36 14.60 -1.35 -13.82
CA VAL C 36 14.46 -2.81 -13.81
C VAL C 36 14.04 -3.33 -15.20
N THR C 37 14.34 -4.60 -15.51
CA THR C 37 14.11 -5.16 -16.85
C THR C 37 12.69 -4.99 -17.35
N ASN C 38 11.72 -4.84 -16.45
CA ASN C 38 10.33 -4.55 -16.83
C ASN C 38 9.33 -4.48 -15.59
N ALA C 39 8.26 -3.70 -15.70
CA ALA C 39 7.20 -3.61 -14.68
C ALA C 39 5.80 -3.41 -15.27
N THR C 40 4.83 -4.00 -14.61
CA THR C 40 3.43 -3.91 -15.00
C THR C 40 2.73 -2.76 -14.23
N GLU C 41 1.85 -2.03 -14.90
CA GLU C 41 1.17 -0.91 -14.27
C GLU C 41 -0.04 -1.31 -13.43
N LEU C 42 -0.12 -0.76 -12.23
CA LEU C 42 -1.16 -1.11 -11.25
C LEU C 42 -2.26 -0.06 -11.08
N VAL C 43 -2.12 1.11 -11.67
CA VAL C 43 -3.19 2.10 -11.53
C VAL C 43 -3.90 2.33 -12.85
N GLN C 44 -5.18 1.91 -12.89
CA GLN C 44 -6.07 2.18 -14.02
C GLN C 44 -6.46 3.63 -13.98
N SER C 45 -6.26 4.26 -15.13
CA SER C 45 -6.26 5.70 -15.25
C SER C 45 -7.07 6.18 -16.42
N SER C 46 -7.54 5.23 -17.24
CA SER C 46 -8.21 5.52 -18.50
C SER C 46 -9.58 4.89 -18.50
N SER C 47 -10.42 5.37 -19.42
CA SER C 47 -11.76 4.85 -19.63
C SER C 47 -12.00 4.63 -21.11
N THR C 48 -13.09 3.92 -21.43
CA THR C 48 -13.49 3.67 -22.82
C THR C 48 -14.29 4.84 -23.31
N GLY C 49 -14.90 5.58 -22.36
CA GLY C 49 -15.69 6.78 -22.61
C GLY C 49 -17.20 6.57 -22.60
N LYS C 50 -17.60 5.31 -22.61
CA LYS C 50 -18.96 4.89 -22.87
C LYS C 50 -19.41 3.91 -21.78
N ILE C 51 -20.64 4.04 -21.32
CA ILE C 51 -21.17 3.14 -20.31
C ILE C 51 -21.65 1.83 -20.92
N CYS C 52 -21.40 0.74 -20.25
CA CYS C 52 -21.69 -0.57 -20.79
C CYS C 52 -23.01 -1.17 -20.34
N ASN C 53 -23.84 -1.54 -21.32
CA ASN C 53 -25.14 -2.15 -21.05
C ASN C 53 -25.03 -3.55 -20.46
N ASN C 54 -23.82 -4.11 -20.45
CA ASN C 54 -23.58 -5.35 -19.73
C ASN C 54 -22.43 -5.31 -18.77
N PRO C 55 -22.53 -6.09 -17.69
CA PRO C 55 -23.66 -6.95 -17.43
C PRO C 55 -24.60 -6.37 -16.41
N HIS C 56 -24.45 -5.10 -16.04
CA HIS C 56 -25.47 -4.52 -15.19
C HIS C 56 -26.66 -4.06 -15.99
N ARG C 57 -27.81 -3.95 -15.31
CA ARG C 57 -29.01 -3.38 -15.90
C ARG C 57 -29.05 -1.86 -15.80
N ILE C 58 -28.90 -1.20 -16.94
CA ILE C 58 -28.79 0.24 -17.01
C ILE C 58 -30.11 0.87 -17.38
N LEU C 59 -30.34 2.11 -16.99
CA LEU C 59 -31.62 2.74 -17.34
C LEU C 59 -31.51 4.26 -17.46
N ASP C 60 -31.30 4.67 -18.68
CA ASP C 60 -31.17 6.05 -19.05
C ASP C 60 -32.40 6.81 -18.70
N GLY C 61 -32.23 7.84 -17.89
CA GLY C 61 -33.31 8.68 -17.44
C GLY C 61 -33.70 9.67 -18.50
N ILE C 62 -32.93 9.74 -19.59
CA ILE C 62 -33.21 10.66 -20.71
C ILE C 62 -33.59 11.98 -20.06
N ASP C 63 -34.58 12.73 -20.52
CA ASP C 63 -34.87 14.00 -19.84
C ASP C 63 -35.69 13.89 -18.53
N CYS C 64 -35.69 12.71 -17.93
CA CYS C 64 -36.30 12.50 -16.63
C CYS C 64 -35.30 12.33 -15.49
N THR C 65 -35.67 12.87 -14.34
CA THR C 65 -34.94 12.66 -13.12
C THR C 65 -35.67 11.50 -12.51
N LEU C 66 -35.13 10.87 -11.46
CA LEU C 66 -35.75 9.65 -10.88
C LEU C 66 -37.03 10.03 -10.15
N ILE C 67 -36.87 10.89 -9.16
CA ILE C 67 -37.97 11.46 -8.38
C ILE C 67 -39.10 12.05 -9.25
N ASP C 68 -38.82 12.37 -10.50
CA ASP C 68 -39.88 12.78 -11.42
C ASP C 68 -40.59 11.58 -12.03
N ALA C 69 -39.80 10.59 -12.39
CA ALA C 69 -40.30 9.29 -12.83
C ALA C 69 -41.11 8.55 -11.73
N LEU C 70 -40.72 8.69 -10.45
CA LEU C 70 -41.52 8.17 -9.34
C LEU C 70 -42.91 8.82 -9.22
N LEU C 71 -42.91 10.15 -9.03
CA LEU C 71 -44.14 10.91 -8.83
C LEU C 71 -45.03 10.86 -10.04
N GLY C 72 -44.47 10.96 -11.25
CA GLY C 72 -45.26 10.77 -12.47
C GLY C 72 -45.63 12.03 -13.22
N ASP C 73 -44.69 12.95 -13.26
CA ASP C 73 -44.59 13.97 -14.28
C ASP C 73 -45.06 13.35 -15.56
N PRO C 74 -45.97 14.02 -16.28
CA PRO C 74 -46.41 13.57 -17.60
C PRO C 74 -45.28 13.04 -18.46
N HIS C 75 -44.26 13.85 -18.70
CA HIS C 75 -43.25 13.46 -19.66
C HIS C 75 -42.37 12.26 -19.20
N CYS C 76 -42.65 11.74 -18.01
CA CYS C 76 -41.89 10.65 -17.41
C CYS C 76 -42.72 9.40 -17.25
N ASP C 77 -43.80 9.30 -18.00
CA ASP C 77 -44.65 8.16 -17.78
C ASP C 77 -44.10 6.96 -18.52
N VAL C 78 -43.28 7.19 -19.54
CA VAL C 78 -42.60 6.05 -20.18
C VAL C 78 -41.82 5.25 -19.14
N PHE C 79 -41.82 5.72 -17.89
CA PHE C 79 -41.03 5.12 -16.83
C PHE C 79 -41.74 4.25 -15.80
N GLN C 80 -43.08 4.20 -15.85
CA GLN C 80 -43.85 3.51 -14.79
C GLN C 80 -43.40 2.09 -14.60
N ASN C 81 -43.52 1.58 -13.38
CA ASN C 81 -43.22 0.18 -13.13
C ASN C 81 -41.89 -0.30 -13.71
N GLU C 82 -40.92 0.59 -13.84
CA GLU C 82 -39.61 0.20 -14.35
C GLU C 82 -38.69 -0.39 -13.27
N THR C 83 -37.66 -1.08 -13.75
CA THR C 83 -36.64 -1.68 -12.92
C THR C 83 -35.24 -1.26 -13.43
N TRP C 84 -34.23 -1.43 -12.56
CA TRP C 84 -32.85 -1.10 -12.89
C TRP C 84 -31.87 -1.62 -11.85
N ASP C 85 -30.59 -1.76 -12.23
CA ASP C 85 -29.50 -1.91 -11.24
C ASP C 85 -28.75 -0.61 -11.06
N LEU C 86 -28.50 0.11 -12.15
CA LEU C 86 -27.98 1.47 -12.08
C LEU C 86 -28.85 2.35 -12.89
N PHE C 87 -29.34 3.43 -12.30
CA PHE C 87 -30.16 4.42 -13.00
C PHE C 87 -29.24 5.58 -13.31
N VAL C 88 -29.15 5.99 -14.57
CA VAL C 88 -28.24 7.03 -14.98
C VAL C 88 -29.01 8.33 -15.21
N GLU C 89 -28.92 9.30 -14.31
CA GLU C 89 -29.58 10.58 -14.51
C GLU C 89 -28.79 11.47 -15.48
N ARG C 90 -29.46 11.92 -16.54
CA ARG C 90 -28.82 12.87 -17.43
C ARG C 90 -28.83 14.21 -16.76
N SER C 91 -27.98 15.11 -17.25
CA SER C 91 -28.05 16.50 -16.83
C SER C 91 -29.02 17.30 -17.68
N LYS C 92 -29.37 16.79 -18.86
CA LYS C 92 -30.40 17.44 -19.66
C LYS C 92 -31.75 17.43 -18.94
N ALA C 93 -31.86 16.58 -17.93
CA ALA C 93 -33.15 16.24 -17.36
C ALA C 93 -33.81 17.45 -16.76
N PHE C 94 -35.15 17.49 -16.79
CA PHE C 94 -35.95 18.64 -16.28
C PHE C 94 -37.28 18.15 -15.73
N SER C 95 -38.15 19.09 -15.34
CA SER C 95 -39.54 18.77 -14.96
C SER C 95 -40.51 19.75 -15.56
N ASN C 96 -41.78 19.35 -15.58
CA ASN C 96 -42.79 19.99 -16.40
C ASN C 96 -44.17 19.65 -15.89
N CYS C 97 -44.39 19.94 -14.61
CA CYS C 97 -45.60 19.54 -13.95
C CYS C 97 -45.59 20.30 -12.61
N TYR C 98 -46.72 20.37 -11.90
CA TYR C 98 -46.85 21.28 -10.74
C TYR C 98 -45.49 21.47 -10.06
N PRO C 99 -45.19 22.67 -9.58
CA PRO C 99 -43.90 22.83 -8.93
C PRO C 99 -43.91 22.24 -7.54
N TYR C 100 -42.79 21.66 -7.11
CA TYR C 100 -42.72 20.96 -5.85
C TYR C 100 -41.37 20.99 -5.21
N ASP C 101 -41.36 20.72 -3.90
CA ASP C 101 -40.14 20.27 -3.21
C ASP C 101 -40.33 18.97 -2.42
N VAL C 102 -39.22 18.26 -2.24
CA VAL C 102 -39.18 17.07 -1.40
C VAL C 102 -38.24 17.34 -0.25
N PRO C 103 -38.76 17.79 0.90
CA PRO C 103 -37.89 17.81 2.05
C PRO C 103 -37.17 16.47 2.26
N ASP C 104 -35.84 16.59 2.36
CA ASP C 104 -34.89 15.46 2.36
C ASP C 104 -34.76 14.74 1.00
N TYR C 105 -34.71 15.52 -0.07
CA TYR C 105 -34.71 14.98 -1.43
C TYR C 105 -33.80 13.81 -1.41
N ALA C 106 -32.51 14.00 -1.10
CA ALA C 106 -31.55 12.97 -1.51
C ALA C 106 -31.68 11.69 -0.70
N SER C 107 -32.42 11.70 0.41
CA SER C 107 -32.76 10.47 1.08
C SER C 107 -33.69 9.66 0.25
N LEU C 108 -34.76 10.32 -0.19
CA LEU C 108 -35.81 9.70 -1.02
C LEU C 108 -35.23 9.30 -2.34
N ARG C 109 -34.32 10.12 -2.88
CA ARG C 109 -33.66 9.71 -4.06
C ARG C 109 -32.96 8.42 -3.77
N SER C 110 -32.16 8.40 -2.71
CA SER C 110 -31.31 7.23 -2.40
C SER C 110 -32.20 6.02 -2.32
N LEU C 111 -33.12 6.02 -1.35
CA LEU C 111 -33.81 4.78 -1.00
C LEU C 111 -34.62 4.20 -2.15
N VAL C 112 -35.11 5.05 -3.05
CA VAL C 112 -35.75 4.56 -4.26
C VAL C 112 -34.66 4.00 -5.14
N ALA C 113 -33.61 4.77 -5.39
CA ALA C 113 -32.57 4.28 -6.27
C ALA C 113 -32.18 2.86 -5.89
N SER C 114 -32.08 2.61 -4.59
CA SER C 114 -31.54 1.36 -4.05
C SER C 114 -32.57 0.21 -4.02
N SER C 115 -33.84 0.57 -3.85
CA SER C 115 -34.97 -0.32 -4.10
C SER C 115 -34.76 -0.96 -5.46
N GLY C 116 -34.41 -0.14 -6.45
CA GLY C 116 -34.19 -0.61 -7.83
C GLY C 116 -35.48 -0.95 -8.56
N THR C 117 -36.59 -0.33 -8.15
CA THR C 117 -37.90 -0.62 -8.72
C THR C 117 -38.85 0.54 -8.52
N LEU C 118 -39.71 0.73 -9.51
CA LEU C 118 -40.78 1.73 -9.46
C LEU C 118 -42.18 1.05 -9.60
N GLU C 119 -42.25 -0.19 -9.12
CA GLU C 119 -43.42 -1.06 -9.21
C GLU C 119 -44.52 -0.54 -8.36
N PHE C 120 -45.66 -0.23 -8.96
CA PHE C 120 -46.71 0.45 -8.25
C PHE C 120 -48.03 -0.33 -8.23
N ILE C 121 -48.48 -0.68 -7.04
CA ILE C 121 -49.74 -1.41 -6.90
C ILE C 121 -50.85 -0.45 -6.42
N THR C 122 -51.80 -0.12 -7.32
CA THR C 122 -52.83 0.89 -7.01
C THR C 122 -53.81 0.32 -6.04
N GLU C 123 -54.28 1.16 -5.12
CA GLU C 123 -55.24 0.75 -4.09
C GLU C 123 -56.40 1.72 -4.13
N GLY C 124 -57.62 1.22 -3.96
CA GLY C 124 -58.77 2.11 -3.87
C GLY C 124 -58.83 2.63 -2.46
N PHE C 125 -58.78 3.94 -2.27
CA PHE C 125 -58.98 4.51 -0.94
C PHE C 125 -60.44 4.94 -0.88
N THR C 126 -60.90 5.48 0.26
CA THR C 126 -62.26 6.06 0.27
C THR C 126 -62.24 7.54 0.57
N TRP C 127 -61.97 8.32 -0.47
CA TRP C 127 -61.98 9.78 -0.35
C TRP C 127 -63.42 10.31 -0.44
N THR C 128 -64.08 10.28 0.71
CA THR C 128 -65.48 10.67 0.83
C THR C 128 -65.64 12.17 0.95
N GLY C 129 -66.58 12.75 0.21
CA GLY C 129 -66.95 14.16 0.35
C GLY C 129 -65.97 15.16 -0.24
N VAL C 130 -65.21 14.71 -1.24
CA VAL C 130 -64.15 15.50 -1.86
C VAL C 130 -64.11 15.25 -3.35
N THR C 131 -63.82 16.28 -4.13
CA THR C 131 -63.54 16.08 -5.54
C THR C 131 -62.11 15.59 -5.71
N GLN C 132 -61.98 14.42 -6.32
CA GLN C 132 -60.67 13.87 -6.59
C GLN C 132 -60.19 14.36 -7.94
N ASN C 133 -58.94 13.99 -8.23
CA ASN C 133 -58.35 14.11 -9.55
C ASN C 133 -58.04 15.52 -10.06
N GLY C 134 -58.10 16.54 -9.20
CA GLY C 134 -57.65 17.86 -9.60
C GLY C 134 -56.35 17.70 -10.38
N GLY C 135 -56.30 18.32 -11.55
CA GLY C 135 -55.06 18.47 -12.33
C GLY C 135 -54.83 19.96 -12.49
N SER C 136 -53.76 20.34 -13.20
CA SER C 136 -53.46 21.75 -13.45
C SER C 136 -52.89 22.01 -14.83
N ASN C 137 -52.85 23.29 -15.20
CA ASN C 137 -52.22 23.71 -16.45
C ASN C 137 -50.73 23.59 -16.42
N ALA C 138 -50.14 23.68 -15.24
CA ALA C 138 -48.71 23.45 -15.13
C ALA C 138 -48.38 22.05 -15.59
N CYS C 139 -49.19 21.10 -15.15
CA CYS C 139 -48.89 19.71 -15.34
C CYS C 139 -49.65 19.12 -16.48
N LYS C 140 -49.42 19.63 -17.68
CA LYS C 140 -50.28 19.26 -18.82
C LYS C 140 -49.99 17.85 -19.25
N ARG C 141 -51.08 17.10 -19.39
CA ARG C 141 -51.06 15.69 -19.74
C ARG C 141 -51.73 15.59 -21.10
N GLY C 142 -50.89 15.61 -22.13
CA GLY C 142 -51.39 15.73 -23.49
C GLY C 142 -52.22 17.00 -23.69
N PRO C 143 -53.56 16.85 -23.85
CA PRO C 143 -54.29 18.04 -24.34
C PRO C 143 -54.55 19.07 -23.24
N GLY C 144 -55.33 18.69 -22.24
CA GLY C 144 -55.67 19.55 -21.12
C GLY C 144 -54.93 19.16 -19.85
N SER C 145 -55.27 19.87 -18.79
CA SER C 145 -54.61 19.78 -17.48
C SER C 145 -54.42 18.38 -16.92
N GLY C 146 -53.52 18.27 -15.96
CA GLY C 146 -53.19 17.00 -15.32
C GLY C 146 -52.24 17.12 -14.14
N PHE C 147 -51.86 15.99 -13.59
CA PHE C 147 -51.20 15.97 -12.32
C PHE C 147 -50.33 14.74 -12.29
N PHE C 148 -49.54 14.63 -11.24
CA PHE C 148 -48.65 13.52 -11.10
C PHE C 148 -49.49 12.27 -11.14
N SER C 149 -49.07 11.32 -11.95
CA SER C 149 -49.84 10.13 -12.17
C SER C 149 -50.05 9.32 -10.90
N ARG C 150 -49.13 9.44 -9.94
CA ARG C 150 -49.26 8.67 -8.68
C ARG C 150 -49.66 9.53 -7.53
N LEU C 151 -50.31 10.64 -7.84
CA LEU C 151 -50.94 11.46 -6.82
C LEU C 151 -52.40 11.75 -7.19
N ASN C 152 -53.17 12.14 -6.18
CA ASN C 152 -54.57 12.41 -6.32
C ASN C 152 -54.79 13.69 -5.60
N TRP C 153 -55.22 14.70 -6.33
CA TRP C 153 -55.48 16.01 -5.73
C TRP C 153 -56.93 16.13 -5.19
N LEU C 154 -57.08 16.13 -3.88
CA LEU C 154 -58.41 16.22 -3.28
C LEU C 154 -58.79 17.69 -3.08
N THR C 155 -59.99 18.03 -3.59
CA THR C 155 -60.58 19.36 -3.54
C THR C 155 -61.86 19.27 -2.70
N LYS C 156 -62.54 20.42 -2.50
CA LYS C 156 -63.86 20.46 -1.83
C LYS C 156 -64.91 19.90 -2.75
N SER C 157 -65.96 19.35 -2.14
CA SER C 157 -67.09 18.77 -2.85
C SER C 157 -68.28 19.70 -2.78
N GLY C 158 -68.62 20.25 -3.95
CA GLY C 158 -69.61 21.34 -4.08
C GLY C 158 -69.28 22.56 -3.22
N SER C 159 -69.57 22.44 -1.91
CA SER C 159 -69.47 23.54 -0.94
C SER C 159 -68.75 23.16 0.38
N THR C 160 -68.20 21.94 0.46
CA THR C 160 -67.70 21.37 1.73
C THR C 160 -66.35 20.62 1.63
N TYR C 161 -65.61 20.54 2.75
CA TYR C 161 -64.40 19.71 2.84
C TYR C 161 -64.34 19.17 4.27
N PRO C 162 -64.57 17.87 4.44
CA PRO C 162 -64.76 17.33 5.79
C PRO C 162 -63.51 16.67 6.28
N VAL C 163 -63.40 16.42 7.58
CA VAL C 163 -62.32 15.58 8.08
C VAL C 163 -62.37 14.28 7.27
N LEU C 164 -61.27 14.00 6.59
CA LEU C 164 -61.05 12.75 5.89
C LEU C 164 -60.29 11.92 6.86
N ASN C 165 -60.55 10.62 6.83
CA ASN C 165 -59.95 9.71 7.79
C ASN C 165 -59.95 8.27 7.25
N VAL C 166 -59.23 8.07 6.17
CA VAL C 166 -59.10 6.75 5.57
C VAL C 166 -58.08 5.93 6.34
N THR C 167 -58.04 4.62 6.03
CA THR C 167 -57.03 3.68 6.57
C THR C 167 -56.56 2.75 5.46
N MET C 168 -55.47 2.02 5.67
CA MET C 168 -55.03 1.09 4.64
C MET C 168 -54.11 0.00 5.16
N PRO C 169 -54.68 -1.04 5.77
CA PRO C 169 -53.81 -1.98 6.43
C PRO C 169 -52.95 -2.66 5.41
N ASN C 170 -51.73 -3.01 5.79
CA ASN C 170 -50.90 -3.86 4.97
C ASN C 170 -50.85 -5.23 5.55
N ASN C 171 -51.14 -6.23 4.72
CA ASN C 171 -51.08 -7.62 5.12
C ASN C 171 -49.98 -8.44 4.46
N ASP C 172 -49.58 -8.05 3.26
CA ASP C 172 -48.59 -8.85 2.48
C ASP C 172 -47.27 -8.94 3.21
N ASN C 173 -46.43 -9.88 2.76
CA ASN C 173 -45.15 -10.17 3.43
C ASN C 173 -44.00 -9.24 3.01
N PHE C 174 -44.30 -7.95 2.82
CA PHE C 174 -43.29 -6.98 2.36
C PHE C 174 -43.58 -5.53 2.72
N ASP C 175 -42.57 -4.72 2.48
CA ASP C 175 -42.52 -3.37 3.02
C ASP C 175 -43.15 -2.43 1.97
N LYS C 176 -44.21 -1.71 2.33
CA LYS C 176 -44.85 -0.75 1.42
C LYS C 176 -44.26 0.63 1.56
N LEU C 177 -44.03 1.33 0.46
CA LEU C 177 -43.58 2.73 0.50
C LEU C 177 -44.69 3.58 0.01
N TYR C 178 -45.10 4.60 0.75
CA TYR C 178 -46.19 5.48 0.33
C TYR C 178 -45.73 6.91 0.08
N ILE C 179 -46.06 7.48 -1.07
CA ILE C 179 -45.61 8.84 -1.39
C ILE C 179 -46.80 9.82 -1.54
N TRP C 180 -46.89 10.76 -0.61
CA TRP C 180 -48.05 11.62 -0.45
C TRP C 180 -47.63 13.02 -0.21
N GLY C 181 -48.46 14.01 -0.52
CA GLY C 181 -48.00 15.39 -0.41
C GLY C 181 -48.82 16.34 0.44
N ILE C 182 -48.64 17.64 0.23
CA ILE C 182 -49.47 18.63 0.88
C ILE C 182 -49.39 19.86 0.02
N HIS C 183 -50.43 20.67 0.03
CA HIS C 183 -50.50 21.83 -0.86
C HIS C 183 -50.29 23.16 -0.12
N HIS C 184 -49.32 23.96 -0.59
CA HIS C 184 -49.06 25.30 -0.07
C HIS C 184 -49.57 26.32 -1.05
N PRO C 185 -50.76 26.88 -0.78
CA PRO C 185 -51.35 27.96 -1.58
C PRO C 185 -50.62 29.27 -1.51
N SER C 186 -50.90 30.10 -2.51
CA SER C 186 -50.27 31.40 -2.68
C SER C 186 -51.00 32.45 -1.85
N THR C 187 -52.28 32.22 -1.61
CA THR C 187 -53.12 33.31 -1.12
C THR C 187 -54.32 32.76 -0.34
N ASN C 188 -54.66 33.44 0.75
CA ASN C 188 -55.68 32.98 1.69
C ASN C 188 -57.00 32.66 1.02
N GLN C 189 -57.24 33.29 -0.13
CA GLN C 189 -58.42 32.98 -0.92
C GLN C 189 -58.28 31.71 -1.74
N GLU C 190 -57.10 31.47 -2.32
CA GLU C 190 -56.84 30.19 -3.01
C GLU C 190 -57.03 29.03 -2.00
N GLN C 191 -56.57 29.24 -0.77
CA GLN C 191 -56.64 28.22 0.26
C GLN C 191 -58.06 27.84 0.48
N THR C 192 -58.90 28.84 0.72
CA THR C 192 -60.30 28.59 1.03
C THR C 192 -61.07 28.11 -0.22
N SER C 193 -60.78 28.70 -1.38
CA SER C 193 -61.46 28.33 -2.63
C SER C 193 -61.43 26.86 -2.93
N LEU C 194 -60.38 26.19 -2.49
CA LEU C 194 -60.22 24.76 -2.71
C LEU C 194 -60.71 24.00 -1.48
N TYR C 195 -59.99 24.18 -0.39
CA TYR C 195 -60.03 23.28 0.71
C TYR C 195 -60.99 23.79 1.78
N VAL C 196 -61.54 24.99 1.54
CA VAL C 196 -62.63 25.61 2.33
C VAL C 196 -62.29 26.12 3.74
N GLN C 197 -61.34 25.48 4.43
CA GLN C 197 -60.97 25.87 5.81
C GLN C 197 -59.97 27.06 5.86
N ALA C 198 -59.67 27.51 7.09
CA ALA C 198 -58.70 28.58 7.32
C ALA C 198 -57.33 28.12 6.91
N SER C 199 -56.98 26.94 7.40
CA SER C 199 -55.67 26.34 7.19
C SER C 199 -55.84 24.82 7.28
N GLY C 200 -55.27 24.10 6.32
CA GLY C 200 -55.33 22.65 6.33
C GLY C 200 -54.59 22.00 7.50
N ARG C 201 -54.20 20.76 7.26
CA ARG C 201 -53.48 19.91 8.19
C ARG C 201 -53.50 18.57 7.50
N VAL C 202 -52.40 17.84 7.58
CA VAL C 202 -52.35 16.47 7.11
C VAL C 202 -51.58 15.72 8.17
N THR C 203 -51.96 14.47 8.41
CA THR C 203 -51.32 13.65 9.45
C THR C 203 -51.26 12.19 9.01
N VAL C 204 -50.07 11.69 8.69
CA VAL C 204 -49.89 10.33 8.22
C VAL C 204 -49.09 9.50 9.22
N SER C 205 -49.69 8.38 9.59
CA SER C 205 -49.30 7.60 10.75
C SER C 205 -49.21 6.05 10.55
N THR C 206 -48.25 5.40 11.20
CA THR C 206 -48.29 3.95 11.38
C THR C 206 -48.36 3.70 12.89
N ARG C 207 -48.50 2.46 13.34
CA ARG C 207 -48.58 2.22 14.79
C ARG C 207 -47.40 2.93 15.49
N ARG C 208 -46.19 2.71 14.97
CA ARG C 208 -44.96 3.35 15.49
C ARG C 208 -44.79 4.87 15.11
N SER C 209 -44.52 5.18 13.82
CA SER C 209 -44.28 6.59 13.33
C SER C 209 -45.48 7.55 13.39
N GLN C 210 -45.23 8.79 12.97
CA GLN C 210 -46.25 9.85 12.93
C GLN C 210 -45.67 11.15 12.33
N GLN C 211 -46.36 11.77 11.37
CA GLN C 211 -45.96 13.11 10.91
C GLN C 211 -47.15 14.02 10.82
N THR C 212 -46.94 15.32 11.01
CA THR C 212 -48.01 16.31 10.76
C THR C 212 -47.47 17.58 10.10
N ILE C 213 -47.74 17.73 8.80
CA ILE C 213 -47.38 18.94 8.08
C ILE C 213 -48.52 19.88 8.28
N ILE C 214 -48.30 21.15 7.97
CA ILE C 214 -49.37 22.16 7.95
C ILE C 214 -49.08 23.07 6.78
N PRO C 215 -50.06 23.28 5.92
CA PRO C 215 -49.76 24.14 4.80
C PRO C 215 -49.24 25.50 5.27
N ASN C 216 -48.61 26.25 4.37
CA ASN C 216 -48.18 27.62 4.68
C ASN C 216 -48.64 28.53 3.57
N ILE C 217 -49.65 29.35 3.85
CA ILE C 217 -50.31 30.12 2.81
C ILE C 217 -49.36 31.24 2.39
N GLY C 218 -48.89 31.26 1.14
CA GLY C 218 -47.96 32.32 0.71
C GLY C 218 -47.34 32.19 -0.68
N SER C 219 -46.86 33.32 -1.19
CA SER C 219 -46.26 33.41 -2.52
C SER C 219 -44.88 32.82 -2.61
N ARG C 220 -44.64 32.14 -3.71
CA ARG C 220 -43.29 31.77 -4.11
C ARG C 220 -43.02 32.43 -5.45
N PRO C 221 -41.83 32.20 -6.04
CA PRO C 221 -41.58 32.66 -7.40
C PRO C 221 -42.48 31.96 -8.44
N TRP C 222 -42.63 32.60 -9.60
CA TRP C 222 -43.42 32.05 -10.68
C TRP C 222 -42.71 30.82 -11.22
N VAL C 223 -43.33 29.65 -11.15
CA VAL C 223 -42.78 28.43 -11.78
C VAL C 223 -43.86 27.74 -12.60
N ARG C 224 -43.75 27.89 -13.92
CA ARG C 224 -44.74 27.45 -14.90
C ARG C 224 -46.12 27.96 -14.53
N GLY C 225 -46.27 29.27 -14.56
CA GLY C 225 -47.56 29.91 -14.29
C GLY C 225 -47.99 30.00 -12.83
N LEU C 226 -47.39 29.18 -11.98
CA LEU C 226 -47.80 29.05 -10.62
C LEU C 226 -46.79 29.64 -9.62
N SER C 227 -47.32 30.15 -8.50
CA SER C 227 -46.54 30.47 -7.29
C SER C 227 -47.17 29.90 -6.03
N SER C 228 -47.75 28.72 -6.17
CA SER C 228 -48.08 27.81 -5.08
C SER C 228 -47.04 26.68 -5.17
N ARG C 229 -47.19 25.62 -4.36
CA ARG C 229 -46.21 24.48 -4.34
C ARG C 229 -46.76 23.20 -3.70
N ILE C 230 -45.97 22.15 -3.76
CA ILE C 230 -46.35 20.88 -3.19
C ILE C 230 -45.16 20.39 -2.41
N SER C 231 -45.32 20.17 -1.12
CA SER C 231 -44.27 19.52 -0.37
C SER C 231 -44.60 18.02 -0.42
N ILE C 232 -43.67 17.20 -0.92
CA ILE C 232 -43.83 15.74 -0.94
C ILE C 232 -43.24 15.17 0.31
N TYR C 233 -43.73 14.02 0.73
CA TYR C 233 -43.18 13.33 1.89
C TYR C 233 -43.30 11.80 1.68
N TRP C 234 -42.77 10.97 2.58
CA TRP C 234 -42.99 9.53 2.48
C TRP C 234 -43.20 8.85 3.81
N THR C 235 -44.13 7.91 3.86
CA THR C 235 -44.26 7.03 5.00
C THR C 235 -44.16 5.61 4.46
N ILE C 236 -43.53 4.74 5.24
CA ILE C 236 -43.37 3.32 4.89
C ILE C 236 -44.11 2.51 5.89
N VAL C 237 -44.97 1.63 5.44
CA VAL C 237 -45.65 0.78 6.40
C VAL C 237 -45.08 -0.63 6.24
N LYS C 238 -44.55 -1.15 7.35
CA LYS C 238 -44.03 -2.51 7.41
C LYS C 238 -45.15 -3.56 7.27
N PRO C 239 -44.81 -4.87 7.19
CA PRO C 239 -45.91 -5.86 7.16
C PRO C 239 -46.78 -5.86 8.43
N GLY C 240 -48.07 -5.99 8.27
CA GLY C 240 -48.95 -6.08 9.42
C GLY C 240 -49.08 -4.80 10.23
N ASP C 241 -48.64 -3.68 9.67
CA ASP C 241 -48.88 -2.39 10.29
C ASP C 241 -50.16 -1.85 9.67
N VAL C 242 -50.31 -0.53 9.67
CA VAL C 242 -51.42 0.11 9.01
C VAL C 242 -50.99 1.52 8.71
N LEU C 243 -51.57 2.08 7.67
CA LEU C 243 -51.46 3.50 7.37
C LEU C 243 -52.74 4.13 7.94
N VAL C 244 -52.69 5.43 8.20
CA VAL C 244 -53.89 6.18 8.51
C VAL C 244 -53.66 7.62 8.11
N ILE C 245 -54.07 7.95 6.89
CA ILE C 245 -54.12 9.32 6.39
C ILE C 245 -55.35 10.04 6.96
N ASN C 246 -55.21 11.33 7.28
CA ASN C 246 -56.23 12.05 8.02
C ASN C 246 -56.00 13.54 7.95
N SER C 247 -57.01 14.30 7.52
CA SER C 247 -56.81 15.72 7.18
C SER C 247 -58.05 16.53 7.03
N ASN C 248 -58.01 17.77 7.49
CA ASN C 248 -59.13 18.69 7.28
C ASN C 248 -58.99 19.58 6.06
N GLY C 249 -57.94 19.36 5.27
CA GLY C 249 -57.65 20.23 4.13
C GLY C 249 -56.22 20.16 3.61
N ASN C 250 -56.08 20.18 2.29
CA ASN C 250 -54.77 20.36 1.62
C ASN C 250 -54.00 19.08 1.29
N LEU C 251 -54.57 17.90 1.54
CA LEU C 251 -53.81 16.68 1.24
C LEU C 251 -53.67 16.52 -0.27
N ILE C 252 -52.44 16.24 -0.68
CA ILE C 252 -52.16 15.67 -1.97
C ILE C 252 -52.01 14.17 -1.72
N ALA C 253 -53.08 13.43 -1.94
CA ALA C 253 -53.24 12.07 -1.45
C ALA C 253 -52.63 11.00 -2.33
N PRO C 254 -52.22 9.89 -1.72
CA PRO C 254 -51.60 8.80 -2.41
C PRO C 254 -52.60 7.92 -3.12
N ARG C 255 -52.26 7.50 -4.35
CA ARG C 255 -53.06 6.52 -5.13
C ARG C 255 -52.76 5.03 -4.90
N GLY C 256 -51.95 4.72 -3.90
CA GLY C 256 -51.53 3.35 -3.62
C GLY C 256 -50.08 3.40 -3.21
N TYR C 257 -49.37 2.31 -3.44
CA TYR C 257 -48.04 2.22 -2.89
C TYR C 257 -47.03 1.67 -3.88
N PHE C 258 -45.74 1.89 -3.61
CA PHE C 258 -44.66 1.27 -4.37
C PHE C 258 -44.07 0.09 -3.62
N LYS C 259 -43.61 -0.93 -4.35
CA LYS C 259 -42.96 -2.10 -3.73
C LYS C 259 -41.56 -1.75 -3.33
N MET C 260 -41.06 -2.37 -2.28
CA MET C 260 -39.69 -2.07 -1.91
C MET C 260 -38.88 -3.31 -1.76
N ARG C 261 -37.92 -3.47 -2.66
CA ARG C 261 -36.97 -4.56 -2.63
C ARG C 261 -35.78 -4.04 -1.88
N THR C 262 -34.98 -4.94 -1.31
CA THR C 262 -33.64 -4.58 -0.85
C THR C 262 -32.74 -5.10 -1.97
N GLY C 263 -31.97 -4.18 -2.55
CA GLY C 263 -31.22 -4.44 -3.79
C GLY C 263 -29.77 -3.99 -3.72
N LYS C 264 -29.02 -4.31 -4.77
CA LYS C 264 -27.62 -3.87 -4.93
C LYS C 264 -27.57 -2.63 -5.85
N SER C 265 -28.68 -1.91 -5.96
CA SER C 265 -28.86 -1.00 -7.06
C SER C 265 -28.61 0.41 -6.62
N SER C 266 -28.22 1.27 -7.57
CA SER C 266 -28.10 2.70 -7.29
C SER C 266 -28.29 3.69 -8.47
N ILE C 267 -28.60 4.93 -8.13
CA ILE C 267 -28.60 5.99 -9.10
C ILE C 267 -27.13 6.31 -9.33
N MET C 268 -26.82 6.94 -10.46
CA MET C 268 -25.50 7.60 -10.73
C MET C 268 -25.75 8.70 -11.79
N ARG C 269 -25.05 9.83 -11.73
CA ARG C 269 -25.35 10.95 -12.64
C ARG C 269 -24.21 11.04 -13.60
N SER C 270 -24.48 10.83 -14.88
CA SER C 270 -23.44 10.90 -15.91
C SER C 270 -24.08 11.50 -17.17
N ASP C 271 -23.24 11.89 -18.12
CA ASP C 271 -23.71 12.22 -19.43
C ASP C 271 -23.01 11.33 -20.45
N ALA C 272 -22.46 10.20 -19.98
CA ALA C 272 -21.80 9.29 -20.89
C ALA C 272 -22.87 8.62 -21.72
N PRO C 273 -22.56 8.27 -22.97
CA PRO C 273 -23.48 7.51 -23.80
C PRO C 273 -23.38 6.05 -23.46
N ILE C 274 -24.39 5.24 -23.79
CA ILE C 274 -24.45 3.83 -23.37
C ILE C 274 -24.19 2.92 -24.54
N ASP C 275 -23.61 1.74 -24.27
CA ASP C 275 -23.06 0.91 -25.35
C ASP C 275 -23.09 -0.61 -25.09
N THR C 276 -23.16 -1.41 -26.15
CA THR C 276 -23.14 -2.88 -26.06
C THR C 276 -21.72 -3.52 -25.93
N CYS C 277 -21.47 -4.13 -24.80
CA CYS C 277 -20.11 -4.46 -24.41
C CYS C 277 -20.24 -4.99 -23.01
N ILE C 278 -19.40 -5.95 -22.62
CA ILE C 278 -19.41 -6.34 -21.23
C ILE C 278 -18.55 -5.36 -20.46
N SER C 279 -18.90 -5.12 -19.19
CA SER C 279 -18.02 -4.47 -18.26
C SER C 279 -18.62 -4.17 -16.92
N GLU C 280 -18.02 -4.77 -15.88
CA GLU C 280 -18.54 -4.81 -14.51
C GLU C 280 -18.60 -3.46 -13.85
N CYS C 281 -17.49 -2.76 -14.01
CA CYS C 281 -17.28 -1.57 -13.26
C CYS C 281 -17.72 -0.31 -14.02
N ILE C 282 -18.65 0.45 -13.47
CA ILE C 282 -19.07 1.70 -14.11
C ILE C 282 -18.50 2.88 -13.32
N THR C 283 -18.00 3.91 -14.03
CA THR C 283 -17.77 5.28 -13.50
C THR C 283 -18.72 6.22 -14.22
N PRO C 284 -18.72 7.49 -13.87
CA PRO C 284 -19.48 8.40 -14.69
C PRO C 284 -18.76 8.78 -15.94
N ASN C 285 -17.47 8.50 -16.01
CA ASN C 285 -16.67 8.79 -17.21
C ASN C 285 -16.85 7.72 -18.25
N GLY C 286 -17.40 6.61 -17.82
CA GLY C 286 -17.65 5.51 -18.70
C GLY C 286 -17.19 4.30 -17.96
N SER C 287 -17.20 3.18 -18.64
CA SER C 287 -16.76 1.96 -18.02
C SER C 287 -15.21 1.94 -17.93
N ILE C 288 -14.68 1.08 -17.08
CA ILE C 288 -13.25 0.90 -16.93
C ILE C 288 -13.10 -0.54 -16.49
N PRO C 289 -11.95 -1.17 -16.76
CA PRO C 289 -11.85 -2.55 -16.30
C PRO C 289 -11.23 -2.72 -14.93
N ASN C 290 -11.54 -3.84 -14.31
CA ASN C 290 -11.15 -4.08 -12.94
C ASN C 290 -9.96 -5.04 -12.78
N ASP C 291 -9.25 -5.28 -13.87
CA ASP C 291 -8.05 -6.12 -13.84
C ASP C 291 -6.89 -5.54 -13.00
N LYS C 292 -6.81 -4.22 -12.81
CA LYS C 292 -5.77 -3.68 -11.94
C LYS C 292 -6.36 -3.50 -10.56
N PRO C 293 -5.52 -3.28 -9.55
CA PRO C 293 -6.07 -3.12 -8.25
C PRO C 293 -6.43 -1.70 -7.92
N PHE C 294 -5.94 -0.72 -8.66
CA PHE C 294 -6.21 0.67 -8.31
C PHE C 294 -6.60 1.53 -9.50
N GLN C 295 -7.75 2.18 -9.41
CA GLN C 295 -8.08 3.15 -10.44
C GLN C 295 -7.73 4.56 -10.03
N ASN C 296 -7.85 5.43 -11.00
CA ASN C 296 -7.66 6.82 -10.78
C ASN C 296 -8.64 7.63 -11.68
N VAL C 297 -9.72 6.99 -12.17
CA VAL C 297 -10.60 7.62 -13.17
C VAL C 297 -11.69 8.44 -12.49
N ASN C 298 -12.34 7.91 -11.47
CA ASN C 298 -13.24 8.74 -10.68
C ASN C 298 -13.56 8.02 -9.39
N LYS C 299 -13.56 8.78 -8.30
CA LYS C 299 -13.93 8.24 -7.02
C LYS C 299 -15.39 7.78 -6.95
N ILE C 300 -16.22 8.25 -7.89
CA ILE C 300 -17.59 7.76 -7.99
C ILE C 300 -17.54 6.41 -8.71
N THR C 301 -18.11 5.34 -8.13
CA THR C 301 -17.97 4.06 -8.84
C THR C 301 -19.03 3.00 -8.51
N TYR C 302 -19.81 2.61 -9.52
CA TYR C 302 -20.75 1.49 -9.35
C TYR C 302 -20.17 0.21 -9.90
N GLY C 303 -20.18 -0.85 -9.08
CA GLY C 303 -19.78 -2.17 -9.53
C GLY C 303 -18.52 -2.52 -8.83
N ALA C 304 -17.99 -3.71 -9.09
CA ALA C 304 -16.83 -4.22 -8.39
C ALA C 304 -15.49 -3.65 -8.94
N CYS C 305 -15.23 -2.40 -8.56
CA CYS C 305 -14.15 -1.58 -9.11
C CYS C 305 -12.90 -1.42 -8.24
N PRO C 306 -11.70 -1.47 -8.85
CA PRO C 306 -10.43 -1.17 -8.20
C PRO C 306 -10.58 0.09 -7.40
N LYS C 307 -9.80 0.25 -6.33
CA LYS C 307 -10.01 1.37 -5.40
C LYS C 307 -9.31 2.66 -5.87
N TYR C 308 -9.97 3.80 -5.64
CA TYR C 308 -9.52 5.06 -6.23
C TYR C 308 -8.38 5.55 -5.41
N VAL C 309 -7.22 5.70 -6.03
CA VAL C 309 -6.03 6.16 -5.31
C VAL C 309 -5.71 7.49 -5.94
N LYS C 310 -4.93 8.32 -5.28
CA LYS C 310 -4.57 9.63 -5.81
C LYS C 310 -3.57 9.57 -6.95
N GLN C 311 -2.61 8.64 -6.94
CA GLN C 311 -1.56 8.57 -7.96
C GLN C 311 -2.07 8.12 -9.32
N ASN C 312 -1.50 8.62 -10.41
CA ASN C 312 -2.00 8.24 -11.75
C ASN C 312 -1.20 7.14 -12.36
N THR C 313 -0.12 6.76 -11.66
CA THR C 313 0.72 5.63 -12.05
C THR C 313 1.51 5.00 -10.90
N LEU C 314 1.46 3.69 -10.80
CA LEU C 314 2.25 2.97 -9.82
C LEU C 314 2.78 1.69 -10.45
N LYS C 315 4.09 1.62 -10.74
CA LYS C 315 4.63 0.45 -11.44
C LYS C 315 5.24 -0.55 -10.45
N LEU C 316 4.83 -1.80 -10.60
CA LEU C 316 5.30 -2.91 -9.81
C LEU C 316 6.28 -3.67 -10.70
N ALA C 317 7.50 -3.84 -10.18
CA ALA C 317 8.61 -4.39 -10.96
C ALA C 317 8.47 -5.87 -11.05
N THR C 318 8.57 -6.39 -12.29
CA THR C 318 8.46 -7.82 -12.62
C THR C 318 9.73 -8.46 -13.20
N GLY C 319 10.83 -7.76 -13.11
CA GLY C 319 12.13 -8.29 -13.48
C GLY C 319 13.20 -7.84 -12.49
N MET C 320 14.47 -7.99 -12.88
CA MET C 320 15.61 -7.76 -12.00
C MET C 320 16.14 -6.38 -12.29
N ARG C 321 17.25 -6.02 -11.67
CA ARG C 321 17.79 -4.71 -11.91
C ARG C 321 18.49 -4.73 -13.26
N ASN C 322 18.32 -3.65 -14.01
CA ASN C 322 18.90 -3.55 -15.34
C ASN C 322 20.28 -2.93 -15.26
N VAL C 323 21.29 -3.51 -15.93
CA VAL C 323 22.65 -2.96 -15.87
C VAL C 323 23.45 -3.13 -17.14
N PRO C 324 23.52 -2.12 -18.00
CA PRO C 324 24.52 -2.27 -19.10
C PRO C 324 25.80 -1.39 -19.00
N GLY D 1 22.66 -4.99 -4.62
CA GLY D 1 21.41 -5.36 -3.89
C GLY D 1 21.80 -6.25 -2.75
N LEU D 2 20.92 -6.46 -1.77
CA LEU D 2 21.35 -7.04 -0.48
C LEU D 2 22.59 -7.96 -0.54
N PHE D 3 22.64 -8.82 -1.57
CA PHE D 3 23.66 -9.88 -1.69
C PHE D 3 24.93 -9.51 -2.43
N GLY D 4 24.85 -8.47 -3.26
CA GLY D 4 26.01 -7.89 -3.91
C GLY D 4 26.34 -8.58 -5.20
N ALA D 5 25.54 -9.58 -5.58
CA ALA D 5 25.73 -10.32 -6.84
C ALA D 5 25.48 -9.43 -8.05
N ILE D 6 24.23 -9.01 -8.22
CA ILE D 6 23.87 -8.15 -9.33
C ILE D 6 24.16 -6.73 -8.90
N ALA D 7 24.36 -5.88 -9.91
CA ALA D 7 24.50 -4.45 -9.73
C ALA D 7 25.68 -4.15 -8.85
N GLY D 8 26.71 -4.99 -8.92
CA GLY D 8 27.79 -4.93 -7.92
C GLY D 8 29.02 -5.76 -8.22
N PHE D 9 29.08 -6.99 -7.72
CA PHE D 9 30.26 -7.82 -7.90
C PHE D 9 30.26 -8.44 -9.29
N ILE D 10 29.06 -8.60 -9.87
CA ILE D 10 28.96 -8.86 -11.30
C ILE D 10 28.77 -7.51 -12.04
N GLU D 11 29.86 -7.10 -12.70
CA GLU D 11 30.06 -5.72 -13.21
C GLU D 11 28.79 -5.13 -13.82
N ASN D 12 28.35 -5.74 -14.91
CA ASN D 12 27.06 -5.41 -15.49
C ASN D 12 26.42 -6.63 -16.14
N GLY D 13 25.27 -6.44 -16.77
CA GLY D 13 24.51 -7.55 -17.29
C GLY D 13 24.79 -7.82 -18.74
N TRP D 14 24.52 -9.06 -19.14
CA TRP D 14 24.78 -9.51 -20.48
C TRP D 14 23.58 -9.19 -21.34
N GLU D 15 23.74 -8.25 -22.27
CA GLU D 15 22.61 -7.81 -23.09
C GLU D 15 22.29 -8.85 -24.18
N GLY D 16 23.24 -9.74 -24.48
CA GLY D 16 23.05 -10.78 -25.51
C GLY D 16 22.52 -12.12 -25.01
N MET D 17 22.03 -12.15 -23.77
CA MET D 17 21.39 -13.34 -23.24
C MET D 17 19.87 -13.24 -23.34
N ILE D 18 19.33 -13.94 -24.34
CA ILE D 18 17.88 -13.95 -24.59
C ILE D 18 17.17 -15.28 -24.23
N ASP D 19 17.91 -16.33 -23.92
CA ASP D 19 17.31 -17.64 -23.64
C ASP D 19 16.71 -17.65 -22.24
N GLY D 20 17.25 -16.83 -21.36
CA GLY D 20 16.85 -16.86 -19.95
C GLY D 20 17.45 -15.71 -19.20
N TRP D 21 17.50 -15.81 -17.87
CA TRP D 21 17.85 -14.69 -17.02
C TRP D 21 19.18 -14.84 -16.34
N TYR D 22 19.79 -16.01 -16.42
CA TYR D 22 21.05 -16.29 -15.68
C TYR D 22 21.91 -17.25 -16.51
N GLY D 23 23.22 -17.11 -16.49
CA GLY D 23 23.99 -17.75 -17.54
C GLY D 23 25.42 -18.09 -17.27
N PHE D 24 26.06 -18.62 -18.33
CA PHE D 24 27.44 -19.08 -18.32
C PHE D 24 28.12 -18.71 -19.65
N ARG D 25 29.04 -17.76 -19.61
CA ARG D 25 29.86 -17.48 -20.77
C ARG D 25 31.19 -18.05 -20.35
N HIS D 26 31.91 -18.62 -21.30
CA HIS D 26 33.14 -19.32 -20.98
C HIS D 26 34.26 -18.94 -21.92
N GLN D 27 35.40 -19.61 -21.74
CA GLN D 27 36.51 -19.61 -22.68
C GLN D 27 37.41 -20.78 -22.37
N ASN D 28 37.72 -21.56 -23.41
CA ASN D 28 38.62 -22.71 -23.30
C ASN D 28 39.33 -22.94 -24.63
N SER D 29 39.88 -24.13 -24.85
CA SER D 29 40.52 -24.47 -26.12
C SER D 29 39.54 -24.39 -27.31
N GLU D 30 38.35 -24.97 -27.16
CA GLU D 30 37.34 -24.94 -28.23
C GLU D 30 36.57 -23.60 -28.28
N GLY D 31 37.28 -22.49 -28.49
CA GLY D 31 36.64 -21.16 -28.59
C GLY D 31 35.88 -20.73 -27.35
N THR D 32 34.94 -19.80 -27.52
CA THR D 32 34.12 -19.28 -26.42
C THR D 32 32.66 -19.66 -26.60
N GLY D 33 31.75 -19.06 -25.82
CA GLY D 33 30.31 -19.30 -25.96
C GLY D 33 29.51 -19.04 -24.70
N GLN D 34 28.18 -19.08 -24.84
CA GLN D 34 27.21 -18.72 -23.77
C GLN D 34 26.16 -19.81 -23.65
N ALA D 35 25.45 -19.85 -22.53
CA ALA D 35 24.37 -20.80 -22.36
C ALA D 35 23.53 -20.34 -21.16
N ALA D 36 22.20 -20.45 -21.22
CA ALA D 36 21.36 -19.98 -20.10
C ALA D 36 20.97 -21.09 -19.10
N ASP D 37 21.10 -20.78 -17.80
CA ASP D 37 20.76 -21.74 -16.72
C ASP D 37 19.31 -21.62 -16.31
N LEU D 38 18.53 -22.62 -16.64
CA LEU D 38 17.06 -22.50 -16.53
C LEU D 38 16.57 -22.73 -15.09
N LYS D 39 17.05 -23.82 -14.45
CA LYS D 39 16.58 -24.18 -13.10
C LYS D 39 16.52 -22.87 -12.28
N SER D 40 17.50 -21.97 -12.46
CA SER D 40 17.42 -20.62 -11.88
C SER D 40 16.36 -19.70 -12.47
N THR D 41 16.46 -19.49 -13.77
CA THR D 41 15.58 -18.54 -14.41
C THR D 41 14.12 -18.75 -14.05
N GLN D 42 13.65 -20.00 -14.11
CA GLN D 42 12.29 -20.29 -13.68
C GLN D 42 12.12 -19.85 -12.23
N ALA D 43 13.04 -20.29 -11.38
CA ALA D 43 13.00 -20.01 -9.93
C ALA D 43 12.59 -18.60 -9.63
N ALA D 44 13.23 -17.64 -10.30
CA ALA D 44 12.87 -16.24 -10.11
C ALA D 44 11.50 -15.98 -10.67
N ILE D 45 11.31 -16.35 -11.94
CA ILE D 45 10.07 -16.08 -12.63
C ILE D 45 8.93 -16.57 -11.74
N ASP D 46 9.07 -17.77 -11.20
CA ASP D 46 8.07 -18.29 -10.30
C ASP D 46 7.73 -17.29 -9.24
N GLN D 47 8.74 -16.81 -8.53
CA GLN D 47 8.49 -15.95 -7.40
C GLN D 47 7.75 -14.65 -7.81
N ILE D 48 8.01 -14.16 -9.02
CA ILE D 48 7.42 -12.90 -9.44
C ILE D 48 5.94 -13.09 -9.82
N ASN D 49 5.72 -13.90 -10.85
CA ASN D 49 4.41 -14.47 -11.16
C ASN D 49 3.63 -14.75 -9.91
N GLY D 50 4.30 -15.17 -8.85
CA GLY D 50 3.63 -15.55 -7.62
C GLY D 50 3.14 -14.37 -6.84
N LYS D 51 4.01 -13.39 -6.67
CA LYS D 51 3.62 -12.20 -5.96
C LYS D 51 2.78 -11.36 -6.86
N LEU D 52 3.03 -11.39 -8.15
CA LEU D 52 2.11 -10.71 -9.06
C LEU D 52 0.70 -11.11 -8.64
N ASN D 53 0.40 -12.42 -8.64
CA ASN D 53 -0.96 -12.85 -8.36
C ASN D 53 -1.39 -12.60 -6.98
N ARG D 54 -0.46 -12.50 -6.05
CA ARG D 54 -0.91 -12.15 -4.74
C ARG D 54 -1.38 -10.73 -4.78
N VAL D 55 -0.68 -9.86 -5.50
CA VAL D 55 -0.96 -8.43 -5.42
C VAL D 55 -2.28 -7.88 -5.97
N ILE D 56 -3.07 -8.70 -6.66
CA ILE D 56 -4.14 -8.16 -7.51
C ILE D 56 -5.54 -8.75 -7.20
N GLU D 57 -5.81 -9.29 -6.00
CA GLU D 57 -7.01 -10.19 -5.77
C GLU D 57 -8.26 -9.62 -5.09
N LYS D 58 -8.53 -8.39 -5.46
CA LYS D 58 -9.30 -7.46 -4.67
C LYS D 58 -9.82 -6.33 -5.57
N THR D 59 -11.07 -5.91 -5.30
CA THR D 59 -11.75 -4.92 -6.13
C THR D 59 -12.84 -4.17 -5.38
N ASN D 60 -12.82 -4.13 -4.05
CA ASN D 60 -13.74 -3.21 -3.33
C ASN D 60 -15.18 -3.31 -3.88
N GLU D 61 -15.81 -4.45 -3.62
CA GLU D 61 -17.17 -4.75 -4.08
C GLU D 61 -18.11 -4.35 -2.96
N LYS D 62 -17.84 -3.19 -2.37
CA LYS D 62 -18.51 -2.81 -1.13
C LYS D 62 -19.73 -2.00 -1.42
N PHE D 63 -20.63 -1.99 -0.46
CA PHE D 63 -21.98 -1.53 -0.70
C PHE D 63 -22.15 -0.01 -1.00
N HIS D 64 -23.42 0.30 -1.39
CA HIS D 64 -23.96 1.60 -1.73
C HIS D 64 -22.77 2.45 -1.37
N GLN D 65 -22.29 3.23 -2.32
CA GLN D 65 -21.33 4.24 -2.03
C GLN D 65 -22.10 5.56 -1.92
N ILE D 66 -21.83 6.32 -0.87
CA ILE D 66 -22.54 7.59 -0.67
C ILE D 66 -22.40 8.52 -1.90
N GLU D 67 -23.10 9.66 -1.89
CA GLU D 67 -22.88 10.71 -2.91
C GLU D 67 -21.49 11.31 -2.65
N LYS D 68 -20.70 11.56 -3.70
CA LYS D 68 -19.37 12.12 -3.47
C LYS D 68 -19.16 13.53 -4.05
N GLU D 69 -19.88 13.91 -5.10
CA GLU D 69 -20.03 15.31 -5.55
C GLU D 69 -21.26 15.95 -4.93
N PHE D 70 -21.35 17.28 -4.97
CA PHE D 70 -22.50 17.97 -4.39
C PHE D 70 -22.95 19.20 -5.12
N SER D 71 -24.23 19.41 -5.20
CA SER D 71 -24.73 20.47 -6.04
C SER D 71 -24.82 21.78 -5.28
N GLU D 72 -25.19 21.72 -4.01
CA GLU D 72 -25.37 22.93 -3.18
C GLU D 72 -24.47 22.90 -1.95
N VAL D 73 -24.30 24.06 -1.34
CA VAL D 73 -23.54 24.18 -0.11
C VAL D 73 -24.53 23.90 0.95
N GLU D 74 -24.17 22.99 1.85
CA GLU D 74 -25.15 22.43 2.78
C GLU D 74 -24.75 22.57 4.27
N GLY D 75 -23.53 22.20 4.59
CA GLY D 75 -23.09 22.23 5.97
C GLY D 75 -22.83 20.86 6.57
N ARG D 76 -23.01 20.81 7.87
CA ARG D 76 -22.45 19.74 8.68
C ARG D 76 -22.42 18.36 8.07
N ILE D 77 -23.55 17.91 7.53
CA ILE D 77 -23.63 16.58 6.95
C ILE D 77 -22.85 16.45 5.66
N GLN D 78 -22.95 17.43 4.77
CA GLN D 78 -22.19 17.38 3.53
C GLN D 78 -20.70 17.41 3.84
N ASP D 79 -20.36 18.15 4.91
CA ASP D 79 -18.98 18.34 5.31
C ASP D 79 -18.36 17.05 5.79
N LEU D 80 -19.16 16.24 6.48
CA LEU D 80 -18.69 14.98 6.97
C LEU D 80 -18.63 13.97 5.84
N GLU D 81 -19.44 14.15 4.82
CA GLU D 81 -19.48 13.18 3.76
C GLU D 81 -18.28 13.36 2.86
N LYS D 82 -17.67 14.54 2.89
CA LYS D 82 -16.45 14.79 2.09
C LYS D 82 -15.23 14.34 2.89
N TYR D 83 -15.12 14.82 4.13
CA TYR D 83 -14.08 14.38 5.06
C TYR D 83 -13.93 12.87 5.15
N VAL D 84 -15.02 12.14 5.14
CA VAL D 84 -14.94 10.71 5.24
C VAL D 84 -14.22 10.26 4.01
N GLU D 85 -14.66 10.69 2.84
CA GLU D 85 -14.11 10.19 1.59
C GLU D 85 -12.68 10.65 1.36
N ASP D 86 -12.47 11.95 1.53
CA ASP D 86 -11.13 12.48 1.47
C ASP D 86 -10.14 11.60 2.26
N THR D 87 -10.51 11.25 3.49
CA THR D 87 -9.65 10.50 4.42
C THR D 87 -9.40 9.08 3.98
N LYS D 88 -10.46 8.43 3.47
CA LYS D 88 -10.41 7.10 2.84
C LYS D 88 -9.33 7.16 1.75
N ILE D 89 -9.52 8.04 0.77
CA ILE D 89 -8.58 8.12 -0.34
C ILE D 89 -7.13 8.32 0.10
N ASP D 90 -6.92 9.10 1.13
CA ASP D 90 -5.56 9.40 1.54
C ASP D 90 -4.89 8.12 2.05
N LEU D 91 -5.63 7.30 2.79
CA LEU D 91 -5.08 6.03 3.29
C LEU D 91 -4.89 5.09 2.15
N TRP D 92 -5.90 4.96 1.30
CA TRP D 92 -5.79 3.94 0.29
C TRP D 92 -4.57 4.23 -0.50
N SER D 93 -4.28 5.50 -0.72
CA SER D 93 -3.07 5.80 -1.44
C SER D 93 -1.82 5.45 -0.66
N TYR D 94 -1.79 5.72 0.65
CA TYR D 94 -0.62 5.41 1.47
C TYR D 94 -0.33 3.93 1.35
N ASN D 95 -1.38 3.13 1.46
CA ASN D 95 -1.29 1.71 1.30
C ASN D 95 -0.72 1.49 -0.04
N ALA D 96 -1.34 2.06 -1.05
CA ALA D 96 -0.94 1.77 -2.41
C ALA D 96 0.51 2.10 -2.64
N GLU D 97 1.02 3.17 -2.08
CA GLU D 97 2.39 3.58 -2.40
C GLU D 97 3.41 2.71 -1.68
N LEU D 98 3.07 2.29 -0.45
CA LEU D 98 3.90 1.36 0.33
C LEU D 98 3.96 -0.03 -0.30
N LEU D 99 2.85 -0.56 -0.83
CA LEU D 99 2.90 -1.88 -1.47
C LEU D 99 3.90 -1.89 -2.58
N VAL D 100 3.68 -1.14 -3.62
CA VAL D 100 4.69 -1.07 -4.67
C VAL D 100 6.15 -0.97 -4.15
N ALA D 101 6.38 -0.16 -3.12
CA ALA D 101 7.74 0.01 -2.59
C ALA D 101 8.29 -1.30 -2.00
N LEU D 102 7.74 -1.77 -0.88
CA LEU D 102 8.16 -3.06 -0.30
C LEU D 102 8.28 -4.17 -1.33
N GLU D 103 7.24 -4.37 -2.13
CA GLU D 103 7.29 -5.40 -3.15
C GLU D 103 8.49 -5.16 -4.04
N ASN D 104 8.59 -3.99 -4.64
CA ASN D 104 9.70 -3.78 -5.55
C ASN D 104 11.09 -3.96 -4.95
N GLN D 105 11.27 -3.45 -3.74
CA GLN D 105 12.52 -3.62 -2.99
C GLN D 105 12.79 -5.10 -2.91
N HIS D 106 11.80 -5.85 -2.47
CA HIS D 106 11.92 -7.29 -2.38
C HIS D 106 12.27 -7.92 -3.73
N THR D 107 11.55 -7.55 -4.80
CA THR D 107 11.74 -8.20 -6.11
C THR D 107 13.21 -8.08 -6.48
N ILE D 108 13.81 -6.90 -6.28
CA ILE D 108 15.23 -6.73 -6.59
C ILE D 108 16.10 -7.69 -5.75
N ASP D 109 16.05 -7.52 -4.44
CA ASP D 109 16.74 -8.37 -3.46
C ASP D 109 16.57 -9.88 -3.74
N LEU D 110 15.45 -10.24 -4.33
CA LEU D 110 15.14 -11.65 -4.60
C LEU D 110 15.90 -12.16 -5.83
N THR D 111 15.87 -11.39 -6.91
CA THR D 111 16.63 -11.71 -8.13
C THR D 111 18.16 -11.68 -7.86
N ASP D 112 18.57 -10.81 -6.94
CA ASP D 112 19.98 -10.72 -6.55
C ASP D 112 20.32 -12.09 -5.95
N SER D 113 19.70 -12.39 -4.81
CA SER D 113 19.82 -13.69 -4.17
C SER D 113 19.97 -14.83 -5.16
N GLU D 114 19.07 -14.97 -6.13
CA GLU D 114 19.15 -16.12 -7.03
C GLU D 114 20.48 -16.16 -7.78
N MET D 115 21.00 -15.02 -8.22
CA MET D 115 22.32 -14.97 -8.89
C MET D 115 23.39 -15.61 -7.99
N ASN D 116 23.57 -15.00 -6.83
CA ASN D 116 24.46 -15.48 -5.80
C ASN D 116 24.25 -16.96 -5.54
N LYS D 117 23.01 -17.40 -5.36
CA LYS D 117 22.71 -18.81 -5.17
C LYS D 117 23.28 -19.68 -6.26
N LEU D 118 23.27 -19.21 -7.52
CA LEU D 118 23.80 -20.00 -8.65
C LEU D 118 25.28 -20.11 -8.48
N PHE D 119 25.88 -18.94 -8.31
CA PHE D 119 27.29 -18.81 -8.17
C PHE D 119 27.82 -19.62 -7.00
N GLU D 120 27.13 -19.67 -5.88
CA GLU D 120 27.58 -20.59 -4.85
C GLU D 120 27.43 -22.00 -5.36
N LYS D 121 26.20 -22.46 -5.57
CA LYS D 121 25.97 -23.84 -6.06
C LYS D 121 27.09 -24.33 -7.01
N THR D 122 27.55 -23.47 -7.94
CA THR D 122 28.61 -23.83 -8.90
C THR D 122 29.95 -24.01 -8.21
N ARG D 123 30.38 -23.02 -7.43
CA ARG D 123 31.69 -23.07 -6.78
C ARG D 123 31.89 -24.35 -5.93
N ARG D 124 30.82 -24.71 -5.21
CA ARG D 124 30.75 -25.96 -4.43
C ARG D 124 31.01 -27.17 -5.32
N GLN D 125 30.24 -27.24 -6.41
CA GLN D 125 30.38 -28.30 -7.40
C GLN D 125 31.81 -28.38 -7.93
N LEU D 126 32.54 -27.26 -7.92
CA LEU D 126 33.93 -27.18 -8.43
C LEU D 126 35.04 -27.44 -7.38
N ARG D 127 34.67 -28.16 -6.32
CA ARG D 127 35.40 -28.27 -5.05
C ARG D 127 36.81 -27.67 -4.95
N GLU D 128 37.81 -28.22 -5.64
CA GLU D 128 39.17 -27.71 -5.47
C GLU D 128 39.91 -27.56 -6.79
N ASN D 129 39.18 -27.20 -7.83
CA ASN D 129 39.79 -27.14 -9.16
C ASN D 129 39.75 -25.76 -9.82
N ALA D 130 39.15 -24.75 -9.17
CA ALA D 130 39.24 -23.37 -9.66
C ALA D 130 39.31 -22.34 -8.53
N GLU D 131 39.51 -21.08 -8.87
CA GLU D 131 39.56 -20.00 -7.87
C GLU D 131 38.69 -18.85 -8.33
N GLU D 132 38.01 -18.20 -7.38
CA GLU D 132 37.15 -17.08 -7.71
C GLU D 132 37.99 -15.93 -8.23
N MET D 133 37.81 -15.57 -9.49
CA MET D 133 38.64 -14.52 -10.11
C MET D 133 38.37 -13.15 -9.49
N GLY D 134 37.17 -12.98 -8.95
CA GLY D 134 36.80 -11.76 -8.23
C GLY D 134 35.56 -11.13 -8.83
N ASN D 135 35.47 -11.20 -10.16
CA ASN D 135 34.42 -10.54 -10.94
C ASN D 135 33.23 -11.45 -11.24
N GLY D 136 33.12 -12.57 -10.53
CA GLY D 136 32.15 -13.59 -10.86
C GLY D 136 32.55 -14.41 -12.08
N CYS D 137 33.84 -14.51 -12.32
CA CYS D 137 34.38 -15.54 -13.20
C CYS D 137 35.32 -16.46 -12.42
N PHE D 138 35.40 -17.69 -12.89
CA PHE D 138 36.28 -18.67 -12.29
C PHE D 138 37.56 -18.85 -13.12
N LYS D 139 38.52 -19.57 -12.54
CA LYS D 139 39.68 -20.00 -13.28
C LYS D 139 39.75 -21.51 -13.05
N ILE D 140 39.05 -22.29 -13.89
CA ILE D 140 39.20 -23.76 -13.93
C ILE D 140 40.66 -24.09 -14.31
N TYR D 141 41.35 -24.92 -13.50
CA TYR D 141 42.81 -25.09 -13.61
C TYR D 141 43.30 -26.35 -14.33
N HIS D 142 42.52 -26.81 -15.31
CA HIS D 142 42.89 -27.95 -16.16
C HIS D 142 42.47 -27.68 -17.61
N LYS D 143 42.47 -28.68 -18.47
CA LYS D 143 42.01 -28.48 -19.84
C LYS D 143 40.55 -28.98 -19.96
N CYS D 144 39.58 -28.08 -19.76
CA CYS D 144 38.17 -28.46 -19.82
C CYS D 144 37.53 -28.02 -21.14
N ASP D 145 37.38 -28.99 -22.06
CA ASP D 145 36.79 -28.79 -23.38
C ASP D 145 35.27 -28.75 -23.33
N ASN D 146 34.64 -28.21 -24.37
CA ASN D 146 33.18 -28.02 -24.44
C ASN D 146 32.34 -29.22 -23.94
N ALA D 147 32.89 -30.43 -24.01
CA ALA D 147 32.23 -31.59 -23.41
C ALA D 147 32.09 -31.34 -21.89
N CYS D 148 33.17 -31.63 -21.19
CA CYS D 148 33.37 -31.27 -19.78
C CYS D 148 32.60 -30.01 -19.34
N ILE D 149 32.76 -28.87 -20.01
CA ILE D 149 32.11 -27.65 -19.54
C ILE D 149 30.65 -27.92 -19.28
N GLU D 150 29.90 -28.42 -20.27
CA GLU D 150 28.46 -28.53 -20.07
C GLU D 150 28.24 -29.38 -18.82
N SER D 151 29.01 -30.44 -18.60
CA SER D 151 28.83 -31.20 -17.36
C SER D 151 28.60 -30.23 -16.16
N ILE D 152 29.45 -29.21 -16.03
CA ILE D 152 29.38 -28.28 -14.89
C ILE D 152 28.10 -27.46 -14.91
N ARG D 153 27.65 -27.12 -16.12
CA ARG D 153 26.41 -26.37 -16.34
C ARG D 153 25.19 -27.14 -15.94
N ASN D 154 25.10 -28.37 -16.41
CA ASN D 154 23.96 -29.17 -16.05
C ASN D 154 24.27 -30.24 -15.01
N GLY D 155 25.21 -29.92 -14.12
CA GLY D 155 25.31 -30.58 -12.83
C GLY D 155 26.20 -31.80 -12.76
N THR D 156 26.39 -32.45 -13.90
CA THR D 156 27.03 -33.76 -13.92
C THR D 156 28.57 -33.79 -13.67
N TYR D 157 29.20 -32.63 -13.49
CA TYR D 157 30.67 -32.54 -13.40
C TYR D 157 31.21 -33.21 -12.15
N ASP D 158 32.01 -34.27 -12.35
CA ASP D 158 32.69 -35.04 -11.28
C ASP D 158 34.10 -34.49 -11.08
N HIS D 159 34.33 -33.89 -9.92
CA HIS D 159 35.54 -33.11 -9.71
C HIS D 159 36.81 -33.98 -9.67
N ASP D 160 36.72 -35.18 -9.09
CA ASP D 160 37.89 -36.04 -8.84
C ASP D 160 38.70 -36.36 -10.10
N VAL D 161 37.99 -36.59 -11.19
CA VAL D 161 38.60 -36.88 -12.50
C VAL D 161 39.71 -35.90 -12.91
N TYR D 162 39.56 -34.65 -12.51
CA TYR D 162 40.51 -33.61 -12.89
C TYR D 162 41.53 -33.34 -11.79
N ARG D 163 41.04 -32.97 -10.61
CA ARG D 163 41.84 -32.61 -9.42
C ARG D 163 43.37 -32.73 -9.59
N ASP D 164 43.85 -33.95 -9.85
CA ASP D 164 45.28 -34.19 -10.05
C ASP D 164 45.89 -33.11 -10.92
N GLU D 165 45.34 -32.94 -12.12
CA GLU D 165 45.75 -31.89 -13.06
C GLU D 165 45.76 -30.49 -12.44
N ALA D 166 44.66 -30.14 -11.78
CA ALA D 166 44.43 -28.77 -11.32
C ALA D 166 45.17 -28.45 -10.02
N LEU D 167 45.26 -29.41 -9.10
CA LEU D 167 46.08 -29.20 -7.92
C LEU D 167 47.50 -28.83 -8.36
N ASN D 168 48.02 -29.49 -9.40
CA ASN D 168 49.39 -29.25 -9.88
C ASN D 168 49.56 -27.90 -10.60
N ASN D 169 48.55 -27.50 -11.40
CA ASN D 169 48.57 -26.17 -12.04
C ASN D 169 48.49 -25.00 -11.06
N ARG D 170 47.95 -25.25 -9.87
CA ARG D 170 47.72 -24.20 -8.87
C ARG D 170 48.92 -23.93 -7.96
N PHE D 171 49.56 -24.99 -7.44
CA PHE D 171 50.62 -24.86 -6.43
C PHE D 171 52.02 -25.35 -6.88
N GLN D 172 52.14 -25.66 -8.16
CA GLN D 172 53.45 -25.85 -8.79
C GLN D 172 53.61 -24.77 -9.86
N SER E 9 57.80 -12.34 9.53
CA SER E 9 57.08 -13.56 9.98
C SER E 9 55.78 -13.83 9.16
N THR E 10 54.61 -13.36 9.64
CA THR E 10 53.32 -13.33 8.87
C THR E 10 52.30 -12.26 9.42
N ALA E 11 51.61 -11.53 8.53
CA ALA E 11 50.72 -10.40 8.92
C ALA E 11 49.35 -10.81 9.54
N THR E 12 48.46 -9.83 9.73
CA THR E 12 47.07 -10.08 10.16
C THR E 12 46.11 -8.89 9.94
N LEU E 13 45.18 -9.04 8.99
CA LEU E 13 44.26 -7.98 8.57
C LEU E 13 42.85 -8.27 9.06
N CYS E 14 42.19 -7.22 9.57
CA CYS E 14 40.89 -7.35 10.24
C CYS E 14 39.88 -6.33 9.79
N LEU E 15 38.64 -6.78 9.59
CA LEU E 15 37.58 -5.88 9.16
C LEU E 15 36.71 -5.58 10.37
N GLY E 16 36.14 -4.38 10.41
CA GLY E 16 35.32 -3.97 11.54
C GLY E 16 34.29 -2.94 11.14
N HIS E 17 33.48 -2.53 12.12
CA HIS E 17 32.46 -1.52 11.91
C HIS E 17 32.45 -0.58 13.08
N HIS E 18 32.00 0.65 12.88
CA HIS E 18 32.18 1.62 13.93
C HIS E 18 31.18 1.39 15.04
N ALA E 19 31.37 2.12 16.12
CA ALA E 19 30.43 2.17 17.24
C ALA E 19 30.48 3.52 17.93
N VAL E 20 29.51 3.76 18.77
CA VAL E 20 29.49 4.96 19.56
C VAL E 20 29.23 4.51 20.98
N PRO E 21 29.51 5.36 21.98
CA PRO E 21 29.24 4.97 23.35
C PRO E 21 27.76 5.06 23.69
N ASN E 22 27.10 6.15 23.34
CA ASN E 22 25.66 6.26 23.63
C ASN E 22 24.91 6.42 22.33
N GLY E 23 24.44 5.27 21.85
CA GLY E 23 23.49 5.23 20.75
C GLY E 23 22.10 5.19 21.30
N THR E 24 21.13 5.00 20.41
CA THR E 24 19.74 5.23 20.77
C THR E 24 18.89 4.00 20.40
N LEU E 25 17.79 3.80 21.14
CA LEU E 25 16.96 2.61 21.03
C LEU E 25 15.84 2.81 20.03
N VAL E 26 15.66 1.86 19.12
CA VAL E 26 14.59 1.92 18.12
C VAL E 26 13.79 0.62 18.21
N LYS E 27 12.62 0.60 17.56
CA LYS E 27 11.80 -0.62 17.46
C LYS E 27 11.95 -1.29 16.08
N THR E 28 12.03 -2.62 16.04
CA THR E 28 12.09 -3.32 14.77
C THR E 28 10.87 -4.23 14.64
N ILE E 29 10.79 -4.94 13.52
CA ILE E 29 9.82 -6.05 13.32
C ILE E 29 9.93 -7.11 14.42
N THR E 30 11.16 -7.46 14.83
CA THR E 30 11.39 -8.57 15.79
C THR E 30 11.59 -8.16 17.26
N ASP E 31 12.28 -7.05 17.55
CA ASP E 31 12.39 -6.59 18.96
C ASP E 31 11.71 -5.26 19.19
N ASP E 32 11.43 -5.01 20.46
CA ASP E 32 10.81 -3.77 20.83
C ASP E 32 11.85 -2.68 21.01
N GLN E 33 12.93 -3.03 21.70
CA GLN E 33 14.06 -2.13 21.99
C GLN E 33 15.32 -2.75 21.44
N ILE E 34 16.05 -1.99 20.63
CA ILE E 34 17.34 -2.46 20.13
C ILE E 34 18.23 -1.26 19.80
N GLU E 35 19.44 -1.19 20.38
CA GLU E 35 20.32 0.02 20.32
C GLU E 35 21.00 0.14 18.94
N VAL E 36 21.01 1.32 18.35
CA VAL E 36 21.66 1.58 17.06
C VAL E 36 22.50 2.85 17.12
N THR E 37 23.57 2.94 16.35
CA THR E 37 24.47 4.09 16.46
C THR E 37 23.69 5.37 16.53
N ASN E 38 22.66 5.47 15.70
CA ASN E 38 21.89 6.70 15.68
C ASN E 38 20.47 6.60 15.09
N ALA E 39 19.61 7.55 15.41
CA ALA E 39 18.28 7.58 14.83
C ALA E 39 17.70 8.97 14.88
N THR E 40 16.63 9.17 14.13
CA THR E 40 15.98 10.48 14.00
C THR E 40 14.54 10.28 14.46
N GLU E 41 13.76 11.35 14.66
CA GLU E 41 12.39 11.23 15.21
C GLU E 41 11.33 11.75 14.28
N LEU E 42 10.40 10.89 13.94
CA LEU E 42 9.39 11.24 12.99
C LEU E 42 8.11 11.83 13.59
N VAL E 43 7.97 11.94 14.91
CA VAL E 43 6.72 12.51 15.47
C VAL E 43 6.92 13.87 16.08
N GLN E 44 6.28 14.87 15.48
CA GLN E 44 6.26 16.20 16.02
C GLN E 44 5.45 16.15 17.28
N SER E 45 6.04 16.64 18.36
CA SER E 45 5.47 16.49 19.67
C SER E 45 5.35 17.79 20.44
N SER E 46 5.76 18.91 19.84
CA SER E 46 5.93 20.16 20.56
C SER E 46 5.52 21.37 19.77
N SER E 47 5.20 22.47 20.44
CA SER E 47 4.90 23.68 19.74
C SER E 47 5.45 24.92 20.34
N THR E 48 5.35 25.99 19.54
CA THR E 48 5.65 27.36 19.93
C THR E 48 4.79 27.85 21.05
N GLY E 49 3.49 27.68 20.83
CA GLY E 49 2.46 28.32 21.63
C GLY E 49 1.88 29.57 20.99
N LYS E 50 2.31 29.86 19.78
CA LYS E 50 1.92 31.08 19.15
C LYS E 50 1.50 30.77 17.75
N ILE E 51 0.38 31.37 17.33
CA ILE E 51 -0.15 31.24 15.95
C ILE E 51 0.48 32.30 15.04
N CYS E 52 1.36 31.86 14.14
CA CYS E 52 2.11 32.78 13.30
C CYS E 52 1.24 33.51 12.29
N ASN E 53 1.40 34.83 12.22
CA ASN E 53 0.54 35.71 11.43
C ASN E 53 0.65 35.46 9.95
N ASN E 54 1.68 34.71 9.55
CA ASN E 54 1.96 34.41 8.15
C ASN E 54 2.10 32.91 7.95
N PRO E 55 1.99 32.41 6.69
CA PRO E 55 1.61 33.07 5.46
C PRO E 55 0.09 33.14 5.28
N HIS E 56 -0.64 32.40 6.11
CA HIS E 56 -2.09 32.44 6.11
C HIS E 56 -2.62 33.74 6.72
N ARG E 57 -3.70 34.30 6.15
CA ARG E 57 -4.37 35.48 6.75
C ARG E 57 -5.17 35.17 8.00
N ILE E 58 -4.55 35.33 9.17
CA ILE E 58 -5.18 35.03 10.46
C ILE E 58 -6.02 36.23 10.82
N LEU E 59 -7.19 36.06 11.43
CA LEU E 59 -8.02 37.20 11.85
C LEU E 59 -8.55 36.97 13.26
N ASP E 60 -8.17 37.81 14.21
CA ASP E 60 -8.45 37.58 15.62
C ASP E 60 -9.83 38.08 16.02
N GLY E 61 -10.69 37.14 16.37
CA GLY E 61 -12.09 37.38 16.74
C GLY E 61 -12.25 38.21 18.00
N ILE E 62 -11.23 38.21 18.86
CA ILE E 62 -11.20 38.99 20.09
C ILE E 62 -12.53 38.80 20.82
N ASP E 63 -13.23 39.87 21.17
CA ASP E 63 -14.55 39.78 21.79
C ASP E 63 -15.71 39.27 20.90
N CYS E 64 -15.50 39.17 19.61
CA CYS E 64 -16.56 38.67 18.76
C CYS E 64 -16.41 37.21 18.40
N THR E 65 -17.54 36.65 17.96
CA THR E 65 -17.64 35.29 17.48
C THR E 65 -18.04 35.40 16.00
N LEU E 66 -17.92 34.35 15.19
CA LEU E 66 -18.11 34.53 13.74
C LEU E 66 -19.52 34.91 13.41
N ILE E 67 -20.49 34.29 14.06
CA ILE E 67 -21.90 34.61 13.78
C ILE E 67 -22.26 36.07 14.14
N ASP E 68 -21.84 36.52 15.32
CA ASP E 68 -22.07 37.90 15.77
C ASP E 68 -21.46 38.96 14.85
N ALA E 69 -20.40 38.63 14.12
CA ALA E 69 -19.82 39.59 13.20
C ALA E 69 -20.65 39.54 11.93
N LEU E 70 -21.14 38.34 11.60
CA LEU E 70 -22.05 38.19 10.47
C LEU E 70 -23.20 39.16 10.67
N LEU E 71 -23.96 38.93 11.74
CA LEU E 71 -25.19 39.69 12.04
C LEU E 71 -24.93 41.18 12.30
N GLY E 72 -23.84 41.49 12.98
CA GLY E 72 -23.50 42.87 13.20
C GLY E 72 -23.97 43.38 14.52
N ASP E 73 -23.93 42.50 15.51
CA ASP E 73 -23.85 42.88 16.91
C ASP E 73 -22.95 44.08 16.99
N PRO E 74 -23.39 45.12 17.67
CA PRO E 74 -22.75 46.39 17.43
C PRO E 74 -21.28 46.40 17.85
N HIS E 75 -20.94 45.77 18.97
CA HIS E 75 -19.51 45.74 19.31
C HIS E 75 -18.70 45.01 18.25
N CYS E 76 -19.36 44.31 17.34
CA CYS E 76 -18.68 43.60 16.27
C CYS E 76 -18.63 44.37 14.97
N ASP E 77 -18.91 45.66 15.01
CA ASP E 77 -18.91 46.45 13.78
C ASP E 77 -17.50 46.56 13.15
N VAL E 78 -16.46 46.42 13.95
CA VAL E 78 -15.08 46.61 13.48
C VAL E 78 -14.68 45.51 12.49
N PHE E 79 -15.41 44.39 12.50
CA PHE E 79 -15.25 43.34 11.48
C PHE E 79 -16.07 43.50 10.20
N GLN E 80 -16.58 44.71 9.92
CA GLN E 80 -17.43 44.86 8.75
C GLN E 80 -16.59 44.54 7.55
N ASN E 81 -17.10 43.71 6.66
CA ASN E 81 -16.37 43.34 5.44
C ASN E 81 -15.02 42.70 5.63
N GLU E 82 -14.73 42.15 6.79
CA GLU E 82 -13.44 41.50 6.95
C GLU E 82 -13.32 40.33 6.01
N THR E 83 -12.09 39.88 5.80
CA THR E 83 -11.78 38.67 5.04
C THR E 83 -10.71 37.94 5.81
N TRP E 84 -10.55 36.67 5.54
CA TRP E 84 -9.62 35.84 6.29
C TRP E 84 -9.41 34.48 5.66
N ASP E 85 -8.31 33.84 6.06
CA ASP E 85 -8.05 32.44 5.73
C ASP E 85 -8.37 31.56 6.94
N LEU E 86 -7.94 31.97 8.14
CA LEU E 86 -8.32 31.26 9.36
C LEU E 86 -8.92 32.24 10.32
N PHE E 87 -10.17 32.04 10.68
CA PHE E 87 -10.79 32.89 11.65
C PHE E 87 -10.57 32.26 13.01
N VAL E 88 -9.95 33.02 13.93
CA VAL E 88 -9.66 32.55 15.29
C VAL E 88 -10.72 32.95 16.33
N GLU E 89 -11.58 31.99 16.72
CA GLU E 89 -12.65 32.25 17.70
C GLU E 89 -12.09 32.14 19.11
N ARG E 90 -12.29 33.17 19.92
CA ARG E 90 -11.72 33.16 21.29
C ARG E 90 -12.72 32.94 22.41
N SER E 91 -12.26 32.31 23.48
CA SER E 91 -13.16 31.99 24.56
C SER E 91 -13.69 33.28 25.19
N LYS E 92 -12.87 34.32 25.25
CA LYS E 92 -13.32 35.58 25.86
C LYS E 92 -14.53 36.21 25.14
N ALA E 93 -14.96 35.62 24.02
CA ALA E 93 -16.00 36.20 23.18
C ALA E 93 -17.29 36.27 23.94
N PHE E 94 -18.04 37.33 23.78
CA PHE E 94 -19.44 37.29 24.15
C PHE E 94 -20.34 37.76 22.99
N SER E 95 -21.64 37.66 23.19
CA SER E 95 -22.57 38.46 22.42
C SER E 95 -23.05 39.53 23.39
N ASN E 96 -23.48 40.66 22.86
CA ASN E 96 -24.21 41.64 23.63
C ASN E 96 -25.26 42.31 22.77
N CYS E 97 -26.33 41.57 22.46
CA CYS E 97 -27.37 42.06 21.55
C CYS E 97 -28.60 41.17 21.68
N TYR E 98 -29.67 41.53 20.97
CA TYR E 98 -30.94 40.82 21.07
C TYR E 98 -30.70 39.34 21.26
N PRO E 99 -31.23 38.75 22.35
CA PRO E 99 -31.01 37.31 22.49
C PRO E 99 -31.54 36.60 21.28
N TYR E 100 -30.73 35.74 20.70
CA TYR E 100 -31.03 35.15 19.40
C TYR E 100 -30.74 33.65 19.40
N ASP E 101 -30.91 33.01 18.26
CA ASP E 101 -30.32 31.71 18.04
C ASP E 101 -30.47 31.26 16.62
N VAL E 102 -29.46 30.53 16.18
CA VAL E 102 -29.52 29.91 14.90
C VAL E 102 -29.84 28.44 15.15
N PRO E 103 -30.89 27.94 14.46
CA PRO E 103 -30.97 26.52 14.30
C PRO E 103 -30.03 26.16 13.14
N ASP E 104 -29.43 24.99 13.27
CA ASP E 104 -28.16 24.64 12.62
C ASP E 104 -27.18 25.82 12.66
N TYR E 105 -26.98 26.39 13.85
CA TYR E 105 -25.90 27.35 14.08
C TYR E 105 -24.65 26.71 13.50
N ALA E 106 -24.42 25.51 14.00
CA ALA E 106 -23.35 24.65 13.60
C ALA E 106 -22.93 24.91 12.17
N SER E 107 -23.87 24.76 11.25
CA SER E 107 -23.56 24.78 9.81
C SER E 107 -23.40 26.17 9.25
N LEU E 108 -24.21 27.09 9.74
CA LEU E 108 -24.15 28.47 9.26
C LEU E 108 -22.74 28.94 9.53
N ARG E 109 -22.21 28.51 10.68
CA ARG E 109 -20.88 28.89 11.11
C ARG E 109 -19.90 28.29 10.16
N SER E 110 -19.84 26.98 10.09
CA SER E 110 -18.98 26.34 9.09
C SER E 110 -19.12 27.04 7.72
N LEU E 111 -20.36 27.19 7.22
CA LEU E 111 -20.53 27.60 5.82
C LEU E 111 -20.11 29.04 5.56
N VAL E 112 -20.24 29.93 6.57
CA VAL E 112 -19.67 31.31 6.49
C VAL E 112 -18.15 31.24 6.55
N ALA E 113 -17.62 30.46 7.50
CA ALA E 113 -16.20 30.45 7.80
C ALA E 113 -15.46 30.19 6.55
N SER E 114 -16.06 29.38 5.68
CA SER E 114 -15.37 28.85 4.50
C SER E 114 -15.47 29.74 3.25
N SER E 115 -16.55 30.49 3.14
CA SER E 115 -16.60 31.73 2.32
C SER E 115 -15.31 32.54 2.52
N GLY E 116 -14.93 32.74 3.78
CA GLY E 116 -13.74 33.50 4.11
C GLY E 116 -13.93 34.99 3.89
N THR E 117 -15.17 35.45 4.01
CA THR E 117 -15.51 36.84 3.76
C THR E 117 -16.81 37.23 4.49
N LEU E 118 -16.87 38.47 4.96
CA LEU E 118 -18.13 39.06 5.46
C LEU E 118 -18.58 40.28 4.62
N GLU E 119 -18.11 40.28 3.37
CA GLU E 119 -18.33 41.36 2.47
C GLU E 119 -19.78 41.33 2.10
N PHE E 120 -20.43 42.49 2.17
CA PHE E 120 -21.88 42.59 2.21
C PHE E 120 -22.23 43.71 1.34
N ILE E 121 -23.17 43.46 0.44
CA ILE E 121 -23.69 44.48 -0.45
C ILE E 121 -25.07 44.76 0.04
N THR E 122 -25.45 46.04 0.14
CA THR E 122 -26.83 46.38 0.54
C THR E 122 -27.62 46.51 -0.72
N GLU E 123 -28.67 45.69 -0.81
CA GLU E 123 -29.73 45.84 -1.80
C GLU E 123 -30.77 46.77 -1.19
N GLY E 124 -31.62 47.31 -2.05
CA GLY E 124 -32.69 48.19 -1.60
C GLY E 124 -34.03 47.49 -1.68
N PHE E 125 -34.39 46.77 -0.64
CA PHE E 125 -35.72 46.26 -0.59
C PHE E 125 -36.64 47.47 -0.42
N THR E 126 -37.93 47.31 -0.70
CA THR E 126 -38.89 48.37 -0.42
C THR E 126 -40.01 47.82 0.45
N TRP E 127 -40.09 48.34 1.67
CA TRP E 127 -41.03 47.81 2.65
C TRP E 127 -42.21 48.77 2.89
N THR E 128 -43.23 48.79 2.04
CA THR E 128 -44.29 49.77 2.31
C THR E 128 -45.19 49.20 3.39
N GLY E 129 -45.72 50.11 4.21
CA GLY E 129 -46.78 49.84 5.18
C GLY E 129 -46.32 49.51 6.59
N VAL E 130 -45.01 49.62 6.81
CA VAL E 130 -44.37 49.08 8.02
C VAL E 130 -43.18 49.94 8.44
N THR E 131 -43.01 50.13 9.74
CA THR E 131 -42.00 51.04 10.23
C THR E 131 -40.63 50.35 10.26
N GLN E 132 -39.67 50.88 9.50
CA GLN E 132 -38.34 50.23 9.39
C GLN E 132 -37.39 50.65 10.52
N ASN E 133 -36.21 50.02 10.59
CA ASN E 133 -35.15 50.43 11.51
C ASN E 133 -35.54 50.50 12.98
N GLY E 134 -36.01 49.39 13.52
CA GLY E 134 -36.34 49.34 14.94
C GLY E 134 -35.09 49.06 15.74
N GLY E 135 -35.17 49.21 17.06
CA GLY E 135 -34.08 48.76 17.97
C GLY E 135 -34.39 48.81 19.46
N SER E 136 -34.20 47.69 20.16
CA SER E 136 -34.41 47.67 21.61
C SER E 136 -33.09 47.89 22.37
N ASN E 137 -33.24 48.10 23.68
CA ASN E 137 -32.11 48.31 24.60
C ASN E 137 -31.36 47.03 24.97
N ALA E 138 -31.74 45.89 24.40
CA ALA E 138 -30.91 44.69 24.52
C ALA E 138 -29.58 44.79 23.74
N CYS E 139 -29.56 45.69 22.75
CA CYS E 139 -28.50 45.77 21.76
C CYS E 139 -28.15 47.23 21.53
N LYS E 140 -27.71 47.89 22.59
CA LYS E 140 -27.49 49.32 22.55
C LYS E 140 -26.38 49.66 21.58
N ARG E 141 -26.52 50.83 20.97
CA ARG E 141 -25.63 51.33 19.94
C ARG E 141 -25.51 52.82 20.29
N GLY E 142 -24.42 53.09 21.00
CA GLY E 142 -24.24 54.38 21.63
C GLY E 142 -25.22 54.61 22.75
N PRO E 143 -25.79 55.83 22.79
CA PRO E 143 -26.41 56.22 24.05
C PRO E 143 -27.74 55.48 24.26
N GLY E 144 -28.59 55.46 23.24
CA GLY E 144 -29.85 54.74 23.27
C GLY E 144 -29.83 53.54 22.34
N SER E 145 -31.02 53.19 21.85
CA SER E 145 -31.32 51.85 21.33
C SER E 145 -30.84 51.56 19.91
N GLY E 146 -30.81 50.25 19.62
CA GLY E 146 -30.28 49.71 18.37
C GLY E 146 -30.39 48.21 18.23
N PHE E 147 -29.84 47.71 17.13
CA PHE E 147 -30.13 46.38 16.64
C PHE E 147 -28.88 45.78 16.03
N PHE E 148 -29.01 44.65 15.36
CA PHE E 148 -27.97 44.15 14.44
C PHE E 148 -27.84 45.01 13.19
N SER E 149 -26.60 45.15 12.70
CA SER E 149 -26.33 46.08 11.59
C SER E 149 -26.75 45.55 10.21
N ARG E 150 -26.96 44.26 10.12
CA ARG E 150 -27.25 43.68 8.84
C ARG E 150 -28.69 43.21 8.73
N LEU E 151 -29.47 43.45 9.78
CA LEU E 151 -30.88 43.11 9.81
C LEU E 151 -31.69 44.38 10.04
N ASN E 152 -33.01 44.27 9.87
CA ASN E 152 -33.93 45.41 9.83
C ASN E 152 -35.21 45.06 10.53
N TRP E 153 -35.47 45.72 11.64
CA TRP E 153 -36.60 45.33 12.47
C TRP E 153 -37.92 46.00 12.07
N LEU E 154 -38.65 45.37 11.17
CA LEU E 154 -39.93 45.93 10.73
C LEU E 154 -40.94 45.86 11.89
N THR E 155 -41.67 46.95 12.12
CA THR E 155 -42.80 46.95 13.06
C THR E 155 -43.99 47.53 12.31
N LYS E 156 -45.17 47.54 12.94
CA LYS E 156 -46.39 48.08 12.30
C LYS E 156 -46.29 49.57 12.00
N SER E 157 -47.33 50.11 11.40
CA SER E 157 -47.41 51.56 11.21
C SER E 157 -48.82 52.00 10.86
N GLY E 158 -49.19 53.17 11.35
CA GLY E 158 -50.60 53.49 11.52
C GLY E 158 -51.00 52.55 12.62
N SER E 159 -51.94 51.65 12.31
CA SER E 159 -52.08 50.40 13.08
C SER E 159 -52.61 49.32 12.16
N THR E 160 -51.83 49.10 11.11
CA THR E 160 -51.81 47.86 10.35
C THR E 160 -50.37 47.45 10.02
N TYR E 161 -50.14 46.13 10.03
CA TYR E 161 -48.99 45.49 9.42
C TYR E 161 -49.66 44.74 8.29
N PRO E 162 -49.30 45.04 7.02
CA PRO E 162 -49.91 44.36 5.88
C PRO E 162 -49.14 43.14 5.51
N VAL E 163 -49.66 42.41 4.54
CA VAL E 163 -48.90 41.31 4.01
C VAL E 163 -47.83 41.94 3.15
N LEU E 164 -46.58 41.57 3.43
CA LEU E 164 -45.42 42.06 2.70
C LEU E 164 -45.13 41.02 1.66
N ASN E 165 -44.72 41.46 0.48
CA ASN E 165 -44.44 40.52 -0.60
C ASN E 165 -43.39 41.06 -1.57
N VAL E 166 -42.15 41.21 -1.08
CA VAL E 166 -41.04 41.69 -1.94
C VAL E 166 -40.22 40.58 -2.63
N THR E 167 -39.77 40.91 -3.83
CA THR E 167 -38.94 40.04 -4.60
C THR E 167 -37.63 40.72 -4.93
N MET E 168 -36.56 39.93 -4.97
CA MET E 168 -35.22 40.43 -5.30
C MET E 168 -34.47 39.43 -6.12
N PRO E 169 -34.34 39.68 -7.43
CA PRO E 169 -33.72 38.73 -8.33
C PRO E 169 -32.25 38.58 -8.01
N ASN E 170 -31.54 37.92 -8.91
CA ASN E 170 -30.11 37.84 -8.85
C ASN E 170 -29.71 37.88 -10.29
N ASN E 171 -29.27 39.02 -10.76
CA ASN E 171 -28.78 39.12 -12.12
C ASN E 171 -27.26 39.07 -12.15
N ASP E 172 -26.65 39.40 -11.02
CA ASP E 172 -25.22 39.15 -10.78
C ASP E 172 -24.91 37.69 -11.10
N ASN E 173 -23.65 37.34 -11.32
CA ASN E 173 -23.30 35.94 -11.63
C ASN E 173 -22.47 35.18 -10.56
N PHE E 174 -22.66 35.57 -9.30
CA PHE E 174 -22.14 34.84 -8.12
C PHE E 174 -23.28 34.44 -7.18
N ASP E 175 -22.97 33.77 -6.10
CA ASP E 175 -24.08 33.33 -5.29
C ASP E 175 -24.31 34.27 -4.14
N LYS E 176 -25.58 34.53 -3.83
CA LYS E 176 -25.91 35.42 -2.73
C LYS E 176 -26.35 34.65 -1.50
N LEU E 177 -25.95 35.10 -0.33
CA LEU E 177 -26.33 34.47 0.94
C LEU E 177 -27.14 35.47 1.70
N TYR E 178 -28.45 35.24 1.82
CA TYR E 178 -29.31 36.18 2.55
C TYR E 178 -29.44 35.75 3.98
N ILE E 179 -29.20 36.64 4.94
CA ILE E 179 -29.42 36.28 6.34
C ILE E 179 -30.64 37.04 6.78
N TRP E 180 -31.64 36.27 7.24
CA TRP E 180 -32.92 36.78 7.71
C TRP E 180 -33.42 36.09 8.99
N GLY E 181 -34.57 36.50 9.53
CA GLY E 181 -35.10 35.88 10.75
C GLY E 181 -36.48 36.32 11.23
N ILE E 182 -37.12 35.47 12.04
CA ILE E 182 -38.46 35.71 12.58
C ILE E 182 -38.30 36.03 14.05
N HIS E 183 -39.21 36.83 14.57
CA HIS E 183 -39.18 37.30 15.98
C HIS E 183 -40.21 36.52 16.80
N HIS E 184 -39.80 36.04 17.97
CA HIS E 184 -40.65 35.21 18.83
C HIS E 184 -41.04 35.99 20.10
N PRO E 185 -42.18 36.71 20.09
CA PRO E 185 -42.52 37.57 21.23
C PRO E 185 -42.84 36.80 22.51
N SER E 186 -42.99 37.51 23.64
CA SER E 186 -43.11 36.90 24.99
C SER E 186 -44.53 36.76 25.50
N THR E 187 -45.27 37.85 25.41
CA THR E 187 -46.68 37.85 25.70
C THR E 187 -47.41 37.80 24.37
N ASN E 188 -48.73 37.56 24.42
CA ASN E 188 -49.64 37.78 23.27
C ASN E 188 -49.84 39.26 23.10
N GLN E 189 -49.93 39.93 24.24
CA GLN E 189 -49.98 41.39 24.29
C GLN E 189 -48.93 41.99 23.35
N GLU E 190 -47.71 41.46 23.43
CA GLU E 190 -46.59 41.98 22.68
C GLU E 190 -46.69 41.73 21.17
N GLN E 191 -46.93 40.47 20.82
CA GLN E 191 -47.09 40.07 19.43
C GLN E 191 -47.93 41.09 18.70
N THR E 192 -49.03 41.52 19.31
CA THR E 192 -50.02 42.35 18.63
C THR E 192 -49.81 43.86 18.76
N SER E 193 -49.02 44.27 19.76
CA SER E 193 -48.53 45.65 19.82
C SER E 193 -47.66 45.89 18.59
N LEU E 194 -46.73 44.95 18.39
CA LEU E 194 -45.76 44.97 17.29
C LEU E 194 -46.32 44.79 15.89
N TYR E 195 -46.95 43.65 15.66
CA TYR E 195 -47.23 43.21 14.31
C TYR E 195 -48.73 43.13 14.02
N VAL E 196 -49.54 43.69 14.94
CA VAL E 196 -50.99 43.83 14.76
C VAL E 196 -51.73 42.50 14.62
N GLN E 197 -51.18 41.60 13.81
CA GLN E 197 -51.79 40.30 13.57
C GLN E 197 -51.74 39.35 14.76
N ALA E 198 -52.90 38.73 14.98
CA ALA E 198 -53.14 37.61 15.89
C ALA E 198 -51.85 36.84 16.12
N SER E 199 -51.35 36.24 15.05
CA SER E 199 -49.98 35.77 14.99
C SER E 199 -49.53 35.65 13.52
N GLY E 200 -48.24 35.94 13.33
CA GLY E 200 -47.68 36.11 12.00
C GLY E 200 -47.08 34.87 11.34
N ARG E 201 -46.18 35.14 10.40
CA ARG E 201 -45.65 34.17 9.47
C ARG E 201 -44.56 34.81 8.60
N VAL E 202 -43.50 34.04 8.33
CA VAL E 202 -42.51 34.41 7.34
C VAL E 202 -42.26 33.25 6.34
N THR E 203 -42.20 33.60 5.04
CA THR E 203 -41.93 32.64 3.96
C THR E 203 -40.79 33.21 3.07
N VAL E 204 -39.65 32.52 3.02
CA VAL E 204 -38.52 32.93 2.20
C VAL E 204 -38.37 31.86 1.15
N SER E 205 -38.66 32.16 -0.12
CA SER E 205 -38.67 31.15 -1.19
C SER E 205 -37.74 31.43 -2.37
N THR E 206 -37.33 30.38 -3.08
CA THR E 206 -36.68 30.55 -4.35
C THR E 206 -37.42 29.65 -5.33
N ARG E 207 -36.96 29.59 -6.57
CA ARG E 207 -37.59 28.73 -7.57
C ARG E 207 -37.44 27.26 -7.08
N ARG E 208 -36.27 26.97 -6.53
CA ARG E 208 -35.84 25.63 -6.14
C ARG E 208 -36.30 25.24 -4.70
N SER E 209 -36.01 26.09 -3.73
CA SER E 209 -36.16 25.82 -2.28
C SER E 209 -37.29 26.67 -1.66
N GLN E 210 -37.34 26.76 -0.32
CA GLN E 210 -38.44 27.43 0.39
C GLN E 210 -38.43 27.11 1.87
N GLN E 211 -38.51 28.11 2.74
CA GLN E 211 -38.81 27.88 4.14
C GLN E 211 -39.93 28.76 4.62
N THR E 212 -40.80 28.20 5.46
CA THR E 212 -41.78 29.01 6.15
C THR E 212 -41.72 28.70 7.62
N ILE E 213 -41.41 29.73 8.41
CA ILE E 213 -41.31 29.63 9.84
C ILE E 213 -42.47 30.39 10.41
N ILE E 214 -42.85 30.03 11.64
CA ILE E 214 -43.89 30.72 12.37
C ILE E 214 -43.44 31.01 13.80
N PRO E 215 -43.88 32.15 14.35
CA PRO E 215 -43.41 32.52 15.67
C PRO E 215 -44.02 31.62 16.73
N ASN E 216 -43.44 31.62 17.93
CA ASN E 216 -44.10 31.02 19.08
C ASN E 216 -44.13 32.03 20.21
N ILE E 217 -45.32 32.46 20.57
CA ILE E 217 -45.45 33.42 21.63
C ILE E 217 -45.07 32.67 22.90
N GLY E 218 -44.61 33.41 23.93
CA GLY E 218 -44.31 32.83 25.26
C GLY E 218 -43.00 33.29 25.89
N SER E 219 -42.96 33.32 27.22
CA SER E 219 -41.78 33.80 27.93
C SER E 219 -40.66 32.77 27.97
N ARG E 220 -39.48 33.20 27.56
CA ARG E 220 -38.24 32.44 27.76
C ARG E 220 -37.50 33.04 28.98
N PRO E 221 -36.20 32.67 29.19
CA PRO E 221 -35.52 33.31 30.30
C PRO E 221 -34.92 34.67 29.91
N TRP E 222 -34.83 35.51 30.94
CA TRP E 222 -34.47 36.92 30.82
C TRP E 222 -33.06 37.00 30.35
N VAL E 223 -32.83 37.85 29.36
CA VAL E 223 -31.49 38.07 28.86
C VAL E 223 -31.41 39.47 28.26
N ARG E 224 -30.60 40.32 28.89
CA ARG E 224 -30.42 41.71 28.47
C ARG E 224 -31.77 42.44 28.48
N GLY E 225 -32.53 42.21 29.54
CA GLY E 225 -33.77 42.93 29.71
C GLY E 225 -34.93 42.15 29.18
N LEU E 226 -34.75 41.50 28.04
CA LEU E 226 -35.85 40.86 27.34
C LEU E 226 -35.99 39.37 27.63
N SER E 227 -37.21 38.86 27.46
CA SER E 227 -37.46 37.43 27.41
C SER E 227 -38.14 37.07 26.07
N SER E 228 -37.89 37.89 25.06
CA SER E 228 -38.29 37.60 23.70
C SER E 228 -37.10 36.95 23.06
N ARG E 229 -37.23 36.51 21.83
CA ARG E 229 -36.11 35.99 21.11
C ARG E 229 -36.25 36.31 19.63
N ILE E 230 -35.13 36.22 18.91
CA ILE E 230 -35.16 36.16 17.46
C ILE E 230 -34.54 34.83 17.06
N SER E 231 -35.08 34.22 16.00
CA SER E 231 -34.54 32.97 15.46
C SER E 231 -34.01 33.24 14.03
N ILE E 232 -32.76 32.84 13.74
CA ILE E 232 -32.04 33.27 12.52
C ILE E 232 -31.99 32.24 11.44
N TYR E 233 -32.36 32.59 10.22
CA TYR E 233 -32.41 31.61 9.14
C TYR E 233 -31.53 32.11 8.00
N TRP E 234 -31.16 31.21 7.10
CA TRP E 234 -30.48 31.64 5.90
C TRP E 234 -31.06 31.01 4.67
N THR E 235 -30.66 31.53 3.54
CA THR E 235 -31.19 31.14 2.28
C THR E 235 -30.13 31.59 1.32
N ILE E 236 -29.72 30.73 0.41
CA ILE E 236 -28.74 31.10 -0.61
C ILE E 236 -29.48 31.39 -1.90
N VAL E 237 -29.14 32.45 -2.63
CA VAL E 237 -29.77 32.64 -3.96
C VAL E 237 -28.71 32.39 -5.03
N LYS E 238 -29.05 31.49 -5.93
CA LYS E 238 -28.18 31.06 -7.02
C LYS E 238 -28.26 32.09 -8.14
N PRO E 239 -27.28 32.08 -9.06
CA PRO E 239 -27.29 33.10 -10.07
C PRO E 239 -28.32 32.75 -11.14
N GLY E 240 -29.31 33.61 -11.33
CA GLY E 240 -30.42 33.29 -12.20
C GLY E 240 -31.65 32.94 -11.43
N ASP E 241 -31.49 32.59 -10.13
CA ASP E 241 -32.63 32.30 -9.22
C ASP E 241 -33.24 33.65 -8.78
N VAL E 242 -34.09 33.65 -7.77
CA VAL E 242 -34.72 34.85 -7.32
C VAL E 242 -35.15 34.64 -5.87
N LEU E 243 -34.87 35.59 -5.00
CA LEU E 243 -35.46 35.63 -3.64
C LEU E 243 -36.84 36.31 -3.72
N VAL E 244 -37.81 35.75 -2.98
CA VAL E 244 -39.12 36.38 -2.71
C VAL E 244 -39.60 36.22 -1.24
N ILE E 245 -39.42 37.29 -0.45
CA ILE E 245 -39.78 37.34 0.99
C ILE E 245 -41.25 37.76 1.13
N ASN E 246 -41.97 37.07 2.03
CA ASN E 246 -43.42 37.23 2.19
C ASN E 246 -43.84 37.01 3.62
N SER E 247 -44.36 38.05 4.23
CA SER E 247 -44.78 37.91 5.61
C SER E 247 -45.90 38.84 5.95
N ASN E 248 -46.64 38.47 7.00
CA ASN E 248 -47.65 39.33 7.63
C ASN E 248 -47.43 39.55 9.13
N GLY E 249 -46.16 39.70 9.54
CA GLY E 249 -45.79 40.00 10.92
C GLY E 249 -44.56 39.22 11.31
N ASN E 250 -43.74 39.79 12.19
CA ASN E 250 -42.65 39.07 12.87
C ASN E 250 -41.42 38.79 12.00
N LEU E 251 -41.25 39.57 10.93
CA LEU E 251 -40.12 39.34 10.02
C LEU E 251 -38.99 40.17 10.53
N ILE E 252 -37.78 39.58 10.51
CA ILE E 252 -36.54 40.35 10.64
C ILE E 252 -35.87 40.29 9.28
N ALA E 253 -36.26 41.26 8.44
CA ALA E 253 -35.77 41.44 7.08
C ALA E 253 -34.26 41.47 7.00
N PRO E 254 -33.70 41.03 5.88
CA PRO E 254 -32.32 41.24 5.57
C PRO E 254 -32.19 42.59 4.92
N ARG E 255 -30.97 43.05 4.73
CA ARG E 255 -30.78 44.34 4.08
C ARG E 255 -30.12 44.19 2.77
N GLY E 256 -29.51 43.03 2.53
CA GLY E 256 -28.80 42.78 1.29
C GLY E 256 -28.27 41.37 1.30
N TYR E 257 -27.11 41.16 0.67
CA TYR E 257 -26.51 39.80 0.63
C TYR E 257 -25.04 39.76 0.84
N PHE E 258 -24.55 38.72 1.50
CA PHE E 258 -23.12 38.52 1.54
C PHE E 258 -22.67 37.77 0.29
N LYS E 259 -21.46 38.08 -0.20
CA LYS E 259 -20.88 37.33 -1.31
C LYS E 259 -20.39 36.04 -0.77
N MET E 260 -20.27 35.10 -1.69
CA MET E 260 -19.98 33.70 -1.38
C MET E 260 -18.79 33.23 -2.22
N ARG E 261 -17.59 33.56 -1.75
CA ARG E 261 -16.39 32.90 -2.25
C ARG E 261 -16.40 31.51 -1.64
N THR E 262 -15.59 30.62 -2.21
CA THR E 262 -15.43 29.29 -1.65
C THR E 262 -14.06 28.76 -2.03
N GLY E 263 -13.33 28.40 -0.98
CA GLY E 263 -11.90 28.20 -1.01
C GLY E 263 -11.47 27.70 0.33
N LYS E 264 -10.14 27.71 0.56
CA LYS E 264 -9.52 26.96 1.67
C LYS E 264 -9.67 27.64 3.08
N SER E 265 -10.68 28.53 3.23
CA SER E 265 -10.88 29.33 4.47
C SER E 265 -11.63 28.55 5.52
N SER E 266 -11.51 28.97 6.76
CA SER E 266 -11.94 28.13 7.84
C SER E 266 -11.83 28.81 9.17
N ILE E 267 -12.19 28.12 10.24
CA ILE E 267 -12.18 28.73 11.57
C ILE E 267 -11.52 27.77 12.61
N MET E 268 -10.90 28.32 13.63
CA MET E 268 -10.29 27.51 14.67
C MET E 268 -10.68 28.15 15.96
N ARG E 269 -10.71 27.38 17.04
CA ARG E 269 -11.01 27.93 18.35
C ARG E 269 -9.74 27.84 19.12
N SER E 270 -8.98 28.92 19.18
CA SER E 270 -7.77 28.92 20.01
C SER E 270 -7.87 29.90 21.17
N ASP E 271 -6.82 29.91 21.97
CA ASP E 271 -6.61 30.96 22.90
C ASP E 271 -5.17 31.45 22.86
N ALA E 272 -4.41 31.02 21.85
CA ALA E 272 -3.01 31.34 21.82
C ALA E 272 -2.77 32.62 21.05
N PRO E 273 -1.85 33.45 21.54
CA PRO E 273 -1.56 34.72 20.92
C PRO E 273 -0.96 34.58 19.56
N ILE E 274 -1.40 35.48 18.69
CA ILE E 274 -0.92 35.53 17.33
C ILE E 274 0.39 36.27 17.38
N ASP E 275 1.38 35.76 16.67
CA ASP E 275 2.69 36.37 16.63
C ASP E 275 3.13 36.54 15.17
N THR E 276 4.15 37.36 14.94
CA THR E 276 4.77 37.49 13.62
C THR E 276 5.83 36.40 13.35
N CYS E 277 5.74 35.77 12.18
CA CYS E 277 6.60 34.65 11.74
C CYS E 277 5.87 33.86 10.66
N ILE E 278 6.60 33.06 9.91
CA ILE E 278 5.95 32.20 8.94
C ILE E 278 5.74 30.89 9.64
N SER E 279 4.67 30.21 9.29
CA SER E 279 4.40 28.87 9.76
C SER E 279 3.22 28.30 9.02
N GLU E 280 3.44 27.23 8.28
CA GLU E 280 2.45 26.75 7.31
C GLU E 280 1.40 25.92 7.98
N CYS E 281 1.70 25.41 9.18
CA CYS E 281 0.76 24.57 9.90
C CYS E 281 0.34 25.20 11.23
N ILE E 282 -0.95 25.09 11.54
CA ILE E 282 -1.47 25.68 12.76
C ILE E 282 -2.22 24.68 13.58
N THR E 283 -1.97 24.68 14.87
CA THR E 283 -2.83 23.99 15.80
C THR E 283 -3.15 24.97 16.89
N PRO E 284 -4.31 24.86 17.50
CA PRO E 284 -4.77 25.81 18.51
C PRO E 284 -3.81 25.96 19.68
N ASN E 285 -2.96 24.97 19.85
CA ASN E 285 -1.91 25.03 20.85
C ASN E 285 -0.83 25.99 20.47
N GLY E 286 -0.70 26.27 19.17
CA GLY E 286 0.30 27.20 18.62
C GLY E 286 0.73 26.65 17.29
N SER E 287 1.33 27.43 16.41
CA SER E 287 1.70 26.84 15.13
C SER E 287 2.82 25.83 15.38
N ILE E 288 2.87 24.80 14.54
CA ILE E 288 3.92 23.80 14.58
C ILE E 288 4.51 23.59 13.20
N PRO E 289 5.72 23.04 13.15
CA PRO E 289 6.42 22.70 11.92
C PRO E 289 5.99 21.42 11.21
N ASN E 290 5.79 21.54 9.91
CA ASN E 290 5.33 20.45 9.11
C ASN E 290 6.44 19.77 8.38
N ASP E 291 7.60 19.66 9.02
CA ASP E 291 8.72 18.98 8.39
C ASP E 291 8.69 17.49 8.73
N LYS E 292 8.10 17.16 9.86
CA LYS E 292 8.01 15.78 10.24
C LYS E 292 6.76 15.25 9.51
N PRO E 293 6.58 13.92 9.53
CA PRO E 293 5.40 13.29 8.94
C PRO E 293 4.28 13.02 9.90
N PHE E 294 4.49 13.29 11.16
CA PHE E 294 3.47 12.93 12.13
C PHE E 294 3.49 13.87 13.32
N GLN E 295 2.32 14.27 13.76
CA GLN E 295 2.24 15.18 14.86
C GLN E 295 1.40 14.56 15.97
N ASN E 296 1.74 14.92 17.20
CA ASN E 296 0.98 14.50 18.37
C ASN E 296 0.71 15.72 19.22
N VAL E 297 0.27 16.79 18.56
CA VAL E 297 0.00 18.05 19.23
C VAL E 297 -1.47 18.30 19.30
N ASN E 298 -2.15 18.18 18.16
CA ASN E 298 -3.61 18.30 18.16
C ASN E 298 -4.30 17.78 16.92
N LYS E 299 -5.30 16.95 17.14
CA LYS E 299 -6.05 16.39 16.05
C LYS E 299 -6.61 17.53 15.22
N ILE E 300 -6.87 18.67 15.85
CA ILE E 300 -7.49 19.79 15.17
C ILE E 300 -6.44 20.58 14.46
N THR E 301 -6.20 20.39 13.16
CA THR E 301 -5.17 21.22 12.48
C THR E 301 -5.73 22.21 11.46
N TYR E 302 -4.84 23.07 11.00
CA TYR E 302 -5.11 23.89 9.87
C TYR E 302 -3.77 24.26 9.26
N GLY E 303 -3.71 24.06 7.95
CA GLY E 303 -2.48 24.22 7.20
C GLY E 303 -2.19 22.87 6.62
N ALA E 304 -1.16 22.79 5.79
CA ALA E 304 -0.68 21.50 5.35
C ALA E 304 0.20 20.94 6.46
N CYS E 305 -0.39 20.09 7.31
CA CYS E 305 0.20 19.61 8.58
C CYS E 305 0.42 18.13 8.59
N PRO E 306 1.38 17.65 9.37
CA PRO E 306 1.44 16.23 9.43
C PRO E 306 0.23 15.54 10.06
N LYS E 307 0.23 14.23 9.89
CA LYS E 307 -0.90 13.40 10.22
C LYS E 307 -0.78 13.14 11.71
N TYR E 308 -1.88 13.33 12.42
CA TYR E 308 -1.94 13.01 13.85
C TYR E 308 -1.77 11.54 14.15
N VAL E 309 -1.03 11.23 15.20
CA VAL E 309 -1.02 9.90 15.71
C VAL E 309 -1.03 9.93 17.20
N LYS E 310 -1.22 8.75 17.77
CA LYS E 310 -1.42 8.60 19.17
C LYS E 310 -0.09 8.62 19.88
N GLN E 311 0.91 7.98 19.25
CA GLN E 311 2.27 7.85 19.83
C GLN E 311 2.87 9.23 20.01
N ASN E 312 3.84 9.34 20.92
CA ASN E 312 4.52 10.62 21.10
C ASN E 312 5.97 10.63 20.69
N THR E 313 6.57 9.47 20.46
CA THR E 313 7.90 9.41 19.88
C THR E 313 8.00 8.21 18.99
N LEU E 314 8.48 8.38 17.76
CA LEU E 314 8.75 7.24 16.85
C LEU E 314 10.07 7.44 16.20
N LYS E 315 11.06 6.56 16.45
CA LYS E 315 12.43 6.77 15.93
C LYS E 315 12.84 5.86 14.80
N LEU E 316 13.32 6.49 13.72
CA LEU E 316 13.74 5.86 12.48
C LEU E 316 15.26 5.81 12.47
N ALA E 317 15.83 4.60 12.39
CA ALA E 317 17.30 4.41 12.57
C ALA E 317 17.98 5.07 11.42
N THR E 318 19.13 5.69 11.67
CA THR E 318 19.93 6.28 10.60
C THR E 318 21.32 5.75 10.68
N GLY E 319 21.44 4.50 11.08
CA GLY E 319 22.77 3.88 11.23
C GLY E 319 22.66 2.42 11.64
N MET E 320 23.80 1.75 11.71
CA MET E 320 23.80 0.31 11.97
C MET E 320 23.54 0.01 13.44
N ARG E 321 23.54 -1.27 13.79
CA ARG E 321 23.31 -1.68 15.17
C ARG E 321 24.57 -1.32 15.95
N ASN E 322 24.41 -0.80 17.15
CA ASN E 322 25.57 -0.39 17.92
C ASN E 322 26.00 -1.52 18.85
N VAL E 323 27.12 -2.16 18.52
CA VAL E 323 27.65 -3.24 19.35
C VAL E 323 29.02 -2.86 19.91
N PRO E 324 29.06 -2.23 21.11
CA PRO E 324 30.31 -1.73 21.66
C PRO E 324 31.01 -2.84 22.43
N GLU E 325 32.32 -2.75 22.58
CA GLU E 325 32.96 -3.63 23.54
C GLU E 325 32.38 -3.23 24.88
N LYS E 326 31.98 -4.22 25.68
CA LYS E 326 31.10 -4.03 26.89
C LYS E 326 30.06 -2.88 26.70
N GLY F 1 22.36 -9.12 12.35
CA GLY F 1 21.10 -9.24 11.54
C GLY F 1 20.98 -10.51 10.70
N LEU F 2 20.30 -10.42 9.55
CA LEU F 2 20.15 -11.57 8.67
C LEU F 2 21.48 -12.20 8.25
N PHE F 3 22.41 -11.33 7.85
CA PHE F 3 23.70 -11.73 7.26
C PHE F 3 24.71 -12.10 8.34
N GLY F 4 24.45 -11.67 9.59
CA GLY F 4 25.18 -12.12 10.76
C GLY F 4 26.67 -11.83 10.72
N ALA F 5 27.01 -10.66 10.19
CA ALA F 5 28.33 -10.10 10.41
C ALA F 5 28.29 -9.22 11.70
N ILE F 6 27.51 -8.14 11.68
CA ILE F 6 27.44 -7.21 12.82
C ILE F 6 26.63 -7.90 13.89
N ALA F 7 27.08 -7.73 15.13
CA ALA F 7 26.51 -8.46 16.27
C ALA F 7 26.56 -9.96 16.06
N GLY F 8 27.49 -10.41 15.21
CA GLY F 8 27.57 -11.81 14.79
C GLY F 8 29.03 -12.15 14.77
N PHE F 9 29.48 -12.87 13.74
CA PHE F 9 30.88 -13.32 13.66
C PHE F 9 31.94 -12.25 13.85
N ILE F 10 31.55 -10.97 13.74
CA ILE F 10 32.40 -9.84 14.14
C ILE F 10 32.04 -9.42 15.57
N GLU F 11 32.87 -9.87 16.54
CA GLU F 11 32.59 -9.87 17.99
C GLU F 11 31.83 -8.62 18.36
N ASN F 12 32.50 -7.48 18.24
CA ASN F 12 31.83 -6.20 18.41
C ASN F 12 32.45 -5.12 17.54
N GLY F 13 32.10 -3.88 17.81
CA GLY F 13 32.40 -2.81 16.90
C GLY F 13 33.37 -1.82 17.47
N TRP F 14 34.02 -1.08 16.57
CA TRP F 14 35.11 -0.15 16.87
C TRP F 14 34.61 1.26 17.22
N GLU F 15 34.60 1.55 18.52
CA GLU F 15 34.16 2.83 19.09
C GLU F 15 35.18 3.92 18.81
N GLY F 16 36.34 3.53 18.27
CA GLY F 16 37.42 4.46 17.94
C GLY F 16 37.74 4.49 16.47
N MET F 17 36.75 4.18 15.64
CA MET F 17 36.83 4.53 14.24
C MET F 17 35.90 5.73 14.00
N ILE F 18 36.49 6.88 13.71
CA ILE F 18 35.77 8.14 13.70
C ILE F 18 35.89 8.86 12.35
N ASP F 19 36.15 8.12 11.27
CA ASP F 19 36.17 8.73 9.93
C ASP F 19 35.37 7.87 8.94
N GLY F 20 34.55 6.98 9.46
CA GLY F 20 33.85 6.04 8.61
C GLY F 20 33.13 4.99 9.40
N TRP F 21 32.34 4.17 8.70
CA TRP F 21 31.45 3.20 9.33
C TRP F 21 31.95 1.76 9.22
N TYR F 22 32.85 1.51 8.27
CA TYR F 22 33.44 0.19 8.06
C TYR F 22 34.91 0.37 7.69
N GLY F 23 35.75 -0.58 8.06
CA GLY F 23 37.18 -0.43 7.79
C GLY F 23 38.11 -1.55 8.23
N PHE F 24 39.41 -1.26 8.19
CA PHE F 24 40.41 -2.25 8.49
C PHE F 24 41.32 -1.87 9.66
N ARG F 25 41.83 -2.89 10.36
CA ARG F 25 42.85 -2.73 11.40
C ARG F 25 43.98 -3.78 11.16
N HIS F 26 45.22 -3.32 10.99
CA HIS F 26 46.33 -4.25 10.69
C HIS F 26 47.28 -4.44 11.85
N GLN F 27 48.02 -5.54 11.78
CA GLN F 27 49.26 -5.74 12.54
C GLN F 27 50.28 -6.41 11.60
N ASN F 28 51.33 -5.65 11.27
CA ASN F 28 52.35 -6.06 10.31
C ASN F 28 53.74 -5.83 10.84
N SER F 29 54.75 -6.22 10.07
CA SER F 29 56.12 -6.01 10.49
C SER F 29 56.40 -4.57 10.91
N GLU F 30 55.78 -3.60 10.26
CA GLU F 30 55.99 -2.20 10.61
C GLU F 30 55.17 -1.63 11.80
N GLY F 31 54.23 -2.39 12.37
CA GLY F 31 53.53 -1.92 13.58
C GLY F 31 52.04 -2.20 13.65
N THR F 32 51.24 -1.14 13.81
CA THR F 32 49.78 -1.27 14.06
C THR F 32 49.03 0.02 13.72
N GLY F 33 48.09 -0.06 12.78
CA GLY F 33 47.31 1.11 12.36
C GLY F 33 45.93 0.75 11.81
N GLN F 34 45.20 1.76 11.35
CA GLN F 34 43.79 1.58 10.96
C GLN F 34 43.36 2.55 9.86
N ALA F 35 42.41 2.17 9.00
CA ALA F 35 41.84 3.08 8.00
C ALA F 35 40.39 2.76 7.74
N ALA F 36 39.58 3.78 7.42
CA ALA F 36 38.21 3.53 7.00
C ALA F 36 38.23 3.05 5.54
N ASP F 37 37.24 2.22 5.16
CA ASP F 37 36.97 1.89 3.73
C ASP F 37 35.82 2.77 3.33
N LEU F 38 36.04 3.62 2.34
CA LEU F 38 35.10 4.69 2.10
C LEU F 38 33.94 4.20 1.27
N LYS F 39 34.24 3.60 0.11
CA LYS F 39 33.22 3.12 -0.83
C LYS F 39 31.98 2.53 -0.09
N SER F 40 32.24 1.67 0.89
CA SER F 40 31.17 1.00 1.60
C SER F 40 30.51 1.90 2.63
N THR F 41 31.27 2.74 3.30
CA THR F 41 30.70 3.72 4.21
C THR F 41 29.82 4.73 3.47
N GLN F 42 30.04 4.88 2.16
CA GLN F 42 29.19 5.73 1.33
C GLN F 42 27.92 4.99 0.96
N ALA F 43 28.04 3.79 0.39
CA ALA F 43 26.83 3.12 -0.07
C ALA F 43 25.87 2.75 1.06
N ALA F 44 26.37 2.56 2.27
CA ALA F 44 25.48 2.35 3.44
C ALA F 44 24.79 3.62 3.86
N ILE F 45 25.49 4.75 3.80
CA ILE F 45 24.87 6.04 4.10
C ILE F 45 23.97 6.53 2.97
N ASP F 46 24.21 6.07 1.75
CA ASP F 46 23.45 6.55 0.62
C ASP F 46 22.06 5.94 0.52
N GLN F 47 21.84 4.77 1.13
CA GLN F 47 20.50 4.13 1.10
C GLN F 47 19.68 4.70 2.19
N ILE F 48 20.29 4.80 3.35
CA ILE F 48 19.67 5.44 4.48
C ILE F 48 19.21 6.84 4.10
N ASN F 49 19.99 7.54 3.29
CA ASN F 49 19.61 8.86 2.80
C ASN F 49 18.33 8.71 2.04
N GLY F 50 18.34 7.93 0.97
CA GLY F 50 17.13 7.77 0.17
C GLY F 50 15.92 7.36 0.99
N LYS F 51 16.14 6.38 1.85
CA LYS F 51 15.12 5.82 2.70
C LYS F 51 14.48 6.93 3.51
N LEU F 52 15.30 7.66 4.25
CA LEU F 52 14.79 8.79 5.01
C LEU F 52 14.03 9.69 4.07
N ASN F 53 14.70 10.16 3.05
CA ASN F 53 14.03 11.05 2.18
C ASN F 53 12.73 10.49 1.75
N ARG F 54 12.68 9.20 1.41
CA ARG F 54 11.39 8.59 1.01
C ARG F 54 10.31 8.66 2.09
N VAL F 55 10.63 8.22 3.31
CA VAL F 55 9.70 8.33 4.44
C VAL F 55 9.03 9.70 4.70
N ILE F 56 9.56 10.79 4.16
CA ILE F 56 9.18 12.12 4.64
C ILE F 56 8.08 12.96 3.91
N GLU F 57 8.01 13.00 2.56
CA GLU F 57 7.10 14.01 1.91
C GLU F 57 5.72 13.52 1.59
N LYS F 58 4.74 14.20 2.21
CA LYS F 58 3.74 13.47 2.98
C LYS F 58 3.13 14.29 4.08
N THR F 59 2.00 14.98 3.86
CA THR F 59 1.56 15.98 4.86
C THR F 59 0.05 16.30 5.00
N ASN F 60 -0.87 15.57 4.40
CA ASN F 60 -2.36 15.80 4.66
C ASN F 60 -2.82 17.27 4.57
N GLU F 61 -3.27 17.64 3.40
CA GLU F 61 -3.58 19.01 3.19
C GLU F 61 -5.02 19.06 2.72
N LYS F 62 -5.99 18.91 3.63
CA LYS F 62 -7.41 18.90 3.21
C LYS F 62 -8.45 18.79 4.34
N PHE F 63 -9.69 18.88 3.95
CA PHE F 63 -10.09 19.97 3.14
C PHE F 63 -11.07 20.33 4.25
N HIS F 64 -11.48 21.61 4.30
CA HIS F 64 -12.19 22.19 5.45
C HIS F 64 -12.40 21.03 6.44
N GLN F 65 -11.35 20.59 7.16
CA GLN F 65 -11.48 19.52 8.16
C GLN F 65 -12.72 19.67 9.08
N ILE F 66 -13.43 18.59 9.37
CA ILE F 66 -14.59 18.62 10.30
C ILE F 66 -14.28 19.05 11.77
N GLU F 67 -15.23 19.61 12.53
CA GLU F 67 -14.94 19.96 13.95
C GLU F 67 -14.58 18.69 14.73
N LYS F 68 -13.66 18.78 15.68
CA LYS F 68 -13.21 17.56 16.38
C LYS F 68 -13.47 17.50 17.88
N GLU F 69 -13.55 18.67 18.56
CA GLU F 69 -13.91 18.73 19.97
C GLU F 69 -15.32 19.26 20.06
N PHE F 70 -16.04 18.95 21.13
CA PHE F 70 -17.47 19.31 21.18
C PHE F 70 -17.98 19.77 22.53
N SER F 71 -18.75 20.86 22.54
CA SER F 71 -19.14 21.50 23.78
C SER F 71 -20.58 21.23 24.19
N GLU F 72 -21.24 20.33 23.47
CA GLU F 72 -22.56 19.85 23.89
C GLU F 72 -22.61 18.32 23.78
N VAL F 73 -23.73 17.77 24.25
CA VAL F 73 -24.05 16.38 23.99
C VAL F 73 -25.11 16.41 22.92
N GLU F 74 -24.91 15.68 21.83
CA GLU F 74 -25.81 15.84 20.68
C GLU F 74 -26.28 14.50 20.16
N GLY F 75 -25.85 13.42 20.78
CA GLY F 75 -26.10 12.11 20.20
C GLY F 75 -25.52 11.93 18.80
N ARG F 76 -26.37 11.60 17.81
CA ARG F 76 -25.97 10.79 16.66
C ARG F 76 -25.00 11.37 15.62
N ILE F 77 -25.24 12.61 15.20
CA ILE F 77 -24.41 13.19 14.14
C ILE F 77 -23.00 13.38 14.66
N GLN F 78 -22.89 13.95 15.86
CA GLN F 78 -21.64 13.97 16.64
C GLN F 78 -21.03 12.58 16.85
N ASP F 79 -21.81 11.63 17.42
CA ASP F 79 -21.34 10.27 17.67
C ASP F 79 -20.63 9.72 16.48
N LEU F 80 -21.15 10.02 15.29
CA LEU F 80 -20.46 9.68 14.04
C LEU F 80 -19.19 10.55 13.82
N GLU F 81 -19.34 11.87 13.83
CA GLU F 81 -18.19 12.73 13.63
C GLU F 81 -16.99 12.23 14.44
N LYS F 82 -17.18 11.91 15.71
CA LYS F 82 -16.08 11.42 16.55
C LYS F 82 -15.58 10.08 16.06
N TYR F 83 -16.48 9.11 15.95
CA TYR F 83 -16.07 7.80 15.48
C TYR F 83 -15.38 7.83 14.10
N VAL F 84 -15.67 8.82 13.25
CA VAL F 84 -14.99 8.88 11.95
C VAL F 84 -13.51 9.17 12.14
N GLU F 85 -13.25 10.13 13.04
CA GLU F 85 -11.94 10.64 13.35
C GLU F 85 -11.26 9.72 14.31
N ASP F 86 -11.98 9.29 15.33
CA ASP F 86 -11.40 8.31 16.24
C ASP F 86 -10.83 7.11 15.49
N THR F 87 -11.50 6.71 14.42
CA THR F 87 -11.14 5.53 13.63
C THR F 87 -9.94 5.75 12.75
N LYS F 88 -10.01 6.86 12.02
CA LYS F 88 -8.93 7.40 11.22
C LYS F 88 -7.64 7.43 11.99
N ILE F 89 -7.72 7.94 13.20
CA ILE F 89 -6.54 8.13 14.03
C ILE F 89 -5.86 6.82 14.28
N ASP F 90 -6.64 5.81 14.70
CA ASP F 90 -6.09 4.50 15.03
C ASP F 90 -5.42 3.90 13.83
N LEU F 91 -5.95 4.19 12.65
CA LEU F 91 -5.39 3.67 11.41
C LEU F 91 -4.00 4.24 11.17
N TRP F 92 -3.81 5.53 11.39
CA TRP F 92 -2.56 6.16 11.01
C TRP F 92 -1.52 5.79 11.99
N SER F 93 -1.95 5.67 13.22
CA SER F 93 -1.04 5.29 14.24
C SER F 93 -0.49 3.91 13.87
N TYR F 94 -1.35 2.94 13.57
CA TYR F 94 -0.86 1.64 13.13
C TYR F 94 -0.01 1.87 11.91
N ASN F 95 -0.59 2.53 10.92
CA ASN F 95 0.10 2.82 9.64
C ASN F 95 1.50 3.26 9.89
N ALA F 96 1.68 4.11 10.91
CA ALA F 96 3.00 4.60 11.31
C ALA F 96 3.86 3.53 11.94
N GLU F 97 3.30 2.86 12.95
CA GLU F 97 4.13 2.05 13.86
C GLU F 97 4.70 0.91 13.07
N LEU F 98 3.96 0.51 12.01
CA LEU F 98 4.44 -0.50 11.07
C LEU F 98 5.61 -0.04 10.24
N LEU F 99 5.46 1.15 9.65
CA LEU F 99 6.53 1.73 8.82
C LEU F 99 7.90 1.79 9.52
N VAL F 100 7.94 2.44 10.67
CA VAL F 100 9.16 2.50 11.45
C VAL F 100 9.71 1.11 11.78
N ALA F 101 8.87 0.24 12.31
CA ALA F 101 9.29 -1.14 12.55
C ALA F 101 9.84 -1.80 11.29
N LEU F 102 9.13 -1.72 10.18
CA LEU F 102 9.65 -2.26 8.92
C LEU F 102 10.97 -1.63 8.53
N GLU F 103 10.95 -0.34 8.31
CA GLU F 103 12.13 0.36 7.81
C GLU F 103 13.35 -0.11 8.54
N ASN F 104 13.31 0.01 9.86
CA ASN F 104 14.43 -0.31 10.73
C ASN F 104 15.01 -1.69 10.53
N GLN F 105 14.20 -2.71 10.77
CA GLN F 105 14.62 -4.06 10.48
C GLN F 105 15.46 -4.11 9.22
N HIS F 106 15.04 -3.40 8.19
CA HIS F 106 15.77 -3.36 6.95
C HIS F 106 17.07 -2.54 7.06
N THR F 107 16.99 -1.33 7.61
CA THR F 107 18.13 -0.44 7.80
C THR F 107 19.19 -1.22 8.51
N ILE F 108 18.78 -1.98 9.51
CA ILE F 108 19.69 -2.83 10.28
C ILE F 108 20.30 -3.96 9.46
N ASP F 109 19.49 -4.60 8.61
CA ASP F 109 19.98 -5.71 7.79
C ASP F 109 20.79 -5.26 6.59
N LEU F 110 20.51 -4.10 6.02
CA LEU F 110 21.32 -3.62 4.90
C LEU F 110 22.70 -3.19 5.36
N THR F 111 22.81 -2.60 6.55
CA THR F 111 24.10 -2.15 7.07
C THR F 111 24.93 -3.39 7.36
N ASP F 112 24.28 -4.44 7.85
CA ASP F 112 24.88 -5.77 8.04
C ASP F 112 25.40 -6.35 6.70
N SER F 113 24.54 -6.40 5.68
CA SER F 113 24.99 -6.83 4.38
C SER F 113 26.26 -6.09 3.96
N GLU F 114 26.31 -4.77 4.14
CA GLU F 114 27.45 -3.98 3.61
C GLU F 114 28.77 -4.41 4.17
N MET F 115 28.75 -4.79 5.44
CA MET F 115 29.92 -5.34 6.11
C MET F 115 30.27 -6.66 5.43
N ASN F 116 29.39 -7.64 5.52
CA ASN F 116 29.65 -8.91 4.86
C ASN F 116 30.05 -8.72 3.40
N LYS F 117 29.56 -7.69 2.74
CA LYS F 117 29.99 -7.41 1.38
C LYS F 117 31.48 -7.05 1.32
N LEU F 118 31.91 -6.14 2.18
CA LEU F 118 33.31 -5.76 2.28
C LEU F 118 34.19 -6.92 2.76
N PHE F 119 33.63 -7.84 3.54
CA PHE F 119 34.39 -9.02 3.96
C PHE F 119 34.70 -9.84 2.75
N GLU F 120 33.72 -10.13 1.92
CA GLU F 120 33.95 -10.95 0.73
C GLU F 120 34.67 -10.22 -0.42
N LYS F 121 34.75 -8.88 -0.40
CA LYS F 121 35.55 -8.15 -1.42
C LYS F 121 37.01 -8.44 -1.18
N THR F 122 37.41 -8.35 0.09
CA THR F 122 38.77 -8.61 0.54
C THR F 122 39.17 -10.07 0.21
N ARG F 123 38.47 -11.04 0.80
CA ARG F 123 38.67 -12.48 0.59
C ARG F 123 39.06 -12.87 -0.83
N ARG F 124 38.41 -12.24 -1.80
CA ARG F 124 38.57 -12.58 -3.21
C ARG F 124 39.80 -11.96 -3.79
N GLN F 125 40.23 -10.83 -3.23
CA GLN F 125 41.47 -10.18 -3.63
C GLN F 125 42.65 -11.01 -3.19
N LEU F 126 42.65 -11.41 -1.92
CA LEU F 126 43.76 -12.17 -1.34
C LEU F 126 43.68 -13.62 -1.80
N ARG F 127 43.35 -13.83 -3.07
CA ARG F 127 42.92 -15.13 -3.60
C ARG F 127 43.39 -16.36 -2.78
N GLU F 128 44.70 -16.59 -2.68
CA GLU F 128 45.24 -17.75 -1.93
C GLU F 128 46.15 -17.41 -0.77
N ASN F 129 46.53 -16.15 -0.68
CA ASN F 129 47.59 -15.75 0.21
C ASN F 129 47.10 -15.50 1.67
N ALA F 130 45.88 -15.93 2.04
CA ALA F 130 45.40 -15.76 3.43
C ALA F 130 44.28 -16.71 3.77
N GLU F 131 43.88 -16.72 5.05
CA GLU F 131 42.80 -17.62 5.53
C GLU F 131 41.92 -16.97 6.61
N GLU F 132 40.58 -17.08 6.50
CA GLU F 132 39.65 -16.45 7.48
C GLU F 132 39.67 -17.16 8.86
N MET F 133 40.16 -16.43 9.89
CA MET F 133 40.11 -16.90 11.28
C MET F 133 38.68 -16.96 11.85
N GLY F 134 37.74 -16.18 11.30
CA GLY F 134 36.31 -16.24 11.72
C GLY F 134 35.83 -15.26 12.78
N ASN F 135 36.74 -14.37 13.15
CA ASN F 135 36.47 -13.24 14.03
C ASN F 135 36.54 -11.97 13.18
N GLY F 136 36.28 -12.14 11.88
CA GLY F 136 36.38 -11.04 10.94
C GLY F 136 37.81 -10.64 10.72
N CYS F 137 38.69 -11.62 10.69
CA CYS F 137 40.11 -11.35 10.55
C CYS F 137 40.78 -12.38 9.69
N PHE F 138 41.67 -11.90 8.85
CA PHE F 138 42.48 -12.78 8.04
C PHE F 138 43.82 -13.03 8.72
N LYS F 139 44.54 -14.02 8.22
CA LYS F 139 45.92 -14.23 8.60
C LYS F 139 46.61 -14.34 7.25
N ILE F 140 47.10 -13.20 6.75
CA ILE F 140 47.92 -13.17 5.52
C ILE F 140 49.12 -14.05 5.73
N TYR F 141 49.52 -14.82 4.71
CA TYR F 141 50.66 -15.75 4.84
C TYR F 141 51.91 -15.27 4.10
N HIS F 142 52.31 -14.04 4.41
CA HIS F 142 53.58 -13.49 3.95
C HIS F 142 53.91 -12.20 4.71
N LYS F 143 55.06 -11.62 4.36
CA LYS F 143 55.52 -10.37 4.94
C LYS F 143 54.91 -9.23 4.14
N CYS F 144 54.25 -8.29 4.82
CA CYS F 144 53.46 -7.26 4.16
C CYS F 144 53.68 -5.92 4.85
N ASP F 145 54.22 -4.95 4.12
CA ASP F 145 54.53 -3.63 4.70
C ASP F 145 53.33 -2.67 4.68
N ASN F 146 53.49 -1.50 5.32
CA ASN F 146 52.47 -0.46 5.29
C ASN F 146 52.04 -0.14 3.83
N ALA F 147 53.00 -0.25 2.91
CA ALA F 147 52.76 -0.02 1.48
C ALA F 147 51.92 -1.13 0.84
N CYS F 148 51.90 -2.31 1.45
CA CYS F 148 51.17 -3.48 0.94
C CYS F 148 49.79 -3.60 1.63
N ILE F 149 49.71 -3.23 2.90
CA ILE F 149 48.42 -3.10 3.53
C ILE F 149 47.62 -2.03 2.79
N GLU F 150 48.20 -0.84 2.62
CA GLU F 150 47.45 0.25 1.96
C GLU F 150 47.18 -0.08 0.47
N SER F 151 47.96 -1.00 -0.12
CA SER F 151 47.69 -1.45 -1.48
C SER F 151 46.48 -2.41 -1.56
N ILE F 152 46.21 -3.14 -0.47
CA ILE F 152 45.02 -3.99 -0.38
C ILE F 152 43.76 -3.18 -0.26
N ARG F 153 43.82 -2.17 0.58
CA ARG F 153 42.66 -1.38 0.92
C ARG F 153 42.25 -0.52 -0.24
N ASN F 154 43.21 -0.06 -1.04
CA ASN F 154 42.89 0.66 -2.30
C ASN F 154 42.99 -0.22 -3.55
N GLY F 155 42.32 -1.35 -3.46
CA GLY F 155 41.90 -2.13 -4.63
C GLY F 155 43.00 -2.65 -5.52
N THR F 156 44.25 -2.33 -5.21
CA THR F 156 45.36 -2.50 -6.15
C THR F 156 46.31 -3.64 -5.77
N TYR F 157 45.87 -4.56 -4.91
CA TYR F 157 46.68 -5.73 -4.52
C TYR F 157 46.88 -6.67 -5.71
N ASP F 158 47.97 -7.41 -5.69
CA ASP F 158 48.38 -8.22 -6.82
C ASP F 158 48.71 -9.64 -6.35
N HIS F 159 47.67 -10.45 -6.13
CA HIS F 159 47.83 -11.80 -5.53
C HIS F 159 49.06 -12.54 -6.03
N ASP F 160 49.35 -12.44 -7.33
CA ASP F 160 50.43 -13.22 -8.01
C ASP F 160 51.84 -12.86 -7.55
N VAL F 161 52.05 -11.59 -7.19
CA VAL F 161 53.35 -11.14 -6.73
C VAL F 161 53.76 -11.81 -5.42
N TYR F 162 52.83 -11.88 -4.46
CA TYR F 162 53.11 -12.58 -3.19
C TYR F 162 52.55 -14.02 -3.19
N ARG F 163 52.41 -14.64 -4.35
CA ARG F 163 51.79 -15.97 -4.41
C ARG F 163 52.72 -17.01 -3.82
N ASP F 164 53.88 -17.20 -4.43
CA ASP F 164 54.80 -18.24 -4.02
C ASP F 164 55.15 -18.09 -2.54
N GLU F 165 55.42 -16.85 -2.14
CA GLU F 165 55.70 -16.51 -0.75
C GLU F 165 54.59 -16.97 0.19
N ALA F 166 53.34 -16.91 -0.29
CA ALA F 166 52.17 -17.26 0.51
C ALA F 166 52.05 -18.75 0.81
N LEU F 167 52.26 -19.59 -0.19
CA LEU F 167 51.93 -21.01 -0.09
C LEU F 167 52.89 -21.79 0.82
N ASN F 168 54.15 -21.37 0.87
CA ASN F 168 55.15 -22.07 1.68
C ASN F 168 54.81 -21.90 3.16
N ASN F 169 54.40 -20.68 3.51
CA ASN F 169 54.01 -20.37 4.88
C ASN F 169 52.79 -21.19 5.33
N ARG F 170 51.88 -21.50 4.41
CA ARG F 170 50.67 -22.23 4.75
C ARG F 170 50.95 -23.71 4.95
N PHE F 171 51.58 -24.31 3.95
CA PHE F 171 51.54 -25.76 3.81
C PHE F 171 52.75 -26.46 4.38
N GLN F 172 53.92 -25.83 4.27
CA GLN F 172 55.18 -26.42 4.75
C GLN F 172 55.72 -25.60 5.94
N GLN G 1 -1.44 -3.63 42.60
CA GLN G 1 -1.17 -4.36 41.32
C GLN G 1 -1.33 -5.89 41.49
N VAL G 2 -0.29 -6.67 41.20
CA VAL G 2 -0.42 -8.12 41.05
C VAL G 2 -0.72 -8.83 42.36
N GLN G 3 -1.59 -9.84 42.26
CA GLN G 3 -1.98 -10.69 43.37
C GLN G 3 -1.96 -12.14 42.88
N LEU G 4 -1.66 -13.07 43.79
CA LEU G 4 -1.60 -14.50 43.45
C LEU G 4 -2.01 -15.40 44.64
N VAL G 5 -3.24 -15.18 45.14
CA VAL G 5 -3.79 -15.97 46.26
C VAL G 5 -3.95 -17.44 45.87
N GLU G 6 -3.42 -18.33 46.70
CA GLU G 6 -3.39 -19.76 46.43
C GLU G 6 -4.49 -20.48 47.19
N SER G 7 -4.43 -21.82 47.26
CA SER G 7 -5.51 -22.59 47.87
C SER G 7 -5.24 -24.10 48.03
N GLY G 8 -6.03 -24.72 48.90
CA GLY G 8 -6.33 -26.16 48.88
C GLY G 8 -5.28 -27.14 49.33
N GLY G 9 -4.30 -26.69 50.11
CA GLY G 9 -3.21 -27.55 50.55
C GLY G 9 -3.22 -27.80 52.03
N GLY G 10 -3.02 -29.07 52.43
CA GLY G 10 -2.85 -29.49 53.83
C GLY G 10 -2.02 -30.78 53.95
N VAL G 11 -2.27 -31.59 54.98
CA VAL G 11 -1.64 -32.91 55.07
C VAL G 11 -2.44 -33.96 54.30
N VAL G 12 -1.74 -34.93 53.72
CA VAL G 12 -2.36 -36.18 53.26
C VAL G 12 -1.30 -37.29 53.39
N GLN G 13 -1.73 -38.49 53.77
CA GLN G 13 -0.82 -39.62 54.03
C GLN G 13 -0.06 -40.08 52.79
N PRO G 14 0.93 -41.00 52.95
CA PRO G 14 1.76 -41.44 51.81
C PRO G 14 0.98 -42.11 50.65
N GLY G 15 1.48 -41.92 49.43
CA GLY G 15 0.88 -42.52 48.22
C GLY G 15 -0.50 -42.01 47.91
N ARG G 16 -0.72 -40.71 48.12
CA ARG G 16 -2.06 -40.12 47.98
C ARG G 16 -2.01 -38.79 47.18
N SER G 17 -3.14 -38.12 47.12
CA SER G 17 -3.37 -37.04 46.18
C SER G 17 -4.04 -35.81 46.80
N LEU G 18 -3.82 -34.66 46.17
CA LEU G 18 -4.65 -33.46 46.33
C LEU G 18 -4.33 -32.49 45.19
N ARG G 19 -5.33 -31.71 44.78
CA ARG G 19 -5.17 -30.72 43.73
C ARG G 19 -5.07 -29.32 44.36
N LEU G 20 -4.00 -28.60 44.04
CA LEU G 20 -3.76 -27.26 44.58
C LEU G 20 -4.31 -26.19 43.63
N SER G 21 -4.42 -24.95 44.09
CA SER G 21 -4.94 -23.85 43.27
C SER G 21 -4.21 -22.53 43.49
N CYS G 22 -4.36 -21.63 42.52
CA CYS G 22 -3.60 -20.38 42.50
C CYS G 22 -4.36 -19.30 41.73
N ALA G 23 -5.00 -18.39 42.46
CA ALA G 23 -5.71 -17.25 41.87
C ALA G 23 -4.72 -16.26 41.31
N ALA G 24 -5.18 -15.44 40.37
CA ALA G 24 -4.30 -14.46 39.74
C ALA G 24 -5.08 -13.23 39.30
N SER G 25 -4.89 -12.12 40.03
CA SER G 25 -5.53 -10.85 39.69
C SER G 25 -4.47 -9.83 39.40
N GLY G 26 -4.81 -8.87 38.54
CA GLY G 26 -3.95 -7.72 38.33
C GLY G 26 -2.95 -7.82 37.21
N PHE G 27 -3.06 -8.86 36.37
CA PHE G 27 -2.37 -8.89 35.08
C PHE G 27 -3.00 -9.85 34.07
N THR G 28 -2.96 -9.49 32.79
CA THR G 28 -3.47 -10.36 31.74
C THR G 28 -2.83 -11.76 31.84
N PHE G 29 -3.46 -12.62 32.62
CA PHE G 29 -2.94 -13.95 33.02
C PHE G 29 -2.66 -14.90 31.87
N SER G 30 -3.49 -14.82 30.83
CA SER G 30 -3.45 -15.75 29.72
C SER G 30 -2.40 -15.38 28.64
N THR G 31 -1.27 -14.80 29.07
CA THR G 31 -0.16 -14.45 28.17
C THR G 31 1.19 -14.54 28.89
N TYR G 32 1.30 -15.42 29.89
CA TYR G 32 2.49 -15.50 30.71
C TYR G 32 2.68 -16.93 31.20
N ALA G 33 3.84 -17.51 30.90
CA ALA G 33 4.16 -18.87 31.31
C ALA G 33 4.24 -18.93 32.83
N MET G 34 3.73 -20.00 33.41
CA MET G 34 3.60 -20.10 34.89
C MET G 34 4.37 -21.28 35.57
N HIS G 35 4.81 -21.06 36.81
CA HIS G 35 5.70 -22.00 37.49
C HIS G 35 5.12 -22.55 38.81
N TRP G 36 5.78 -23.60 39.34
CA TRP G 36 5.69 -24.02 40.76
C TRP G 36 7.12 -24.17 41.35
N VAL G 37 7.30 -23.66 42.56
CA VAL G 37 8.63 -23.54 43.18
C VAL G 37 8.54 -23.91 44.65
N ARG G 38 9.49 -24.74 45.12
CA ARG G 38 9.43 -25.30 46.49
C ARG G 38 10.73 -25.25 47.29
N GLN G 39 10.58 -25.30 48.61
CA GLN G 39 11.70 -25.45 49.51
C GLN G 39 11.38 -26.47 50.60
N ALA G 40 12.36 -27.33 50.91
CA ALA G 40 12.38 -28.09 52.17
C ALA G 40 13.09 -27.22 53.22
N PRO G 41 12.55 -27.12 54.45
CA PRO G 41 13.02 -26.07 55.37
C PRO G 41 14.53 -26.10 55.68
N GLY G 42 15.23 -25.00 55.39
CA GLY G 42 16.65 -24.85 55.73
C GLY G 42 17.60 -25.27 54.62
N LYS G 43 17.36 -26.44 54.06
CA LYS G 43 18.13 -26.96 52.92
C LYS G 43 17.90 -26.15 51.63
N GLY G 44 18.46 -26.62 50.52
CA GLY G 44 18.44 -25.87 49.27
C GLY G 44 17.06 -25.63 48.65
N LEU G 45 16.91 -24.48 47.98
CA LEU G 45 15.67 -24.12 47.27
C LEU G 45 15.62 -24.84 45.93
N GLU G 46 14.42 -25.27 45.52
CA GLU G 46 14.26 -26.23 44.39
C GLU G 46 13.17 -25.85 43.36
N TRP G 47 13.37 -26.28 42.10
CA TRP G 47 12.41 -26.01 41.04
C TRP G 47 11.56 -27.24 40.77
N VAL G 48 10.25 -27.02 40.66
CA VAL G 48 9.30 -28.10 40.32
C VAL G 48 9.10 -28.26 38.81
N ALA G 49 8.35 -27.32 38.20
CA ALA G 49 7.90 -27.45 36.80
C ALA G 49 7.40 -26.12 36.23
N VAL G 50 6.82 -26.17 35.02
CA VAL G 50 6.35 -24.97 34.34
C VAL G 50 5.24 -25.31 33.35
N ILE G 51 4.47 -24.31 32.95
CA ILE G 51 3.35 -24.49 32.02
C ILE G 51 3.18 -23.24 31.15
N SER G 52 3.52 -23.38 29.86
CA SER G 52 3.49 -22.27 28.90
C SER G 52 2.18 -21.52 28.97
N TYR G 53 2.20 -20.26 28.55
CA TYR G 53 0.96 -19.54 28.49
C TYR G 53 0.00 -20.36 27.62
N ASP G 54 0.51 -20.94 26.52
CA ASP G 54 -0.26 -21.74 25.56
C ASP G 54 -1.24 -22.69 26.22
N ALA G 55 -0.78 -23.36 27.28
CA ALA G 55 -1.47 -24.50 27.93
C ALA G 55 -1.08 -25.84 27.30
N ASN G 56 -0.29 -25.78 26.23
CA ASN G 56 0.13 -26.96 25.48
C ASN G 56 1.65 -27.22 25.53
N TYR G 57 2.34 -26.61 26.49
CA TYR G 57 3.71 -27.02 26.78
C TYR G 57 3.97 -27.06 28.28
N LYS G 58 4.45 -28.22 28.77
CA LYS G 58 4.73 -28.48 30.19
C LYS G 58 6.07 -29.20 30.33
N TYR G 59 6.89 -28.77 31.30
CA TYR G 59 8.17 -29.44 31.61
C TYR G 59 8.48 -29.46 33.12
N TYR G 60 9.07 -30.58 33.56
CA TYR G 60 9.31 -30.89 34.98
C TYR G 60 10.81 -31.09 35.29
N ALA G 61 11.17 -30.95 36.57
CA ALA G 61 12.50 -31.37 37.09
C ALA G 61 12.41 -32.83 37.55
N ASP G 62 13.37 -33.64 37.10
CA ASP G 62 13.37 -35.14 37.22
C ASP G 62 12.87 -35.74 38.54
N SER G 63 13.06 -35.03 39.65
CA SER G 63 12.64 -35.51 40.96
C SER G 63 11.13 -35.78 41.11
N VAL G 64 10.28 -35.11 40.33
CA VAL G 64 8.84 -35.41 40.34
C VAL G 64 8.29 -35.87 38.98
N LYS G 65 9.18 -36.00 37.98
CA LYS G 65 8.76 -36.31 36.59
C LYS G 65 8.12 -37.70 36.53
N GLY G 66 6.96 -37.79 35.87
CA GLY G 66 6.20 -39.05 35.77
C GLY G 66 5.16 -39.29 36.87
N ARG G 67 5.19 -38.47 37.92
CA ARG G 67 4.16 -38.50 38.97
C ARG G 67 3.16 -37.35 38.84
N PHE G 68 3.61 -36.19 38.37
CA PHE G 68 2.85 -34.93 38.43
C PHE G 68 2.18 -34.55 37.10
N THR G 69 1.21 -33.63 37.18
CA THR G 69 0.34 -33.25 36.05
C THR G 69 -0.12 -31.79 36.21
N ILE G 70 0.68 -30.83 35.73
CA ILE G 70 0.38 -29.39 35.89
C ILE G 70 -0.57 -28.87 34.78
N SER G 71 -1.40 -27.88 35.11
CA SER G 71 -2.36 -27.31 34.14
C SER G 71 -2.87 -25.91 34.55
N ARG G 72 -3.90 -25.41 33.86
CA ARG G 72 -4.35 -24.03 34.01
C ARG G 72 -5.70 -23.77 33.31
N ASP G 73 -6.48 -22.82 33.83
CA ASP G 73 -7.68 -22.32 33.10
C ASP G 73 -7.66 -20.81 32.91
N ASN G 74 -8.20 -20.37 31.78
CA ASN G 74 -8.05 -18.97 31.31
C ASN G 74 -9.34 -18.14 31.22
N SER G 75 -10.50 -18.76 31.43
CA SER G 75 -11.75 -18.00 31.62
C SER G 75 -11.92 -17.66 33.10
N LYS G 76 -11.23 -18.42 33.94
CA LYS G 76 -11.29 -18.29 35.39
C LYS G 76 -9.91 -17.97 36.01
N ASN G 77 -8.94 -17.57 35.17
CA ASN G 77 -7.65 -17.01 35.59
C ASN G 77 -7.03 -17.72 36.81
N THR G 78 -6.68 -18.99 36.64
CA THR G 78 -6.12 -19.78 37.74
C THR G 78 -5.20 -20.92 37.26
N LEU G 79 -4.34 -21.36 38.16
CA LEU G 79 -3.30 -22.37 37.91
C LEU G 79 -3.38 -23.44 38.99
N TYR G 80 -3.37 -24.73 38.60
CA TYR G 80 -3.37 -25.86 39.59
C TYR G 80 -2.07 -26.68 39.55
N LEU G 81 -2.04 -27.71 40.39
CA LEU G 81 -1.06 -28.80 40.31
C LEU G 81 -1.63 -30.12 40.88
N GLN G 82 -1.59 -31.20 40.08
CA GLN G 82 -2.16 -32.53 40.43
C GLN G 82 -1.05 -33.49 40.88
N MET G 83 -1.14 -33.95 42.12
CA MET G 83 -0.06 -34.69 42.76
C MET G 83 -0.51 -36.14 43.04
N ASN G 84 0.24 -37.11 42.53
CA ASN G 84 -0.16 -38.52 42.59
C ASN G 84 0.99 -39.43 43.00
N SER G 85 0.89 -39.99 44.20
CA SER G 85 1.90 -40.90 44.77
C SER G 85 3.10 -40.17 45.40
N LEU G 86 2.85 -39.51 46.53
CA LEU G 86 3.83 -38.60 47.14
C LEU G 86 4.97 -39.38 47.87
N ARG G 87 6.23 -38.94 47.66
CA ARG G 87 7.44 -39.64 48.14
C ARG G 87 8.03 -39.02 49.42
N ALA G 88 9.18 -39.54 49.89
CA ALA G 88 9.71 -39.28 51.25
C ALA G 88 10.20 -37.84 51.49
N GLU G 89 11.22 -37.42 50.76
CA GLU G 89 11.76 -36.05 50.84
C GLU G 89 10.92 -35.09 49.99
N ASP G 90 9.61 -35.07 50.24
CA ASP G 90 8.66 -34.14 49.57
C ASP G 90 8.19 -33.02 50.51
N THR G 91 7.99 -33.36 51.80
CA THR G 91 7.56 -32.44 52.85
C THR G 91 8.07 -31.01 52.56
N ALA G 92 7.16 -30.12 52.15
CA ALA G 92 7.55 -28.77 51.76
C ALA G 92 6.35 -27.86 51.49
N VAL G 93 6.58 -26.54 51.58
CA VAL G 93 5.60 -25.53 51.16
C VAL G 93 5.83 -25.26 49.68
N TYR G 94 4.75 -24.92 48.97
CA TYR G 94 4.78 -24.67 47.49
C TYR G 94 4.35 -23.22 47.13
N TYR G 95 4.87 -22.70 46.01
CA TYR G 95 4.69 -21.30 45.64
C TYR G 95 4.58 -21.08 44.14
N CYS G 96 3.47 -20.49 43.68
CA CYS G 96 3.24 -20.21 42.25
C CYS G 96 3.75 -18.83 41.81
N ALA G 97 4.85 -18.84 41.08
CA ALA G 97 5.49 -17.62 40.56
C ALA G 97 5.00 -17.27 39.16
N LYS G 98 5.43 -16.11 38.68
CA LYS G 98 5.09 -15.64 37.34
C LYS G 98 6.38 -15.51 36.57
N ASP G 99 6.42 -16.10 35.37
CA ASP G 99 7.57 -15.98 34.49
C ASP G 99 7.64 -14.54 33.97
N SER G 100 8.84 -14.01 33.82
CA SER G 100 8.99 -12.64 33.37
C SER G 100 8.59 -12.56 31.92
N GLN G 101 9.06 -13.52 31.12
CA GLN G 101 8.99 -13.40 29.65
C GLN G 101 7.61 -13.59 29.04
N LEU G 102 7.37 -12.79 28.01
CA LEU G 102 6.03 -12.59 27.48
C LEU G 102 5.76 -13.59 26.39
N ARG G 103 4.73 -14.40 26.58
CA ARG G 103 4.38 -15.45 25.62
C ARG G 103 5.63 -16.23 25.23
N SER G 104 6.38 -16.68 26.24
CA SER G 104 7.59 -17.42 25.96
C SER G 104 7.13 -18.65 25.25
N LEU G 105 7.75 -18.94 24.11
CA LEU G 105 7.42 -20.11 23.31
C LEU G 105 8.25 -21.30 23.81
N LEU G 106 7.66 -22.17 24.63
CA LEU G 106 8.41 -23.26 25.23
C LEU G 106 8.40 -24.49 24.33
N TYR G 107 9.09 -24.38 23.21
CA TYR G 107 9.02 -25.42 22.18
C TYR G 107 9.81 -26.71 22.53
N PHE G 108 10.72 -26.63 23.49
CA PHE G 108 11.54 -27.78 23.87
C PHE G 108 11.88 -27.79 25.38
N GLU G 109 11.99 -29.02 25.92
CA GLU G 109 12.44 -29.31 27.30
C GLU G 109 13.35 -28.26 27.93
N TRP G 110 14.34 -27.82 27.17
CA TRP G 110 15.52 -27.18 27.71
C TRP G 110 15.65 -25.70 27.48
N LEU G 111 14.65 -25.07 26.88
CA LEU G 111 14.79 -23.70 26.41
C LEU G 111 14.88 -22.68 27.53
N SER G 112 15.59 -21.59 27.24
CA SER G 112 15.79 -20.54 28.21
C SER G 112 14.45 -20.02 28.72
N GLN G 113 14.21 -20.18 30.01
CA GLN G 113 13.04 -19.58 30.65
C GLN G 113 13.39 -18.13 30.91
N GLY G 114 12.52 -17.44 31.64
CA GLY G 114 12.83 -16.09 32.10
C GLY G 114 12.80 -16.04 33.61
N TYR G 115 13.33 -14.96 34.18
CA TYR G 115 13.43 -14.83 35.66
C TYR G 115 12.08 -14.74 36.40
N PHE G 116 12.05 -15.25 37.63
CA PHE G 116 10.81 -15.33 38.38
C PHE G 116 10.45 -13.97 38.95
N ASP G 117 9.34 -13.42 38.45
CA ASP G 117 9.01 -12.00 38.59
C ASP G 117 8.28 -11.71 39.92
N TYR G 118 7.14 -12.37 40.11
CA TYR G 118 6.26 -12.21 41.27
C TYR G 118 5.97 -13.58 41.90
N TRP G 119 5.42 -13.60 43.12
CA TRP G 119 5.26 -14.84 43.89
C TRP G 119 3.93 -14.88 44.67
N GLY G 120 3.26 -16.05 44.67
CA GLY G 120 1.98 -16.24 45.35
C GLY G 120 2.07 -16.13 46.86
N GLN G 121 0.93 -16.19 47.54
CA GLN G 121 0.92 -16.02 49.00
C GLN G 121 1.41 -17.29 49.71
N GLY G 122 0.83 -18.46 49.37
CA GLY G 122 1.31 -19.74 49.91
C GLY G 122 0.35 -20.93 49.98
N THR G 123 0.89 -22.09 50.36
CA THR G 123 0.09 -23.28 50.66
C THR G 123 0.91 -24.36 51.39
N LEU G 124 0.29 -25.02 52.37
CA LEU G 124 0.97 -25.93 53.31
C LEU G 124 0.76 -27.38 52.88
N VAL G 125 1.85 -28.12 52.66
CA VAL G 125 1.78 -29.56 52.33
C VAL G 125 2.88 -30.36 53.02
N THR G 126 2.51 -31.55 53.49
CA THR G 126 3.39 -32.42 54.27
C THR G 126 2.97 -33.90 54.08
N VAL G 127 3.81 -34.69 53.41
CA VAL G 127 3.51 -36.11 53.15
C VAL G 127 3.69 -36.92 54.43
N SER G 128 2.61 -37.05 55.21
CA SER G 128 2.70 -37.52 56.60
C SER G 128 1.47 -38.36 57.07
N SER G 129 1.73 -39.44 57.80
CA SER G 129 0.65 -40.27 58.36
C SER G 129 0.95 -40.67 59.80
N ASP H 1 21.12 -30.56 33.76
CA ASP H 1 21.23 -29.67 34.94
C ASP H 1 22.49 -28.78 34.92
N ILE H 2 22.55 -27.81 35.83
CA ILE H 2 23.58 -26.76 35.83
C ILE H 2 23.72 -26.24 37.29
N VAL H 3 24.94 -25.88 37.72
CA VAL H 3 25.28 -25.78 39.16
C VAL H 3 25.71 -24.39 39.68
N MET H 4 25.11 -23.94 40.79
CA MET H 4 25.28 -22.56 41.30
C MET H 4 25.89 -22.47 42.70
N THR H 5 27.08 -21.90 42.81
CA THR H 5 27.74 -21.67 44.10
C THR H 5 27.23 -20.39 44.75
N GLN H 6 27.57 -20.16 46.02
CA GLN H 6 27.35 -18.85 46.67
C GLN H 6 28.51 -18.48 47.60
N SER H 7 29.74 -18.77 47.15
CA SER H 7 30.94 -18.78 48.00
C SER H 7 31.59 -17.40 48.34
N PRO H 8 31.99 -17.20 49.60
CA PRO H 8 31.72 -17.98 50.82
C PRO H 8 30.22 -18.22 51.15
N ASP H 9 29.95 -19.14 52.10
CA ASP H 9 28.58 -19.58 52.40
C ASP H 9 27.67 -18.50 53.00
N SER H 10 27.78 -18.23 54.31
CA SER H 10 26.88 -17.29 55.01
C SER H 10 27.54 -15.93 55.27
N LEU H 11 26.71 -14.87 55.30
CA LEU H 11 27.17 -13.51 55.57
C LEU H 11 27.28 -13.28 57.09
N ALA H 12 28.30 -12.52 57.55
CA ALA H 12 28.42 -12.13 58.97
C ALA H 12 29.01 -10.73 59.13
N VAL H 13 28.34 -9.75 58.51
CA VAL H 13 28.74 -8.33 58.56
C VAL H 13 28.01 -7.59 59.70
N SER H 14 28.44 -6.35 59.96
CA SER H 14 27.84 -5.48 60.99
C SER H 14 26.86 -4.47 60.35
N LEU H 15 26.52 -3.38 61.05
CA LEU H 15 25.56 -2.38 60.56
C LEU H 15 26.26 -1.14 59.98
N GLY H 16 26.23 -0.98 58.66
CA GLY H 16 26.82 0.20 57.99
C GLY H 16 28.18 -0.07 57.36
N GLU H 17 28.25 -1.08 56.49
CA GLU H 17 29.52 -1.44 55.84
C GLU H 17 29.29 -2.36 54.61
N ARG H 18 30.05 -2.13 53.54
CA ARG H 18 29.92 -2.90 52.28
C ARG H 18 30.31 -4.36 52.45
N ALA H 19 30.07 -5.14 51.40
CA ALA H 19 30.31 -6.59 51.41
C ALA H 19 29.86 -7.17 50.07
N THR H 20 30.08 -8.48 49.89
CA THR H 20 29.92 -9.11 48.58
C THR H 20 29.74 -10.64 48.62
N ILE H 21 28.72 -11.16 47.92
CA ILE H 21 28.55 -12.60 47.65
C ILE H 21 29.10 -12.91 46.25
N ASN H 22 29.33 -14.19 45.96
CA ASN H 22 29.87 -14.60 44.66
C ASN H 22 29.15 -15.84 44.09
N CYS H 23 28.46 -15.66 42.96
CA CYS H 23 27.72 -16.74 42.28
C CYS H 23 28.45 -17.23 41.01
N LYS H 24 28.71 -18.55 40.96
CA LYS H 24 29.41 -19.20 39.84
C LYS H 24 28.58 -20.38 39.29
N SER H 25 28.52 -20.47 37.96
CA SER H 25 27.75 -21.49 37.27
C SER H 25 28.68 -22.45 36.51
N SER H 26 28.17 -23.62 36.13
CA SER H 26 28.95 -24.55 35.29
C SER H 26 29.00 -24.10 33.81
N GLN H 27 27.89 -24.21 33.06
CA GLN H 27 27.83 -23.66 31.68
C GLN H 27 27.76 -22.14 31.76
N SER H 28 28.31 -21.45 30.77
CA SER H 28 28.23 -19.99 30.72
C SER H 28 26.77 -19.54 30.60
N VAL H 29 26.45 -18.35 31.10
CA VAL H 29 25.07 -17.86 31.08
C VAL H 29 24.88 -16.52 30.28
N THR H 30 25.81 -16.26 29.36
CA THR H 30 25.73 -15.12 28.44
C THR H 30 25.37 -15.60 27.04
N PHE H 31 24.34 -15.02 26.44
CA PHE H 31 23.97 -15.35 25.06
C PHE H 31 23.32 -14.13 24.44
N ASN H 32 23.74 -13.81 23.22
CA ASN H 32 23.23 -12.64 22.51
C ASN H 32 23.20 -11.41 23.42
N TYR H 33 24.37 -11.07 23.94
CA TYR H 33 24.61 -9.81 24.63
C TYR H 33 23.79 -9.61 25.92
N LYS H 34 23.13 -10.67 26.39
CA LYS H 34 22.37 -10.62 27.62
C LYS H 34 22.83 -11.74 28.58
N ASN H 35 22.88 -11.43 29.87
CA ASN H 35 23.39 -12.31 30.93
C ASN H 35 22.27 -12.87 31.80
N TYR H 36 21.83 -14.09 31.53
CA TYR H 36 20.61 -14.63 32.13
C TYR H 36 20.78 -15.00 33.61
N LEU H 37 20.65 -14.04 34.55
CA LEU H 37 20.88 -14.33 36.00
C LEU H 37 20.20 -13.42 37.05
N ALA H 38 19.37 -14.01 37.91
CA ALA H 38 18.50 -13.28 38.83
C ALA H 38 18.54 -13.85 40.24
N TRP H 39 18.52 -12.97 41.24
CA TRP H 39 18.66 -13.31 42.69
C TRP H 39 17.28 -13.21 43.39
N TYR H 40 17.25 -13.26 44.72
CA TYR H 40 15.98 -13.12 45.47
C TYR H 40 16.17 -12.93 46.98
N GLN H 41 15.17 -12.30 47.62
CA GLN H 41 15.11 -12.13 49.10
C GLN H 41 13.94 -12.93 49.69
N GLN H 42 14.15 -13.58 50.83
CA GLN H 42 13.09 -14.35 51.51
C GLN H 42 13.13 -14.16 53.03
N LYS H 43 12.43 -13.13 53.54
CA LYS H 43 12.31 -12.91 55.00
C LYS H 43 11.62 -14.13 55.61
N PRO H 44 12.40 -15.03 56.28
CA PRO H 44 11.90 -16.36 56.58
C PRO H 44 10.38 -16.36 56.86
N GLY H 45 9.63 -17.12 56.09
CA GLY H 45 8.18 -17.20 56.27
C GLY H 45 7.38 -16.25 55.40
N GLN H 46 8.08 -15.48 54.56
CA GLN H 46 7.46 -14.73 53.45
C GLN H 46 7.97 -15.30 52.12
N PRO H 47 7.08 -15.45 51.12
CA PRO H 47 7.56 -15.96 49.84
C PRO H 47 8.44 -14.89 49.18
N PRO H 48 9.52 -15.29 48.50
CA PRO H 48 10.51 -14.30 48.02
C PRO H 48 10.02 -13.12 47.12
N LYS H 49 10.68 -11.98 47.28
CA LYS H 49 10.54 -10.82 46.41
C LYS H 49 11.81 -10.69 45.56
N LEU H 50 11.71 -9.99 44.44
CA LEU H 50 12.75 -9.96 43.40
C LEU H 50 13.86 -8.93 43.68
N LEU H 51 15.13 -9.36 43.66
CA LEU H 51 16.25 -8.42 43.80
C LEU H 51 16.80 -7.98 42.43
N ILE H 52 17.97 -8.46 42.01
CA ILE H 52 18.51 -8.08 40.70
C ILE H 52 17.90 -8.97 39.61
N TYR H 53 17.99 -8.53 38.35
CA TYR H 53 17.72 -9.39 37.21
C TYR H 53 18.60 -9.06 36.01
N TRP H 54 18.63 -9.97 35.04
CA TRP H 54 19.48 -9.87 33.87
C TRP H 54 20.88 -9.35 34.20
N ALA H 55 21.38 -9.69 35.39
CA ALA H 55 22.74 -9.36 35.80
C ALA H 55 22.85 -8.13 36.70
N SER H 56 22.50 -6.96 36.16
CA SER H 56 22.88 -5.70 36.79
C SER H 56 21.74 -4.66 36.89
N THR H 57 20.51 -5.06 36.60
CA THR H 57 19.36 -4.14 36.67
C THR H 57 18.78 -4.13 38.09
N ARG H 58 18.21 -2.99 38.50
CA ARG H 58 17.54 -2.91 39.80
C ARG H 58 16.21 -3.66 39.72
N GLU H 59 15.61 -3.94 40.87
CA GLU H 59 14.37 -4.70 40.93
C GLU H 59 13.18 -3.79 40.76
N SER H 60 12.10 -4.36 40.21
CA SER H 60 10.78 -3.69 40.09
C SER H 60 10.69 -2.32 40.83
N GLY H 61 10.94 -2.31 42.13
CA GLY H 61 11.05 -1.06 42.91
C GLY H 61 11.88 -1.25 44.17
N VAL H 62 13.17 -1.51 43.99
CA VAL H 62 14.08 -1.90 45.10
C VAL H 62 14.87 -0.70 45.65
N PRO H 63 15.45 -0.86 46.87
CA PRO H 63 16.38 0.12 47.47
C PRO H 63 17.50 0.64 46.53
N ASP H 64 17.97 1.86 46.79
CA ASP H 64 18.86 2.61 45.87
C ASP H 64 20.31 2.10 45.78
N ARG H 65 20.76 1.41 46.82
CA ARG H 65 22.21 1.24 47.09
C ARG H 65 22.82 -0.10 46.63
N PHE H 66 21.98 -1.12 46.43
CA PHE H 66 22.46 -2.41 45.94
C PHE H 66 23.09 -2.26 44.56
N SER H 67 23.97 -3.19 44.21
CA SER H 67 24.61 -3.17 42.91
C SER H 67 24.91 -4.59 42.52
N GLY H 68 25.04 -4.82 41.21
CA GLY H 68 25.27 -6.15 40.68
C GLY H 68 26.00 -6.09 39.37
N SER H 69 26.86 -7.05 39.13
CA SER H 69 27.73 -7.00 37.96
C SER H 69 28.25 -8.36 37.56
N GLY H 70 29.20 -8.33 36.63
CA GLY H 70 29.85 -9.50 36.13
C GLY H 70 29.30 -9.84 34.76
N SER H 71 30.05 -10.64 34.01
CA SER H 71 29.58 -11.24 32.77
C SER H 71 29.94 -12.71 32.81
N GLY H 72 29.53 -13.45 31.78
CA GLY H 72 29.87 -14.87 31.63
C GLY H 72 29.42 -15.77 32.78
N THR H 73 30.37 -16.13 33.64
CA THR H 73 30.11 -17.02 34.79
C THR H 73 30.49 -16.42 36.15
N ASP H 74 31.17 -15.27 36.17
CA ASP H 74 31.78 -14.76 37.40
C ASP H 74 31.06 -13.54 38.00
N PHE H 75 29.84 -13.77 38.49
CA PHE H 75 28.96 -12.69 38.95
C PHE H 75 29.24 -12.28 40.38
N THR H 76 28.77 -11.08 40.72
CA THR H 76 29.09 -10.44 42.00
C THR H 76 28.04 -9.40 42.42
N LEU H 77 27.30 -9.75 43.47
CA LEU H 77 26.42 -8.82 44.18
C LEU H 77 27.33 -7.82 44.89
N THR H 78 26.77 -6.69 45.35
CA THR H 78 27.49 -5.78 46.27
C THR H 78 26.49 -4.86 47.03
N ILE H 79 26.23 -5.16 48.30
CA ILE H 79 25.36 -4.30 49.13
C ILE H 79 26.18 -3.11 49.64
N SER H 80 25.56 -1.93 49.72
CA SER H 80 26.29 -0.70 50.08
C SER H 80 26.70 -0.70 51.55
N SER H 81 25.72 -0.92 52.43
CA SER H 81 25.95 -1.06 53.87
C SER H 81 24.71 -1.68 54.55
N LEU H 82 24.92 -2.68 55.39
CA LEU H 82 23.82 -3.47 55.95
C LEU H 82 22.86 -2.61 56.79
N GLN H 83 21.57 -2.59 56.40
CA GLN H 83 20.55 -1.78 57.09
C GLN H 83 19.61 -2.66 57.92
N ALA H 84 18.74 -2.02 58.70
CA ALA H 84 17.79 -2.72 59.57
C ALA H 84 16.93 -3.74 58.80
N GLU H 85 16.28 -3.30 57.73
CA GLU H 85 15.40 -4.17 56.94
C GLU H 85 16.13 -5.23 56.08
N ASP H 86 17.39 -5.54 56.44
CA ASP H 86 18.21 -6.52 55.72
C ASP H 86 18.62 -7.70 56.62
N VAL H 87 17.66 -8.57 56.96
CA VAL H 87 17.93 -9.77 57.77
C VAL H 87 17.10 -10.97 57.28
N ALA H 88 17.43 -11.44 56.07
CA ALA H 88 16.63 -12.47 55.39
C ALA H 88 17.51 -13.54 54.73
N VAL H 89 16.84 -14.55 54.15
CA VAL H 89 17.49 -15.62 53.38
C VAL H 89 17.70 -15.14 51.93
N TYR H 90 18.74 -15.66 51.26
CA TYR H 90 19.07 -15.25 49.88
C TYR H 90 19.54 -16.42 48.98
N TYR H 91 19.38 -16.25 47.67
CA TYR H 91 19.86 -17.21 46.68
C TYR H 91 20.31 -16.52 45.40
N CYS H 92 21.03 -17.26 44.55
CA CYS H 92 21.24 -16.87 43.15
C CYS H 92 20.65 -17.97 42.22
N GLN H 93 20.32 -17.60 40.99
CA GLN H 93 19.57 -18.48 40.11
C GLN H 93 19.74 -18.12 38.63
N GLN H 94 19.76 -19.13 37.77
CA GLN H 94 19.89 -18.95 36.32
C GLN H 94 18.66 -19.44 35.57
N HIS H 95 18.44 -18.86 34.40
CA HIS H 95 17.32 -19.20 33.52
C HIS H 95 17.75 -19.23 32.04
N TYR H 96 18.99 -19.65 31.81
CA TYR H 96 19.50 -19.83 30.45
C TYR H 96 19.02 -21.14 29.87
N ARG H 97 18.91 -22.14 30.73
CA ARG H 97 18.47 -23.47 30.32
C ARG H 97 17.45 -24.01 31.32
N THR H 98 16.39 -24.64 30.82
CA THR H 98 15.51 -25.43 31.67
C THR H 98 16.25 -26.72 31.98
N PRO H 99 16.26 -27.16 33.25
CA PRO H 99 15.54 -26.66 34.40
C PRO H 99 16.25 -25.49 35.08
N PRO H 100 15.49 -24.44 35.44
CA PRO H 100 16.12 -23.34 36.16
C PRO H 100 16.71 -23.83 37.46
N THR H 101 17.97 -23.50 37.70
CA THR H 101 18.74 -24.12 38.77
C THR H 101 18.99 -23.14 39.92
N PHE H 102 18.60 -23.55 41.12
CA PHE H 102 18.68 -22.69 42.31
C PHE H 102 19.91 -22.96 43.16
N GLY H 103 20.07 -22.13 44.20
CA GLY H 103 21.17 -22.25 45.16
C GLY H 103 20.72 -22.92 46.45
N GLN H 104 21.37 -22.55 47.55
CA GLN H 104 21.23 -23.24 48.85
C GLN H 104 20.59 -22.42 50.00
N GLY H 105 21.01 -21.15 50.18
CA GLY H 105 20.41 -20.26 51.20
C GLY H 105 21.35 -19.40 52.04
N THR H 106 21.37 -18.09 51.74
CA THR H 106 22.27 -17.11 52.37
C THR H 106 21.56 -16.29 53.50
N LYS H 107 21.93 -16.51 54.76
CA LYS H 107 21.24 -15.86 55.90
C LYS H 107 21.58 -14.37 56.08
N GLN I 1 -20.94 -25.02 -14.51
CA GLN I 1 -19.52 -24.63 -14.38
C GLN I 1 -18.76 -24.50 -15.73
N VAL I 2 -17.41 -24.55 -15.66
CA VAL I 2 -16.47 -24.45 -16.80
C VAL I 2 -16.88 -25.29 -17.97
N GLN I 3 -16.51 -24.85 -19.16
CA GLN I 3 -17.16 -25.33 -20.36
C GLN I 3 -16.43 -24.72 -21.54
N LEU I 4 -15.80 -25.54 -22.38
CA LEU I 4 -15.14 -25.00 -23.57
C LEU I 4 -15.80 -25.67 -24.74
N VAL I 5 -15.99 -24.94 -25.83
CA VAL I 5 -16.82 -25.44 -26.95
C VAL I 5 -16.37 -25.06 -28.37
N GLU I 6 -15.87 -26.07 -29.08
CA GLU I 6 -15.00 -25.84 -30.22
C GLU I 6 -15.87 -25.77 -31.44
N SER I 7 -15.26 -25.54 -32.60
CA SER I 7 -16.02 -25.01 -33.71
C SER I 7 -15.31 -25.02 -35.05
N GLY I 8 -16.04 -25.45 -36.07
CA GLY I 8 -15.67 -25.18 -37.47
C GLY I 8 -14.45 -25.90 -38.00
N GLY I 9 -14.55 -27.22 -38.12
CA GLY I 9 -13.53 -28.04 -38.77
C GLY I 9 -14.17 -28.65 -39.99
N GLY I 10 -13.75 -29.86 -40.37
CA GLY I 10 -14.42 -30.62 -41.43
C GLY I 10 -13.47 -31.03 -42.54
N VAL I 11 -13.96 -31.06 -43.77
CA VAL I 11 -13.12 -31.37 -44.93
C VAL I 11 -12.38 -30.11 -45.39
N VAL I 12 -11.12 -30.25 -45.81
CA VAL I 12 -10.33 -29.12 -46.32
C VAL I 12 -9.15 -29.58 -47.20
N GLN I 13 -9.14 -29.18 -48.47
CA GLN I 13 -8.12 -29.64 -49.42
C GLN I 13 -6.71 -29.18 -49.00
N PRO I 14 -5.65 -29.86 -49.46
CA PRO I 14 -4.29 -29.56 -49.02
C PRO I 14 -3.75 -28.25 -49.59
N GLY I 15 -2.96 -27.54 -48.79
CA GLY I 15 -2.41 -26.23 -49.19
C GLY I 15 -3.28 -25.03 -48.86
N ARG I 16 -4.54 -25.28 -48.51
CA ARG I 16 -5.53 -24.25 -48.28
C ARG I 16 -5.78 -24.07 -46.80
N SER I 17 -6.53 -23.04 -46.44
CA SER I 17 -6.61 -22.60 -45.06
C SER I 17 -7.80 -23.19 -44.31
N LEU I 18 -7.87 -22.82 -43.03
CA LEU I 18 -9.04 -23.04 -42.15
C LEU I 18 -8.71 -22.44 -40.75
N ARG I 19 -9.75 -22.11 -39.98
CA ARG I 19 -9.56 -21.48 -38.68
C ARG I 19 -10.59 -21.97 -37.66
N LEU I 20 -10.11 -22.40 -36.50
CA LEU I 20 -10.97 -22.96 -35.48
C LEU I 20 -11.22 -21.92 -34.40
N SER I 21 -12.23 -22.19 -33.59
CA SER I 21 -12.68 -21.25 -32.58
C SER I 21 -13.15 -22.02 -31.34
N CYS I 22 -12.64 -21.67 -30.16
CA CYS I 22 -13.10 -22.29 -28.90
C CYS I 22 -13.78 -21.24 -28.01
N ALA I 23 -15.03 -21.48 -27.63
CA ALA I 23 -15.86 -20.47 -26.97
C ALA I 23 -16.01 -20.78 -25.48
N ALA I 24 -15.22 -20.10 -24.65
CA ALA I 24 -15.09 -20.46 -23.24
C ALA I 24 -16.11 -19.79 -22.37
N SER I 25 -16.49 -20.48 -21.29
CA SER I 25 -17.54 -20.02 -20.41
C SER I 25 -17.44 -20.72 -19.09
N GLY I 26 -17.60 -19.95 -18.02
CA GLY I 26 -17.66 -20.53 -16.68
C GLY I 26 -16.40 -20.33 -15.90
N PHE I 27 -15.50 -19.50 -16.42
CA PHE I 27 -14.34 -19.11 -15.67
C PHE I 27 -13.76 -17.79 -16.18
N THR I 28 -12.83 -17.21 -15.43
CA THR I 28 -12.19 -15.95 -15.82
C THR I 28 -11.17 -16.14 -16.96
N PHE I 29 -11.69 -16.47 -18.15
CA PHE I 29 -10.90 -16.67 -19.36
C PHE I 29 -9.67 -15.82 -19.43
N SER I 30 -9.78 -14.54 -19.13
CA SER I 30 -8.70 -13.62 -19.48
C SER I 30 -7.48 -13.77 -18.61
N THR I 31 -7.59 -14.47 -17.50
CA THR I 31 -6.48 -14.55 -16.56
C THR I 31 -5.78 -15.89 -16.65
N TYR I 32 -6.08 -16.69 -17.67
CA TYR I 32 -5.48 -18.03 -17.81
C TYR I 32 -4.89 -18.21 -19.19
N ALA I 33 -3.85 -19.03 -19.32
CA ALA I 33 -3.36 -19.32 -20.66
C ALA I 33 -4.37 -20.26 -21.32
N MET I 34 -4.28 -20.45 -22.63
CA MET I 34 -5.03 -21.53 -23.33
C MET I 34 -4.11 -22.28 -24.32
N HIS I 35 -4.43 -23.56 -24.55
CA HIS I 35 -3.67 -24.43 -25.45
C HIS I 35 -4.49 -25.03 -26.57
N TRP I 36 -3.83 -25.53 -27.62
CA TRP I 36 -4.48 -26.42 -28.56
C TRP I 36 -3.69 -27.70 -28.57
N VAL I 37 -4.37 -28.82 -28.45
CA VAL I 37 -3.73 -30.12 -28.46
C VAL I 37 -4.51 -30.98 -29.43
N ARG I 38 -3.84 -31.59 -30.40
CA ARG I 38 -4.52 -32.37 -31.44
C ARG I 38 -4.33 -33.87 -31.30
N GLN I 39 -5.15 -34.65 -31.98
CA GLN I 39 -5.01 -36.08 -31.90
C GLN I 39 -5.22 -36.72 -33.26
N ALA I 40 -4.14 -37.30 -33.79
CA ALA I 40 -4.24 -38.05 -35.02
C ALA I 40 -5.36 -39.06 -34.87
N PRO I 41 -5.84 -39.59 -35.99
CA PRO I 41 -6.89 -40.59 -35.91
C PRO I 41 -6.35 -41.90 -35.34
N GLY I 42 -7.03 -42.41 -34.31
CA GLY I 42 -6.62 -43.63 -33.62
C GLY I 42 -5.15 -43.64 -33.23
N LYS I 43 -4.67 -42.52 -32.73
CA LYS I 43 -3.28 -42.37 -32.35
C LYS I 43 -3.26 -41.63 -31.03
N GLY I 44 -2.34 -40.69 -30.83
CA GLY I 44 -2.18 -40.11 -29.50
C GLY I 44 -2.25 -38.59 -29.48
N LEU I 45 -1.84 -38.01 -28.34
CA LEU I 45 -1.97 -36.58 -28.10
C LEU I 45 -0.68 -35.86 -28.47
N GLU I 46 -0.82 -34.79 -29.27
CA GLU I 46 0.26 -33.87 -29.66
C GLU I 46 -0.08 -32.47 -29.14
N TRP I 47 0.92 -31.65 -28.84
CA TRP I 47 0.63 -30.29 -28.37
C TRP I 47 0.93 -29.39 -29.50
N VAL I 48 0.16 -28.33 -29.60
CA VAL I 48 0.15 -27.53 -30.80
C VAL I 48 0.47 -26.06 -30.55
N ALA I 49 -0.13 -25.47 -29.55
CA ALA I 49 0.17 -24.07 -29.27
C ALA I 49 -0.17 -23.74 -27.82
N VAL I 50 0.37 -22.61 -27.36
CA VAL I 50 -0.03 -21.97 -26.10
C VAL I 50 -0.12 -20.48 -26.41
N ILE I 51 -1.02 -19.76 -25.75
CA ILE I 51 -1.04 -18.31 -25.86
C ILE I 51 -1.33 -17.73 -24.49
N SER I 52 -0.44 -16.89 -23.96
CA SER I 52 -0.60 -16.40 -22.59
C SER I 52 -1.83 -15.52 -22.47
N TYR I 53 -2.19 -15.24 -21.23
CA TYR I 53 -3.33 -14.38 -20.94
C TYR I 53 -3.13 -13.00 -21.51
N ASP I 54 -1.89 -12.54 -21.45
CA ASP I 54 -1.48 -11.29 -22.07
C ASP I 54 -1.87 -11.21 -23.55
N ALA I 55 -1.94 -12.38 -24.19
CA ALA I 55 -2.06 -12.44 -25.63
C ALA I 55 -0.73 -12.12 -26.25
N ASN I 56 0.33 -12.00 -25.45
CA ASN I 56 1.57 -11.50 -26.01
C ASN I 56 2.77 -12.44 -25.87
N TYR I 57 2.56 -13.66 -25.38
CA TYR I 57 3.56 -14.71 -25.62
C TYR I 57 2.81 -15.86 -26.26
N LYS I 58 3.37 -16.42 -27.32
CA LYS I 58 2.74 -17.52 -28.03
C LYS I 58 3.86 -18.38 -28.58
N TYR I 59 3.76 -19.70 -28.42
CA TYR I 59 4.78 -20.62 -28.97
C TYR I 59 4.07 -21.78 -29.62
N TYR I 60 4.63 -22.24 -30.73
CA TYR I 60 4.09 -23.39 -31.47
C TYR I 60 5.02 -24.62 -31.48
N ALA I 61 4.43 -25.80 -31.35
CA ALA I 61 5.13 -27.07 -31.62
C ALA I 61 5.65 -27.13 -33.06
N ASP I 62 6.82 -27.73 -33.22
CA ASP I 62 7.59 -27.61 -34.44
C ASP I 62 6.87 -28.06 -35.68
N SER I 63 6.14 -29.16 -35.58
CA SER I 63 5.37 -29.68 -36.72
C SER I 63 4.47 -28.61 -37.36
N VAL I 64 3.78 -27.82 -36.53
CA VAL I 64 2.92 -26.74 -37.07
C VAL I 64 3.56 -25.35 -37.01
N LYS I 65 4.88 -25.27 -37.02
CA LYS I 65 5.55 -23.96 -36.88
C LYS I 65 5.32 -23.07 -38.08
N GLY I 66 4.76 -21.88 -37.83
CA GLY I 66 4.70 -20.83 -38.85
C GLY I 66 3.73 -21.05 -40.01
N ARG I 67 2.93 -22.11 -39.94
CA ARG I 67 1.77 -22.25 -40.78
C ARG I 67 0.59 -21.86 -39.91
N PHE I 68 0.61 -22.34 -38.67
CA PHE I 68 -0.44 -22.07 -37.72
C PHE I 68 -0.11 -20.85 -36.88
N THR I 69 -1.19 -20.22 -36.42
CA THR I 69 -1.14 -18.99 -35.62
C THR I 69 -2.28 -18.96 -34.60
N ILE I 70 -1.90 -18.94 -33.32
CA ILE I 70 -2.83 -19.04 -32.20
C ILE I 70 -3.16 -17.66 -31.72
N SER I 71 -4.44 -17.37 -31.67
CA SER I 71 -4.96 -16.02 -31.48
C SER I 71 -6.10 -16.08 -30.47
N ARG I 72 -6.42 -14.96 -29.85
CA ARG I 72 -7.17 -15.00 -28.63
C ARG I 72 -7.96 -13.72 -28.49
N ASP I 73 -9.18 -13.78 -27.99
CA ASP I 73 -10.00 -12.57 -27.88
C ASP I 73 -10.63 -12.40 -26.50
N ASN I 74 -9.88 -11.81 -25.59
CA ASN I 74 -10.29 -11.79 -24.19
C ASN I 74 -11.46 -10.93 -23.88
N SER I 75 -11.93 -10.14 -24.84
CA SER I 75 -13.19 -9.41 -24.66
C SER I 75 -14.39 -10.31 -24.96
N LYS I 76 -14.32 -11.08 -26.06
CA LYS I 76 -15.42 -11.97 -26.50
C LYS I 76 -15.27 -13.39 -25.95
N ASN I 77 -14.33 -13.52 -25.02
CA ASN I 77 -14.01 -14.76 -24.30
C ASN I 77 -13.71 -16.01 -25.14
N THR I 78 -13.10 -15.86 -26.31
CA THR I 78 -12.97 -17.01 -27.24
C THR I 78 -11.58 -17.16 -27.92
N LEU I 79 -11.07 -18.40 -28.00
CA LEU I 79 -9.71 -18.71 -28.53
C LEU I 79 -9.79 -19.21 -29.97
N TYR I 80 -8.97 -18.61 -30.83
CA TYR I 80 -8.90 -18.94 -32.28
C TYR I 80 -7.60 -19.71 -32.62
N LEU I 81 -7.48 -20.20 -33.87
CA LEU I 81 -6.26 -20.94 -34.35
C LEU I 81 -6.23 -21.08 -35.89
N GLN I 82 -5.42 -20.24 -36.52
CA GLN I 82 -5.44 -20.12 -37.96
C GLN I 82 -4.59 -21.24 -38.55
N MET I 83 -5.13 -21.94 -39.52
CA MET I 83 -4.45 -23.10 -40.04
C MET I 83 -4.17 -22.90 -41.51
N ASN I 84 -3.08 -22.20 -41.81
CA ASN I 84 -2.72 -21.91 -43.20
C ASN I 84 -1.76 -22.94 -43.74
N SER I 85 -1.99 -23.32 -44.99
CA SER I 85 -1.09 -24.22 -45.72
C SER I 85 -1.15 -25.67 -45.19
N LEU I 86 -2.36 -26.11 -44.81
CA LEU I 86 -2.58 -27.45 -44.20
C LEU I 86 -2.07 -28.62 -45.06
N ARG I 87 -2.00 -29.81 -44.46
CA ARG I 87 -1.66 -31.03 -45.22
C ARG I 87 -1.97 -32.35 -44.48
N ALA I 88 -1.93 -33.44 -45.23
CA ALA I 88 -2.19 -34.78 -44.71
C ALA I 88 -1.87 -34.88 -43.21
N GLU I 89 -0.58 -34.72 -42.89
CA GLU I 89 -0.03 -34.91 -41.52
C GLU I 89 -0.85 -34.21 -40.43
N ASP I 90 -1.66 -33.23 -40.83
CA ASP I 90 -2.41 -32.41 -39.90
C ASP I 90 -3.80 -32.95 -39.61
N THR I 91 -4.15 -34.09 -40.21
CA THR I 91 -5.49 -34.60 -39.99
C THR I 91 -5.56 -35.04 -38.54
N ALA I 92 -6.55 -34.52 -37.82
CA ALA I 92 -6.71 -34.84 -36.41
C ALA I 92 -7.96 -34.16 -35.92
N VAL I 93 -8.41 -34.60 -34.75
CA VAL I 93 -9.38 -33.85 -33.96
C VAL I 93 -8.57 -32.88 -33.09
N TYR I 94 -9.12 -31.67 -32.92
CA TYR I 94 -8.38 -30.56 -32.35
C TYR I 94 -9.08 -30.07 -31.13
N TYR I 95 -8.34 -29.97 -30.02
CA TYR I 95 -8.92 -29.64 -28.71
C TYR I 95 -8.36 -28.41 -28.02
N CYS I 96 -9.21 -27.48 -27.60
CA CYS I 96 -8.72 -26.41 -26.72
C CYS I 96 -8.64 -26.98 -25.33
N ALA I 97 -7.59 -26.60 -24.59
CA ALA I 97 -7.39 -26.98 -23.18
C ALA I 97 -6.98 -25.80 -22.28
N LYS I 98 -7.58 -25.68 -21.08
CA LYS I 98 -7.27 -24.58 -20.16
C LYS I 98 -6.04 -24.88 -19.30
N ASP I 99 -5.11 -23.90 -19.19
CA ASP I 99 -3.93 -24.02 -18.32
C ASP I 99 -4.39 -23.97 -16.87
N SER I 100 -3.65 -24.63 -16.01
CA SER I 100 -4.03 -24.63 -14.61
C SER I 100 -3.51 -23.38 -13.96
N GLN I 101 -2.35 -22.90 -14.41
CA GLN I 101 -1.66 -21.78 -13.74
C GLN I 101 -2.30 -20.41 -14.02
N LEU I 102 -2.51 -19.66 -12.94
CA LEU I 102 -3.11 -18.32 -12.99
C LEU I 102 -2.11 -17.23 -13.41
N ARG I 103 -2.53 -16.34 -14.30
CA ARG I 103 -1.63 -15.32 -14.84
C ARG I 103 -0.20 -15.84 -14.99
N SER I 104 -0.05 -16.90 -15.76
CA SER I 104 1.28 -17.46 -16.04
C SER I 104 2.16 -16.45 -16.75
N LEU I 105 3.48 -16.60 -16.57
CA LEU I 105 4.41 -15.67 -17.18
C LEU I 105 5.23 -16.42 -18.22
N LEU I 106 4.72 -16.55 -19.44
CA LEU I 106 5.43 -17.33 -20.48
C LEU I 106 6.49 -16.49 -21.19
N TYR I 107 7.35 -15.89 -20.39
CA TYR I 107 8.39 -15.05 -20.90
C TYR I 107 9.33 -15.79 -21.87
N PHE I 108 9.26 -17.12 -21.92
CA PHE I 108 10.18 -17.93 -22.76
C PHE I 108 9.62 -19.27 -23.34
N GLU I 109 10.28 -19.70 -24.41
CA GLU I 109 9.90 -20.90 -25.16
C GLU I 109 9.82 -22.19 -24.34
N TRP I 110 10.64 -22.28 -23.31
CA TRP I 110 10.80 -23.50 -22.55
C TRP I 110 10.05 -23.51 -21.21
N LEU I 111 9.72 -22.33 -20.70
CA LEU I 111 9.09 -22.22 -19.39
C LEU I 111 7.97 -23.27 -19.21
N SER I 112 7.67 -23.58 -17.95
CA SER I 112 6.82 -24.70 -17.63
C SER I 112 5.39 -24.28 -17.63
N GLN I 113 4.60 -25.07 -18.30
CA GLN I 113 3.20 -24.80 -18.33
C GLN I 113 2.57 -25.44 -17.11
N GLY I 114 1.24 -25.33 -17.05
CA GLY I 114 0.47 -25.96 -16.01
C GLY I 114 -0.11 -27.20 -16.60
N TYR I 115 -0.87 -27.94 -15.83
CA TYR I 115 -1.50 -29.13 -16.34
C TYR I 115 -2.74 -28.75 -17.11
N PHE I 116 -3.30 -29.69 -17.89
CA PHE I 116 -4.51 -29.42 -18.71
C PHE I 116 -5.83 -29.77 -18.01
N ASP I 117 -6.51 -28.70 -17.62
CA ASP I 117 -7.45 -28.63 -16.51
C ASP I 117 -8.85 -29.02 -16.93
N TYR I 118 -9.30 -28.40 -18.01
CA TYR I 118 -10.53 -28.76 -18.69
C TYR I 118 -10.29 -28.77 -20.20
N TRP I 119 -10.96 -29.68 -20.90
CA TRP I 119 -10.80 -29.82 -22.33
C TRP I 119 -12.12 -29.59 -23.02
N GLY I 120 -12.06 -29.34 -24.32
CA GLY I 120 -13.24 -29.04 -25.11
C GLY I 120 -13.89 -30.23 -25.78
N GLN I 121 -15.09 -29.99 -26.32
CA GLN I 121 -15.88 -30.92 -27.18
C GLN I 121 -14.97 -31.75 -28.11
N GLY I 122 -14.05 -31.06 -28.77
CA GLY I 122 -13.22 -31.63 -29.81
C GLY I 122 -13.79 -31.17 -31.12
N THR I 123 -12.95 -31.02 -32.15
CA THR I 123 -13.43 -30.71 -33.52
C THR I 123 -12.57 -31.37 -34.61
N LEU I 124 -13.21 -32.08 -35.53
CA LEU I 124 -12.50 -32.85 -36.56
C LEU I 124 -12.08 -32.01 -37.77
N VAL I 125 -10.79 -32.11 -38.12
CA VAL I 125 -10.25 -31.52 -39.34
C VAL I 125 -9.59 -32.58 -40.22
N THR I 126 -10.22 -32.80 -41.37
CA THR I 126 -9.83 -33.74 -42.43
C THR I 126 -9.09 -33.01 -43.52
N VAL I 127 -7.98 -33.57 -43.96
CA VAL I 127 -7.19 -32.91 -44.96
C VAL I 127 -6.93 -33.86 -46.09
N SER I 128 -7.82 -33.88 -47.08
CA SER I 128 -7.60 -34.64 -48.32
C SER I 128 -8.21 -33.99 -49.55
N SER I 129 -7.61 -34.30 -50.69
CA SER I 129 -8.04 -33.74 -51.95
C SER I 129 -9.20 -34.52 -52.54
N ALA I 130 -9.61 -35.61 -51.90
CA ALA I 130 -10.77 -36.35 -52.39
C ALA I 130 -11.97 -35.46 -52.28
N SER I 131 -12.79 -35.44 -53.34
CA SER I 131 -14.11 -34.85 -53.26
C SER I 131 -15.06 -36.00 -52.98
N THR I 132 -16.29 -35.66 -52.65
CA THR I 132 -17.26 -36.61 -52.13
C THR I 132 -17.69 -37.66 -53.14
N LYS I 133 -17.59 -38.94 -52.77
CA LYS I 133 -18.30 -40.02 -53.47
C LYS I 133 -19.32 -40.58 -52.49
N GLY I 134 -20.08 -41.56 -52.95
CA GLY I 134 -21.15 -42.15 -52.15
C GLY I 134 -20.92 -43.63 -51.96
N PRO I 135 -21.60 -44.23 -50.97
CA PRO I 135 -21.41 -45.65 -50.66
C PRO I 135 -21.93 -46.59 -51.76
N SER I 136 -21.25 -47.73 -51.93
CA SER I 136 -21.60 -48.74 -52.95
C SER I 136 -21.96 -50.06 -52.26
N VAL I 137 -23.18 -50.15 -51.72
CA VAL I 137 -23.50 -51.22 -50.76
C VAL I 137 -23.68 -52.61 -51.38
N PHE I 138 -22.69 -53.48 -51.17
CA PHE I 138 -22.79 -54.87 -51.64
C PHE I 138 -23.17 -55.78 -50.49
N PRO I 139 -23.90 -56.87 -50.78
CA PRO I 139 -24.23 -57.82 -49.74
C PRO I 139 -23.16 -58.89 -49.59
N LEU I 140 -23.37 -59.78 -48.62
CA LEU I 140 -22.44 -60.84 -48.29
C LEU I 140 -23.26 -62.14 -48.08
N ALA I 141 -23.03 -63.13 -48.93
CA ALA I 141 -23.92 -64.30 -49.01
C ALA I 141 -23.63 -65.38 -47.96
N PRO I 142 -24.67 -65.81 -47.21
CA PRO I 142 -24.68 -67.01 -46.35
C PRO I 142 -24.18 -68.32 -46.99
N SER I 143 -23.96 -69.34 -46.15
CA SER I 143 -23.13 -70.51 -46.52
C SER I 143 -23.52 -71.83 -45.76
N SER I 144 -22.57 -72.40 -44.97
CA SER I 144 -22.83 -73.45 -43.95
C SER I 144 -22.47 -72.97 -42.49
N GLY I 145 -22.41 -73.92 -41.54
CA GLY I 145 -22.03 -73.64 -40.12
C GLY I 145 -22.85 -74.42 -39.08
N GLY I 146 -23.11 -73.77 -37.94
CA GLY I 146 -24.13 -74.21 -36.97
C GLY I 146 -25.29 -73.21 -36.99
N THR I 147 -24.96 -71.96 -36.75
CA THR I 147 -25.77 -70.83 -37.19
C THR I 147 -24.78 -69.87 -37.89
N ALA I 148 -25.02 -69.59 -39.18
CA ALA I 148 -24.19 -68.68 -39.98
C ALA I 148 -24.70 -67.22 -39.90
N ALA I 149 -24.02 -66.31 -40.61
CA ALA I 149 -24.20 -64.86 -40.45
C ALA I 149 -23.94 -64.09 -41.75
N LEU I 150 -24.53 -62.90 -41.89
CA LEU I 150 -24.60 -62.17 -43.18
C LEU I 150 -24.59 -60.64 -43.03
N GLY I 151 -24.05 -59.94 -44.02
CA GLY I 151 -23.75 -58.51 -43.89
C GLY I 151 -23.74 -57.69 -45.16
N CYS I 152 -23.18 -56.48 -45.06
CA CYS I 152 -23.21 -55.47 -46.13
C CYS I 152 -21.89 -54.74 -46.22
N LEU I 153 -21.07 -55.01 -47.22
CA LEU I 153 -19.83 -54.23 -47.47
C LEU I 153 -20.13 -52.92 -48.21
N VAL I 154 -19.76 -51.79 -47.60
CA VAL I 154 -20.06 -50.43 -48.09
C VAL I 154 -18.81 -49.77 -48.64
N LYS I 155 -18.54 -49.95 -49.93
CA LYS I 155 -17.28 -49.50 -50.52
C LYS I 155 -17.34 -48.06 -51.02
N ASP I 156 -16.16 -47.42 -51.03
CA ASP I 156 -15.92 -46.13 -51.65
C ASP I 156 -16.96 -45.04 -51.36
N TYR I 157 -16.87 -44.46 -50.16
CA TYR I 157 -17.63 -43.27 -49.78
C TYR I 157 -16.67 -42.23 -49.18
N PHE I 158 -17.11 -40.97 -49.07
CA PHE I 158 -16.28 -39.90 -48.50
C PHE I 158 -17.09 -38.63 -48.24
N PRO I 159 -16.91 -37.98 -47.07
CA PRO I 159 -16.11 -38.37 -45.91
C PRO I 159 -16.99 -39.14 -44.93
N GLU I 160 -16.44 -39.51 -43.78
CA GLU I 160 -17.25 -40.16 -42.77
C GLU I 160 -18.28 -39.16 -42.20
N PRO I 161 -19.31 -39.65 -41.49
CA PRO I 161 -19.70 -41.04 -41.18
C PRO I 161 -20.59 -41.74 -42.22
N VAL I 162 -20.71 -43.05 -42.08
CA VAL I 162 -21.80 -43.82 -42.70
C VAL I 162 -22.50 -44.50 -41.51
N THR I 163 -23.81 -44.71 -41.56
CA THR I 163 -24.58 -45.20 -40.39
C THR I 163 -25.56 -46.27 -40.80
N VAL I 164 -25.40 -47.46 -40.24
CA VAL I 164 -26.20 -48.63 -40.63
C VAL I 164 -27.29 -48.98 -39.57
N SER I 165 -28.22 -49.84 -39.95
CA SER I 165 -29.13 -50.52 -39.01
C SER I 165 -29.76 -51.69 -39.75
N TRP I 166 -30.40 -52.60 -39.02
CA TRP I 166 -30.92 -53.80 -39.64
C TRP I 166 -32.42 -53.94 -39.47
N ASN I 167 -33.12 -53.93 -40.61
CA ASN I 167 -34.57 -54.02 -40.69
C ASN I 167 -35.32 -52.87 -39.98
N SER I 168 -34.93 -51.62 -40.31
CA SER I 168 -35.46 -50.41 -39.68
C SER I 168 -35.08 -50.27 -38.19
N GLY I 169 -34.02 -50.93 -37.77
CA GLY I 169 -33.66 -50.97 -36.35
C GLY I 169 -34.36 -52.05 -35.55
N ALA I 170 -35.18 -52.88 -36.22
CA ALA I 170 -35.91 -53.97 -35.58
C ALA I 170 -35.03 -55.18 -35.26
N LEU I 171 -33.79 -55.17 -35.76
CA LEU I 171 -32.78 -56.17 -35.43
C LEU I 171 -31.58 -55.43 -34.85
N THR I 172 -31.19 -55.79 -33.63
CA THR I 172 -30.07 -55.12 -32.96
C THR I 172 -29.03 -56.11 -32.42
N SER I 173 -29.50 -57.15 -31.72
CA SER I 173 -28.60 -58.14 -31.10
C SER I 173 -27.86 -58.97 -32.15
N GLY I 174 -26.60 -59.25 -31.85
CA GLY I 174 -25.74 -59.98 -32.76
C GLY I 174 -25.11 -59.10 -33.83
N VAL I 175 -25.56 -57.85 -33.94
CA VAL I 175 -25.01 -56.93 -34.94
C VAL I 175 -23.65 -56.42 -34.48
N HIS I 176 -22.68 -56.43 -35.39
CA HIS I 176 -21.39 -55.76 -35.19
C HIS I 176 -21.20 -54.82 -36.39
N THR I 177 -20.68 -53.63 -36.12
CA THR I 177 -20.41 -52.65 -37.16
C THR I 177 -18.97 -52.13 -37.02
N PHE I 178 -18.15 -52.47 -38.01
CA PHE I 178 -16.74 -52.29 -37.88
C PHE I 178 -16.35 -50.89 -38.27
N PRO I 179 -15.56 -50.23 -37.42
CA PRO I 179 -14.97 -48.96 -37.78
C PRO I 179 -14.40 -48.96 -39.18
N ALA I 180 -14.54 -47.83 -39.85
CA ALA I 180 -14.13 -47.68 -41.25
C ALA I 180 -12.63 -47.88 -41.46
N VAL I 181 -12.23 -47.83 -42.72
CA VAL I 181 -10.81 -47.86 -43.06
C VAL I 181 -10.61 -47.17 -44.37
N LEU I 182 -9.60 -46.32 -44.40
CA LEU I 182 -9.29 -45.50 -45.56
C LEU I 182 -8.40 -46.31 -46.51
N GLN I 183 -8.95 -46.65 -47.67
CA GLN I 183 -8.18 -47.28 -48.74
C GLN I 183 -7.27 -46.22 -49.34
N SER I 184 -6.23 -46.68 -50.04
CA SER I 184 -5.22 -45.77 -50.60
C SER I 184 -5.78 -44.87 -51.69
N SER I 185 -6.95 -45.21 -52.23
CA SER I 185 -7.71 -44.32 -53.13
C SER I 185 -8.19 -43.04 -52.43
N GLY I 186 -8.37 -43.11 -51.11
CA GLY I 186 -8.77 -41.94 -50.32
C GLY I 186 -10.19 -42.09 -49.80
N LEU I 187 -10.88 -43.11 -50.30
CA LEU I 187 -12.27 -43.38 -49.94
C LEU I 187 -12.33 -44.45 -48.87
N TYR I 188 -13.29 -44.30 -47.96
CA TYR I 188 -13.41 -45.18 -46.81
C TYR I 188 -14.38 -46.26 -47.21
N SER I 189 -14.22 -47.42 -46.61
CA SER I 189 -15.22 -48.48 -46.66
C SER I 189 -15.41 -49.02 -45.25
N LEU I 190 -16.58 -49.59 -44.99
CA LEU I 190 -16.82 -50.31 -43.76
C LEU I 190 -17.62 -51.60 -43.99
N SER I 191 -17.74 -52.36 -42.91
CA SER I 191 -18.34 -53.68 -42.93
C SER I 191 -19.39 -53.65 -41.84
N SER I 192 -20.42 -54.46 -41.96
CA SER I 192 -21.44 -54.56 -40.91
C SER I 192 -22.10 -55.88 -41.01
N VAL I 193 -22.22 -56.58 -39.89
CA VAL I 193 -22.66 -57.97 -39.92
C VAL I 193 -23.54 -58.36 -38.73
N VAL I 194 -24.36 -59.39 -38.95
CA VAL I 194 -25.23 -59.93 -37.91
C VAL I 194 -25.27 -61.44 -38.02
N THR I 195 -25.04 -62.10 -36.89
CA THR I 195 -25.24 -63.55 -36.79
C THR I 195 -26.70 -63.77 -36.39
N VAL I 196 -27.24 -64.87 -36.88
CA VAL I 196 -28.64 -65.17 -36.70
C VAL I 196 -28.81 -66.68 -36.66
N PRO I 197 -29.94 -67.13 -36.10
CA PRO I 197 -30.42 -68.51 -36.26
C PRO I 197 -30.54 -68.94 -37.72
N SER I 198 -30.10 -70.16 -38.01
CA SER I 198 -30.08 -70.71 -39.37
C SER I 198 -31.47 -71.18 -39.83
N SER I 199 -32.33 -71.47 -38.85
CA SER I 199 -33.66 -71.99 -39.11
C SER I 199 -34.59 -70.99 -39.82
N SER I 200 -34.10 -69.78 -40.10
CA SER I 200 -34.80 -68.88 -41.02
C SER I 200 -33.79 -68.11 -41.87
N LEU I 201 -33.13 -68.84 -42.76
CA LEU I 201 -32.30 -68.24 -43.80
C LEU I 201 -33.12 -67.99 -45.10
N GLY I 202 -34.38 -68.45 -45.12
CA GLY I 202 -35.30 -68.18 -46.22
C GLY I 202 -36.44 -67.23 -45.82
N THR I 203 -37.22 -67.65 -44.83
CA THR I 203 -38.41 -66.90 -44.38
C THR I 203 -38.05 -65.49 -43.91
N GLN I 204 -37.10 -65.40 -42.99
CA GLN I 204 -36.66 -64.11 -42.47
C GLN I 204 -35.85 -63.40 -43.55
N THR I 205 -36.48 -62.41 -44.19
CA THR I 205 -35.82 -61.54 -45.16
C THR I 205 -35.06 -60.44 -44.38
N TYR I 206 -33.96 -59.96 -44.96
CA TYR I 206 -32.97 -59.17 -44.23
C TYR I 206 -32.52 -57.88 -44.97
N ILE I 207 -33.25 -56.77 -44.76
CA ILE I 207 -32.88 -55.48 -45.36
C ILE I 207 -31.89 -54.70 -44.47
N CYS I 208 -30.74 -54.28 -45.00
CA CYS I 208 -29.78 -53.43 -44.23
C CYS I 208 -29.86 -51.98 -44.68
N ASN I 209 -29.89 -51.07 -43.71
CA ASN I 209 -30.32 -49.69 -43.95
C ASN I 209 -29.15 -48.71 -43.83
N VAL I 210 -28.48 -48.46 -44.95
CA VAL I 210 -27.30 -47.60 -44.98
C VAL I 210 -27.65 -46.12 -45.17
N ASN I 211 -26.79 -45.25 -44.65
CA ASN I 211 -26.95 -43.80 -44.84
C ASN I 211 -25.62 -43.03 -44.88
N HIS I 212 -25.60 -41.98 -45.71
CA HIS I 212 -24.46 -41.08 -45.87
C HIS I 212 -25.08 -39.70 -46.08
N LYS I 213 -25.23 -38.94 -44.99
CA LYS I 213 -25.85 -37.62 -45.03
C LYS I 213 -25.07 -36.61 -45.89
N PRO I 214 -23.73 -36.71 -45.92
CA PRO I 214 -22.91 -35.77 -46.70
C PRO I 214 -23.03 -35.84 -48.22
N SER I 215 -23.60 -36.91 -48.77
CA SER I 215 -23.93 -36.97 -50.20
C SER I 215 -25.44 -37.04 -50.45
N ASN I 216 -26.20 -37.14 -49.36
CA ASN I 216 -27.63 -37.34 -49.40
C ASN I 216 -28.02 -38.74 -49.88
N THR I 217 -27.06 -39.68 -49.85
CA THR I 217 -27.30 -41.06 -50.30
C THR I 217 -28.08 -41.83 -49.25
N LYS I 218 -29.09 -42.57 -49.71
CA LYS I 218 -29.73 -43.58 -48.89
C LYS I 218 -29.84 -44.83 -49.74
N VAL I 219 -29.38 -45.95 -49.20
CA VAL I 219 -29.49 -47.22 -49.87
C VAL I 219 -30.23 -48.17 -48.93
N ASP I 220 -30.79 -49.22 -49.52
CA ASP I 220 -31.28 -50.33 -48.74
C ASP I 220 -31.07 -51.58 -49.56
N LYS I 221 -30.22 -52.47 -49.05
CA LYS I 221 -29.97 -53.74 -49.72
C LYS I 221 -30.69 -54.86 -49.01
N ARG I 222 -30.79 -55.98 -49.71
CA ARG I 222 -31.30 -57.21 -49.14
C ARG I 222 -30.16 -58.24 -49.09
N VAL I 223 -30.32 -59.24 -48.23
CA VAL I 223 -29.29 -60.21 -47.95
C VAL I 223 -29.83 -61.65 -48.08
N GLU I 224 -29.42 -62.33 -49.16
CA GLU I 224 -29.96 -63.64 -49.50
C GLU I 224 -28.87 -64.67 -49.80
N PRO I 225 -29.17 -65.97 -49.58
CA PRO I 225 -28.35 -67.12 -49.99
C PRO I 225 -28.01 -67.24 -51.50
N LYS I 226 -27.52 -68.41 -51.92
CA LYS I 226 -26.98 -68.67 -53.27
C LYS I 226 -26.27 -67.42 -53.86
N ASP J 1 11.23 -31.01 -27.13
CA ASP J 1 10.88 -32.44 -26.83
C ASP J 1 11.65 -33.14 -25.61
N ILE J 2 10.89 -33.54 -24.56
CA ILE J 2 11.24 -34.56 -23.50
C ILE J 2 10.43 -35.86 -23.76
N VAL J 3 11.07 -36.98 -24.03
CA VAL J 3 10.35 -38.25 -24.36
C VAL J 3 9.57 -38.92 -23.20
N MET J 4 8.24 -38.92 -23.26
CA MET J 4 7.45 -39.63 -22.26
C MET J 4 7.16 -41.02 -22.77
N THR J 5 7.67 -42.03 -22.05
CA THR J 5 7.49 -43.46 -22.39
C THR J 5 6.57 -44.16 -21.41
N GLN J 6 5.50 -44.78 -21.89
CA GLN J 6 4.51 -45.34 -20.98
C GLN J 6 4.64 -46.82 -21.00
N SER J 7 4.43 -47.47 -19.87
CA SER J 7 4.48 -48.93 -19.86
C SER J 7 3.71 -49.65 -18.76
N PRO J 8 2.98 -50.70 -19.14
CA PRO J 8 3.05 -51.36 -20.42
C PRO J 8 2.08 -50.75 -21.38
N ASP J 9 2.03 -51.34 -22.56
CA ASP J 9 1.21 -50.78 -23.59
C ASP J 9 -0.24 -51.11 -23.36
N SER J 10 -0.61 -52.37 -23.49
CA SER J 10 -1.96 -52.81 -23.13
C SER J 10 -1.94 -53.48 -21.78
N LEU J 11 -3.06 -53.45 -21.11
CA LEU J 11 -3.15 -54.08 -19.82
C LEU J 11 -4.37 -54.97 -19.88
N ALA J 12 -4.91 -55.37 -18.75
CA ALA J 12 -6.16 -56.14 -18.69
C ALA J 12 -6.19 -56.83 -17.35
N VAL J 13 -7.28 -56.66 -16.60
CA VAL J 13 -7.40 -57.29 -15.27
C VAL J 13 -8.85 -57.60 -14.94
N SER J 14 -9.08 -58.53 -14.03
CA SER J 14 -10.42 -59.04 -13.81
C SER J 14 -11.26 -58.04 -13.03
N LEU J 15 -12.45 -57.73 -13.55
CA LEU J 15 -13.26 -56.60 -13.07
C LEU J 15 -13.36 -56.63 -11.55
N GLY J 16 -12.50 -55.88 -10.88
CA GLY J 16 -12.47 -55.82 -9.42
C GLY J 16 -11.15 -56.27 -8.84
N GLU J 17 -10.09 -56.30 -9.64
CA GLU J 17 -8.75 -56.56 -9.14
C GLU J 17 -7.85 -55.38 -9.51
N ARG J 18 -6.56 -55.41 -9.17
CA ARG J 18 -5.72 -54.21 -9.31
C ARG J 18 -5.01 -54.07 -10.67
N ALA J 19 -4.87 -52.84 -11.13
CA ALA J 19 -4.20 -52.57 -12.40
C ALA J 19 -3.25 -51.39 -12.20
N THR J 20 -2.22 -51.27 -13.05
CA THR J 20 -1.10 -50.41 -12.70
C THR J 20 -0.23 -50.07 -13.91
N ILE J 21 0.16 -48.80 -14.05
CA ILE J 21 0.76 -48.27 -15.27
C ILE J 21 1.97 -47.41 -14.93
N ASN J 22 2.98 -47.39 -15.79
CA ASN J 22 4.24 -46.59 -15.60
C ASN J 22 4.54 -45.51 -16.67
N CYS J 23 4.99 -44.35 -16.22
CA CYS J 23 5.33 -43.26 -17.11
C CYS J 23 6.76 -43.04 -16.83
N LYS J 24 7.60 -43.03 -17.85
CA LYS J 24 9.06 -42.87 -17.65
C LYS J 24 9.48 -41.65 -18.47
N SER J 25 10.18 -40.74 -17.80
CA SER J 25 10.53 -39.47 -18.37
C SER J 25 11.96 -39.46 -18.90
N SER J 26 12.14 -38.59 -19.88
CA SER J 26 13.42 -38.34 -20.55
C SER J 26 14.40 -37.66 -19.60
N GLN J 27 13.88 -37.11 -18.52
CA GLN J 27 14.69 -36.43 -17.53
C GLN J 27 13.83 -35.98 -16.33
N SER J 28 14.46 -35.51 -15.25
CA SER J 28 13.69 -35.12 -14.08
C SER J 28 12.67 -34.12 -14.52
N VAL J 29 11.45 -34.33 -14.06
CA VAL J 29 10.37 -33.38 -14.24
C VAL J 29 9.92 -32.94 -12.84
N THR J 30 10.83 -33.05 -11.88
CA THR J 30 10.58 -32.58 -10.55
C THR J 30 11.28 -31.28 -10.36
N PHE J 31 10.64 -30.32 -9.70
CA PHE J 31 11.25 -28.98 -9.52
C PHE J 31 10.64 -28.10 -8.41
N ASN J 32 11.50 -27.67 -7.48
CA ASN J 32 11.08 -27.11 -6.19
C ASN J 32 9.95 -27.97 -5.64
N TYR J 33 10.31 -29.17 -5.22
CA TYR J 33 9.41 -30.04 -4.48
C TYR J 33 8.00 -30.19 -5.07
N LYS J 34 7.86 -30.01 -6.37
CA LYS J 34 6.61 -30.32 -7.06
C LYS J 34 7.00 -31.24 -8.21
N ASN J 35 6.12 -32.17 -8.55
CA ASN J 35 6.39 -33.12 -9.60
C ASN J 35 5.51 -32.73 -10.72
N TYR J 36 6.01 -32.09 -11.78
CA TYR J 36 5.11 -31.43 -12.80
C TYR J 36 4.57 -32.45 -13.84
N LEU J 37 3.88 -33.47 -13.30
CA LEU J 37 3.30 -34.57 -14.08
C LEU J 37 1.81 -34.76 -13.72
N ALA J 38 1.04 -35.10 -14.77
CA ALA J 38 -0.41 -35.21 -14.70
C ALA J 38 -0.79 -36.47 -15.46
N TRP J 39 -2.01 -36.97 -15.20
CA TRP J 39 -2.50 -38.23 -15.77
C TRP J 39 -3.91 -38.04 -16.34
N TYR J 40 -4.16 -38.51 -17.56
CA TYR J 40 -5.49 -38.35 -18.17
C TYR J 40 -6.15 -39.65 -18.61
N GLN J 41 -7.46 -39.77 -18.32
CA GLN J 41 -8.29 -40.86 -18.86
C GLN J 41 -8.95 -40.37 -20.15
N GLN J 42 -9.01 -41.24 -21.17
CA GLN J 42 -9.72 -40.95 -22.41
C GLN J 42 -10.51 -42.14 -22.93
N LYS J 43 -11.83 -42.10 -22.74
CA LYS J 43 -12.75 -43.09 -23.34
C LYS J 43 -13.12 -42.64 -24.75
N PRO J 44 -13.50 -43.59 -25.62
CA PRO J 44 -13.54 -43.29 -27.05
C PRO J 44 -14.72 -42.42 -27.56
N GLY J 45 -14.41 -41.61 -28.57
CA GLY J 45 -15.36 -40.68 -29.17
C GLY J 45 -15.63 -39.51 -28.25
N GLN J 46 -14.57 -38.95 -27.69
CA GLN J 46 -14.68 -38.03 -26.55
C GLN J 46 -13.33 -37.45 -26.32
N PRO J 47 -13.25 -36.32 -25.64
CA PRO J 47 -11.96 -35.82 -25.17
C PRO J 47 -11.47 -36.61 -23.95
N PRO J 48 -10.34 -36.19 -23.38
CA PRO J 48 -9.83 -36.63 -22.07
C PRO J 48 -10.30 -35.81 -20.87
N LYS J 49 -10.55 -36.53 -19.78
CA LYS J 49 -10.85 -35.97 -18.48
C LYS J 49 -9.53 -36.11 -17.70
N LEU J 50 -9.27 -35.12 -16.85
CA LEU J 50 -8.09 -35.12 -15.98
C LEU J 50 -8.28 -36.04 -14.79
N LEU J 51 -7.37 -36.98 -14.66
CA LEU J 51 -7.42 -37.93 -13.58
C LEU J 51 -6.62 -37.47 -12.31
N ILE J 52 -5.32 -37.21 -12.49
CA ILE J 52 -4.43 -36.81 -11.39
C ILE J 52 -3.51 -35.70 -11.84
N TYR J 53 -3.17 -34.77 -10.92
CA TYR J 53 -2.13 -33.72 -11.16
C TYR J 53 -1.16 -33.62 -10.01
N TRP J 54 -0.05 -32.93 -10.30
CA TRP J 54 1.13 -32.80 -9.40
C TRP J 54 1.57 -34.15 -8.82
N ALA J 55 1.52 -35.13 -9.74
CA ALA J 55 1.93 -36.54 -9.58
C ALA J 55 1.01 -37.40 -8.73
N SER J 56 0.29 -36.78 -7.78
CA SER J 56 -0.50 -37.56 -6.85
C SER J 56 -1.63 -36.82 -6.09
N THR J 57 -2.37 -35.94 -6.77
CA THR J 57 -3.63 -35.44 -6.20
C THR J 57 -4.75 -35.75 -7.16
N ARG J 58 -5.89 -36.20 -6.64
CA ARG J 58 -7.05 -36.54 -7.46
C ARG J 58 -7.80 -35.29 -7.80
N GLU J 59 -8.22 -35.17 -9.05
CA GLU J 59 -9.03 -34.03 -9.41
C GLU J 59 -10.39 -34.21 -8.75
N SER J 60 -10.84 -33.18 -8.04
CA SER J 60 -12.15 -33.15 -7.39
C SER J 60 -13.17 -34.26 -7.75
N GLY J 61 -13.49 -34.44 -9.03
CA GLY J 61 -14.55 -35.36 -9.45
C GLY J 61 -14.24 -36.84 -9.29
N VAL J 62 -12.99 -37.21 -9.61
CA VAL J 62 -12.49 -38.59 -9.54
C VAL J 62 -12.80 -39.33 -8.24
N PRO J 63 -13.10 -40.63 -8.32
CA PRO J 63 -13.30 -41.43 -7.11
C PRO J 63 -12.00 -42.00 -6.53
N ASP J 64 -12.08 -42.38 -5.25
CA ASP J 64 -10.92 -42.58 -4.36
C ASP J 64 -10.01 -43.78 -4.71
N ARG J 65 -10.34 -44.52 -5.76
CA ARG J 65 -9.59 -45.71 -6.14
C ARG J 65 -8.42 -45.39 -7.07
N PHE J 66 -8.44 -44.22 -7.68
CA PHE J 66 -7.32 -43.79 -8.50
C PHE J 66 -6.23 -43.13 -7.64
N SER J 67 -4.98 -43.39 -8.01
CA SER J 67 -3.83 -42.91 -7.24
C SER J 67 -2.59 -42.72 -8.12
N GLY J 68 -2.11 -41.48 -8.16
CA GLY J 68 -0.81 -41.17 -8.74
C GLY J 68 0.25 -41.33 -7.64
N SER J 69 1.48 -41.65 -8.07
CA SER J 69 2.62 -41.78 -7.16
C SER J 69 3.88 -41.72 -7.98
N GLY J 70 5.02 -41.58 -7.30
CA GLY J 70 6.33 -41.39 -7.95
C GLY J 70 6.92 -39.97 -7.88
N SER J 71 8.20 -39.89 -8.23
CA SER J 71 8.95 -38.64 -8.09
C SER J 71 10.24 -38.63 -8.90
N GLY J 72 10.39 -37.60 -9.74
CA GLY J 72 11.59 -37.38 -10.54
C GLY J 72 11.45 -37.84 -11.98
N THR J 73 11.43 -39.16 -12.14
CA THR J 73 11.68 -39.76 -13.43
C THR J 73 10.93 -41.09 -13.67
N ASP J 74 10.43 -41.74 -12.60
CA ASP J 74 9.47 -42.85 -12.72
C ASP J 74 8.18 -42.50 -11.90
N PHE J 75 7.02 -42.67 -12.53
CA PHE J 75 5.70 -42.50 -11.89
C PHE J 75 4.83 -43.71 -12.23
N THR J 76 3.77 -43.94 -11.44
CA THR J 76 2.96 -45.17 -11.52
C THR J 76 1.48 -44.90 -11.15
N LEU J 77 0.57 -44.90 -12.13
CA LEU J 77 -0.88 -44.79 -11.83
C LEU J 77 -1.45 -46.12 -11.30
N THR J 78 -2.41 -46.08 -10.39
CA THR J 78 -2.96 -47.30 -9.78
C THR J 78 -4.47 -47.28 -9.57
N ILE J 79 -5.17 -48.19 -10.27
CA ILE J 79 -6.59 -48.46 -10.01
C ILE J 79 -6.67 -49.62 -9.05
N SER J 80 -7.01 -49.31 -7.80
CA SER J 80 -6.94 -50.28 -6.72
C SER J 80 -7.87 -51.49 -6.91
N SER J 81 -9.06 -51.27 -7.49
CA SER J 81 -9.91 -52.39 -7.95
C SER J 81 -10.78 -51.98 -9.12
N LEU J 82 -10.41 -52.49 -10.27
CA LEU J 82 -10.93 -52.06 -11.55
C LEU J 82 -12.40 -52.33 -11.68
N GLN J 83 -13.23 -51.35 -11.37
CA GLN J 83 -14.61 -51.42 -11.84
C GLN J 83 -14.60 -51.26 -13.38
N ALA J 84 -15.72 -51.57 -14.04
CA ALA J 84 -15.82 -51.62 -15.51
C ALA J 84 -16.06 -50.32 -16.24
N GLU J 85 -16.11 -49.19 -15.54
CA GLU J 85 -16.20 -47.87 -16.18
C GLU J 85 -14.83 -47.24 -16.25
N ASP J 86 -13.82 -48.08 -16.44
CA ASP J 86 -12.42 -47.66 -16.42
C ASP J 86 -11.74 -47.89 -17.76
N VAL J 87 -12.19 -48.92 -18.47
CA VAL J 87 -11.77 -49.20 -19.84
C VAL J 87 -11.73 -47.93 -20.69
N ALA J 88 -10.50 -47.46 -20.86
CA ALA J 88 -10.16 -46.22 -21.54
C ALA J 88 -8.67 -46.32 -21.88
N VAL J 89 -8.10 -45.36 -22.59
CA VAL J 89 -6.65 -45.30 -22.68
C VAL J 89 -6.23 -44.46 -21.49
N TYR J 90 -4.99 -44.53 -21.07
CA TYR J 90 -4.54 -43.67 -19.96
C TYR J 90 -3.23 -43.00 -20.36
N TYR J 91 -3.23 -41.68 -20.31
CA TYR J 91 -2.14 -40.89 -20.82
C TYR J 91 -1.53 -40.10 -19.67
N CYS J 92 -0.21 -40.22 -19.53
CA CYS J 92 0.59 -39.40 -18.63
C CYS J 92 1.19 -38.22 -19.42
N GLN J 93 1.52 -37.15 -18.73
CA GLN J 93 1.93 -35.94 -19.40
C GLN J 93 2.88 -35.21 -18.54
N GLN J 94 3.83 -34.53 -19.15
CA GLN J 94 4.70 -33.65 -18.42
C GLN J 94 4.40 -32.21 -18.85
N HIS J 95 4.49 -31.25 -17.91
CA HIS J 95 4.32 -29.84 -18.25
C HIS J 95 5.38 -28.98 -17.56
N TYR J 96 6.55 -29.55 -17.38
CA TYR J 96 7.66 -28.89 -16.69
C TYR J 96 8.58 -28.13 -17.66
N ARG J 97 8.57 -28.54 -18.93
CA ARG J 97 9.22 -27.79 -20.01
C ARG J 97 8.29 -27.81 -21.17
N THR J 98 8.07 -26.67 -21.77
CA THR J 98 7.42 -26.60 -23.07
C THR J 98 8.36 -27.28 -24.07
N PRO J 99 7.84 -27.95 -25.11
CA PRO J 99 6.52 -28.46 -25.38
C PRO J 99 6.06 -29.47 -24.38
N PRO J 100 4.87 -29.25 -23.76
CA PRO J 100 4.32 -30.31 -22.92
C PRO J 100 4.33 -31.57 -23.75
N THR J 101 4.66 -32.72 -23.15
CA THR J 101 4.57 -33.97 -23.90
C THR J 101 3.76 -34.99 -23.16
N PHE J 102 3.26 -35.97 -23.94
CA PHE J 102 2.43 -37.08 -23.44
C PHE J 102 3.05 -38.47 -23.60
N GLY J 103 2.58 -39.40 -22.79
CA GLY J 103 2.87 -40.81 -22.96
C GLY J 103 2.13 -41.35 -24.17
N GLN J 104 2.53 -42.56 -24.60
CA GLN J 104 2.01 -43.14 -25.84
C GLN J 104 0.56 -43.56 -25.64
N GLY J 105 0.24 -43.91 -24.38
CA GLY J 105 -1.09 -44.42 -23.99
C GLY J 105 -1.16 -45.92 -23.66
N THR J 106 -1.83 -46.24 -22.54
CA THR J 106 -2.01 -47.62 -22.06
C THR J 106 -3.49 -48.07 -22.09
N LYS J 107 -3.93 -48.76 -23.14
CA LYS J 107 -5.32 -49.26 -23.18
C LYS J 107 -5.50 -50.31 -22.10
N VAL J 108 -6.49 -50.15 -21.24
CA VAL J 108 -6.81 -51.20 -20.25
C VAL J 108 -8.18 -51.80 -20.54
N GLU J 109 -8.19 -53.10 -20.75
CA GLU J 109 -9.39 -53.85 -21.11
C GLU J 109 -9.79 -54.67 -19.90
N ILE J 110 -10.77 -55.55 -20.08
CA ILE J 110 -11.20 -56.47 -19.01
C ILE J 110 -10.63 -57.87 -19.28
N LYS J 111 -9.94 -58.46 -18.30
CA LYS J 111 -9.52 -59.86 -18.38
C LYS J 111 -10.75 -60.70 -18.22
N ARG J 112 -10.79 -61.75 -19.04
CA ARG J 112 -11.89 -62.71 -19.04
C ARG J 112 -11.42 -64.13 -19.42
N THR J 113 -12.36 -65.05 -19.38
CA THR J 113 -12.09 -66.40 -19.82
C THR J 113 -11.82 -66.37 -21.33
N VAL J 114 -10.81 -67.12 -21.74
CA VAL J 114 -10.43 -67.29 -23.16
C VAL J 114 -11.65 -67.51 -24.08
N ALA J 115 -11.54 -67.25 -25.38
CA ALA J 115 -12.71 -67.44 -26.27
C ALA J 115 -12.34 -67.56 -27.73
N ALA J 116 -12.52 -68.75 -28.30
CA ALA J 116 -12.19 -68.99 -29.69
C ALA J 116 -13.05 -68.09 -30.56
N PRO J 117 -12.58 -67.75 -31.77
CA PRO J 117 -13.45 -67.04 -32.71
C PRO J 117 -14.32 -67.98 -33.49
N SER J 118 -15.25 -67.39 -34.21
CA SER J 118 -16.06 -68.11 -35.16
C SER J 118 -15.80 -67.50 -36.53
N VAL J 119 -15.24 -68.31 -37.45
CA VAL J 119 -14.72 -67.81 -38.73
C VAL J 119 -15.64 -68.08 -39.93
N PHE J 120 -15.95 -66.99 -40.64
CA PHE J 120 -16.78 -67.00 -41.86
C PHE J 120 -16.04 -66.24 -42.96
N ILE J 121 -15.99 -66.84 -44.15
CA ILE J 121 -15.43 -66.18 -45.30
C ILE J 121 -16.58 -65.85 -46.20
N PHE J 122 -16.45 -64.75 -46.95
CA PHE J 122 -17.44 -64.33 -47.95
C PHE J 122 -16.74 -64.09 -49.28
N PRO J 123 -17.39 -64.50 -50.39
CA PRO J 123 -16.91 -64.20 -51.74
C PRO J 123 -17.37 -62.82 -52.20
N PRO J 124 -16.85 -62.33 -53.34
CA PRO J 124 -17.24 -61.01 -53.86
C PRO J 124 -18.63 -60.97 -54.55
N SER J 125 -19.38 -59.88 -54.31
CA SER J 125 -20.81 -59.77 -54.74
C SER J 125 -21.03 -59.62 -56.24
N ASP J 126 -22.14 -60.16 -56.73
CA ASP J 126 -22.41 -60.11 -58.15
C ASP J 126 -22.58 -58.69 -58.68
N GLU J 127 -23.12 -57.80 -57.85
CA GLU J 127 -23.29 -56.38 -58.23
C GLU J 127 -21.93 -55.74 -58.51
N GLN J 128 -20.97 -56.00 -57.61
CA GLN J 128 -19.63 -55.43 -57.66
C GLN J 128 -18.87 -55.79 -58.93
N LEU J 129 -18.73 -57.10 -59.18
CA LEU J 129 -17.91 -57.60 -60.29
C LEU J 129 -18.17 -56.88 -61.62
N LYS J 130 -19.29 -56.18 -61.72
CA LYS J 130 -19.60 -55.31 -62.88
C LYS J 130 -18.65 -54.12 -63.08
N SER J 131 -18.05 -53.58 -62.01
CA SER J 131 -17.20 -52.38 -62.12
C SER J 131 -15.74 -52.59 -61.69
N GLY J 132 -15.10 -53.62 -62.24
CA GLY J 132 -13.64 -53.67 -62.38
C GLY J 132 -12.81 -54.35 -61.32
N THR J 133 -13.10 -54.11 -60.05
CA THR J 133 -12.31 -54.69 -58.94
C THR J 133 -13.16 -55.60 -58.03
N ALA J 134 -12.47 -56.43 -57.22
CA ALA J 134 -13.08 -57.57 -56.52
C ALA J 134 -12.60 -57.70 -55.09
N SER J 135 -13.56 -57.91 -54.18
CA SER J 135 -13.32 -57.88 -52.72
C SER J 135 -13.70 -59.18 -51.99
N VAL J 136 -12.75 -59.79 -51.28
CA VAL J 136 -13.05 -60.91 -50.37
C VAL J 136 -13.06 -60.41 -48.94
N VAL J 137 -13.85 -61.07 -48.09
CA VAL J 137 -14.03 -60.66 -46.68
C VAL J 137 -13.91 -61.83 -45.69
N CYS J 138 -13.34 -61.59 -44.50
CA CYS J 138 -13.20 -62.64 -43.47
C CYS J 138 -13.68 -62.07 -42.14
N LEU J 139 -14.47 -62.83 -41.39
CA LEU J 139 -15.07 -62.29 -40.16
C LEU J 139 -14.83 -63.20 -38.98
N LEU J 140 -14.07 -62.68 -38.00
CA LEU J 140 -13.84 -63.36 -36.72
C LEU J 140 -14.79 -62.81 -35.63
N ASN J 141 -15.61 -63.71 -35.08
CA ASN J 141 -16.77 -63.32 -34.27
C ASN J 141 -16.59 -63.68 -32.81
N ASN J 142 -16.84 -62.67 -31.98
CA ASN J 142 -16.82 -62.78 -30.52
C ASN J 142 -15.78 -63.75 -30.01
N PHE J 143 -14.55 -63.24 -30.03
CA PHE J 143 -13.37 -63.96 -29.61
C PHE J 143 -12.61 -63.09 -28.66
N TYR J 144 -11.59 -63.67 -28.05
CA TYR J 144 -10.85 -63.08 -26.96
C TYR J 144 -9.75 -64.04 -26.61
N PRO J 145 -8.53 -63.57 -26.42
CA PRO J 145 -8.09 -62.20 -26.33
C PRO J 145 -8.04 -61.51 -27.68
N ARG J 146 -7.64 -60.24 -27.65
CA ARG J 146 -7.70 -59.31 -28.79
C ARG J 146 -6.82 -59.69 -29.99
N GLU J 147 -5.75 -60.43 -29.69
CA GLU J 147 -4.63 -60.61 -30.62
C GLU J 147 -4.82 -61.76 -31.60
N ALA J 148 -5.84 -61.69 -32.46
CA ALA J 148 -6.02 -62.65 -33.56
C ALA J 148 -5.15 -62.29 -34.77
N LYS J 149 -5.19 -63.10 -35.82
CA LYS J 149 -4.30 -62.90 -36.97
C LYS J 149 -4.82 -63.60 -38.20
N VAL J 150 -5.31 -62.84 -39.17
CA VAL J 150 -5.82 -63.45 -40.40
C VAL J 150 -4.71 -63.47 -41.42
N GLN J 151 -4.70 -64.48 -42.28
CA GLN J 151 -3.75 -64.52 -43.40
C GLN J 151 -4.41 -65.03 -44.68
N TRP J 152 -4.37 -64.23 -45.74
CA TRP J 152 -5.06 -64.57 -46.97
C TRP J 152 -4.17 -65.40 -47.88
N LYS J 153 -4.79 -66.31 -48.61
CA LYS J 153 -4.06 -67.24 -49.45
C LYS J 153 -4.80 -67.45 -50.79
N VAL J 154 -4.25 -66.84 -51.83
CA VAL J 154 -4.72 -67.02 -53.18
C VAL J 154 -4.02 -68.23 -53.77
N ASP J 155 -4.68 -69.37 -53.73
CA ASP J 155 -4.13 -70.63 -54.26
C ASP J 155 -2.88 -71.03 -53.46
N ASN J 156 -2.97 -70.83 -52.14
CA ASN J 156 -1.84 -71.04 -51.23
C ASN J 156 -0.59 -70.20 -51.52
N ALA J 157 -0.80 -68.98 -52.02
CA ALA J 157 0.27 -67.98 -52.04
C ALA J 157 -0.07 -67.01 -50.92
N LEU J 158 0.65 -67.08 -49.80
CA LEU J 158 0.39 -66.15 -48.69
C LEU J 158 0.31 -64.74 -49.28
N GLN J 159 -0.78 -64.03 -49.00
CA GLN J 159 -0.94 -62.67 -49.52
C GLN J 159 -0.45 -61.64 -48.52
N SER J 160 -0.29 -60.39 -49.00
CA SER J 160 0.19 -59.29 -48.16
C SER J 160 0.03 -57.96 -48.88
N GLY J 161 -0.15 -56.89 -48.11
CA GLY J 161 -0.22 -55.52 -48.64
C GLY J 161 -1.47 -55.11 -49.42
N ASN J 162 -2.30 -56.06 -49.80
CA ASN J 162 -3.57 -55.77 -50.46
C ASN J 162 -4.73 -55.83 -49.47
N SER J 163 -4.44 -56.29 -48.25
CA SER J 163 -5.45 -56.59 -47.24
C SER J 163 -5.43 -55.58 -46.11
N GLN J 164 -6.61 -55.27 -45.61
CA GLN J 164 -6.80 -54.34 -44.50
C GLN J 164 -7.72 -54.96 -43.46
N GLU J 165 -7.64 -54.47 -42.23
CA GLU J 165 -8.58 -54.92 -41.20
C GLU J 165 -8.94 -53.85 -40.21
N SER J 166 -9.94 -54.16 -39.39
CA SER J 166 -10.22 -53.36 -38.22
C SER J 166 -10.98 -54.22 -37.25
N VAL J 167 -11.00 -53.77 -35.99
CA VAL J 167 -11.64 -54.50 -34.91
C VAL J 167 -12.64 -53.58 -34.23
N THR J 168 -13.57 -54.22 -33.49
CA THR J 168 -14.55 -53.52 -32.66
C THR J 168 -14.02 -53.28 -31.25
N GLU J 169 -14.75 -52.46 -30.50
CA GLU J 169 -14.43 -52.25 -29.11
C GLU J 169 -14.68 -53.55 -28.35
N GLN J 170 -14.28 -53.58 -27.09
CA GLN J 170 -14.63 -54.69 -26.26
C GLN J 170 -16.11 -54.56 -25.96
N ASP J 171 -16.84 -55.67 -26.05
CA ASP J 171 -18.29 -55.72 -25.82
C ASP J 171 -18.65 -55.57 -24.34
N SER J 172 -19.75 -54.91 -24.05
CA SER J 172 -20.13 -54.62 -22.68
C SER J 172 -21.02 -55.70 -22.06
N LYS J 173 -20.97 -56.92 -22.60
CA LYS J 173 -21.61 -58.06 -21.96
C LYS J 173 -20.69 -59.28 -21.95
N ASP J 174 -20.13 -59.65 -23.11
CA ASP J 174 -19.21 -60.81 -23.20
C ASP J 174 -17.74 -60.43 -23.02
N SER J 175 -17.36 -59.27 -23.56
CA SER J 175 -15.99 -58.76 -23.53
C SER J 175 -15.09 -59.40 -24.57
N THR J 176 -15.67 -60.16 -25.50
CA THR J 176 -14.98 -60.50 -26.73
C THR J 176 -14.80 -59.30 -27.64
N TYR J 177 -13.91 -59.44 -28.61
CA TYR J 177 -13.70 -58.46 -29.66
C TYR J 177 -14.25 -59.14 -30.91
N SER J 178 -14.10 -58.50 -32.06
CA SER J 178 -14.61 -59.03 -33.33
C SER J 178 -13.93 -58.30 -34.49
N LEU J 179 -13.52 -59.03 -35.52
CA LEU J 179 -12.58 -58.50 -36.53
C LEU J 179 -13.09 -58.70 -37.95
N SER J 180 -13.04 -57.65 -38.78
CA SER J 180 -13.31 -57.77 -40.23
C SER J 180 -12.12 -57.40 -41.11
N SER J 181 -12.00 -58.13 -42.23
CA SER J 181 -10.81 -58.08 -43.09
C SER J 181 -11.22 -58.06 -44.58
N THR J 182 -10.53 -57.25 -45.38
CA THR J 182 -10.94 -56.96 -46.75
C THR J 182 -9.79 -57.13 -47.71
N LEU J 183 -9.71 -58.31 -48.30
CA LEU J 183 -8.72 -58.56 -49.34
C LEU J 183 -9.21 -57.98 -50.65
N THR J 184 -8.69 -56.83 -51.06
CA THR J 184 -9.07 -56.23 -52.34
C THR J 184 -8.10 -56.62 -53.45
N LEU J 185 -8.65 -57.13 -54.54
CA LEU J 185 -7.92 -57.41 -55.75
C LEU J 185 -8.63 -56.74 -56.89
N SER J 186 -7.99 -56.70 -58.06
CA SER J 186 -8.70 -56.39 -59.29
C SER J 186 -9.45 -57.65 -59.74
N LYS J 187 -10.47 -57.45 -60.57
CA LYS J 187 -11.22 -58.55 -61.21
C LYS J 187 -10.25 -59.24 -62.17
N ALA J 188 -9.36 -58.42 -62.74
CA ALA J 188 -8.18 -58.89 -63.45
C ALA J 188 -7.68 -60.18 -62.78
N ASP J 189 -7.17 -60.06 -61.57
CA ASP J 189 -6.49 -61.20 -60.92
C ASP J 189 -7.43 -62.14 -60.15
N TYR J 190 -8.66 -61.72 -59.93
CA TYR J 190 -9.64 -62.57 -59.24
C TYR J 190 -9.96 -63.81 -60.07
N GLU J 191 -10.03 -63.63 -61.40
CA GLU J 191 -10.50 -64.67 -62.32
C GLU J 191 -9.44 -65.72 -62.68
N LYS J 192 -8.21 -65.58 -62.16
CA LYS J 192 -7.13 -66.54 -62.40
C LYS J 192 -7.16 -67.73 -61.43
N HIS J 193 -7.29 -67.43 -60.14
CA HIS J 193 -7.07 -68.40 -59.07
C HIS J 193 -8.42 -68.83 -58.48
N LYS J 194 -8.51 -70.07 -58.02
CA LYS J 194 -9.81 -70.64 -57.67
C LYS J 194 -10.05 -70.76 -56.18
N VAL J 195 -9.00 -71.09 -55.42
CA VAL J 195 -9.11 -71.33 -53.95
C VAL J 195 -8.73 -70.10 -53.09
N TYR J 196 -9.76 -69.42 -52.58
CA TYR J 196 -9.55 -68.33 -51.64
C TYR J 196 -9.80 -68.81 -50.21
N ALA J 197 -8.90 -68.42 -49.29
CA ALA J 197 -8.97 -68.84 -47.90
C ALA J 197 -8.28 -67.85 -46.95
N CYS J 198 -8.87 -67.62 -45.77
CA CYS J 198 -8.21 -66.87 -44.69
C CYS J 198 -7.88 -67.79 -43.50
N GLU J 199 -6.61 -67.83 -43.10
CA GLU J 199 -6.10 -68.74 -42.07
C GLU J 199 -5.87 -67.99 -40.77
N VAL J 200 -6.88 -68.06 -39.91
CA VAL J 200 -6.81 -67.47 -38.58
C VAL J 200 -5.97 -68.31 -37.61
N THR J 201 -4.95 -67.69 -36.99
CA THR J 201 -4.19 -68.32 -35.89
C THR J 201 -4.42 -67.47 -34.63
N HIS J 202 -4.65 -68.11 -33.47
CA HIS J 202 -5.14 -67.40 -32.25
C HIS J 202 -5.11 -68.28 -30.97
N GLN J 203 -4.97 -67.67 -29.80
CA GLN J 203 -4.86 -68.39 -28.51
C GLN J 203 -5.86 -69.52 -28.34
N GLY J 204 -7.13 -69.22 -28.49
CA GLY J 204 -8.17 -70.26 -28.48
C GLY J 204 -8.26 -71.22 -29.66
N LEU J 205 -7.27 -71.19 -30.56
CA LEU J 205 -7.13 -72.18 -31.64
C LEU J 205 -5.84 -72.98 -31.51
N SER J 206 -5.97 -74.15 -30.88
CA SER J 206 -4.85 -75.04 -30.64
C SER J 206 -3.97 -75.25 -31.87
N SER J 207 -4.52 -74.98 -33.06
CA SER J 207 -3.71 -74.85 -34.29
C SER J 207 -4.52 -74.15 -35.36
N PRO J 208 -3.85 -73.37 -36.22
CA PRO J 208 -4.54 -72.50 -37.16
C PRO J 208 -5.67 -73.17 -37.89
N VAL J 209 -6.76 -72.40 -38.00
CA VAL J 209 -8.05 -72.76 -38.61
C VAL J 209 -8.11 -72.02 -39.96
N THR J 210 -8.52 -72.72 -41.03
CA THR J 210 -8.59 -72.12 -42.37
C THR J 210 -10.00 -72.25 -42.95
N LYS J 211 -10.66 -71.14 -43.26
CA LYS J 211 -11.98 -71.17 -43.95
C LYS J 211 -11.84 -70.72 -45.40
N SER J 212 -12.47 -71.45 -46.30
CA SER J 212 -12.23 -71.24 -47.73
C SER J 212 -13.48 -71.51 -48.58
N PHE J 213 -13.59 -70.77 -49.68
CA PHE J 213 -14.57 -71.06 -50.71
C PHE J 213 -13.83 -71.34 -52.02
N ASN J 214 -14.46 -72.09 -52.92
CA ASN J 214 -14.07 -72.13 -54.32
C ASN J 214 -14.95 -71.18 -55.08
N ARG J 215 -14.46 -70.66 -56.19
CA ARG J 215 -15.29 -69.87 -57.11
C ARG J 215 -16.25 -70.81 -57.88
N GLY J 216 -17.51 -70.86 -57.47
CA GLY J 216 -18.51 -71.74 -58.06
C GLY J 216 -18.16 -73.21 -57.96
N GLN K 1 10.90 32.13 -9.93
CA GLN K 1 11.63 30.89 -9.49
C GLN K 1 12.82 31.18 -8.53
N VAL K 2 13.73 30.20 -8.38
CA VAL K 2 14.94 30.28 -7.49
C VAL K 2 15.74 31.57 -7.66
N GLN K 3 16.34 32.06 -6.58
CA GLN K 3 16.96 33.38 -6.62
C GLN K 3 17.74 33.54 -5.31
N LEU K 4 19.07 33.55 -5.44
CA LEU K 4 20.03 33.63 -4.32
C LEU K 4 20.69 34.97 -4.34
N VAL K 5 20.63 35.72 -3.25
CA VAL K 5 21.08 37.10 -3.36
C VAL K 5 22.02 37.56 -2.26
N GLU K 6 23.24 37.81 -2.72
CA GLU K 6 24.45 37.94 -1.95
C GLU K 6 24.50 39.25 -1.30
N SER K 7 25.12 39.34 -0.15
CA SER K 7 25.16 40.59 0.58
C SER K 7 26.25 40.61 1.63
N GLY K 8 27.12 41.62 1.59
CA GLY K 8 28.11 41.76 2.64
C GLY K 8 29.44 42.32 2.21
N GLY K 9 29.75 42.17 0.94
CA GLY K 9 31.04 42.62 0.41
C GLY K 9 31.42 44.06 0.74
N GLY K 10 32.65 44.40 0.37
CA GLY K 10 33.22 45.69 0.63
C GLY K 10 34.71 45.50 0.83
N VAL K 11 35.24 46.13 1.87
CA VAL K 11 36.67 46.22 2.04
C VAL K 11 37.08 46.12 3.51
N VAL K 12 37.88 45.11 3.82
CA VAL K 12 38.33 44.88 5.18
C VAL K 12 39.79 45.20 5.32
N GLN K 13 40.23 45.43 6.56
CA GLN K 13 41.64 45.71 6.83
C GLN K 13 42.30 44.41 7.32
N PRO K 14 43.53 44.14 6.91
CA PRO K 14 44.13 42.83 7.15
C PRO K 14 44.15 42.49 8.60
N GLY K 15 43.67 41.30 8.92
CA GLY K 15 43.58 40.80 10.30
C GLY K 15 42.18 40.83 10.83
N ARG K 16 41.36 41.75 10.31
CA ARG K 16 40.03 41.98 10.84
C ARG K 16 38.96 41.18 10.09
N SER K 17 37.70 41.40 10.39
CA SER K 17 36.71 40.37 10.14
C SER K 17 35.39 40.84 9.53
N LEU K 18 35.08 40.36 8.33
CA LEU K 18 33.84 40.68 7.63
C LEU K 18 32.86 39.50 7.65
N ARG K 19 31.54 39.79 7.59
CA ARG K 19 30.52 38.72 7.49
C ARG K 19 29.42 38.83 6.41
N LEU K 20 29.36 37.83 5.53
CA LEU K 20 28.49 37.80 4.37
C LEU K 20 27.17 37.08 4.62
N SER K 21 26.13 37.43 3.86
CA SER K 21 24.75 36.92 4.00
C SER K 21 24.22 36.55 2.63
N CYS K 22 23.24 35.67 2.58
CA CYS K 22 22.66 35.18 1.30
C CYS K 22 21.21 34.85 1.42
N ALA K 23 20.36 35.54 0.67
CA ALA K 23 18.90 35.50 0.86
C ALA K 23 18.25 34.63 -0.21
N ALA K 24 17.70 33.49 0.22
CA ALA K 24 17.28 32.43 -0.68
C ALA K 24 15.80 32.54 -0.95
N SER K 25 15.43 32.39 -2.23
CA SER K 25 14.05 32.59 -2.69
C SER K 25 13.53 31.40 -3.49
N GLY K 26 12.33 30.95 -3.17
CA GLY K 26 11.60 30.04 -4.02
C GLY K 26 12.20 28.65 -4.19
N PHE K 27 12.66 28.06 -3.10
CA PHE K 27 12.74 26.61 -2.97
C PHE K 27 12.74 26.25 -1.49
N THR K 28 12.58 24.96 -1.13
CA THR K 28 12.49 24.56 0.29
C THR K 28 13.90 24.49 0.91
N PHE K 29 14.39 25.68 1.24
CA PHE K 29 15.75 25.99 1.67
C PHE K 29 16.27 25.01 2.66
N SER K 30 15.51 24.80 3.71
CA SER K 30 15.98 24.04 4.84
C SER K 30 15.93 22.55 4.59
N THR K 31 15.97 22.14 3.33
CA THR K 31 16.07 20.74 3.00
C THR K 31 17.27 20.47 2.10
N TYR K 32 18.00 21.52 1.71
CA TYR K 32 19.14 21.38 0.82
C TYR K 32 20.42 21.92 1.45
N ALA K 33 21.52 21.18 1.38
CA ALA K 33 22.80 21.72 1.85
C ALA K 33 23.22 22.97 1.00
N MET K 34 24.00 23.86 1.60
CA MET K 34 24.37 25.13 0.95
C MET K 34 25.86 25.39 1.04
N HIS K 35 26.49 25.60 -0.12
CA HIS K 35 27.92 25.87 -0.23
C HIS K 35 28.24 27.36 -0.43
N TRP K 36 29.43 27.79 0.04
CA TRP K 36 30.09 29.05 -0.44
C TRP K 36 31.29 28.72 -1.33
N VAL K 37 31.41 29.37 -2.46
CA VAL K 37 32.57 29.18 -3.31
C VAL K 37 33.10 30.55 -3.67
N ARG K 38 34.43 30.72 -3.74
CA ARG K 38 35.00 32.04 -4.07
C ARG K 38 35.93 31.99 -5.24
N GLN K 39 36.22 33.17 -5.80
CA GLN K 39 36.92 33.30 -7.08
C GLN K 39 37.81 34.54 -7.17
N ALA K 40 39.10 34.34 -6.91
CA ALA K 40 40.05 35.45 -6.79
C ALA K 40 40.39 36.03 -8.16
N PRO K 41 40.24 37.36 -8.34
CA PRO K 41 39.92 37.97 -9.62
C PRO K 41 40.85 37.55 -10.75
N GLY K 42 40.28 37.18 -11.89
CA GLY K 42 41.07 36.71 -13.01
C GLY K 42 41.53 35.26 -12.86
N LYS K 43 41.50 34.70 -11.65
CA LYS K 43 41.91 33.31 -11.43
C LYS K 43 40.66 32.35 -11.36
N GLY K 44 40.88 31.06 -11.05
CA GLY K 44 39.83 30.00 -11.14
C GLY K 44 38.76 29.99 -10.03
N LEU K 45 38.20 28.81 -9.71
CA LEU K 45 37.13 28.69 -8.68
C LEU K 45 37.53 27.76 -7.55
N GLU K 46 37.27 28.17 -6.31
CA GLU K 46 37.63 27.39 -5.09
C GLU K 46 36.50 27.22 -4.09
N TRP K 47 36.31 25.98 -3.68
CA TRP K 47 35.34 25.72 -2.65
C TRP K 47 35.84 26.26 -1.32
N VAL K 48 34.94 26.86 -0.54
CA VAL K 48 35.24 27.43 0.80
C VAL K 48 34.66 26.61 1.98
N ALA K 49 33.36 26.33 1.95
CA ALA K 49 32.78 25.47 2.99
C ALA K 49 31.37 25.01 2.64
N VAL K 50 30.80 24.09 3.43
CA VAL K 50 29.42 23.58 3.27
C VAL K 50 28.78 23.54 4.62
N ILE K 51 27.48 23.84 4.68
CA ILE K 51 26.64 23.58 5.90
C ILE K 51 25.43 22.76 5.51
N SER K 52 25.08 21.72 6.28
CA SER K 52 24.00 20.76 5.93
C SER K 52 22.60 21.34 6.18
N TYR K 53 21.54 20.77 5.60
CA TYR K 53 20.16 21.25 5.95
C TYR K 53 19.86 21.33 7.49
N ASP K 54 20.17 20.23 8.19
CA ASP K 54 20.18 20.08 9.67
C ASP K 54 20.79 21.25 10.38
N ALA K 55 21.71 21.87 9.68
CA ALA K 55 22.53 22.92 10.18
C ALA K 55 23.52 22.34 11.12
N ASN K 56 23.91 21.07 10.98
CA ASN K 56 24.80 20.50 12.00
C ASN K 56 25.88 19.53 11.57
N TYR K 57 26.14 19.45 10.27
CA TYR K 57 27.48 19.08 9.82
C TYR K 57 27.89 20.32 9.04
N LYS K 58 29.02 20.93 9.45
CA LYS K 58 29.65 22.03 8.71
C LYS K 58 31.05 21.56 8.34
N TYR K 59 31.48 21.83 7.12
CA TYR K 59 32.82 21.47 6.69
C TYR K 59 33.52 22.60 5.91
N TYR K 60 34.84 22.66 6.02
CA TYR K 60 35.60 23.69 5.33
C TYR K 60 36.80 23.22 4.54
N ALA K 61 37.17 24.06 3.59
CA ALA K 61 38.44 23.92 2.92
C ALA K 61 39.53 24.21 3.94
N ASP K 62 40.69 23.58 3.73
CA ASP K 62 41.79 23.71 4.69
C ASP K 62 42.34 25.12 4.63
N SER K 63 42.33 25.72 3.46
CA SER K 63 42.72 27.12 3.34
C SER K 63 41.73 28.11 4.00
N VAL K 64 40.77 27.63 4.81
CA VAL K 64 39.96 28.52 5.67
C VAL K 64 39.58 27.98 7.01
N LYS K 65 40.01 26.75 7.35
CA LYS K 65 39.77 26.19 8.70
C LYS K 65 40.26 27.14 9.77
N GLY K 66 39.44 27.37 10.77
CA GLY K 66 39.87 28.16 11.92
C GLY K 66 39.57 29.63 11.80
N ARG K 67 39.21 30.08 10.61
CA ARG K 67 39.01 31.48 10.38
C ARG K 67 37.58 31.75 9.96
N PHE K 68 36.93 30.71 9.47
CA PHE K 68 35.69 30.88 8.78
C PHE K 68 34.59 30.09 9.51
N THR K 69 33.40 30.64 9.53
CA THR K 69 32.27 29.99 10.19
C THR K 69 31.09 30.03 9.23
N ILE K 70 30.64 28.86 8.81
CA ILE K 70 29.44 28.75 7.98
C ILE K 70 28.28 28.55 8.92
N SER K 71 27.13 29.12 8.55
CA SER K 71 25.95 29.07 9.41
C SER K 71 24.66 29.35 8.66
N ARG K 72 23.59 28.81 9.19
CA ARG K 72 22.32 28.82 8.51
C ARG K 72 21.31 29.58 9.28
N ASP K 73 20.38 30.21 8.60
CA ASP K 73 19.10 30.39 9.25
C ASP K 73 17.90 29.99 8.39
N ASN K 74 17.31 28.86 8.74
CA ASN K 74 16.23 28.28 7.97
C ASN K 74 14.95 29.06 8.14
N SER K 75 14.72 29.48 9.36
CA SER K 75 13.62 30.36 9.68
C SER K 75 13.62 31.62 8.81
N LYS K 76 14.78 32.18 8.52
CA LYS K 76 14.88 33.45 7.80
C LYS K 76 15.47 33.30 6.40
N ASN K 77 15.46 32.04 5.91
CA ASN K 77 16.04 31.61 4.62
C ASN K 77 17.32 32.31 4.23
N THR K 78 18.27 32.38 5.16
CA THR K 78 19.57 32.91 4.83
C THR K 78 20.76 32.03 5.30
N LEU K 79 21.84 32.20 4.57
CA LEU K 79 23.09 31.54 4.81
C LEU K 79 24.03 32.66 5.18
N TYR K 80 24.98 32.39 6.08
CA TYR K 80 26.04 33.34 6.33
C TYR K 80 27.44 32.75 6.17
N LEU K 81 28.43 33.61 5.90
CA LEU K 81 29.83 33.25 6.09
C LEU K 81 30.49 34.31 6.95
N GLN K 82 30.89 33.91 8.15
CA GLN K 82 31.56 34.80 9.09
C GLN K 82 33.07 34.56 8.93
N MET K 83 33.78 35.55 8.38
CA MET K 83 35.21 35.40 8.05
C MET K 83 36.05 36.12 9.08
N ASN K 84 36.91 35.39 9.78
CA ASN K 84 37.83 35.96 10.77
C ASN K 84 39.30 35.98 10.30
N SER K 85 40.11 36.86 10.90
CA SER K 85 41.55 36.87 10.64
C SER K 85 41.79 36.72 9.16
N LEU K 86 41.41 37.75 8.42
CA LEU K 86 41.50 37.76 6.97
C LEU K 86 42.87 38.17 6.52
N ARG K 87 43.18 37.91 5.25
CA ARG K 87 44.40 38.45 4.64
C ARG K 87 44.24 38.78 3.18
N ALA K 88 45.32 39.25 2.57
CA ALA K 88 45.29 39.69 1.19
C ALA K 88 44.85 38.59 0.24
N GLU K 89 45.42 37.39 0.43
CA GLU K 89 45.14 36.20 -0.41
C GLU K 89 43.64 35.87 -0.54
N ASP K 90 42.90 36.11 0.55
CA ASP K 90 41.45 35.94 0.63
C ASP K 90 40.62 36.92 -0.23
N THR K 91 41.24 38.00 -0.68
CA THR K 91 40.55 38.87 -1.60
C THR K 91 40.12 38.02 -2.77
N ALA K 92 38.80 37.93 -2.94
CA ALA K 92 38.17 37.37 -4.14
C ALA K 92 36.72 37.84 -4.27
N VAL K 93 35.96 37.18 -5.15
CA VAL K 93 34.52 37.38 -5.18
C VAL K 93 33.86 36.08 -4.73
N TYR K 94 32.83 36.22 -3.89
CA TYR K 94 32.27 35.14 -3.07
C TYR K 94 30.81 34.77 -3.42
N TYR K 95 30.59 33.53 -3.85
CA TYR K 95 29.25 33.06 -4.21
C TYR K 95 28.62 32.14 -3.13
N CYS K 96 27.29 32.21 -2.94
CA CYS K 96 26.55 31.11 -2.31
C CYS K 96 26.06 30.25 -3.44
N ALA K 97 25.86 28.98 -3.13
CA ALA K 97 25.54 27.93 -4.11
C ALA K 97 24.69 26.81 -3.47
N LYS K 98 23.58 26.39 -4.11
CA LYS K 98 22.69 25.36 -3.52
C LYS K 98 23.11 23.94 -3.90
N ASP K 99 23.13 23.01 -2.93
CA ASP K 99 23.53 21.63 -3.21
C ASP K 99 22.46 20.98 -4.02
N SER K 100 22.82 20.02 -4.84
CA SER K 100 21.82 19.40 -5.65
C SER K 100 21.05 18.39 -4.82
N GLN K 101 21.66 17.76 -3.83
CA GLN K 101 21.00 16.62 -3.20
C GLN K 101 20.06 17.09 -2.14
N LEU K 102 18.91 16.37 -2.06
CA LEU K 102 17.88 16.60 -1.04
C LEU K 102 18.35 16.09 0.31
N ARG K 103 18.04 16.82 1.38
CA ARG K 103 18.40 16.45 2.72
C ARG K 103 19.67 15.62 2.79
N SER K 104 20.77 16.17 2.28
CA SER K 104 22.07 15.48 2.32
C SER K 104 22.47 15.05 3.74
N LEU K 105 22.83 13.78 3.86
CA LEU K 105 23.37 13.27 5.13
C LEU K 105 24.94 13.40 5.17
N LEU K 106 25.44 14.42 5.87
CA LEU K 106 26.88 14.76 5.83
C LEU K 106 27.65 14.28 7.08
N TYR K 107 27.54 12.99 7.31
CA TYR K 107 28.11 12.35 8.49
C TYR K 107 29.63 12.51 8.56
N PHE K 108 30.27 12.72 7.43
CA PHE K 108 31.68 12.80 7.49
C PHE K 108 32.24 13.86 6.60
N GLU K 109 33.42 14.32 6.99
CA GLU K 109 34.16 15.35 6.30
C GLU K 109 34.39 15.12 4.78
N TRP K 110 34.31 13.88 4.31
CA TRP K 110 34.83 13.49 2.99
C TRP K 110 33.78 13.04 2.01
N LEU K 111 32.57 12.83 2.52
CA LEU K 111 31.46 12.29 1.74
C LEU K 111 31.03 13.21 0.64
N SER K 112 30.76 12.59 -0.49
CA SER K 112 30.34 13.26 -1.70
C SER K 112 29.21 14.26 -1.46
N GLN K 113 29.38 15.48 -2.00
CA GLN K 113 28.29 16.42 -2.11
C GLN K 113 27.62 16.21 -3.46
N GLY K 114 26.59 16.97 -3.73
CA GLY K 114 25.99 16.97 -5.05
C GLY K 114 26.59 18.03 -5.92
N TYR K 115 26.23 18.04 -7.19
CA TYR K 115 26.56 19.16 -8.08
C TYR K 115 25.94 20.50 -7.55
N PHE K 116 26.32 21.65 -8.11
CA PHE K 116 25.77 22.96 -7.66
C PHE K 116 24.69 23.58 -8.59
N ASP K 117 23.41 23.36 -8.27
CA ASP K 117 22.27 23.92 -9.00
C ASP K 117 22.52 25.32 -9.41
N TYR K 118 22.45 26.23 -8.42
CA TYR K 118 22.29 27.66 -8.68
C TYR K 118 23.27 28.51 -7.89
N TRP K 119 23.68 29.66 -8.46
CA TRP K 119 24.63 30.52 -7.79
C TRP K 119 24.08 31.91 -7.68
N GLY K 120 24.50 32.59 -6.61
CA GLY K 120 24.26 34.00 -6.37
C GLY K 120 25.04 34.87 -7.34
N GLN K 121 25.02 36.18 -7.12
CA GLN K 121 25.67 37.13 -8.03
C GLN K 121 27.17 37.17 -7.89
N GLY K 122 27.59 36.70 -6.71
CA GLY K 122 28.87 37.01 -6.12
C GLY K 122 28.75 38.23 -5.23
N THR K 123 29.68 38.38 -4.31
CA THR K 123 29.90 39.67 -3.71
C THR K 123 31.40 39.83 -3.51
N LEU K 124 31.90 41.04 -3.76
CA LEU K 124 33.35 41.28 -3.80
C LEU K 124 33.88 41.72 -2.45
N VAL K 125 34.87 40.97 -1.94
CA VAL K 125 35.50 41.28 -0.66
C VAL K 125 37.02 41.47 -0.86
N THR K 126 37.48 42.72 -0.67
CA THR K 126 38.89 43.11 -0.85
C THR K 126 39.60 43.35 0.50
N VAL K 127 40.77 42.75 0.68
CA VAL K 127 41.51 42.90 1.91
C VAL K 127 42.77 43.69 1.59
N SER K 128 42.73 45.00 1.87
CA SER K 128 43.89 45.94 1.68
C SER K 128 44.06 46.85 2.90
N SER K 129 45.27 46.87 3.46
CA SER K 129 45.65 47.89 4.42
C SER K 129 45.39 49.26 3.79
N ALA K 130 45.22 49.29 2.46
CA ALA K 130 44.76 50.46 1.67
C ALA K 130 43.55 51.18 2.19
N SER K 131 43.58 52.50 2.02
CA SER K 131 42.66 53.41 2.66
C SER K 131 41.74 53.94 1.60
N THR K 132 40.57 53.35 1.57
CA THR K 132 39.56 53.66 0.56
C THR K 132 39.70 55.12 0.04
N LYS K 133 40.08 55.26 -1.23
CA LYS K 133 40.44 56.58 -1.81
C LYS K 133 40.07 56.71 -3.30
N GLY K 134 39.44 57.83 -3.67
CA GLY K 134 38.98 58.08 -5.03
C GLY K 134 40.10 58.40 -6.01
N PRO K 135 39.78 58.51 -7.30
CA PRO K 135 40.76 58.49 -8.40
C PRO K 135 41.33 59.84 -8.83
N SER K 136 42.37 59.79 -9.64
CA SER K 136 42.79 60.92 -10.46
C SER K 136 42.71 60.52 -11.93
N VAL K 137 42.36 61.45 -12.80
CA VAL K 137 42.24 61.15 -14.23
C VAL K 137 43.08 62.13 -15.06
N PHE K 138 44.15 61.61 -15.67
CA PHE K 138 44.91 62.37 -16.67
C PHE K 138 44.51 61.84 -18.05
N PRO K 139 44.50 62.71 -19.06
CA PRO K 139 44.07 62.28 -20.39
C PRO K 139 45.23 61.64 -21.15
N LEU K 140 44.92 61.12 -22.33
CA LEU K 140 45.93 60.57 -23.22
C LEU K 140 45.75 61.14 -24.64
N ALA K 141 46.56 62.16 -24.97
CA ALA K 141 46.37 62.96 -26.20
C ALA K 141 47.18 62.45 -27.41
N PRO K 142 46.66 62.70 -28.62
CA PRO K 142 47.08 62.07 -29.87
C PRO K 142 48.19 62.84 -30.63
N SER K 143 48.20 62.74 -31.98
CA SER K 143 49.00 63.60 -32.86
C SER K 143 48.52 63.52 -34.32
N GLY K 146 43.74 58.01 -42.72
CA GLY K 146 43.26 57.05 -41.72
C GLY K 146 42.60 57.70 -40.52
N THR K 147 42.50 56.95 -39.42
CA THR K 147 41.73 57.38 -38.26
C THR K 147 42.60 57.39 -36.98
N ALA K 148 42.29 58.30 -36.04
CA ALA K 148 43.14 58.60 -34.86
C ALA K 148 42.65 57.94 -33.56
N ALA K 149 43.39 58.17 -32.46
CA ALA K 149 43.12 57.48 -31.16
C ALA K 149 43.44 58.34 -29.91
N LEU K 150 42.46 58.46 -29.01
CA LEU K 150 42.58 59.30 -27.81
C LEU K 150 41.86 58.68 -26.60
N GLY K 151 42.16 59.16 -25.39
CA GLY K 151 41.66 58.53 -24.15
C GLY K 151 41.95 59.15 -22.78
N CYS K 152 41.55 58.42 -21.73
CA CYS K 152 41.72 58.81 -20.31
C CYS K 152 42.53 57.77 -19.55
N LEU K 153 43.40 58.22 -18.64
CA LEU K 153 44.11 57.32 -17.74
C LEU K 153 43.52 57.51 -16.35
N VAL K 154 42.92 56.44 -15.82
CA VAL K 154 42.26 56.46 -14.52
C VAL K 154 43.18 55.77 -13.53
N LYS K 155 43.80 56.58 -12.68
CA LYS K 155 45.00 56.17 -11.94
C LYS K 155 44.86 56.35 -10.42
N ASP K 156 45.57 55.48 -9.70
CA ASP K 156 45.65 55.53 -8.25
C ASP K 156 44.23 55.73 -7.73
N TYR K 157 43.42 54.67 -7.83
CA TYR K 157 42.05 54.63 -7.28
C TYR K 157 41.78 53.35 -6.52
N PHE K 158 40.99 53.42 -5.45
CA PHE K 158 40.75 52.25 -4.61
C PHE K 158 39.42 52.29 -3.87
N PRO K 159 38.67 51.19 -3.88
CA PRO K 159 38.93 49.87 -4.45
C PRO K 159 38.15 49.67 -5.74
N GLU K 160 38.22 48.47 -6.30
CA GLU K 160 37.45 48.10 -7.49
C GLU K 160 35.95 48.22 -7.19
N PRO K 161 35.12 48.68 -8.15
CA PRO K 161 35.43 49.08 -9.50
C PRO K 161 35.03 50.52 -9.85
N VAL K 162 35.58 50.98 -10.99
CA VAL K 162 35.15 52.22 -11.67
C VAL K 162 34.58 51.85 -13.03
N THR K 163 33.65 52.68 -13.53
CA THR K 163 33.12 52.51 -14.88
C THR K 163 33.28 53.82 -15.66
N VAL K 164 33.66 53.72 -16.93
CA VAL K 164 33.86 54.90 -17.78
C VAL K 164 32.89 54.94 -18.97
N SER K 165 32.24 56.09 -19.17
CA SER K 165 31.49 56.40 -20.37
C SER K 165 32.10 57.66 -20.99
N TRP K 166 31.92 57.82 -22.29
CA TRP K 166 32.52 58.94 -23.05
C TRP K 166 31.44 59.90 -23.56
N ASN K 167 31.68 61.21 -23.42
CA ASN K 167 30.74 62.26 -23.85
C ASN K 167 29.33 62.08 -23.28
N SER K 168 29.27 61.58 -22.05
CA SER K 168 28.03 61.14 -21.38
C SER K 168 27.32 60.01 -22.13
N GLY K 169 28.09 59.04 -22.63
CA GLY K 169 27.55 57.90 -23.34
C GLY K 169 26.98 58.20 -24.72
N ALA K 170 27.35 59.34 -25.30
CA ALA K 170 26.99 59.64 -26.68
C ALA K 170 27.79 58.72 -27.61
N LEU K 171 29.08 58.54 -27.31
CA LEU K 171 29.98 57.70 -28.11
C LEU K 171 30.35 56.38 -27.42
N THR K 172 30.00 55.25 -28.05
CA THR K 172 30.37 53.90 -27.54
C THR K 172 30.92 52.93 -28.61
N SER K 173 31.01 53.36 -29.87
CA SER K 173 31.49 52.51 -30.99
C SER K 173 33.01 52.59 -31.20
N GLY K 174 33.65 51.43 -31.36
CA GLY K 174 35.11 51.34 -31.42
C GLY K 174 35.79 51.94 -30.19
N VAL K 175 35.17 51.74 -29.01
CA VAL K 175 35.69 52.23 -27.72
C VAL K 175 36.26 51.09 -26.91
N HIS K 176 37.38 51.32 -26.24
CA HIS K 176 37.98 50.27 -25.44
C HIS K 176 38.40 50.78 -24.03
N THR K 177 37.57 50.50 -23.02
CA THR K 177 37.93 50.68 -21.62
C THR K 177 38.53 49.39 -21.11
N PHE K 178 39.74 49.45 -20.54
CA PHE K 178 40.52 48.24 -20.23
C PHE K 178 40.21 47.60 -18.86
N PRO K 179 40.67 46.36 -18.65
CA PRO K 179 40.65 45.77 -17.31
C PRO K 179 41.60 46.54 -16.40
N ALA K 180 41.25 46.63 -15.12
CA ALA K 180 42.05 47.33 -14.13
C ALA K 180 43.41 46.66 -14.01
N VAL K 181 44.31 47.26 -13.25
CA VAL K 181 45.51 46.56 -12.82
C VAL K 181 45.97 47.10 -11.48
N LEU K 182 46.17 46.20 -10.52
CA LEU K 182 46.51 46.58 -9.16
C LEU K 182 47.98 46.88 -9.05
N GLN K 183 48.28 48.17 -8.94
CA GLN K 183 49.66 48.62 -8.92
C GLN K 183 50.38 48.04 -7.71
N SER K 184 51.71 48.03 -7.76
CA SER K 184 52.53 47.63 -6.61
C SER K 184 52.30 48.53 -5.37
N SER K 185 51.82 49.75 -5.58
CA SER K 185 51.42 50.63 -4.47
C SER K 185 50.17 50.16 -3.70
N GLY K 186 49.42 49.21 -4.25
CA GLY K 186 48.22 48.72 -3.56
C GLY K 186 46.95 49.40 -4.03
N LEU K 187 47.13 50.41 -4.92
CA LEU K 187 46.03 51.08 -5.65
C LEU K 187 45.86 50.57 -7.10
N TYR K 188 44.61 50.50 -7.55
CA TYR K 188 44.30 50.05 -8.90
C TYR K 188 44.49 51.15 -9.90
N SER K 189 44.56 50.76 -11.18
CA SER K 189 44.69 51.69 -12.28
C SER K 189 44.34 51.04 -13.63
N LEU K 190 43.89 51.88 -14.56
CA LEU K 190 43.48 51.40 -15.89
C LEU K 190 43.34 52.57 -16.86
N SER K 191 42.90 52.28 -18.08
CA SER K 191 42.77 53.30 -19.13
C SER K 191 41.59 53.03 -20.09
N SER K 192 41.07 54.09 -20.69
CA SER K 192 39.99 54.00 -21.69
C SER K 192 40.36 54.76 -22.98
N VAL K 193 40.31 54.06 -24.12
CA VAL K 193 40.67 54.64 -25.42
C VAL K 193 39.52 54.50 -26.43
N VAL K 194 39.40 55.48 -27.32
CA VAL K 194 38.40 55.42 -28.41
C VAL K 194 39.08 55.83 -29.72
N THR K 195 38.69 55.17 -30.82
CA THR K 195 39.22 55.49 -32.15
C THR K 195 38.17 56.22 -32.98
N VAL K 196 38.37 57.53 -33.16
CA VAL K 196 37.48 58.38 -33.95
C VAL K 196 38.19 58.84 -35.22
N PRO K 197 37.42 59.33 -36.22
CA PRO K 197 38.04 59.93 -37.40
C PRO K 197 39.07 61.02 -37.07
N SER K 198 40.13 61.09 -37.88
CA SER K 198 41.19 62.07 -37.68
C SER K 198 40.68 63.49 -37.98
N SER K 199 39.94 63.63 -39.08
CA SER K 199 39.44 64.93 -39.53
C SER K 199 38.27 65.48 -38.70
N SER K 200 37.78 64.73 -37.71
CA SER K 200 36.81 65.26 -36.74
C SER K 200 37.48 65.53 -35.37
N LEU K 201 38.74 65.96 -35.43
CA LEU K 201 39.50 66.40 -34.26
C LEU K 201 39.32 67.92 -34.07
N GLY K 202 38.55 68.32 -33.06
CA GLY K 202 38.34 69.74 -32.77
C GLY K 202 36.92 70.23 -32.99
N THR K 203 36.24 69.71 -34.02
CA THR K 203 34.84 70.10 -34.32
C THR K 203 33.82 69.43 -33.36
N GLN K 204 33.98 68.12 -33.15
CA GLN K 204 33.29 67.41 -32.06
C GLN K 204 34.35 66.90 -31.11
N THR K 205 34.71 67.72 -30.11
CA THR K 205 35.78 67.40 -29.15
C THR K 205 35.27 66.50 -28.02
N TYR K 206 36.19 65.91 -27.25
CA TYR K 206 35.89 64.75 -26.38
C TYR K 206 36.22 64.90 -24.87
N ILE K 207 35.17 64.88 -24.03
CA ILE K 207 35.29 64.80 -22.56
C ILE K 207 34.90 63.39 -22.12
N CYS K 208 35.70 62.76 -21.25
CA CYS K 208 35.36 61.42 -20.74
C CYS K 208 34.72 61.53 -19.36
N ASN K 209 33.75 60.64 -19.09
CA ASN K 209 33.05 60.60 -17.82
C ASN K 209 33.49 59.39 -17.03
N VAL K 210 33.96 59.63 -15.80
CA VAL K 210 34.38 58.56 -14.90
C VAL K 210 33.38 58.46 -13.78
N ASN K 211 33.36 57.31 -13.13
CA ASN K 211 32.65 57.19 -11.89
C ASN K 211 33.24 56.12 -10.98
N HIS K 212 33.34 56.48 -9.70
CA HIS K 212 33.81 55.59 -8.66
C HIS K 212 32.76 55.62 -7.54
N LYS K 213 31.97 54.57 -7.44
CA LYS K 213 30.89 54.53 -6.46
C LYS K 213 31.40 54.47 -5.02
N PRO K 214 32.41 53.63 -4.74
CA PRO K 214 33.07 53.68 -3.42
C PRO K 214 33.45 55.07 -2.96
N SER K 215 34.31 55.76 -3.69
CA SER K 215 34.76 57.10 -3.29
C SER K 215 33.67 58.14 -3.44
N ASN K 216 32.76 57.91 -4.37
CA ASN K 216 31.65 58.82 -4.63
C ASN K 216 32.04 60.09 -5.44
N THR K 217 33.23 60.09 -6.05
CA THR K 217 33.63 61.21 -6.92
C THR K 217 33.31 60.88 -8.37
N LYS K 218 32.73 61.85 -9.07
CA LYS K 218 32.51 61.75 -10.49
C LYS K 218 33.36 62.83 -11.13
N VAL K 219 34.30 62.42 -11.99
CA VAL K 219 35.25 63.36 -12.59
C VAL K 219 35.08 63.40 -14.11
N ASP K 220 35.25 64.60 -14.69
CA ASP K 220 35.25 64.80 -16.14
C ASP K 220 36.43 65.70 -16.52
N LYS K 221 37.30 65.20 -17.40
CA LYS K 221 38.44 65.98 -17.94
C LYS K 221 38.40 65.92 -19.47
N ARG K 222 38.57 67.08 -20.11
CA ARG K 222 38.56 67.20 -21.57
C ARG K 222 39.87 66.71 -22.16
N VAL K 223 39.86 66.29 -23.42
CA VAL K 223 41.04 65.70 -24.07
C VAL K 223 41.44 66.40 -25.41
N GLU K 224 41.79 67.70 -25.34
CA GLU K 224 42.21 68.47 -26.53
C GLU K 224 43.63 68.06 -26.99
N PRO K 225 43.97 68.30 -28.28
CA PRO K 225 45.35 68.04 -28.77
C PRO K 225 46.39 69.13 -28.38
N LYS K 226 47.67 68.85 -28.66
CA LYS K 226 48.84 69.58 -28.12
C LYS K 226 49.12 69.14 -26.69
N ASP L 1 42.00 16.80 -1.10
CA ASP L 1 41.67 17.15 -2.52
C ASP L 1 42.02 16.02 -3.58
N ILE L 2 41.12 15.79 -4.55
CA ILE L 2 41.38 15.01 -5.77
C ILE L 2 41.58 16.07 -6.85
N VAL L 3 42.44 15.83 -7.82
CA VAL L 3 42.80 16.88 -8.79
C VAL L 3 42.07 16.80 -10.12
N MET L 4 41.47 17.93 -10.51
CA MET L 4 40.84 18.05 -11.83
C MET L 4 41.76 18.85 -12.73
N THR L 5 41.89 18.38 -13.96
CA THR L 5 42.84 18.88 -14.96
C THR L 5 42.15 19.04 -16.32
N GLN L 6 42.35 20.16 -17.00
CA GLN L 6 41.73 20.28 -18.31
C GLN L 6 42.78 20.29 -19.41
N SER L 7 42.32 20.09 -20.63
CA SER L 7 43.15 20.26 -21.81
C SER L 7 42.16 20.40 -22.95
N PRO L 8 42.34 21.38 -23.84
CA PRO L 8 43.38 22.41 -23.76
C PRO L 8 43.05 23.45 -22.69
N ASP L 9 43.85 24.51 -22.68
CA ASP L 9 43.62 25.68 -21.85
C ASP L 9 42.93 26.73 -22.69
N SER L 10 43.09 26.61 -24.01
CA SER L 10 42.37 27.45 -24.97
C SER L 10 41.91 26.70 -26.21
N LEU L 11 40.61 26.39 -26.24
CA LEU L 11 39.94 26.11 -27.50
C LEU L 11 39.88 27.44 -28.26
N ALA L 12 40.11 27.35 -29.57
CA ALA L 12 39.86 28.44 -30.50
C ALA L 12 39.28 27.81 -31.76
N VAL L 13 38.03 28.13 -32.08
CA VAL L 13 37.36 27.51 -33.22
C VAL L 13 36.36 28.49 -33.80
N SER L 14 36.02 28.34 -35.09
CA SER L 14 35.26 29.37 -35.84
C SER L 14 33.73 29.18 -35.83
N LEU L 15 33.01 30.32 -35.86
CA LEU L 15 31.60 30.40 -35.47
C LEU L 15 30.72 29.37 -36.16
N GLY L 16 30.40 28.28 -35.45
CA GLY L 16 29.52 27.22 -36.00
C GLY L 16 30.20 25.94 -36.48
N GLU L 17 31.22 25.50 -35.73
CA GLU L 17 31.89 24.21 -35.96
C GLU L 17 32.23 23.61 -34.56
N ARG L 18 32.63 22.34 -34.50
CA ARG L 18 32.79 21.63 -33.21
C ARG L 18 34.00 22.08 -32.39
N ALA L 19 33.78 22.34 -31.09
CA ALA L 19 34.85 22.64 -30.13
C ALA L 19 34.70 21.72 -28.94
N THR L 20 35.73 20.91 -28.66
CA THR L 20 35.63 19.86 -27.63
C THR L 20 36.72 19.99 -26.57
N ILE L 21 36.36 19.81 -25.29
CA ILE L 21 37.26 19.99 -24.14
C ILE L 21 37.44 18.69 -23.32
N ASN L 22 38.64 18.12 -23.26
CA ASN L 22 38.91 16.98 -22.34
C ASN L 22 39.05 17.52 -20.89
N CYS L 23 38.71 16.66 -19.91
CA CYS L 23 38.92 16.92 -18.44
C CYS L 23 39.31 15.64 -17.67
N LYS L 24 40.54 15.58 -17.13
CA LYS L 24 41.05 14.39 -16.44
C LYS L 24 41.03 14.56 -14.90
N SER L 25 40.64 13.52 -14.18
CA SER L 25 40.64 13.56 -12.72
C SER L 25 41.76 12.72 -12.17
N SER L 26 42.10 12.95 -10.91
CA SER L 26 43.08 12.12 -10.21
C SER L 26 42.65 10.65 -10.20
N GLN L 27 41.39 10.42 -9.82
CA GLN L 27 40.81 9.07 -9.65
C GLN L 27 39.38 8.99 -10.22
N SER L 28 38.71 7.87 -9.97
CA SER L 28 37.38 7.66 -10.54
C SER L 28 36.46 8.49 -9.74
N VAL L 29 35.81 9.43 -10.40
CA VAL L 29 34.68 10.14 -9.82
C VAL L 29 33.37 9.38 -10.07
N THR L 30 33.46 8.19 -10.65
CA THR L 30 32.30 7.36 -10.89
C THR L 30 32.21 6.38 -9.74
N PHE L 31 31.00 6.25 -9.21
CA PHE L 31 30.71 5.39 -8.08
C PHE L 31 29.26 4.92 -8.13
N ASN L 32 29.07 3.60 -8.03
CA ASN L 32 27.75 3.04 -8.09
C ASN L 32 27.01 3.57 -9.34
N TYR L 33 27.52 3.16 -10.53
CA TYR L 33 26.95 3.48 -11.85
C TYR L 33 26.51 4.95 -12.02
N LYS L 34 27.04 5.84 -11.18
CA LYS L 34 26.68 7.27 -11.24
C LYS L 34 28.00 8.03 -11.44
N ASN L 35 28.03 9.02 -12.32
CA ASN L 35 29.27 9.71 -12.68
C ASN L 35 29.35 11.04 -12.00
N TYR L 36 29.94 11.10 -10.83
CA TYR L 36 29.78 12.28 -9.98
C TYR L 36 30.53 13.53 -10.50
N LEU L 37 30.20 13.96 -11.72
CA LEU L 37 30.87 15.12 -12.39
C LEU L 37 29.84 16.17 -12.91
N ALA L 38 30.33 17.35 -13.36
CA ALA L 38 29.45 18.46 -13.86
C ALA L 38 30.19 19.64 -14.45
N TRP L 39 29.60 20.29 -15.44
CA TRP L 39 30.23 21.44 -16.14
C TRP L 39 29.48 22.77 -15.99
N TYR L 40 30.23 23.88 -15.96
CA TYR L 40 29.63 25.22 -15.80
C TYR L 40 30.19 26.23 -16.79
N GLN L 41 29.30 27.06 -17.31
CA GLN L 41 29.66 28.15 -18.22
C GLN L 41 29.86 29.37 -17.39
N GLN L 42 30.92 30.13 -17.63
CA GLN L 42 31.08 31.47 -17.03
C GLN L 42 31.42 32.55 -18.06
N LYS L 43 30.38 33.26 -18.48
CA LYS L 43 30.58 34.46 -19.28
C LYS L 43 31.18 35.49 -18.30
N PRO L 44 32.14 36.33 -18.75
CA PRO L 44 32.76 37.27 -17.79
C PRO L 44 31.82 38.33 -17.27
N GLY L 45 31.98 38.67 -15.99
CA GLY L 45 31.05 39.52 -15.30
C GLY L 45 30.12 38.63 -14.52
N GLN L 46 29.52 37.63 -15.18
CA GLN L 46 28.51 36.72 -14.57
C GLN L 46 29.10 35.86 -13.44
N PRO L 47 28.21 35.14 -12.72
CA PRO L 47 28.59 33.93 -11.99
C PRO L 47 28.52 32.75 -12.92
N PRO L 48 28.82 31.54 -12.45
CA PRO L 48 28.66 30.33 -13.25
C PRO L 48 27.21 29.84 -13.43
N LYS L 49 26.86 29.41 -14.64
CA LYS L 49 25.58 28.73 -14.89
C LYS L 49 25.94 27.26 -15.05
N LEU L 50 25.01 26.38 -14.67
CA LEU L 50 25.19 24.94 -14.84
C LEU L 50 24.84 24.52 -16.27
N LEU L 51 25.70 23.71 -16.89
CA LEU L 51 25.44 23.18 -18.24
C LEU L 51 25.10 21.71 -18.18
N ILE L 52 26.07 20.89 -17.76
CA ILE L 52 25.85 19.44 -17.68
C ILE L 52 25.99 18.86 -16.26
N TYR L 53 25.25 17.79 -15.95
CA TYR L 53 25.38 17.15 -14.67
C TYR L 53 25.14 15.66 -14.73
N TRP L 54 25.43 15.00 -13.61
CA TRP L 54 25.73 13.56 -13.56
C TRP L 54 26.46 13.05 -14.83
N ALA L 55 27.48 13.83 -15.25
CA ALA L 55 28.36 13.55 -16.41
C ALA L 55 27.83 13.91 -17.81
N SER L 56 26.50 13.96 -17.97
CA SER L 56 25.87 13.96 -19.29
C SER L 56 24.39 14.43 -19.40
N THR L 57 23.70 14.61 -18.29
CA THR L 57 22.39 15.24 -18.34
C THR L 57 22.52 16.73 -18.56
N ARG L 58 21.74 17.29 -19.48
CA ARG L 58 21.69 18.74 -19.68
C ARG L 58 20.74 19.35 -18.67
N GLU L 59 21.08 20.54 -18.17
CA GLU L 59 20.17 21.24 -17.30
C GLU L 59 19.13 21.95 -18.14
N SER L 60 17.96 22.12 -17.53
CA SER L 60 16.73 22.64 -18.14
C SER L 60 16.84 23.68 -19.26
N GLY L 61 17.62 24.74 -19.04
CA GLY L 61 17.71 25.86 -20.00
C GLY L 61 18.74 25.66 -21.11
N VAL L 62 19.85 25.01 -20.73
CA VAL L 62 20.98 24.67 -21.62
C VAL L 62 20.57 24.03 -22.98
N PRO L 63 20.93 24.68 -24.11
CA PRO L 63 20.59 24.24 -25.47
C PRO L 63 21.02 22.84 -25.88
N ASP L 64 20.32 22.32 -26.90
CA ASP L 64 20.52 20.95 -27.44
C ASP L 64 22.00 20.69 -27.80
N ARG L 65 22.73 21.72 -28.24
CA ARG L 65 24.09 21.58 -28.80
C ARG L 65 25.21 21.23 -27.81
N PHE L 66 24.91 21.20 -26.52
CA PHE L 66 25.90 20.83 -25.51
C PHE L 66 25.79 19.34 -25.11
N SER L 67 26.58 18.49 -25.79
CA SER L 67 26.69 17.08 -25.43
C SER L 67 27.86 16.90 -24.47
N GLY L 68 27.66 16.14 -23.41
CA GLY L 68 28.74 15.88 -22.45
C GLY L 68 28.94 14.39 -22.27
N SER L 69 30.17 13.92 -22.49
CA SER L 69 30.47 12.48 -22.49
C SER L 69 31.32 12.06 -21.30
N GLY L 70 31.66 10.77 -21.25
CA GLY L 70 32.78 10.29 -20.43
C GLY L 70 32.44 9.58 -19.14
N SER L 71 33.46 8.96 -18.54
CA SER L 71 33.31 8.02 -17.40
C SER L 71 34.63 7.52 -16.81
N GLY L 72 34.61 7.31 -15.49
CA GLY L 72 35.78 6.89 -14.75
C GLY L 72 36.63 8.09 -14.43
N THR L 73 37.71 8.26 -15.18
CA THR L 73 38.62 9.38 -14.96
C THR L 73 38.60 10.39 -16.10
N ASP L 74 38.25 9.98 -17.32
CA ASP L 74 38.32 10.87 -18.51
C ASP L 74 36.97 11.30 -19.03
N PHE L 75 36.76 12.62 -19.13
CA PHE L 75 35.45 13.19 -19.51
C PHE L 75 35.58 14.19 -20.65
N THR L 76 34.44 14.69 -21.16
CA THR L 76 34.48 15.57 -22.32
C THR L 76 33.21 16.35 -22.66
N LEU L 77 33.24 17.66 -22.41
CA LEU L 77 32.20 18.56 -22.87
C LEU L 77 32.35 18.64 -24.39
N THR L 78 31.29 18.93 -25.13
CA THR L 78 31.36 19.04 -26.61
C THR L 78 30.31 20.01 -27.20
N ILE L 79 30.70 21.21 -27.61
CA ILE L 79 29.75 22.12 -28.27
C ILE L 79 29.77 21.83 -29.76
N SER L 80 28.62 21.56 -30.35
CA SER L 80 28.61 21.09 -31.73
C SER L 80 28.71 22.21 -32.75
N SER L 81 28.42 23.46 -32.37
CA SER L 81 28.66 24.61 -33.26
C SER L 81 28.84 25.96 -32.50
N LEU L 82 30.09 26.27 -32.16
CA LEU L 82 30.44 27.28 -31.12
C LEU L 82 29.99 28.68 -31.51
N GLN L 83 28.72 28.96 -31.24
CA GLN L 83 28.04 30.15 -31.74
C GLN L 83 28.41 31.45 -30.98
N ALA L 84 28.11 32.58 -31.63
CA ALA L 84 28.24 33.94 -31.08
C ALA L 84 28.15 34.09 -29.55
N GLU L 85 27.07 33.56 -28.97
CA GLU L 85 26.75 33.74 -27.55
C GLU L 85 27.31 32.60 -26.71
N ASP L 86 28.31 31.90 -27.24
CA ASP L 86 28.91 30.74 -26.59
C ASP L 86 30.34 30.95 -26.08
N VAL L 87 30.90 32.13 -26.32
CA VAL L 87 32.28 32.44 -25.97
C VAL L 87 32.40 32.75 -24.49
N ALA L 88 32.72 31.73 -23.70
CA ALA L 88 32.84 31.86 -22.24
C ALA L 88 34.07 31.13 -21.75
N VAL L 89 34.13 30.83 -20.45
CA VAL L 89 35.14 29.93 -19.91
C VAL L 89 34.42 28.79 -19.19
N TYR L 90 34.84 27.55 -19.47
CA TYR L 90 34.07 26.39 -19.07
C TYR L 90 34.82 25.54 -18.05
N TYR L 91 34.21 25.28 -16.90
CA TYR L 91 34.87 24.51 -15.82
C TYR L 91 34.18 23.16 -15.58
N CYS L 92 34.96 22.07 -15.66
CA CYS L 92 34.55 20.79 -15.07
C CYS L 92 34.78 20.84 -13.58
N GLN L 93 34.15 19.89 -12.90
CA GLN L 93 33.97 19.91 -11.46
C GLN L 93 33.55 18.54 -10.97
N GLN L 94 34.04 18.17 -9.79
CA GLN L 94 33.75 16.86 -9.23
C GLN L 94 33.10 17.05 -7.87
N HIS L 95 32.07 16.25 -7.57
CA HIS L 95 31.41 16.30 -6.28
C HIS L 95 31.45 14.96 -5.62
N TYR L 96 32.42 14.15 -6.00
CA TYR L 96 32.48 12.78 -5.54
C TYR L 96 32.99 12.69 -4.14
N ARG L 97 33.85 13.63 -3.76
CA ARG L 97 34.50 13.61 -2.44
C ARG L 97 34.77 15.03 -1.94
N THR L 98 34.34 15.30 -0.69
CA THR L 98 34.60 16.59 -0.04
C THR L 98 36.13 16.69 0.32
N PRO L 99 36.80 17.79 -0.06
CA PRO L 99 36.29 18.99 -0.66
C PRO L 99 36.08 18.79 -2.15
N PRO L 100 34.95 19.32 -2.71
CA PRO L 100 34.69 19.28 -4.15
C PRO L 100 35.73 20.12 -4.83
N THR L 101 36.12 19.78 -6.05
CA THR L 101 37.15 20.57 -6.75
C THR L 101 36.85 20.78 -8.21
N PHE L 102 37.50 21.81 -8.75
CA PHE L 102 37.25 22.31 -10.10
C PHE L 102 38.50 22.19 -10.98
N GLY L 103 38.25 22.13 -12.29
CA GLY L 103 39.30 22.33 -13.26
C GLY L 103 39.82 23.75 -13.17
N GLN L 104 40.90 24.04 -13.88
CA GLN L 104 41.41 25.41 -13.96
C GLN L 104 40.61 26.21 -14.99
N GLY L 105 39.90 25.50 -15.87
CA GLY L 105 38.95 26.11 -16.81
C GLY L 105 39.56 26.39 -18.18
N THR L 106 38.71 26.43 -19.22
CA THR L 106 39.17 26.64 -20.62
C THR L 106 38.54 27.85 -21.35
N LYS L 107 39.32 28.91 -21.63
CA LYS L 107 38.78 30.08 -22.31
C LYS L 107 38.50 29.58 -23.71
N VAL L 108 37.28 29.80 -24.24
CA VAL L 108 36.97 29.50 -25.67
C VAL L 108 36.62 30.75 -26.47
N GLU L 109 37.11 30.75 -27.70
CA GLU L 109 37.38 31.97 -28.44
C GLU L 109 37.07 31.77 -29.93
N ILE L 110 36.34 32.72 -30.52
CA ILE L 110 36.03 32.67 -31.96
C ILE L 110 37.32 32.73 -32.77
N LYS L 111 37.53 31.76 -33.68
CA LYS L 111 38.71 31.74 -34.57
C LYS L 111 38.43 32.51 -35.85
N ARG L 112 39.13 33.63 -36.03
CA ARG L 112 38.94 34.49 -37.19
C ARG L 112 40.21 34.58 -38.03
N THR L 113 40.10 35.25 -39.17
CA THR L 113 41.29 35.56 -39.95
C THR L 113 42.18 36.46 -39.09
N VAL L 114 43.48 36.21 -39.15
CA VAL L 114 44.48 36.98 -38.41
C VAL L 114 44.49 38.45 -38.84
N ALA L 115 44.49 39.38 -37.88
CA ALA L 115 44.53 40.82 -38.17
C ALA L 115 45.51 41.53 -37.24
N ALA L 116 46.34 42.41 -37.82
CA ALA L 116 47.46 43.06 -37.10
C ALA L 116 47.08 44.44 -36.52
N PRO L 117 47.76 44.85 -35.42
CA PRO L 117 47.33 46.00 -34.59
C PRO L 117 47.64 47.42 -35.10
N SER L 118 46.86 48.39 -34.59
CA SER L 118 47.06 49.83 -34.85
C SER L 118 47.84 50.45 -33.70
N VAL L 119 49.16 50.30 -33.71
CA VAL L 119 50.00 50.64 -32.56
C VAL L 119 50.12 52.16 -32.34
N PHE L 120 49.51 52.65 -31.25
CA PHE L 120 49.63 54.05 -30.80
C PHE L 120 50.46 54.16 -29.52
N ILE L 121 51.11 55.31 -29.35
CA ILE L 121 51.85 55.63 -28.12
C ILE L 121 51.54 57.03 -27.66
N PHE L 122 51.36 57.16 -26.34
CA PHE L 122 50.97 58.42 -25.72
C PHE L 122 52.01 58.84 -24.68
N PRO L 123 52.28 60.15 -24.58
CA PRO L 123 53.10 60.68 -23.50
C PRO L 123 52.23 61.16 -22.34
N PRO L 124 52.86 61.50 -21.19
CA PRO L 124 52.10 62.00 -20.06
C PRO L 124 51.76 63.49 -20.15
N SER L 125 50.65 63.87 -19.54
CA SER L 125 50.29 65.25 -19.41
C SER L 125 51.24 65.88 -18.41
N ASP L 126 51.32 67.19 -18.42
CA ASP L 126 52.11 67.91 -17.41
C ASP L 126 51.40 67.91 -16.05
N GLU L 127 50.07 67.73 -16.06
CA GLU L 127 49.33 67.51 -14.83
C GLU L 127 50.00 66.39 -14.07
N GLN L 128 50.06 65.22 -14.69
CA GLN L 128 50.60 64.05 -14.01
C GLN L 128 52.02 64.28 -13.51
N LEU L 129 52.82 64.97 -14.31
CA LEU L 129 54.20 65.27 -13.91
C LEU L 129 54.23 66.10 -12.62
N LYS L 130 53.33 67.10 -12.51
CA LYS L 130 53.22 67.93 -11.30
C LYS L 130 52.61 67.16 -10.12
N SER L 131 52.83 65.85 -10.10
CA SER L 131 52.63 65.02 -8.92
C SER L 131 53.67 63.87 -8.89
N GLY L 132 54.86 64.14 -9.40
CA GLY L 132 56.04 63.30 -9.17
C GLY L 132 55.98 61.85 -9.59
N THR L 133 55.31 61.59 -10.71
CA THR L 133 55.41 60.31 -11.42
C THR L 133 54.78 60.48 -12.79
N ALA L 134 55.12 59.59 -13.71
CA ALA L 134 54.75 59.75 -15.12
C ALA L 134 54.40 58.42 -15.76
N SER L 135 53.66 58.51 -16.86
CA SER L 135 53.07 57.34 -17.45
C SER L 135 52.98 57.51 -18.95
N VAL L 136 53.73 56.68 -19.67
CA VAL L 136 53.53 56.51 -21.11
C VAL L 136 52.76 55.21 -21.40
N VAL L 137 51.67 55.35 -22.15
CA VAL L 137 50.73 54.26 -22.45
C VAL L 137 50.89 53.80 -23.90
N CYS L 138 51.04 52.48 -24.11
CA CYS L 138 51.27 51.92 -25.44
C CYS L 138 50.10 51.03 -25.87
N LEU L 139 49.22 51.57 -26.72
CA LEU L 139 47.98 50.87 -27.18
C LEU L 139 48.20 50.00 -28.43
N LEU L 140 47.60 48.81 -28.45
CA LEU L 140 47.64 47.93 -29.61
C LEU L 140 46.20 47.61 -30.01
N ASN L 141 45.57 48.53 -30.73
CA ASN L 141 44.13 48.46 -31.00
C ASN L 141 43.75 47.38 -32.02
N ASN L 142 42.77 46.56 -31.66
CA ASN L 142 42.10 45.60 -32.55
C ASN L 142 43.05 44.65 -33.25
N PHE L 143 43.18 43.44 -32.76
CA PHE L 143 44.06 42.48 -33.41
C PHE L 143 43.70 41.05 -33.08
N TYR L 144 44.47 40.13 -33.66
CA TYR L 144 44.29 38.70 -33.44
C TYR L 144 45.51 38.03 -34.07
N PRO L 145 45.99 36.87 -33.57
CA PRO L 145 45.58 36.08 -32.44
C PRO L 145 46.03 36.73 -31.14
N ARG L 146 45.59 36.19 -30.01
CA ARG L 146 45.61 36.93 -28.75
C ARG L 146 47.00 37.41 -28.29
N GLU L 147 48.04 36.68 -28.67
CA GLU L 147 49.36 36.82 -28.03
C GLU L 147 50.32 37.82 -28.70
N ALA L 148 50.42 39.02 -28.13
CA ALA L 148 51.40 40.04 -28.51
C ALA L 148 52.72 39.89 -27.73
N LYS L 149 53.68 40.79 -27.95
CA LYS L 149 54.95 40.79 -27.21
C LYS L 149 55.54 42.21 -27.18
N VAL L 150 55.25 42.95 -26.12
CA VAL L 150 55.51 44.39 -26.03
C VAL L 150 56.72 44.72 -25.14
N GLN L 151 57.87 45.02 -25.78
CA GLN L 151 59.08 45.50 -25.12
C GLN L 151 59.09 47.03 -25.18
N TRP L 152 59.57 47.68 -24.11
CA TRP L 152 59.72 49.15 -24.06
C TRP L 152 61.18 49.57 -24.28
N LYS L 153 61.38 50.83 -24.68
CA LYS L 153 62.73 51.38 -24.85
C LYS L 153 62.84 52.90 -24.55
N VAL L 154 63.57 53.19 -23.47
CA VAL L 154 63.82 54.55 -22.98
C VAL L 154 65.23 54.96 -23.43
N ASP L 155 65.30 55.68 -24.55
CA ASP L 155 66.59 55.96 -25.22
C ASP L 155 67.35 54.65 -25.51
N ASN L 156 66.60 53.64 -25.96
CA ASN L 156 67.12 52.30 -26.28
C ASN L 156 67.64 51.49 -25.06
N ALA L 157 67.09 51.76 -23.88
CA ALA L 157 67.37 50.93 -22.71
C ALA L 157 66.32 49.80 -22.59
N LEU L 158 66.79 48.60 -22.24
CA LEU L 158 65.94 47.41 -22.17
C LEU L 158 65.33 47.28 -20.77
N GLN L 159 63.99 47.28 -20.70
CA GLN L 159 63.26 47.41 -19.41
C GLN L 159 62.81 46.08 -18.75
N SER L 160 63.02 45.96 -17.44
CA SER L 160 62.63 44.77 -16.67
C SER L 160 61.63 45.11 -15.56
N GLY L 161 60.42 44.55 -15.65
CA GLY L 161 59.40 44.69 -14.58
C GLY L 161 59.21 46.09 -14.01
N ASN L 162 58.68 47.00 -14.83
CA ASN L 162 58.23 48.33 -14.40
C ASN L 162 57.07 48.79 -15.30
N SER L 163 56.13 47.86 -15.51
CA SER L 163 55.02 48.04 -16.44
C SER L 163 54.15 46.81 -16.42
N GLN L 164 52.86 47.02 -16.20
CA GLN L 164 51.86 45.98 -16.32
C GLN L 164 51.14 46.21 -17.65
N GLU L 165 50.35 45.24 -18.06
CA GLU L 165 49.43 45.43 -19.17
C GLU L 165 48.12 44.71 -18.86
N SER L 166 47.08 44.95 -19.66
CA SER L 166 45.87 44.15 -19.59
C SER L 166 45.16 44.17 -20.94
N VAL L 167 44.46 43.07 -21.24
CA VAL L 167 43.82 42.83 -22.53
C VAL L 167 42.31 42.87 -22.40
N THR L 168 41.59 43.38 -23.39
CA THR L 168 40.13 43.27 -23.34
C THR L 168 39.76 41.81 -23.55
N GLU L 169 38.56 41.43 -23.14
CA GLU L 169 37.99 40.15 -23.56
C GLU L 169 37.67 40.26 -25.04
N GLN L 170 37.76 39.14 -25.77
CA GLN L 170 37.54 39.14 -27.22
C GLN L 170 36.31 39.99 -27.58
N ASP L 171 36.44 40.81 -28.61
CA ASP L 171 35.32 41.65 -29.04
C ASP L 171 34.27 40.79 -29.75
N SER L 172 32.98 41.03 -29.46
CA SER L 172 31.89 40.19 -30.00
C SER L 172 31.39 40.62 -31.38
N LYS L 173 31.38 41.93 -31.64
CA LYS L 173 30.97 42.42 -32.95
C LYS L 173 32.07 42.28 -34.03
N ASP L 174 33.25 41.74 -33.70
CA ASP L 174 34.30 41.46 -34.74
C ASP L 174 35.42 40.42 -34.41
N SER L 175 35.45 39.91 -33.18
CA SER L 175 36.41 38.88 -32.72
C SER L 175 37.89 39.31 -32.70
N THR L 176 38.13 40.59 -32.39
CA THR L 176 39.48 41.14 -32.29
C THR L 176 39.73 41.75 -30.91
N TYR L 177 40.98 41.68 -30.45
CA TYR L 177 41.36 42.06 -29.09
C TYR L 177 41.76 43.55 -28.94
N SER L 178 42.65 43.83 -27.99
CA SER L 178 43.26 45.15 -27.75
C SER L 178 44.06 45.06 -26.45
N LEU L 179 45.22 45.73 -26.40
CA LEU L 179 46.12 45.64 -25.25
C LEU L 179 46.47 47.04 -24.73
N SER L 180 47.09 47.12 -23.56
CA SER L 180 47.60 48.41 -23.08
C SER L 180 48.72 48.27 -22.08
N SER L 181 49.94 48.51 -22.55
CA SER L 181 51.14 48.42 -21.71
C SER L 181 51.37 49.81 -21.10
N THR L 182 51.69 49.85 -19.80
CA THR L 182 51.79 51.13 -19.10
C THR L 182 53.16 51.31 -18.47
N LEU L 183 53.91 52.28 -19.00
CA LEU L 183 55.29 52.55 -18.60
C LEU L 183 55.37 53.56 -17.45
N THR L 184 55.49 53.07 -16.21
CA THR L 184 55.42 53.93 -15.02
C THR L 184 56.82 54.30 -14.48
N LEU L 185 57.14 55.60 -14.48
CA LEU L 185 58.41 56.11 -13.90
C LEU L 185 58.32 57.54 -13.35
N SER L 186 59.25 57.88 -12.45
CA SER L 186 59.24 59.14 -11.69
C SER L 186 59.77 60.34 -12.46
N LYS L 187 59.03 61.45 -12.45
CA LYS L 187 59.43 62.70 -13.12
C LYS L 187 60.95 62.77 -13.19
N ALA L 188 61.58 62.62 -12.01
CA ALA L 188 63.03 62.51 -11.84
C ALA L 188 63.77 61.84 -13.00
N ASP L 189 63.36 60.61 -13.32
CA ASP L 189 64.06 59.77 -14.30
C ASP L 189 63.38 59.76 -15.65
N TYR L 190 62.23 60.42 -15.74
CA TYR L 190 61.64 60.68 -17.03
C TYR L 190 62.52 61.69 -17.79
N GLU L 191 63.02 62.70 -17.06
CA GLU L 191 63.76 63.82 -17.65
C GLU L 191 65.14 63.43 -18.18
N LYS L 192 65.75 62.43 -17.57
CA LYS L 192 67.10 61.99 -17.99
C LYS L 192 67.15 61.43 -19.41
N HIS L 193 66.02 61.33 -20.10
CA HIS L 193 65.98 60.67 -21.41
C HIS L 193 65.07 61.36 -22.45
N LYS L 194 65.40 61.20 -23.74
CA LYS L 194 64.77 61.95 -24.84
C LYS L 194 63.75 61.14 -25.64
N VAL L 195 64.21 60.08 -26.33
CA VAL L 195 63.37 59.30 -27.27
C VAL L 195 62.71 58.07 -26.62
N TYR L 196 61.39 58.12 -26.49
CA TYR L 196 60.59 57.01 -25.93
C TYR L 196 59.78 56.32 -27.02
N ALA L 197 59.81 54.99 -27.03
CA ALA L 197 58.99 54.19 -27.98
C ALA L 197 58.79 52.77 -27.47
N CYS L 198 57.77 52.10 -28.00
CA CYS L 198 57.54 50.66 -27.72
C CYS L 198 57.72 49.82 -28.98
N GLU L 199 57.89 48.51 -28.80
CA GLU L 199 58.18 47.60 -29.92
C GLU L 199 57.52 46.24 -29.70
N VAL L 200 56.74 45.81 -30.71
CA VAL L 200 55.67 44.83 -30.54
C VAL L 200 55.76 43.62 -31.46
N THR L 201 56.42 42.55 -31.04
CA THR L 201 56.54 41.34 -31.90
C THR L 201 55.19 40.57 -31.95
N HIS L 202 54.73 40.29 -33.17
CA HIS L 202 53.36 39.84 -33.42
C HIS L 202 53.21 39.09 -34.76
N GLN L 203 52.30 38.08 -34.81
CA GLN L 203 52.14 37.20 -36.00
C GLN L 203 51.66 37.91 -37.26
N GLY L 204 50.56 38.64 -37.15
CA GLY L 204 49.98 39.39 -38.26
C GLY L 204 50.85 40.50 -38.82
N LEU L 205 52.03 40.71 -38.23
CA LEU L 205 53.05 41.65 -38.73
C LEU L 205 54.33 40.90 -39.16
N SER L 206 54.77 41.07 -40.40
CA SER L 206 55.86 40.27 -40.97
C SER L 206 57.24 40.55 -40.38
N SER L 207 57.37 41.64 -39.62
CA SER L 207 58.54 41.89 -38.75
C SER L 207 58.29 43.14 -37.87
N PRO L 208 58.85 43.16 -36.63
CA PRO L 208 58.50 44.10 -35.52
C PRO L 208 58.19 45.56 -35.89
N VAL L 209 57.58 46.32 -34.98
CA VAL L 209 57.12 47.68 -35.29
C VAL L 209 57.13 48.64 -34.09
N THR L 210 57.36 49.93 -34.38
CA THR L 210 57.45 51.00 -33.36
C THR L 210 56.61 52.23 -33.75
N LYS L 211 55.71 52.65 -32.86
CA LYS L 211 55.24 54.03 -32.86
C LYS L 211 56.08 54.75 -31.80
N SER L 212 56.33 56.05 -31.97
CA SER L 212 57.38 56.76 -31.23
C SER L 212 57.17 58.27 -31.10
N PHE L 213 57.63 58.84 -29.98
CA PHE L 213 57.65 60.29 -29.77
C PHE L 213 58.95 60.76 -29.09
N ASN L 214 59.42 61.95 -29.48
CA ASN L 214 60.52 62.63 -28.76
C ASN L 214 59.94 63.56 -27.69
N ARG L 215 60.77 64.04 -26.76
CA ARG L 215 60.29 64.89 -25.64
C ARG L 215 60.14 66.40 -26.01
N GLY L 216 58.97 66.97 -25.71
CA GLY L 216 58.68 68.39 -26.01
C GLY L 216 57.25 68.60 -26.47
#